data_8ECM
#
_entry.id   8ECM
#
_cell.length_a   75.230
_cell.length_b   81.460
_cell.length_c   160.190
_cell.angle_alpha   95.610
_cell.angle_beta   100.450
_cell.angle_gamma   108.270
#
_symmetry.space_group_name_H-M   'P 1'
#
loop_
_entity.id
_entity.type
_entity.pdbx_description
1 polymer 'Acetyl-CoA acetyltransferase'
2 water water
#
_entity_poly.entity_id   1
_entity_poly.type   'polypeptide(L)'
_entity_poly.pdbx_seq_one_letter_code
;MAMKDLYVVNCCRTAIGSFGGSLKNTPAAEMGAVVVKEALKRANVAPENVDELMFGCILTSAQGQNVARQVSIKAGIPYS
VPAYTVGMV(SCY)GSGMKSVIEGARSILAGDSDIVVCGGTENMSAAPFASMDARWGARMGDKKLVDTMIKDGLWDAYNN
YHMGTTAENINDIWGITRREQDEFAAASQQKTEAAQAAGRFDDEIVPVMIKVKKEMVPFAKDEYPKAGVTADSIAKLKGA
FPVGPESPNPVVVNTFEPTGCQDAPDKGTQRVTAANASGINDGAAAIVLASGEAVAKYGLKPMAKLIGWGQGGVDPKIMG
VGPVVASRNAMKKAGVTIDDIDLIEANEAFAAQSIAVARELHFDMSKVNVNGGAIALGHPVGASGARIIVTLLHEMQKRP
EAKKGLATLCIGGGMGTAVVFEKCLEHHHHHH
;
_entity_poly.pdbx_strand_id   A,B,C,D,E,F,G,H
#
# COMPACT_ATOMS: atom_id res chain seq x y z
N MET A 3 5.58 72.35 29.39
CA MET A 3 6.28 71.33 28.63
C MET A 3 7.02 70.29 29.51
N LYS A 4 7.36 70.66 30.75
CA LYS A 4 7.90 69.67 31.69
C LYS A 4 6.83 68.70 32.19
N ASP A 5 5.58 68.94 31.81
CA ASP A 5 4.44 68.16 32.24
C ASP A 5 4.36 66.84 31.49
N LEU A 6 3.50 65.97 31.98
CA LEU A 6 3.35 64.64 31.45
C LEU A 6 1.91 64.44 31.01
N TYR A 7 1.73 63.80 29.86
CA TYR A 7 0.43 63.65 29.25
C TYR A 7 0.18 62.23 28.82
N VAL A 8 -1.04 61.76 29.03
CA VAL A 8 -1.55 60.59 28.34
C VAL A 8 -2.15 61.09 27.03
N VAL A 9 -1.55 60.71 25.92
CA VAL A 9 -2.02 61.21 24.65
C VAL A 9 -3.26 60.44 24.21
N ASN A 10 -3.18 59.12 24.22
CA ASN A 10 -4.36 58.30 23.98
C ASN A 10 -4.13 56.95 24.66
N CYS A 11 -5.16 56.11 24.63
CA CYS A 11 -5.11 54.82 25.30
C CYS A 11 -6.33 54.01 24.89
N CYS A 12 -6.27 52.70 25.09
CA CYS A 12 -7.36 51.82 24.74
C CYS A 12 -7.11 50.49 25.41
N ARG A 13 -8.08 49.60 25.23
CA ARG A 13 -8.10 48.31 25.93
C ARG A 13 -8.80 47.30 25.06
N THR A 14 -8.43 46.03 25.26
CA THR A 14 -9.29 44.98 24.72
C THR A 14 -10.56 44.89 25.54
N ALA A 15 -11.58 44.27 24.96
CA ALA A 15 -12.63 43.70 25.80
C ALA A 15 -12.02 42.61 26.67
N ILE A 16 -12.62 42.36 27.82
CA ILE A 16 -12.04 41.44 28.78
C ILE A 16 -12.73 40.08 28.62
N GLY A 17 -11.92 39.02 28.52
CA GLY A 17 -12.46 37.67 28.38
C GLY A 17 -12.71 36.97 29.71
N SER A 18 -13.65 36.03 29.69
CA SER A 18 -13.82 35.14 30.82
C SER A 18 -12.70 34.08 30.84
N PHE A 19 -12.41 33.57 32.04
CA PHE A 19 -11.48 32.46 32.22
C PHE A 19 -11.92 31.31 31.34
N GLY A 20 -11.03 30.85 30.46
CA GLY A 20 -11.43 29.80 29.54
C GLY A 20 -12.24 30.30 28.37
N GLY A 21 -12.39 31.61 28.21
CA GLY A 21 -13.37 32.19 27.29
C GLY A 21 -12.75 32.63 25.99
N SER A 22 -13.19 33.78 25.50
CA SER A 22 -12.92 34.16 24.11
C SER A 22 -11.45 34.45 23.84
N LEU A 23 -10.71 34.96 24.81
CA LEU A 23 -9.32 35.29 24.56
C LEU A 23 -8.36 34.19 25.00
N LYS A 24 -8.86 33.04 25.45
CA LYS A 24 -7.99 31.99 25.97
C LYS A 24 -6.90 31.64 24.97
N ASN A 25 -7.23 31.65 23.67
CA ASN A 25 -6.27 31.29 22.63
C ASN A 25 -5.48 32.49 22.07
N THR A 26 -5.64 33.70 22.65
CA THR A 26 -4.90 34.86 22.20
C THR A 26 -3.77 35.17 23.16
N PRO A 27 -2.51 34.89 22.82
CA PRO A 27 -1.42 35.08 23.79
C PRO A 27 -1.32 36.52 24.27
N ALA A 28 -0.85 36.64 25.52
CA ALA A 28 -0.64 37.95 26.13
C ALA A 28 0.13 38.90 25.23
N ALA A 29 1.19 38.42 24.58
CA ALA A 29 1.97 39.33 23.74
C ALA A 29 1.12 39.84 22.57
N GLU A 30 0.23 38.98 22.04
CA GLU A 30 -0.62 39.41 20.93
C GLU A 30 -1.67 40.38 21.39
N MET A 31 -2.23 40.16 22.57
CA MET A 31 -3.26 41.08 23.05
C MET A 31 -2.60 42.43 23.29
N GLY A 32 -1.38 42.40 23.84
CA GLY A 32 -0.65 43.63 24.09
C GLY A 32 -0.36 44.38 22.80
N ALA A 33 0.08 43.65 21.77
CA ALA A 33 0.43 44.30 20.51
C ALA A 33 -0.76 44.98 19.88
N VAL A 34 -1.95 44.37 20.01
CA VAL A 34 -3.14 44.98 19.41
C VAL A 34 -3.38 46.35 20.04
N VAL A 35 -3.36 46.41 21.37
CA VAL A 35 -3.69 47.66 22.03
C VAL A 35 -2.58 48.68 21.86
N VAL A 36 -1.31 48.25 21.79
CA VAL A 36 -0.21 49.21 21.61
C VAL A 36 -0.28 49.86 20.22
N LYS A 37 -0.46 49.03 19.17
CA LYS A 37 -0.57 49.55 17.81
C LYS A 37 -1.75 50.50 17.70
N GLU A 38 -2.90 50.12 18.28
CA GLU A 38 -4.06 51.01 18.20
C GLU A 38 -3.86 52.30 19.00
N ALA A 39 -3.28 52.21 20.20
CA ALA A 39 -3.08 53.42 20.99
C ALA A 39 -2.12 54.38 20.30
N LEU A 40 -1.05 53.86 19.69
CA LEU A 40 -0.18 54.74 18.94
C LEU A 40 -0.94 55.37 17.79
N LYS A 41 -1.78 54.57 17.12
CA LYS A 41 -2.56 55.10 15.99
C LYS A 41 -3.45 56.26 16.43
N ARG A 42 -4.28 56.04 17.45
CA ARG A 42 -5.19 57.09 17.91
C ARG A 42 -4.42 58.30 18.44
N ALA A 43 -3.28 58.06 19.09
CA ALA A 43 -2.42 59.14 19.57
C ALA A 43 -1.72 59.88 18.45
N ASN A 44 -1.77 59.36 17.22
CA ASN A 44 -1.04 59.90 16.07
C ASN A 44 0.47 59.98 16.33
N VAL A 45 1.04 58.94 16.93
CA VAL A 45 2.47 58.87 17.20
C VAL A 45 3.04 57.77 16.32
N ALA A 46 4.09 58.09 15.56
CA ALA A 46 4.76 57.05 14.79
C ALA A 46 5.47 56.06 15.73
N PRO A 47 5.37 54.75 15.46
CA PRO A 47 6.01 53.78 16.35
C PRO A 47 7.47 54.07 16.53
N GLU A 48 8.13 54.58 15.50
CA GLU A 48 9.56 54.79 15.58
C GLU A 48 9.94 56.02 16.41
N ASN A 49 8.96 56.80 16.85
CA ASN A 49 9.19 57.88 17.78
C ASN A 49 8.98 57.47 19.22
N VAL A 50 8.69 56.19 19.47
CA VAL A 50 8.63 55.69 20.84
C VAL A 50 10.04 55.49 21.37
N ASP A 51 10.31 55.98 22.59
CA ASP A 51 11.62 55.82 23.18
C ASP A 51 11.77 54.52 23.98
N GLU A 52 10.71 54.03 24.64
CA GLU A 52 10.75 52.76 25.36
C GLU A 52 9.30 52.30 25.54
N LEU A 53 9.14 50.99 25.60
CA LEU A 53 7.88 50.40 26.00
C LEU A 53 8.09 49.69 27.33
N MET A 54 7.22 49.98 28.29
CA MET A 54 7.20 49.28 29.56
C MET A 54 5.81 48.70 29.77
N PHE A 55 5.75 47.40 30.01
CA PHE A 55 4.49 46.68 30.02
C PHE A 55 4.44 45.71 31.19
N GLY A 56 3.31 45.75 31.91
CA GLY A 56 3.10 44.81 33.01
C GLY A 56 2.54 43.50 32.49
N CYS A 57 3.02 42.41 33.10
CA CYS A 57 2.60 41.04 32.81
C CYS A 57 3.29 40.16 33.86
N ILE A 58 2.53 39.41 34.65
CA ILE A 58 3.13 38.65 35.75
C ILE A 58 3.08 37.14 35.56
N LEU A 59 2.15 36.61 34.75
CA LEU A 59 2.09 35.16 34.56
C LEU A 59 2.87 34.83 33.29
N THR A 60 4.18 34.99 33.41
CA THR A 60 5.05 34.99 32.25
C THR A 60 5.61 33.61 31.95
N SER A 61 5.28 32.63 32.78
CA SER A 61 5.77 31.26 32.66
C SER A 61 5.54 30.71 31.26
N ALA A 62 6.66 30.33 30.62
CA ALA A 62 6.69 29.70 29.31
C ALA A 62 6.19 30.61 28.18
N GLN A 63 6.09 31.94 28.39
CA GLN A 63 5.76 32.84 27.31
C GLN A 63 6.98 33.31 26.53
N GLY A 64 8.17 32.82 26.86
CA GLY A 64 9.36 33.26 26.15
C GLY A 64 9.97 34.51 26.78
N GLN A 65 11.10 34.92 26.20
CA GLN A 65 11.90 36.04 26.66
C GLN A 65 11.07 37.34 26.62
N ASN A 66 10.91 37.98 27.78
CA ASN A 66 10.55 39.40 27.88
C ASN A 66 9.26 39.74 27.11
N VAL A 67 8.12 39.36 27.70
CA VAL A 67 6.83 39.61 27.03
C VAL A 67 6.70 41.07 26.54
N ALA A 68 7.19 42.04 27.32
CA ALA A 68 7.08 43.44 26.88
C ALA A 68 7.77 43.68 25.54
N ARG A 69 8.99 43.11 25.36
CA ARG A 69 9.64 43.25 24.08
C ARG A 69 8.84 42.56 22.97
N GLN A 70 8.24 41.41 23.27
CA GLN A 70 7.39 40.74 22.29
C GLN A 70 6.21 41.62 21.89
N VAL A 71 5.55 42.25 22.87
CA VAL A 71 4.47 43.19 22.58
C VAL A 71 4.95 44.28 21.64
N SER A 72 6.12 44.88 21.97
CA SER A 72 6.64 46.03 21.22
C SER A 72 6.91 45.68 19.76
N ILE A 73 7.65 44.60 19.54
CA ILE A 73 7.98 44.23 18.18
C ILE A 73 6.71 43.85 17.40
N LYS A 74 5.83 43.05 18.00
CA LYS A 74 4.58 42.64 17.35
C LYS A 74 3.68 43.84 17.04
N ALA A 75 3.73 44.89 17.83
CA ALA A 75 3.00 46.14 17.54
C ALA A 75 3.57 46.97 16.38
N GLY A 76 4.74 46.64 15.83
CA GLY A 76 5.35 47.45 14.79
C GLY A 76 6.41 48.44 15.27
N ILE A 77 6.78 48.40 16.55
CA ILE A 77 7.84 49.27 17.05
C ILE A 77 9.21 48.72 16.67
N PRO A 78 10.15 49.56 16.23
CA PRO A 78 11.44 49.05 15.69
C PRO A 78 12.31 48.35 16.73
N TYR A 79 13.22 47.49 16.21
CA TYR A 79 14.21 46.81 17.06
C TYR A 79 15.03 47.78 17.90
N SER A 80 15.24 49.01 17.39
CA SER A 80 16.04 50.00 18.13
C SER A 80 15.39 50.49 19.43
N VAL A 81 14.11 50.22 19.65
CA VAL A 81 13.38 50.74 20.80
C VAL A 81 13.39 49.67 21.90
N PRO A 82 14.06 49.90 23.02
CA PRO A 82 14.05 48.93 24.11
C PRO A 82 12.68 48.81 24.78
N ALA A 83 12.49 47.68 25.47
CA ALA A 83 11.25 47.36 26.18
C ALA A 83 11.56 46.43 27.36
N TYR A 84 10.75 46.49 28.41
CA TYR A 84 10.95 45.59 29.53
C TYR A 84 9.63 45.34 30.24
N THR A 85 9.59 44.22 30.95
CA THR A 85 8.39 43.70 31.60
C THR A 85 8.39 44.08 33.08
N VAL A 86 7.26 44.60 33.53
CA VAL A 86 7.10 45.20 34.84
C VAL A 86 6.34 44.20 35.70
N GLY A 87 6.96 43.71 36.78
CA GLY A 87 6.30 42.75 37.64
C GLY A 87 5.95 43.32 38.99
N MET A 88 4.69 43.73 39.17
CA MET A 88 4.22 44.25 40.45
C MET A 88 2.84 43.70 40.74
N VAL A 89 2.69 42.38 40.57
CA VAL A 89 1.43 41.64 40.67
C VAL A 89 0.28 42.44 40.00
N GLY A 91 -0.63 45.39 40.24
CA GLY A 91 -0.38 46.80 39.95
C GLY A 91 0.51 47.01 38.74
N SER A 92 0.97 45.90 38.13
CA SER A 92 1.98 45.99 37.07
C SER A 92 1.59 46.98 35.96
N GLY A 93 0.34 46.92 35.50
CA GLY A 93 -0.07 47.81 34.42
C GLY A 93 -0.04 49.26 34.82
N MET A 94 -0.30 49.55 36.10
CA MET A 94 -0.22 50.99 36.50
C MET A 94 1.22 51.37 36.87
N LYS A 95 1.99 50.41 37.42
CA LYS A 95 3.39 50.66 37.73
C LYS A 95 4.16 51.02 36.46
N SER A 96 3.77 50.47 35.32
CA SER A 96 4.40 50.82 34.06
C SER A 96 4.26 52.31 33.76
N VAL A 97 3.09 52.88 34.09
CA VAL A 97 2.87 54.33 33.90
C VAL A 97 3.81 55.12 34.80
N ILE A 98 3.92 54.72 36.07
CA ILE A 98 4.82 55.40 36.99
C ILE A 98 6.26 55.31 36.50
N GLU A 99 6.67 54.13 36.02
CA GLU A 99 8.03 53.97 35.52
C GLU A 99 8.23 54.77 34.26
N GLY A 100 7.22 54.82 33.39
CA GLY A 100 7.32 55.67 32.22
C GLY A 100 7.42 57.14 32.58
N ALA A 101 6.62 57.58 33.56
CA ALA A 101 6.70 58.98 33.97
C ALA A 101 8.07 59.31 34.51
N ARG A 102 8.65 58.41 35.33
CA ARG A 102 9.98 58.67 35.90
C ARG A 102 11.04 58.77 34.80
N SER A 103 10.97 57.90 33.80
CA SER A 103 11.93 57.99 32.71
C SER A 103 11.84 59.36 32.04
N ILE A 104 10.63 59.84 31.80
CA ILE A 104 10.51 61.12 31.12
C ILE A 104 11.05 62.23 31.99
N LEU A 105 10.71 62.25 33.28
CA LEU A 105 11.17 63.34 34.13
C LEU A 105 12.67 63.31 34.33
N ALA A 106 13.29 62.13 34.32
CA ALA A 106 14.74 61.98 34.43
C ALA A 106 15.47 62.51 33.19
N GLY A 107 14.75 62.75 32.12
CA GLY A 107 15.36 63.23 30.89
C GLY A 107 15.80 62.14 29.95
N ASP A 108 15.40 60.89 30.19
CA ASP A 108 15.87 59.79 29.36
C ASP A 108 14.99 59.52 28.14
N SER A 109 13.77 60.03 28.11
CA SER A 109 12.79 59.72 27.06
C SER A 109 11.79 60.87 26.97
N ASP A 110 11.02 60.89 25.88
CA ASP A 110 9.92 61.84 25.74
C ASP A 110 8.59 61.18 25.46
N ILE A 111 8.59 59.98 24.90
CA ILE A 111 7.38 59.21 24.66
C ILE A 111 7.65 57.79 25.13
N VAL A 112 6.77 57.27 25.99
CA VAL A 112 6.88 55.91 26.52
C VAL A 112 5.54 55.22 26.31
N VAL A 113 5.54 54.03 25.71
CA VAL A 113 4.32 53.25 25.68
C VAL A 113 4.22 52.46 26.98
N CYS A 114 3.06 52.53 27.61
CA CYS A 114 2.83 52.09 28.97
C CYS A 114 1.67 51.12 28.87
N GLY A 115 1.46 50.29 29.89
CA GLY A 115 0.27 49.42 29.91
C GLY A 115 0.51 48.04 30.48
N GLY A 116 -0.31 47.05 30.10
CA GLY A 116 -0.17 45.68 30.60
C GLY A 116 -1.04 44.73 29.82
N THR A 117 -0.72 43.43 30.00
CA THR A 117 -1.42 42.37 29.31
C THR A 117 -1.35 41.13 30.21
N GLU A 118 -2.41 40.32 30.18
CA GLU A 118 -2.40 39.08 30.97
C GLU A 118 -3.39 38.11 30.35
N ASN A 119 -2.93 36.91 30.09
CA ASN A 119 -3.82 35.86 29.70
C ASN A 119 -3.76 34.87 30.85
N MET A 120 -4.71 35.02 31.76
CA MET A 120 -4.76 34.12 32.90
C MET A 120 -5.16 32.72 32.44
N SER A 121 -6.02 32.62 31.41
CA SER A 121 -6.46 31.30 30.94
C SER A 121 -5.27 30.47 30.47
N ALA A 122 -4.22 31.13 30.00
CA ALA A 122 -3.12 30.46 29.34
C ALA A 122 -1.98 30.11 30.29
N ALA A 123 -2.04 30.59 31.53
CA ALA A 123 -0.94 30.30 32.44
C ALA A 123 -0.85 28.78 32.61
N PRO A 124 0.37 28.23 32.58
CA PRO A 124 0.54 26.77 32.61
C PRO A 124 0.58 26.17 34.01
N PHE A 125 0.67 24.84 34.07
CA PHE A 125 0.96 24.11 35.31
C PHE A 125 2.43 23.75 35.31
N ALA A 126 3.05 23.79 36.50
CA ALA A 126 4.50 23.55 36.62
C ALA A 126 4.83 22.35 37.50
N SER A 127 5.92 21.66 37.15
CA SER A 127 6.47 20.60 38.00
C SER A 127 7.83 21.09 38.53
N MET A 128 7.94 21.29 39.85
CA MET A 128 9.24 21.69 40.39
C MET A 128 10.19 20.50 40.53
N ASP A 129 9.68 19.26 40.47
CA ASP A 129 10.48 18.07 40.68
C ASP A 129 11.04 17.46 39.39
N ALA A 130 10.44 17.79 38.24
CA ALA A 130 10.83 17.13 37.01
C ALA A 130 12.29 17.35 36.64
N ARG A 131 12.90 18.51 36.98
CA ARG A 131 14.24 18.79 36.46
C ARG A 131 15.27 17.81 37.02
N TRP A 132 15.33 17.67 38.34
CA TRP A 132 16.35 16.86 38.99
C TRP A 132 15.83 15.53 39.50
N GLY A 133 14.52 15.30 39.47
CA GLY A 133 13.94 13.98 39.64
C GLY A 133 13.00 13.91 40.83
N ALA A 134 11.84 13.28 40.62
CA ALA A 134 10.89 13.00 41.69
C ALA A 134 11.34 11.84 42.57
N ARG A 135 12.06 10.86 41.99
CA ARG A 135 12.59 9.66 42.67
C ARG A 135 11.49 8.66 43.05
N MET A 136 10.65 9.06 44.00
CA MET A 136 9.60 8.22 44.58
C MET A 136 8.55 9.10 45.22
N GLY A 137 7.29 8.74 45.05
CA GLY A 137 6.21 9.38 45.78
C GLY A 137 5.49 10.45 44.98
N ASP A 138 4.16 10.51 45.08
CA ASP A 138 3.35 11.48 44.34
C ASP A 138 3.91 12.88 44.55
N LYS A 139 3.88 13.68 43.50
CA LYS A 139 4.29 15.09 43.57
C LYS A 139 3.11 15.98 43.11
N LYS A 140 3.37 17.26 43.13
CA LYS A 140 2.40 18.30 42.82
C LYS A 140 2.67 18.89 41.44
N LEU A 141 1.57 19.11 40.70
CA LEU A 141 1.58 20.01 39.53
C LEU A 141 1.05 21.37 40.00
N VAL A 142 1.91 22.37 40.01
CA VAL A 142 1.58 23.69 40.54
C VAL A 142 0.83 24.49 39.49
N ASP A 143 -0.31 25.05 39.89
CA ASP A 143 -1.07 26.04 39.09
C ASP A 143 -0.32 27.38 39.20
N THR A 144 0.36 27.80 38.12
CA THR A 144 1.19 29.02 38.23
C THR A 144 0.32 30.27 38.28
N MET A 145 -0.90 30.22 37.72
CA MET A 145 -1.85 31.31 37.89
C MET A 145 -2.13 31.58 39.38
N ILE A 146 -2.48 30.54 40.13
CA ILE A 146 -2.73 30.76 41.55
C ILE A 146 -1.44 31.09 42.27
N LYS A 147 -0.38 30.31 42.02
CA LYS A 147 0.87 30.47 42.75
C LYS A 147 1.47 31.88 42.54
N ASP A 148 1.61 32.31 41.28
CA ASP A 148 2.30 33.57 41.01
C ASP A 148 1.38 34.77 41.01
N GLY A 149 0.08 34.54 40.89
CA GLY A 149 -0.86 35.63 40.72
C GLY A 149 -1.76 35.85 41.91
N LEU A 150 -2.20 34.78 42.61
CA LEU A 150 -3.26 34.92 43.61
C LEU A 150 -2.92 34.37 45.00
N TRP A 151 -1.68 34.03 45.28
CA TRP A 151 -1.32 33.39 46.54
C TRP A 151 -0.34 34.28 47.29
N ASP A 152 -0.56 34.49 48.59
CA ASP A 152 0.38 35.32 49.33
C ASP A 152 1.62 34.53 49.68
N ALA A 153 2.78 35.12 49.42
CA ALA A 153 4.05 34.44 49.59
C ALA A 153 4.52 34.37 51.03
N TYR A 154 3.97 35.15 51.94
CA TYR A 154 4.46 35.20 53.31
C TYR A 154 3.53 34.51 54.29
N ASN A 155 2.22 34.47 54.01
CA ASN A 155 1.27 33.79 54.89
C ASN A 155 0.67 32.52 54.29
N ASN A 156 1.02 32.16 53.06
CA ASN A 156 0.62 30.87 52.47
C ASN A 156 -0.91 30.70 52.42
N TYR A 157 -1.65 31.77 52.11
CA TYR A 157 -3.05 31.63 51.74
C TYR A 157 -3.39 32.56 50.57
N HIS A 158 -4.61 32.38 50.07
CA HIS A 158 -5.15 33.08 48.88
C HIS A 158 -5.41 34.57 49.17
N MET A 159 -5.53 35.35 48.08
CA MET A 159 -5.90 36.76 48.23
C MET A 159 -7.28 36.89 48.84
N GLY A 160 -8.17 35.90 48.57
CA GLY A 160 -9.48 35.91 49.20
C GLY A 160 -9.41 35.79 50.70
N THR A 161 -8.39 35.10 51.22
CA THR A 161 -8.25 35.07 52.67
C THR A 161 -7.74 36.40 53.21
N THR A 162 -6.88 37.12 52.46
CA THR A 162 -6.57 38.48 52.92
C THR A 162 -7.82 39.36 52.91
N ALA A 163 -8.74 39.13 51.96
CA ALA A 163 -10.00 39.86 51.95
C ALA A 163 -10.85 39.57 53.18
N GLU A 164 -10.90 38.31 53.62
CA GLU A 164 -11.58 37.98 54.88
C GLU A 164 -10.90 38.65 56.08
N ASN A 165 -9.56 38.74 56.07
CA ASN A 165 -8.86 39.50 57.12
C ASN A 165 -9.39 40.93 57.19
N ILE A 166 -9.52 41.59 56.04
CA ILE A 166 -10.04 42.95 55.99
C ILE A 166 -11.48 43.00 56.49
N ASN A 167 -12.28 41.97 56.19
CA ASN A 167 -13.64 41.96 56.68
C ASN A 167 -13.66 41.94 58.20
N ASP A 168 -12.75 41.18 58.82
CA ASP A 168 -12.71 41.06 60.27
C ASP A 168 -12.16 42.33 60.92
N ILE A 169 -11.03 42.85 60.42
CA ILE A 169 -10.43 44.05 61.02
C ILE A 169 -11.33 45.26 60.85
N TRP A 170 -11.89 45.45 59.64
CA TRP A 170 -12.69 46.63 59.34
C TRP A 170 -14.15 46.46 59.70
N GLY A 171 -14.62 45.23 59.90
CA GLY A 171 -16.01 44.98 60.23
C GLY A 171 -16.97 45.19 59.08
N ILE A 172 -16.89 44.35 58.05
CA ILE A 172 -17.70 44.51 56.85
C ILE A 172 -18.65 43.34 56.73
N THR A 173 -19.95 43.63 56.70
CA THR A 173 -20.95 42.57 56.63
C THR A 173 -20.94 41.91 55.25
N ARG A 174 -21.56 40.73 55.18
CA ARG A 174 -21.73 40.07 53.89
C ARG A 174 -22.73 40.82 53.03
N ARG A 175 -23.80 41.35 53.65
CA ARG A 175 -24.79 42.12 52.91
C ARG A 175 -24.16 43.35 52.27
N GLU A 176 -23.33 44.09 53.02
CA GLU A 176 -22.64 45.23 52.42
C GLU A 176 -21.79 44.84 51.21
N GLN A 177 -21.05 43.73 51.29
CA GLN A 177 -20.26 43.29 50.15
C GLN A 177 -21.16 42.90 48.97
N ASP A 178 -22.29 42.25 49.24
CA ASP A 178 -23.22 41.84 48.19
C ASP A 178 -23.91 43.03 47.52
N GLU A 179 -24.31 44.04 48.29
CA GLU A 179 -24.83 45.27 47.69
C GLU A 179 -23.76 45.97 46.84
N PHE A 180 -22.51 45.98 47.31
CA PHE A 180 -21.42 46.53 46.52
C PHE A 180 -21.27 45.80 45.19
N ALA A 181 -21.29 44.47 45.23
CA ALA A 181 -21.11 43.69 44.00
C ALA A 181 -22.31 43.85 43.07
N ALA A 182 -23.52 43.91 43.64
CA ALA A 182 -24.73 44.07 42.83
C ALA A 182 -24.76 45.41 42.11
N ALA A 183 -24.37 46.49 42.81
CA ALA A 183 -24.31 47.82 42.18
C ALA A 183 -23.35 47.82 41.01
N SER A 184 -22.23 47.09 41.15
CA SER A 184 -21.22 47.04 40.10
C SER A 184 -21.77 46.42 38.83
N GLN A 185 -22.42 45.24 38.97
CA GLN A 185 -23.03 44.61 37.80
C GLN A 185 -24.10 45.50 37.20
N GLN A 186 -24.95 46.08 38.05
CA GLN A 186 -26.02 46.95 37.55
C GLN A 186 -25.46 48.12 36.76
N LYS A 187 -24.38 48.73 37.25
CA LYS A 187 -23.75 49.84 36.54
C LYS A 187 -23.12 49.40 35.22
N THR A 188 -22.54 48.20 35.17
CA THR A 188 -21.92 47.73 33.94
C THR A 188 -22.98 47.36 32.91
N GLU A 189 -24.08 46.75 33.36
CA GLU A 189 -25.18 46.43 32.47
C GLU A 189 -25.74 47.69 31.83
N ALA A 190 -25.89 48.76 32.62
CA ALA A 190 -26.33 50.04 32.08
C ALA A 190 -25.29 50.63 31.13
N ALA A 191 -24.00 50.56 31.49
CA ALA A 191 -22.95 51.05 30.61
C ALA A 191 -22.90 50.26 29.30
N GLN A 192 -23.04 48.94 29.37
CA GLN A 192 -23.03 48.11 28.18
C GLN A 192 -24.23 48.40 27.28
N ALA A 193 -25.42 48.59 27.88
CA ALA A 193 -26.60 48.91 27.09
C ALA A 193 -26.51 50.30 26.46
N ALA A 194 -25.68 51.19 26.98
CA ALA A 194 -25.48 52.52 26.41
C ALA A 194 -24.29 52.60 25.48
N GLY A 195 -23.57 51.49 25.30
CA GLY A 195 -22.33 51.51 24.53
C GLY A 195 -21.25 52.40 25.09
N ARG A 196 -21.16 52.53 26.41
CA ARG A 196 -20.19 53.46 27.00
C ARG A 196 -18.75 53.04 26.78
N PHE A 197 -18.48 51.73 26.62
CA PHE A 197 -17.14 51.22 26.40
C PHE A 197 -16.75 51.21 24.94
N ASP A 198 -17.63 51.64 24.04
CA ASP A 198 -17.34 51.52 22.61
C ASP A 198 -16.09 52.28 22.22
N ASP A 199 -15.88 53.47 22.77
CA ASP A 199 -14.74 54.27 22.32
C ASP A 199 -13.44 53.63 22.74
N GLU A 200 -13.35 53.10 23.97
CA GLU A 200 -12.07 52.69 24.53
C GLU A 200 -11.66 51.28 24.12
N ILE A 201 -12.60 50.47 23.62
CA ILE A 201 -12.33 49.10 23.28
C ILE A 201 -11.77 49.03 21.87
N VAL A 202 -10.72 48.24 21.68
CA VAL A 202 -10.25 47.87 20.34
C VAL A 202 -10.59 46.39 20.14
N PRO A 203 -11.11 46.01 18.98
CA PRO A 203 -11.45 44.59 18.75
C PRO A 203 -10.22 43.69 18.70
N VAL A 204 -10.39 42.44 19.11
CA VAL A 204 -9.39 41.39 18.91
C VAL A 204 -10.00 40.32 18.02
N MET A 205 -9.28 39.94 16.96
CA MET A 205 -9.75 38.88 16.07
C MET A 205 -9.46 37.51 16.70
N ILE A 206 -10.50 36.72 16.93
CA ILE A 206 -10.35 35.40 17.51
C ILE A 206 -10.92 34.36 16.54
N LYS A 207 -10.54 33.10 16.75
CA LYS A 207 -11.01 31.98 15.94
C LYS A 207 -12.27 31.40 16.55
N VAL A 208 -13.37 31.41 15.80
CA VAL A 208 -14.57 30.63 16.12
C VAL A 208 -14.78 29.67 14.97
N LYS A 209 -14.46 28.39 15.20
CA LYS A 209 -14.48 27.35 14.19
C LYS A 209 -13.53 27.80 13.09
N LYS A 210 -13.97 27.98 11.84
CA LYS A 210 -13.08 28.21 10.72
C LYS A 210 -13.11 29.66 10.24
N GLU A 211 -13.61 30.60 11.07
CA GLU A 211 -13.74 32.00 10.67
C GLU A 211 -13.15 32.90 11.74
N MET A 212 -12.49 33.97 11.30
CA MET A 212 -12.01 34.99 12.22
C MET A 212 -13.17 35.92 12.57
N VAL A 213 -13.34 36.21 13.84
CA VAL A 213 -14.47 37.02 14.28
C VAL A 213 -13.93 38.09 15.23
N PRO A 214 -14.53 39.28 15.25
CA PRO A 214 -14.08 40.31 16.22
C PRO A 214 -14.66 40.08 17.61
N PHE A 215 -13.78 40.15 18.61
CA PHE A 215 -14.17 40.11 20.01
C PHE A 215 -14.05 41.53 20.53
N ALA A 216 -15.18 42.16 20.81
CA ALA A 216 -15.16 43.58 21.15
C ALA A 216 -16.16 43.93 22.26
N LYS A 217 -16.72 42.95 22.97
CA LYS A 217 -17.62 43.24 24.08
C LYS A 217 -17.18 42.46 25.30
N ASP A 218 -17.16 43.11 26.45
CA ASP A 218 -16.77 42.43 27.69
C ASP A 218 -17.73 41.27 28.00
N GLU A 219 -17.14 40.06 28.16
CA GLU A 219 -17.80 38.76 28.34
C GLU A 219 -18.22 38.47 29.76
N TYR A 220 -17.52 39.00 30.75
CA TYR A 220 -17.69 38.58 32.13
C TYR A 220 -18.97 39.09 32.80
N PRO A 221 -19.49 40.30 32.49
CA PRO A 221 -20.66 40.79 33.21
C PRO A 221 -21.83 39.81 33.21
N LYS A 222 -22.59 39.86 34.30
CA LYS A 222 -23.79 39.06 34.50
C LYS A 222 -25.00 39.97 34.62
N ALA A 223 -26.04 39.69 33.84
CA ALA A 223 -27.23 40.53 33.84
C ALA A 223 -28.25 40.02 34.87
N GLY A 224 -29.08 40.94 35.35
CA GLY A 224 -30.08 40.64 36.37
C GLY A 224 -29.52 40.28 37.73
N VAL A 225 -28.41 40.90 38.14
CA VAL A 225 -27.77 40.59 39.42
C VAL A 225 -28.34 41.53 40.48
N THR A 226 -28.90 40.97 41.55
CA THR A 226 -29.30 41.74 42.73
C THR A 226 -28.53 41.24 43.95
N ALA A 227 -28.57 42.05 45.02
CA ALA A 227 -27.90 41.64 46.25
C ALA A 227 -28.57 40.40 46.84
N ASP A 228 -29.90 40.36 46.80
CA ASP A 228 -30.62 39.20 47.31
C ASP A 228 -30.28 37.94 46.53
N SER A 229 -30.17 38.04 45.20
CA SER A 229 -29.94 36.85 44.39
C SER A 229 -28.60 36.21 44.71
N ILE A 230 -27.62 37.02 45.13
CA ILE A 230 -26.30 36.50 45.45
C ILE A 230 -26.12 36.34 46.96
N ALA A 231 -27.18 36.51 47.73
CA ALA A 231 -27.07 36.39 49.18
C ALA A 231 -26.90 34.96 49.65
N LYS A 232 -27.13 33.97 48.78
CA LYS A 232 -27.17 32.58 49.21
C LYS A 232 -25.96 31.77 48.80
N LEU A 233 -24.97 32.38 48.15
CA LEU A 233 -23.76 31.67 47.80
C LEU A 233 -22.95 31.34 49.04
N LYS A 234 -22.20 30.25 48.95
CA LYS A 234 -21.30 29.86 50.02
C LYS A 234 -19.98 30.62 49.91
N GLY A 235 -19.23 30.62 51.00
CA GLY A 235 -17.94 31.29 51.00
C GLY A 235 -16.94 30.54 50.12
N ALA A 236 -16.11 31.30 49.43
CA ALA A 236 -15.12 30.75 48.51
C ALA A 236 -13.74 30.55 49.13
N PHE A 237 -13.44 31.18 50.27
CA PHE A 237 -12.10 31.13 50.80
C PHE A 237 -12.15 30.90 52.29
N PRO A 238 -11.14 30.26 52.86
CA PRO A 238 -11.09 30.12 54.32
C PRO A 238 -10.81 31.47 54.95
N VAL A 239 -11.28 31.65 56.18
CA VAL A 239 -10.90 32.87 56.89
C VAL A 239 -9.46 32.67 57.35
N GLY A 240 -8.80 33.76 57.77
CA GLY A 240 -7.41 33.68 58.18
C GLY A 240 -7.24 32.81 59.40
N PRO A 241 -6.01 32.29 59.59
CA PRO A 241 -5.72 31.48 60.79
C PRO A 241 -5.85 32.27 62.06
N GLU A 242 -5.79 33.59 61.97
CA GLU A 242 -5.99 34.47 63.11
C GLU A 242 -7.46 34.81 63.31
N SER A 243 -8.34 34.19 62.50
CA SER A 243 -9.79 34.09 62.69
C SER A 243 -10.39 35.49 62.90
N PRO A 244 -11.08 35.86 64.00
CA PRO A 244 -11.77 37.16 63.93
C PRO A 244 -10.88 38.35 64.22
N ASN A 245 -9.62 38.15 64.63
CA ASN A 245 -8.74 39.25 65.05
C ASN A 245 -7.33 39.08 64.46
N PRO A 246 -7.20 39.24 63.14
CA PRO A 246 -5.87 39.09 62.52
C PRO A 246 -4.86 40.05 63.14
N VAL A 247 -3.61 39.59 63.25
CA VAL A 247 -2.52 40.40 63.80
C VAL A 247 -1.73 40.99 62.65
N VAL A 248 -1.79 42.30 62.47
CA VAL A 248 -1.18 42.95 61.33
C VAL A 248 -0.30 44.07 61.86
N VAL A 249 0.62 44.53 61.02
CA VAL A 249 1.37 45.74 61.30
C VAL A 249 0.81 46.82 60.38
N ASN A 250 0.48 47.96 60.96
CA ASN A 250 -0.19 49.03 60.25
C ASN A 250 0.85 50.03 59.75
N THR A 251 0.78 50.33 58.46
CA THR A 251 1.56 51.42 57.89
C THR A 251 0.74 52.69 57.76
N PHE A 252 -0.56 52.63 58.06
CA PHE A 252 -1.38 53.82 58.29
C PHE A 252 -2.35 53.52 59.43
N GLU A 253 -2.99 54.58 59.95
CA GLU A 253 -3.91 54.45 61.07
C GLU A 253 -5.35 54.43 60.55
N PRO A 254 -6.03 53.29 60.57
CA PRO A 254 -7.40 53.23 60.04
C PRO A 254 -8.38 54.04 60.86
N THR A 255 -9.36 54.63 60.16
CA THR A 255 -10.46 55.34 60.80
C THR A 255 -11.83 54.73 60.54
N GLY A 256 -11.95 53.81 59.57
CA GLY A 256 -13.25 53.28 59.22
C GLY A 256 -13.53 51.87 59.70
N CYS A 257 -13.06 51.54 60.90
CA CYS A 257 -13.23 50.20 61.44
C CYS A 257 -14.47 50.16 62.32
N GLN A 258 -15.33 49.17 62.08
CA GLN A 258 -16.58 49.00 62.82
C GLN A 258 -16.70 47.54 63.26
N ASP A 259 -17.74 47.27 64.06
CA ASP A 259 -18.05 45.90 64.46
C ASP A 259 -19.15 45.34 63.57
N ALA A 260 -18.97 44.09 63.13
CA ALA A 260 -19.99 43.44 62.32
C ALA A 260 -20.40 42.11 62.95
N PRO A 261 -21.69 41.75 62.83
CA PRO A 261 -22.17 40.50 63.43
C PRO A 261 -21.62 39.22 62.79
N ASP A 262 -21.32 39.23 61.49
CA ASP A 262 -20.80 38.05 60.83
C ASP A 262 -19.29 37.97 60.90
N LYS A 263 -18.67 38.63 61.88
CA LYS A 263 -17.23 38.60 62.02
C LYS A 263 -16.75 37.17 62.21
N GLY A 264 -15.65 36.82 61.55
CA GLY A 264 -15.10 35.48 61.70
C GLY A 264 -15.87 34.38 61.01
N THR A 265 -16.57 34.68 59.92
CA THR A 265 -17.31 33.72 59.09
C THR A 265 -17.00 34.00 57.64
N GLN A 266 -17.33 33.05 56.76
CA GLN A 266 -17.05 33.22 55.33
C GLN A 266 -18.05 34.20 54.72
N ARG A 267 -17.53 35.32 54.22
CA ARG A 267 -18.32 36.35 53.54
C ARG A 267 -17.92 36.58 52.10
N VAL A 268 -16.65 36.39 51.74
CA VAL A 268 -16.26 36.56 50.35
C VAL A 268 -16.77 35.37 49.55
N THR A 269 -17.36 35.64 48.39
CA THR A 269 -17.95 34.62 47.54
C THR A 269 -17.52 34.87 46.10
N ALA A 270 -17.87 33.92 45.22
CA ALA A 270 -17.63 34.14 43.79
C ALA A 270 -18.34 35.41 43.28
N ALA A 271 -19.48 35.79 43.86
CA ALA A 271 -20.23 36.92 43.35
C ALA A 271 -19.69 38.27 43.82
N ASN A 272 -19.12 38.39 45.03
CA ASN A 272 -18.63 39.68 45.51
C ASN A 272 -17.12 39.85 45.38
N ALA A 273 -16.44 38.93 44.70
CA ALA A 273 -15.04 39.13 44.38
C ALA A 273 -14.89 39.33 42.87
N SER A 274 -13.73 39.81 42.49
CA SER A 274 -13.43 39.92 41.07
C SER A 274 -13.21 38.53 40.49
N GLY A 275 -13.12 38.47 39.16
CA GLY A 275 -12.93 37.21 38.48
C GLY A 275 -11.49 37.03 38.05
N ILE A 276 -11.25 35.87 37.44
CA ILE A 276 -10.01 35.57 36.72
C ILE A 276 -10.28 35.79 35.23
N ASN A 277 -9.44 36.59 34.57
CA ASN A 277 -9.80 37.08 33.25
C ASN A 277 -8.58 37.35 32.39
N ASP A 278 -8.83 37.51 31.09
CA ASP A 278 -7.83 37.80 30.07
C ASP A 278 -8.08 39.17 29.47
N GLY A 279 -7.02 39.91 29.17
CA GLY A 279 -7.16 41.17 28.48
C GLY A 279 -5.90 42.03 28.57
N ALA A 280 -5.95 43.18 27.89
CA ALA A 280 -4.79 44.06 27.74
C ALA A 280 -5.25 45.51 27.59
N ALA A 281 -4.31 46.42 27.80
CA ALA A 281 -4.58 47.83 27.75
C ALA A 281 -3.25 48.57 27.53
N ALA A 282 -3.31 49.67 26.76
CA ALA A 282 -2.11 50.42 26.39
C ALA A 282 -2.34 51.92 26.58
N ILE A 283 -1.26 52.61 26.93
CA ILE A 283 -1.28 54.03 27.27
C ILE A 283 -0.07 54.68 26.63
N VAL A 284 -0.30 55.76 25.89
CA VAL A 284 0.79 56.49 25.25
C VAL A 284 1.10 57.72 26.11
N LEU A 285 2.26 57.68 26.77
CA LEU A 285 2.68 58.74 27.69
C LEU A 285 3.72 59.64 27.01
N ALA A 286 3.54 60.96 27.09
CA ALA A 286 4.45 61.87 26.39
C ALA A 286 4.68 63.14 27.20
N SER A 287 5.91 63.67 27.14
CA SER A 287 6.22 64.98 27.69
C SER A 287 5.58 66.10 26.87
N GLY A 288 5.38 67.24 27.53
CA GLY A 288 4.91 68.42 26.81
C GLY A 288 5.77 68.76 25.61
N GLU A 289 7.10 68.56 25.72
CA GLU A 289 7.96 68.79 24.57
C GLU A 289 7.54 67.91 23.39
N ALA A 290 7.24 66.65 23.68
CA ALA A 290 6.83 65.74 22.60
C ALA A 290 5.45 66.13 22.06
N VAL A 291 4.53 66.51 22.94
CA VAL A 291 3.20 66.93 22.48
C VAL A 291 3.32 68.14 21.57
N ALA A 292 4.18 69.09 21.93
CA ALA A 292 4.33 70.29 21.12
C ALA A 292 5.10 70.02 19.83
N LYS A 293 6.16 69.22 19.90
CA LYS A 293 6.94 68.98 18.68
C LYS A 293 6.11 68.24 17.63
N TYR A 294 5.33 67.23 18.03
CA TYR A 294 4.56 66.45 17.07
C TYR A 294 3.12 66.89 16.93
N GLY A 295 2.73 68.02 17.55
CA GLY A 295 1.35 68.47 17.46
C GLY A 295 0.35 67.43 17.93
N LEU A 296 0.57 66.81 19.09
CA LEU A 296 -0.36 65.81 19.59
C LEU A 296 -1.55 66.47 20.30
N LYS A 297 -2.60 65.69 20.51
CA LYS A 297 -3.83 66.15 21.16
C LYS A 297 -4.13 65.23 22.35
N PRO A 298 -3.50 65.47 23.49
CA PRO A 298 -3.59 64.51 24.59
C PRO A 298 -4.97 64.46 25.24
N MET A 299 -5.27 63.32 25.89
CA MET A 299 -6.52 63.23 26.62
C MET A 299 -6.43 63.89 27.99
N ALA A 300 -5.26 63.80 28.65
CA ALA A 300 -5.18 64.24 30.04
C ALA A 300 -3.72 64.42 30.45
N LYS A 301 -3.54 65.33 31.40
CA LYS A 301 -2.27 65.56 32.08
C LYS A 301 -2.17 64.66 33.32
N LEU A 302 -1.06 63.94 33.42
CA LEU A 302 -0.75 63.14 34.61
C LEU A 302 -0.20 64.08 35.68
N ILE A 303 -0.99 64.39 36.69
CA ILE A 303 -0.57 65.40 37.66
C ILE A 303 -0.10 64.80 38.98
N GLY A 304 -0.16 63.50 39.14
CA GLY A 304 0.45 62.91 40.32
C GLY A 304 0.32 61.41 40.33
N TRP A 305 1.23 60.74 41.04
CA TRP A 305 1.25 59.29 41.12
C TRP A 305 1.87 58.91 42.45
N GLY A 306 1.61 57.68 42.89
CA GLY A 306 2.00 57.28 44.22
C GLY A 306 1.98 55.79 44.38
N GLN A 307 2.77 55.32 45.36
CA GLN A 307 2.86 53.91 45.71
C GLN A 307 2.68 53.81 47.22
N GLY A 308 2.43 52.60 47.71
CA GLY A 308 2.30 52.40 49.14
C GLY A 308 2.61 50.97 49.48
N GLY A 309 2.97 50.75 50.73
CA GLY A 309 3.18 49.40 51.25
C GLY A 309 2.40 49.20 52.52
N VAL A 310 1.77 48.03 52.63
CA VAL A 310 0.96 47.64 53.79
C VAL A 310 1.28 46.19 54.11
N ASP A 311 0.75 45.69 55.22
CA ASP A 311 0.99 44.30 55.59
C ASP A 311 0.38 43.38 54.54
N PRO A 312 1.10 42.35 54.08
CA PRO A 312 0.50 41.39 53.12
C PRO A 312 -0.83 40.80 53.56
N LYS A 313 -1.00 40.58 54.87
CA LYS A 313 -2.25 40.02 55.37
C LYS A 313 -3.46 40.86 54.98
N ILE A 314 -3.28 42.17 54.81
CA ILE A 314 -4.40 43.05 54.50
C ILE A 314 -4.09 43.86 53.25
N MET A 315 -3.45 43.22 52.27
CA MET A 315 -2.99 43.90 51.07
C MET A 315 -4.08 44.75 50.39
N GLY A 316 -5.35 44.42 50.57
CA GLY A 316 -6.43 45.12 49.87
C GLY A 316 -6.60 46.60 50.24
N VAL A 317 -5.94 47.10 51.28
CA VAL A 317 -5.96 48.54 51.59
C VAL A 317 -4.69 49.26 51.13
N GLY A 318 -3.83 48.60 50.37
CA GLY A 318 -2.76 49.29 49.68
C GLY A 318 -3.13 50.65 49.06
N PRO A 319 -4.28 50.75 48.39
CA PRO A 319 -4.62 52.03 47.73
C PRO A 319 -4.73 53.20 48.67
N VAL A 320 -5.02 52.96 49.95
CA VAL A 320 -5.15 54.06 50.91
C VAL A 320 -3.86 54.86 50.99
N VAL A 321 -2.73 54.17 51.19
CA VAL A 321 -1.44 54.86 51.21
C VAL A 321 -1.12 55.41 49.82
N ALA A 322 -1.27 54.56 48.80
CA ALA A 322 -0.90 54.96 47.45
C ALA A 322 -1.71 56.17 46.98
N SER A 323 -3.04 56.17 47.21
CA SER A 323 -3.84 57.33 46.80
C SER A 323 -3.46 58.58 47.60
N ARG A 324 -3.14 58.42 48.89
CA ARG A 324 -2.71 59.58 49.67
C ARG A 324 -1.42 60.16 49.12
N ASN A 325 -0.46 59.30 48.76
CA ASN A 325 0.80 59.81 48.21
C ASN A 325 0.58 60.52 46.89
N ALA A 326 -0.25 59.94 46.01
CA ALA A 326 -0.48 60.51 44.69
C ALA A 326 -1.22 61.84 44.79
N MET A 327 -2.26 61.89 45.63
CA MET A 327 -3.07 63.09 45.73
C MET A 327 -2.25 64.25 46.28
N LYS A 328 -1.31 63.95 47.18
CA LYS A 328 -0.46 64.99 47.77
C LYS A 328 0.59 65.49 46.78
N LYS A 329 1.13 64.59 45.95
CA LYS A 329 2.03 65.00 44.88
C LYS A 329 1.31 65.84 43.85
N ALA A 330 0.02 65.57 43.65
CA ALA A 330 -0.83 66.38 42.79
C ALA A 330 -1.29 67.66 43.47
N GLY A 331 -1.07 67.79 44.77
CA GLY A 331 -1.57 68.93 45.53
C GLY A 331 -3.08 69.02 45.62
N VAL A 332 -3.78 67.88 45.72
CA VAL A 332 -5.23 67.84 45.75
C VAL A 332 -5.71 66.99 46.92
N THR A 333 -6.99 67.16 47.26
CA THR A 333 -7.70 66.34 48.23
C THR A 333 -8.76 65.52 47.52
N ILE A 334 -9.38 64.59 48.26
CA ILE A 334 -10.43 63.75 47.68
C ILE A 334 -11.61 64.60 47.20
N ASP A 335 -11.80 65.80 47.78
CA ASP A 335 -12.87 66.70 47.33
C ASP A 335 -12.57 67.38 45.99
N ASP A 336 -11.31 67.39 45.56
CA ASP A 336 -11.01 67.88 44.22
C ASP A 336 -11.19 66.82 43.13
N ILE A 337 -11.48 65.57 43.48
CA ILE A 337 -11.58 64.50 42.49
C ILE A 337 -13.03 64.38 42.03
N ASP A 338 -13.23 64.32 40.70
CA ASP A 338 -14.55 64.21 40.07
C ASP A 338 -14.95 62.78 39.75
N LEU A 339 -14.02 61.96 39.26
CA LEU A 339 -14.29 60.58 38.90
C LEU A 339 -13.21 59.71 39.51
N ILE A 340 -13.59 58.51 39.93
CA ILE A 340 -12.66 57.60 40.59
C ILE A 340 -12.82 56.21 39.99
N GLU A 341 -11.69 55.56 39.67
CA GLU A 341 -11.67 54.14 39.36
C GLU A 341 -10.82 53.49 40.44
N ALA A 342 -11.47 52.81 41.39
CA ALA A 342 -10.79 52.01 42.39
C ALA A 342 -11.12 50.57 42.06
N ASN A 343 -10.10 49.81 41.67
CA ASN A 343 -10.33 48.47 41.16
C ASN A 343 -11.01 47.60 42.20
N GLU A 344 -11.99 46.82 41.75
CA GLU A 344 -12.79 45.98 42.63
C GLU A 344 -12.15 44.59 42.72
N ALA A 345 -11.01 44.52 43.42
CA ALA A 345 -10.41 43.21 43.68
C ALA A 345 -11.36 42.34 44.50
N PHE A 346 -11.92 42.93 45.56
CA PHE A 346 -12.93 42.30 46.39
C PHE A 346 -13.82 43.41 46.94
N ALA A 347 -15.13 43.16 47.03
CA ALA A 347 -15.96 44.14 47.70
C ALA A 347 -15.42 44.41 49.10
N ALA A 348 -14.83 43.39 49.75
CA ALA A 348 -14.24 43.57 51.07
C ALA A 348 -13.21 44.70 51.11
N GLN A 349 -12.19 44.64 50.23
CA GLN A 349 -11.15 45.67 50.29
C GLN A 349 -11.61 46.99 49.70
N SER A 350 -12.45 46.94 48.66
CA SER A 350 -13.01 48.16 48.08
C SER A 350 -13.82 48.94 49.11
N ILE A 351 -14.60 48.24 49.95
CA ILE A 351 -15.32 48.96 50.99
C ILE A 351 -14.36 49.57 51.99
N ALA A 352 -13.32 48.83 52.38
CA ALA A 352 -12.37 49.33 53.37
C ALA A 352 -11.62 50.55 52.84
N VAL A 353 -11.17 50.51 51.58
CA VAL A 353 -10.42 51.63 51.00
C VAL A 353 -11.31 52.86 50.92
N ALA A 354 -12.57 52.66 50.51
CA ALA A 354 -13.49 53.78 50.37
C ALA A 354 -13.80 54.44 51.70
N ARG A 355 -13.98 53.64 52.76
CA ARG A 355 -14.16 54.24 54.09
C ARG A 355 -12.94 55.06 54.49
N GLU A 356 -11.73 54.55 54.21
CA GLU A 356 -10.52 55.25 54.62
C GLU A 356 -10.31 56.53 53.82
N LEU A 357 -10.55 56.48 52.51
CA LEU A 357 -10.37 57.64 51.65
C LEU A 357 -11.61 58.51 51.56
N HIS A 358 -12.71 58.13 52.23
CA HIS A 358 -13.93 58.94 52.22
C HIS A 358 -14.43 59.16 50.81
N PHE A 359 -14.51 58.08 50.05
CA PHE A 359 -15.01 58.13 48.69
C PHE A 359 -16.47 58.57 48.68
N ASP A 360 -16.82 59.38 47.70
CA ASP A 360 -18.22 59.63 47.38
C ASP A 360 -18.62 58.58 46.34
N MET A 361 -19.35 57.56 46.79
CA MET A 361 -19.61 56.39 45.95
C MET A 361 -20.25 56.76 44.62
N SER A 362 -21.01 57.86 44.57
CA SER A 362 -21.62 58.27 43.31
C SER A 362 -20.57 58.59 42.27
N LYS A 363 -19.32 58.80 42.68
CA LYS A 363 -18.21 59.14 41.79
C LYS A 363 -17.32 57.94 41.46
N VAL A 364 -17.59 56.77 42.05
CA VAL A 364 -16.70 55.63 41.98
C VAL A 364 -17.22 54.62 40.97
N ASN A 365 -16.35 54.19 40.07
CA ASN A 365 -16.65 53.11 39.12
C ASN A 365 -18.03 53.30 38.49
N VAL A 366 -18.21 54.46 37.86
CA VAL A 366 -19.55 54.82 37.39
C VAL A 366 -20.04 53.90 36.27
N ASN A 367 -19.13 53.16 35.64
CA ASN A 367 -19.47 52.20 34.60
C ASN A 367 -19.29 50.77 35.07
N GLY A 368 -19.28 50.56 36.38
CA GLY A 368 -19.03 49.26 36.97
C GLY A 368 -17.54 49.00 37.05
N GLY A 369 -17.18 48.05 37.92
CA GLY A 369 -15.78 47.69 38.13
C GLY A 369 -15.47 46.23 37.86
N ALA A 370 -14.35 45.73 38.38
CA ALA A 370 -13.86 44.40 38.02
C ALA A 370 -14.73 43.25 38.54
N ILE A 371 -15.63 43.48 39.50
CA ILE A 371 -16.52 42.39 39.89
C ILE A 371 -17.39 41.97 38.71
N ALA A 372 -17.80 42.96 37.90
CA ALA A 372 -18.59 42.76 36.69
C ALA A 372 -17.71 42.55 35.46
N LEU A 373 -16.67 43.38 35.30
CA LEU A 373 -15.89 43.41 34.06
C LEU A 373 -14.74 42.42 34.02
N GLY A 374 -14.22 41.98 35.17
CA GLY A 374 -13.11 41.05 35.18
C GLY A 374 -11.81 41.75 35.52
N HIS A 375 -10.76 40.94 35.73
CA HIS A 375 -9.52 41.39 36.37
C HIS A 375 -8.33 40.61 35.82
N PRO A 376 -7.94 40.91 34.59
CA PRO A 376 -6.66 40.33 34.11
C PRO A 376 -5.51 41.01 34.84
N VAL A 377 -4.87 40.26 35.75
CA VAL A 377 -4.12 40.89 36.85
C VAL A 377 -3.04 41.84 36.31
N GLY A 378 -2.20 41.37 35.38
CA GLY A 378 -1.16 42.25 34.88
C GLY A 378 -1.64 43.48 34.10
N ALA A 379 -2.91 43.49 33.67
CA ALA A 379 -3.40 44.53 32.80
C ALA A 379 -4.31 45.53 33.48
N SER A 380 -4.99 45.12 34.54
CA SER A 380 -6.08 45.91 35.09
C SER A 380 -5.63 47.26 35.59
N GLY A 381 -4.39 47.35 36.11
CA GLY A 381 -3.84 48.64 36.52
C GLY A 381 -3.76 49.64 35.38
N ALA A 382 -3.57 49.15 34.16
CA ALA A 382 -3.73 50.08 33.03
C ALA A 382 -5.18 50.15 32.57
N ARG A 383 -5.93 49.04 32.73
CA ARG A 383 -7.30 49.01 32.25
C ARG A 383 -8.16 50.06 32.92
N ILE A 384 -8.04 50.19 34.24
CA ILE A 384 -8.88 51.16 34.93
C ILE A 384 -8.51 52.60 34.53
N ILE A 385 -7.26 52.85 34.14
CA ILE A 385 -6.92 54.19 33.66
C ILE A 385 -7.63 54.46 32.35
N VAL A 386 -7.64 53.47 31.47
CA VAL A 386 -8.33 53.58 30.18
C VAL A 386 -9.81 53.91 30.41
N THR A 387 -10.45 53.16 31.31
CA THR A 387 -11.86 53.40 31.59
C THR A 387 -12.09 54.76 32.25
N LEU A 388 -11.17 55.15 33.15
CA LEU A 388 -11.29 56.46 33.80
C LEU A 388 -11.20 57.60 32.78
N LEU A 389 -10.22 57.54 31.89
CA LEU A 389 -9.97 58.70 31.06
C LEU A 389 -11.04 58.87 30.01
N HIS A 390 -11.58 57.75 29.51
CA HIS A 390 -12.64 57.85 28.51
C HIS A 390 -13.94 58.39 29.11
N GLU A 391 -14.30 57.94 30.32
CA GLU A 391 -15.49 58.50 30.94
C GLU A 391 -15.30 59.99 31.28
N MET A 392 -14.10 60.39 31.71
CA MET A 392 -13.86 61.82 31.96
C MET A 392 -14.05 62.60 30.68
N GLN A 393 -13.52 62.06 29.58
CA GLN A 393 -13.72 62.64 28.27
C GLN A 393 -15.19 62.85 27.97
N LYS A 394 -16.05 61.92 28.44
CA LYS A 394 -17.49 62.02 28.20
C LYS A 394 -18.19 63.05 29.07
N ARG A 395 -17.65 63.37 30.23
CA ARG A 395 -18.38 64.21 31.17
C ARG A 395 -17.74 65.58 31.22
N PRO A 396 -18.42 66.64 30.72
CA PRO A 396 -17.79 67.97 30.66
C PRO A 396 -17.20 68.42 31.98
N GLU A 397 -17.87 68.09 33.08
CA GLU A 397 -17.54 68.56 34.41
C GLU A 397 -16.45 67.73 35.09
N ALA A 398 -16.21 66.49 34.63
CA ALA A 398 -15.21 65.61 35.25
C ALA A 398 -13.80 66.04 34.81
N LYS A 399 -13.20 66.91 35.62
CA LYS A 399 -11.92 67.52 35.29
C LYS A 399 -10.73 66.85 35.96
N LYS A 400 -10.94 66.18 37.11
CA LYS A 400 -9.84 65.48 37.77
C LYS A 400 -10.28 64.07 38.13
N GLY A 401 -9.39 63.11 37.92
CA GLY A 401 -9.70 61.72 38.13
C GLY A 401 -8.62 61.03 38.94
N LEU A 402 -9.04 59.99 39.67
CA LEU A 402 -8.12 59.17 40.44
C LEU A 402 -8.32 57.71 40.05
N ALA A 403 -7.21 57.01 39.82
CA ALA A 403 -7.21 55.58 39.57
C ALA A 403 -6.25 54.93 40.56
N THR A 404 -6.72 53.87 41.22
CA THR A 404 -5.92 53.20 42.24
C THR A 404 -6.33 51.74 42.32
N LEU A 405 -5.37 50.89 42.74
CA LEU A 405 -5.70 49.50 42.95
C LEU A 405 -4.70 48.88 43.92
N CYS A 406 -5.17 47.80 44.58
CA CYS A 406 -4.41 47.05 45.56
C CYS A 406 -3.55 46.02 44.86
N ILE A 407 -2.55 45.52 45.59
CA ILE A 407 -1.48 44.72 45.02
C ILE A 407 -1.13 43.58 45.97
N GLY A 408 -1.14 42.35 45.46
CA GLY A 408 -0.80 41.21 46.30
C GLY A 408 0.62 41.34 46.83
N GLY A 409 0.80 40.94 48.08
CA GLY A 409 2.05 41.16 48.74
C GLY A 409 2.06 42.41 49.58
N GLY A 410 0.99 43.21 49.52
CA GLY A 410 0.82 44.34 50.41
C GLY A 410 1.27 45.66 49.83
N MET A 411 0.82 46.02 48.65
CA MET A 411 1.03 47.38 48.18
C MET A 411 -0.14 47.93 47.37
N GLY A 412 0.05 49.18 46.92
CA GLY A 412 -0.90 49.84 46.06
C GLY A 412 -0.18 50.83 45.15
N THR A 413 -0.85 51.17 44.04
CA THR A 413 -0.42 52.27 43.20
C THR A 413 -1.61 53.19 42.93
N ALA A 414 -1.32 54.45 42.59
CA ALA A 414 -2.37 55.41 42.29
C ALA A 414 -1.84 56.47 41.33
N VAL A 415 -2.76 57.04 40.56
CA VAL A 415 -2.45 58.07 39.58
C VAL A 415 -3.59 59.07 39.65
N VAL A 416 -3.27 60.35 39.48
CA VAL A 416 -4.23 61.45 39.46
C VAL A 416 -4.12 62.17 38.12
N PHE A 417 -5.25 62.45 37.49
CA PHE A 417 -5.25 63.05 36.15
C PHE A 417 -6.05 64.33 36.16
N GLU A 418 -5.65 65.25 35.29
CA GLU A 418 -6.40 66.46 34.98
C GLU A 418 -6.74 66.44 33.49
N LYS A 419 -8.02 66.49 33.16
CA LYS A 419 -8.43 66.40 31.76
C LYS A 419 -7.88 67.55 30.91
N CYS A 420 -7.58 67.25 29.64
CA CYS A 420 -7.16 68.29 28.71
C CYS A 420 -8.38 68.82 27.94
N LEU A 421 -8.29 70.07 27.51
CA LEU A 421 -9.40 70.65 26.75
C LEU A 421 -8.87 71.47 25.58
N ALA B 2 19.60 72.49 39.04
CA ALA B 2 20.05 72.18 40.39
C ALA B 2 20.71 70.84 40.29
N MET B 3 21.71 70.52 41.12
CA MET B 3 22.31 69.25 40.74
C MET B 3 21.43 68.11 41.22
N LYS B 4 21.66 66.95 40.60
CA LYS B 4 21.07 65.70 41.08
C LYS B 4 22.08 64.61 40.72
N ASP B 5 22.94 64.24 41.67
CA ASP B 5 23.98 63.25 41.43
C ASP B 5 23.54 61.90 41.98
N LEU B 6 24.18 60.83 41.46
CA LEU B 6 23.80 59.45 41.77
C LEU B 6 25.03 58.67 42.21
N TYR B 7 24.93 57.99 43.35
CA TYR B 7 26.07 57.25 43.87
C TYR B 7 25.69 55.80 44.15
N VAL B 8 26.58 54.90 43.80
CA VAL B 8 26.52 53.53 44.32
C VAL B 8 27.27 53.55 45.64
N VAL B 9 26.54 53.37 46.74
CA VAL B 9 27.16 53.47 48.06
C VAL B 9 27.99 52.22 48.35
N ASN B 10 27.38 51.06 48.09
CA ASN B 10 28.06 49.79 48.29
C ASN B 10 27.27 48.72 47.55
N CYS B 11 27.85 47.54 47.48
CA CYS B 11 27.25 46.47 46.70
C CYS B 11 27.99 45.18 47.02
N CYS B 12 27.35 44.06 46.70
CA CYS B 12 27.95 42.76 46.93
C CYS B 12 27.19 41.72 46.11
N ARG B 13 27.75 40.51 46.08
CA ARG B 13 27.17 39.44 45.29
C ARG B 13 27.42 38.12 46.02
N THR B 14 26.62 37.09 45.67
CA THR B 14 26.92 35.73 46.07
C THR B 14 28.06 35.21 45.21
N ALA B 15 28.79 34.23 45.72
CA ALA B 15 29.52 33.37 44.80
C ALA B 15 28.52 32.75 43.84
N ILE B 16 28.98 32.41 42.65
CA ILE B 16 28.08 31.89 41.62
C ILE B 16 28.13 30.36 41.61
N GLY B 17 26.94 29.72 41.62
CA GLY B 17 26.89 28.27 41.60
C GLY B 17 26.77 27.69 40.19
N SER B 18 27.22 26.45 40.05
CA SER B 18 27.03 25.72 38.82
C SER B 18 25.59 25.24 38.71
N PHE B 19 25.18 24.98 37.48
CA PHE B 19 23.89 24.34 37.25
C PHE B 19 23.81 23.04 38.03
N GLY B 20 22.78 22.89 38.87
CA GLY B 20 22.67 21.69 39.68
C GLY B 20 23.59 21.66 40.87
N GLY B 21 24.23 22.77 41.18
CA GLY B 21 25.39 22.89 42.07
C GLY B 21 24.99 23.32 43.46
N SER B 22 25.85 24.14 44.08
CA SER B 22 25.73 24.36 45.52
C SER B 22 24.53 25.21 45.89
N LEU B 23 24.02 26.03 44.98
CA LEU B 23 22.91 26.93 45.28
C LEU B 23 21.58 26.42 44.72
N LYS B 24 21.56 25.19 44.17
CA LYS B 24 20.35 24.63 43.57
C LYS B 24 19.17 24.66 44.53
N ASN B 25 19.43 24.46 45.83
CA ASN B 25 18.35 24.40 46.81
C ASN B 25 18.12 25.73 47.52
N THR B 26 18.70 26.82 47.04
CA THR B 26 18.51 28.14 47.64
C THR B 26 17.62 29.00 46.75
N PRO B 27 16.36 29.25 47.11
CA PRO B 27 15.48 30.00 46.19
C PRO B 27 16.03 31.36 45.86
N ALA B 28 15.66 31.86 44.67
CA ALA B 28 16.18 33.14 44.21
C ALA B 28 15.88 34.25 45.20
N ALA B 29 14.68 34.22 45.82
CA ALA B 29 14.31 35.23 46.79
C ALA B 29 15.22 35.20 48.01
N GLU B 30 15.73 34.02 48.37
CA GLU B 30 16.62 33.90 49.53
C GLU B 30 17.99 34.44 49.19
N MET B 31 18.46 34.11 47.99
CA MET B 31 19.73 34.60 47.48
C MET B 31 19.73 36.13 47.43
N GLY B 32 18.64 36.70 46.90
CA GLY B 32 18.53 38.16 46.86
C GLY B 32 18.47 38.79 48.23
N ALA B 33 17.72 38.19 49.16
CA ALA B 33 17.68 38.68 50.53
C ALA B 33 19.09 38.77 51.14
N VAL B 34 19.91 37.75 50.92
CA VAL B 34 21.26 37.71 51.47
C VAL B 34 22.08 38.90 50.97
N VAL B 35 22.09 39.12 49.66
CA VAL B 35 22.92 40.20 49.15
C VAL B 35 22.32 41.57 49.44
N VAL B 36 20.99 41.70 49.50
CA VAL B 36 20.39 43.01 49.81
C VAL B 36 20.71 43.41 51.25
N LYS B 37 20.52 42.46 52.19
CA LYS B 37 20.81 42.76 53.58
C LYS B 37 22.26 43.14 53.75
N GLU B 38 23.16 42.36 53.13
CA GLU B 38 24.60 42.64 53.27
C GLU B 38 24.99 43.97 52.60
N ALA B 39 24.46 44.29 51.41
CA ALA B 39 24.77 45.55 50.75
C ALA B 39 24.32 46.73 51.60
N LEU B 40 23.12 46.65 52.17
CA LEU B 40 22.63 47.72 53.03
C LEU B 40 23.51 47.88 54.25
N LYS B 41 24.05 46.77 54.77
CA LYS B 41 24.91 46.85 55.96
C LYS B 41 26.25 47.47 55.60
N ARG B 42 26.81 47.08 54.46
CA ARG B 42 28.11 47.67 54.09
C ARG B 42 27.93 49.14 53.75
N ALA B 43 26.79 49.49 53.17
CA ALA B 43 26.47 50.88 52.84
C ALA B 43 26.24 51.74 54.07
N ASN B 44 26.10 51.12 55.24
CA ASN B 44 25.60 51.80 56.41
C ASN B 44 24.24 52.47 56.17
N VAL B 45 23.35 51.82 55.43
CA VAL B 45 22.03 52.37 55.19
C VAL B 45 21.01 51.51 55.92
N ALA B 46 20.15 52.16 56.72
CA ALA B 46 19.15 51.43 57.48
C ALA B 46 18.06 50.90 56.56
N PRO B 47 17.58 49.65 56.80
CA PRO B 47 16.52 49.10 55.93
C PRO B 47 15.28 49.97 55.86
N GLU B 48 14.89 50.62 56.97
CA GLU B 48 13.73 51.49 56.85
C GLU B 48 14.00 52.81 56.16
N ASN B 49 15.22 53.05 55.67
CA ASN B 49 15.48 54.27 54.92
C ASN B 49 15.49 54.03 53.43
N VAL B 50 15.16 52.82 53.00
CA VAL B 50 15.05 52.51 51.57
C VAL B 50 13.72 53.02 51.07
N ASP B 51 13.71 53.68 49.90
CA ASP B 51 12.48 54.20 49.31
C ASP B 51 11.81 53.17 48.38
N GLU B 52 12.58 52.35 47.67
CA GLU B 52 12.05 51.30 46.82
C GLU B 52 13.14 50.26 46.59
N LEU B 53 12.72 49.04 46.29
CA LEU B 53 13.63 48.00 45.83
C LEU B 53 13.20 47.56 44.44
N MET B 54 14.15 47.60 43.51
CA MET B 54 13.93 47.17 42.15
C MET B 54 14.87 46.02 41.85
N PHE B 55 14.32 44.86 41.49
CA PHE B 55 15.16 43.65 41.43
C PHE B 55 14.87 42.86 40.17
N GLY B 56 15.94 42.56 39.43
CA GLY B 56 15.80 41.76 38.25
C GLY B 56 15.66 40.29 38.60
N CYS B 57 14.77 39.61 37.87
CA CYS B 57 14.63 38.14 37.95
C CYS B 57 13.68 37.71 36.85
N ILE B 58 14.04 36.72 36.03
CA ILE B 58 13.20 36.46 34.86
C ILE B 58 12.56 35.07 34.88
N LEU B 59 13.20 34.10 35.56
CA LEU B 59 12.66 32.74 35.65
C LEU B 59 11.76 32.66 36.88
N THR B 60 10.69 33.44 36.85
CA THR B 60 9.83 33.62 38.01
C THR B 60 8.72 32.55 38.15
N SER B 61 8.71 31.56 37.27
CA SER B 61 7.68 30.51 37.27
C SER B 61 7.59 29.84 38.62
N ALA B 62 6.40 29.87 39.21
CA ALA B 62 6.08 29.12 40.42
C ALA B 62 6.91 29.60 41.60
N GLN B 63 7.51 30.79 41.52
CA GLN B 63 8.20 31.38 42.65
C GLN B 63 7.28 32.19 43.53
N GLY B 64 6.02 32.34 43.15
CA GLY B 64 5.08 33.12 43.94
C GLY B 64 5.03 34.57 43.52
N GLN B 65 4.19 35.35 44.21
CA GLN B 65 4.00 36.76 43.84
C GLN B 65 5.29 37.57 43.99
N ASN B 66 5.75 38.21 42.89
CA ASN B 66 6.65 39.38 42.95
C ASN B 66 7.93 39.07 43.72
N VAL B 67 8.82 38.31 43.08
CA VAL B 67 10.10 37.95 43.68
C VAL B 67 10.80 39.13 44.35
N ALA B 68 10.74 40.32 43.73
CA ALA B 68 11.46 41.47 44.30
C ALA B 68 10.89 41.86 45.66
N ARG B 69 9.58 41.77 45.84
CA ARG B 69 9.01 42.07 47.15
C ARG B 69 9.39 40.99 48.16
N GLN B 70 9.48 39.73 47.72
CA GLN B 70 9.98 38.67 48.59
C GLN B 70 11.42 38.94 49.03
N VAL B 71 12.26 39.35 48.09
CA VAL B 71 13.63 39.72 48.41
C VAL B 71 13.63 40.80 49.48
N SER B 72 12.79 41.82 49.27
CA SER B 72 12.76 42.98 50.15
C SER B 72 12.38 42.58 51.55
N ILE B 73 11.26 41.87 51.69
CA ILE B 73 10.79 41.51 53.03
C ILE B 73 11.78 40.58 53.70
N LYS B 74 12.29 39.58 52.98
CA LYS B 74 13.19 38.63 53.62
C LYS B 74 14.50 39.30 54.01
N ALA B 75 14.87 40.38 53.34
CA ALA B 75 16.06 41.13 53.73
C ALA B 75 15.84 42.01 54.95
N GLY B 76 14.60 42.11 55.45
CA GLY B 76 14.29 42.98 56.58
C GLY B 76 13.80 44.37 56.21
N ILE B 77 13.60 44.64 54.95
CA ILE B 77 13.06 45.96 54.57
C ILE B 77 11.59 46.00 54.93
N PRO B 78 11.09 47.08 55.55
CA PRO B 78 9.70 47.11 56.06
C PRO B 78 8.67 46.95 54.96
N TYR B 79 7.49 46.47 55.37
CA TYR B 79 6.33 46.35 54.50
C TYR B 79 6.01 47.65 53.78
N SER B 80 6.27 48.78 54.44
CA SER B 80 5.96 50.11 53.90
C SER B 80 6.73 50.43 52.62
N VAL B 81 7.84 49.74 52.36
CA VAL B 81 8.69 50.00 51.20
C VAL B 81 8.17 49.18 50.02
N PRO B 82 7.74 49.80 48.93
CA PRO B 82 7.31 49.03 47.74
C PRO B 82 8.49 48.41 46.99
N ALA B 83 8.18 47.38 46.20
CA ALA B 83 9.22 46.69 45.44
C ALA B 83 8.58 46.10 44.19
N TYR B 84 9.37 45.98 43.10
CA TYR B 84 8.85 45.30 41.93
C TYR B 84 9.97 44.60 41.18
N THR B 85 9.54 43.61 40.38
CA THR B 85 10.44 42.78 39.60
C THR B 85 10.65 43.34 38.21
N VAL B 86 11.92 43.35 37.79
CA VAL B 86 12.33 43.90 36.52
C VAL B 86 12.58 42.75 35.56
N GLY B 87 11.82 42.71 34.45
CA GLY B 87 12.05 41.67 33.46
C GLY B 87 12.62 42.18 32.15
N MET B 88 13.93 42.05 31.98
CA MET B 88 14.60 42.51 30.78
C MET B 88 15.68 41.49 30.41
N VAL B 89 15.28 40.23 30.41
CA VAL B 89 16.16 39.06 30.21
C VAL B 89 17.51 39.23 30.93
N GLY B 91 19.55 41.54 30.90
CA GLY B 91 19.78 42.89 31.33
C GLY B 91 19.16 43.24 32.65
N SER B 92 18.26 42.37 33.15
CA SER B 92 17.41 42.72 34.28
C SER B 92 18.19 43.26 35.47
N GLY B 93 19.33 42.63 35.80
CA GLY B 93 20.13 43.11 36.91
C GLY B 93 20.62 44.55 36.73
N MET B 94 21.02 44.92 35.52
CA MET B 94 21.45 46.28 35.27
C MET B 94 20.27 47.22 35.03
N LYS B 95 19.19 46.72 34.40
CA LYS B 95 17.99 47.54 34.19
C LYS B 95 17.47 48.07 35.51
N SER B 96 17.56 47.26 36.58
CA SER B 96 17.10 47.74 37.88
C SER B 96 17.85 49.00 38.31
N VAL B 97 19.17 49.09 38.02
CA VAL B 97 19.96 50.29 38.36
C VAL B 97 19.50 51.46 37.52
N ILE B 98 19.22 51.22 36.24
CA ILE B 98 18.73 52.30 35.38
C ILE B 98 17.37 52.81 35.88
N GLU B 99 16.46 51.88 36.23
CA GLU B 99 15.16 52.32 36.75
C GLU B 99 15.32 53.01 38.10
N GLY B 100 16.25 52.53 38.92
CA GLY B 100 16.55 53.21 40.18
C GLY B 100 17.05 54.64 39.94
N ALA B 101 17.99 54.78 39.00
CA ALA B 101 18.50 56.10 38.65
C ALA B 101 17.38 57.04 38.21
N ARG B 102 16.45 56.54 37.38
CA ARG B 102 15.36 57.38 36.88
C ARG B 102 14.44 57.82 38.00
N SER B 103 14.12 56.90 38.92
CA SER B 103 13.30 57.24 40.07
C SER B 103 13.93 58.38 40.87
N ILE B 104 15.24 58.31 41.13
CA ILE B 104 15.88 59.35 41.92
C ILE B 104 15.95 60.67 41.15
N LEU B 105 16.30 60.61 39.86
CA LEU B 105 16.39 61.82 39.04
C LEU B 105 15.04 62.50 38.88
N ALA B 106 13.98 61.72 38.88
CA ALA B 106 12.62 62.22 38.76
C ALA B 106 12.16 62.93 40.02
N GLY B 107 12.88 62.77 41.13
CA GLY B 107 12.46 63.31 42.40
C GLY B 107 11.53 62.44 43.19
N ASP B 108 11.34 61.17 42.82
CA ASP B 108 10.42 60.32 43.56
C ASP B 108 11.06 59.67 44.79
N SER B 109 12.39 59.63 44.88
CA SER B 109 13.05 58.81 45.89
C SER B 109 14.51 59.23 46.01
N ASP B 110 15.17 58.76 47.08
CA ASP B 110 16.57 59.09 47.36
C ASP B 110 17.48 57.88 47.50
N ILE B 111 16.93 56.75 47.96
CA ILE B 111 17.69 55.51 48.13
C ILE B 111 16.90 54.39 47.49
N VAL B 112 17.49 53.73 46.50
CA VAL B 112 16.86 52.59 45.85
C VAL B 112 17.83 51.41 45.95
N VAL B 113 17.32 50.26 46.40
CA VAL B 113 18.09 49.04 46.34
C VAL B 113 17.87 48.41 44.97
N CYS B 114 18.96 48.12 44.27
CA CYS B 114 18.90 47.60 42.91
C CYS B 114 19.60 46.24 42.95
N GLY B 115 19.50 45.46 41.86
CA GLY B 115 20.19 44.19 41.80
C GLY B 115 19.34 43.17 41.07
N GLY B 116 19.75 41.92 41.21
CA GLY B 116 19.06 40.82 40.58
C GLY B 116 19.47 39.51 41.21
N THR B 117 18.63 38.51 40.96
CA THR B 117 18.86 37.19 41.51
C THR B 117 18.30 36.21 40.51
N GLU B 118 18.91 35.01 40.43
CA GLU B 118 18.36 34.02 39.51
C GLU B 118 18.81 32.64 39.95
N ASN B 119 17.85 31.74 40.13
CA ASN B 119 18.15 30.34 40.40
C ASN B 119 17.73 29.55 39.17
N MET B 120 18.70 29.39 38.27
CA MET B 120 18.48 28.70 37.01
C MET B 120 18.27 27.22 37.27
N SER B 121 18.90 26.67 38.33
CA SER B 121 18.80 25.24 38.65
C SER B 121 17.37 24.85 39.01
N ALA B 122 16.64 25.75 39.64
CA ALA B 122 15.35 25.44 40.21
C ALA B 122 14.19 25.86 39.30
N ALA B 123 14.47 26.41 38.11
CA ALA B 123 13.39 26.75 37.20
C ALA B 123 12.62 25.49 36.82
N PRO B 124 11.29 25.55 36.79
CA PRO B 124 10.50 24.33 36.56
C PRO B 124 10.27 23.99 35.10
N PHE B 125 9.68 22.80 34.90
CA PHE B 125 9.12 22.38 33.61
C PHE B 125 7.65 22.68 33.61
N ALA B 126 7.10 23.03 32.45
CA ALA B 126 5.72 23.49 32.40
C ALA B 126 4.93 22.72 31.35
N SER B 127 3.63 22.55 31.62
CA SER B 127 2.69 22.00 30.65
C SER B 127 1.69 23.08 30.26
N MET B 128 1.72 23.50 28.99
CA MET B 128 0.75 24.47 28.48
C MET B 128 -0.62 23.87 28.23
N ASP B 129 -0.70 22.55 28.05
CA ASP B 129 -1.92 21.84 27.72
C ASP B 129 -2.69 21.40 28.94
N ALA B 130 -2.05 21.40 30.12
CA ALA B 130 -2.69 20.74 31.24
C ALA B 130 -3.96 21.45 31.67
N ARG B 131 -4.02 22.79 31.55
CA ARG B 131 -5.14 23.49 32.15
C ARG B 131 -6.44 23.17 31.44
N TRP B 132 -6.46 23.24 30.11
CA TRP B 132 -7.72 23.05 29.40
C TRP B 132 -7.78 21.71 28.68
N GLY B 133 -6.66 20.99 28.66
CA GLY B 133 -6.79 19.58 28.20
C GLY B 133 -5.89 19.37 26.99
N ALA B 134 -5.11 18.29 27.05
CA ALA B 134 -4.33 17.86 25.88
C ALA B 134 -5.17 17.12 24.85
N ARG B 135 -6.26 16.46 25.29
CA ARG B 135 -7.24 15.72 24.47
C ARG B 135 -6.68 14.41 23.93
N MET B 136 -5.70 14.50 23.02
CA MET B 136 -5.09 13.30 22.47
C MET B 136 -3.82 13.71 21.74
N GLY B 137 -2.81 12.84 21.79
CA GLY B 137 -1.54 13.11 21.13
C GLY B 137 -0.48 13.56 22.13
N ASP B 138 0.77 13.14 21.92
CA ASP B 138 1.86 13.49 22.85
C ASP B 138 2.03 15.00 22.88
N LYS B 139 2.36 15.52 24.06
CA LYS B 139 2.56 16.95 24.23
C LYS B 139 3.97 17.22 24.78
N LYS B 140 4.26 18.49 25.01
CA LYS B 140 5.57 18.95 25.41
C LYS B 140 5.54 19.29 26.89
N LEU B 141 6.62 18.95 27.56
CA LEU B 141 6.93 19.49 28.87
C LEU B 141 8.04 20.51 28.64
N VAL B 142 7.71 21.80 28.78
CA VAL B 142 8.59 22.90 28.33
C VAL B 142 9.59 23.21 29.44
N ASP B 143 10.87 23.30 29.07
CA ASP B 143 11.90 23.70 30.01
C ASP B 143 11.80 25.22 30.12
N THR B 144 11.26 25.73 31.22
CA THR B 144 11.01 27.19 31.25
C THR B 144 12.32 27.96 31.35
N MET B 145 13.38 27.32 31.81
CA MET B 145 14.67 28.00 31.83
C MET B 145 15.12 28.34 30.42
N ILE B 146 15.08 27.36 29.52
CA ILE B 146 15.47 27.61 28.14
C ILE B 146 14.46 28.53 27.45
N LYS B 147 13.17 28.25 27.65
CA LYS B 147 12.13 28.97 26.95
C LYS B 147 12.16 30.44 27.36
N ASP B 148 12.19 30.72 28.67
CA ASP B 148 12.04 32.10 29.08
C ASP B 148 13.40 32.80 29.21
N GLY B 149 14.49 32.04 29.30
CA GLY B 149 15.80 32.67 29.42
C GLY B 149 16.71 32.62 28.21
N LEU B 150 16.63 31.54 27.39
CA LEU B 150 17.70 31.30 26.43
C LEU B 150 17.25 31.15 24.98
N TRP B 151 15.98 31.37 24.69
CA TRP B 151 15.40 31.06 23.40
C TRP B 151 14.90 32.35 22.76
N ASP B 152 15.19 32.56 21.48
CA ASP B 152 14.66 33.76 20.85
C ASP B 152 13.20 33.61 20.48
N ALA B 153 12.39 34.57 20.92
CA ALA B 153 10.95 34.49 20.71
C ALA B 153 10.52 34.78 19.26
N TYR B 154 11.36 35.43 18.45
CA TYR B 154 10.96 35.83 17.09
C TYR B 154 11.48 34.87 16.04
N ASN B 155 12.65 34.27 16.27
CA ASN B 155 13.31 33.43 15.30
C ASN B 155 13.32 31.98 15.67
N ASN B 156 12.89 31.64 16.89
CA ASN B 156 12.70 30.26 17.30
C ASN B 156 14.01 29.46 17.29
N TYR B 157 15.08 30.06 17.81
CA TYR B 157 16.28 29.28 18.08
C TYR B 157 17.00 29.86 19.30
N HIS B 158 18.05 29.14 19.74
CA HIS B 158 18.79 29.47 20.95
C HIS B 158 19.56 30.78 20.80
N MET B 159 19.86 31.42 21.95
CA MET B 159 20.88 32.47 21.94
C MET B 159 22.19 32.02 21.31
N GLY B 160 22.61 30.77 21.53
CA GLY B 160 23.86 30.36 20.96
C GLY B 160 23.84 30.42 19.44
N THR B 161 22.67 30.24 18.84
CA THR B 161 22.56 30.37 17.40
C THR B 161 22.62 31.84 16.99
N THR B 162 22.09 32.74 17.82
CA THR B 162 22.33 34.15 17.53
C THR B 162 23.83 34.44 17.62
N ALA B 163 24.56 33.75 18.50
CA ALA B 163 26.01 33.92 18.56
C ALA B 163 26.66 33.44 17.27
N GLU B 164 26.15 32.34 16.71
CA GLU B 164 26.66 31.88 15.44
C GLU B 164 26.34 32.85 14.31
N ASN B 165 25.21 33.57 14.40
CA ASN B 165 24.92 34.63 13.42
C ASN B 165 25.99 35.74 13.46
N ILE B 166 26.44 36.10 14.67
CA ILE B 166 27.51 37.07 14.81
C ILE B 166 28.83 36.54 14.25
N ASN B 167 29.16 35.27 14.53
CA ASN B 167 30.40 34.75 13.97
C ASN B 167 30.43 34.89 12.46
N ASP B 168 29.30 34.60 11.81
CA ASP B 168 29.21 34.69 10.35
C ASP B 168 29.36 36.12 9.87
N ILE B 169 28.64 37.04 10.48
CA ILE B 169 28.63 38.42 9.98
C ILE B 169 29.95 39.12 10.29
N TRP B 170 30.41 39.05 11.53
CA TRP B 170 31.63 39.74 11.93
C TRP B 170 32.88 38.97 11.54
N GLY B 171 32.75 37.69 11.17
CA GLY B 171 33.91 36.92 10.77
C GLY B 171 34.79 36.60 11.97
N ILE B 172 34.32 35.74 12.85
CA ILE B 172 35.02 35.39 14.07
C ILE B 172 35.31 33.88 14.03
N THR B 173 36.59 33.52 14.11
CA THR B 173 37.00 32.13 14.02
C THR B 173 36.73 31.41 15.32
N ARG B 174 36.60 30.08 15.21
CA ARG B 174 36.56 29.26 16.41
C ARG B 174 37.78 29.55 17.28
N ARG B 175 38.95 29.71 16.66
CA ARG B 175 40.18 29.83 17.44
C ARG B 175 40.20 31.12 18.26
N GLU B 176 39.83 32.26 17.67
CA GLU B 176 39.77 33.48 18.47
C GLU B 176 38.78 33.34 19.62
N GLN B 177 37.65 32.67 19.39
CA GLN B 177 36.68 32.42 20.46
C GLN B 177 37.30 31.59 21.58
N ASP B 178 38.09 30.56 21.23
CA ASP B 178 38.71 29.71 22.26
C ASP B 178 39.82 30.46 22.99
N GLU B 179 40.59 31.27 22.29
CA GLU B 179 41.59 32.12 22.94
C GLU B 179 40.96 33.11 23.91
N PHE B 180 39.83 33.71 23.53
CA PHE B 180 39.10 34.61 24.42
C PHE B 180 38.67 33.87 25.67
N ALA B 181 38.10 32.66 25.48
CA ALA B 181 37.58 31.88 26.59
C ALA B 181 38.68 31.44 27.53
N ALA B 182 39.81 30.94 26.97
CA ALA B 182 40.96 30.55 27.77
C ALA B 182 41.52 31.73 28.57
N ALA B 183 41.59 32.90 27.95
CA ALA B 183 42.04 34.10 28.66
C ALA B 183 41.14 34.43 29.85
N SER B 184 39.82 34.28 29.69
CA SER B 184 38.88 34.53 30.77
C SER B 184 39.07 33.51 31.91
N GLN B 185 39.24 32.24 31.59
CA GLN B 185 39.49 31.24 32.64
C GLN B 185 40.82 31.52 33.36
N GLN B 186 41.85 31.87 32.61
CA GLN B 186 43.15 32.14 33.21
C GLN B 186 43.09 33.35 34.14
N LYS B 187 42.43 34.43 33.72
CA LYS B 187 42.32 35.58 34.61
C LYS B 187 41.49 35.25 35.85
N THR B 188 40.41 34.46 35.69
CA THR B 188 39.63 34.05 36.87
C THR B 188 40.45 33.14 37.80
N GLU B 189 41.20 32.18 37.24
CA GLU B 189 42.03 31.31 38.07
C GLU B 189 43.12 32.11 38.79
N ALA B 190 43.75 33.08 38.12
CA ALA B 190 44.68 33.98 38.82
C ALA B 190 43.98 34.80 39.90
N ALA B 191 42.79 35.34 39.58
CA ALA B 191 42.07 36.16 40.57
C ALA B 191 41.64 35.33 41.78
N GLN B 192 41.13 34.11 41.56
CA GLN B 192 40.71 33.27 42.69
C GLN B 192 41.87 32.95 43.61
N ALA B 193 43.05 32.69 43.04
CA ALA B 193 44.21 32.39 43.87
C ALA B 193 44.69 33.58 44.69
N ALA B 194 44.34 34.81 44.29
CA ALA B 194 44.75 36.00 45.01
C ALA B 194 43.67 36.55 45.93
N GLY B 195 42.57 35.81 46.10
CA GLY B 195 41.48 36.26 46.94
C GLY B 195 40.88 37.58 46.49
N ARG B 196 40.89 37.83 45.18
CA ARG B 196 40.45 39.10 44.63
C ARG B 196 38.95 39.31 44.79
N PHE B 197 38.16 38.24 44.72
CA PHE B 197 36.71 38.35 44.92
C PHE B 197 36.31 38.31 46.39
N ASP B 198 37.25 38.05 47.31
CA ASP B 198 36.90 37.92 48.72
C ASP B 198 36.15 39.15 49.23
N ASP B 199 36.54 40.33 48.78
CA ASP B 199 35.83 41.54 49.19
C ASP B 199 34.37 41.52 48.77
N GLU B 200 34.10 41.26 47.49
CA GLU B 200 32.75 41.49 46.97
C GLU B 200 31.76 40.37 47.29
N ILE B 201 32.23 39.19 47.66
CA ILE B 201 31.37 38.04 47.88
C ILE B 201 30.82 38.06 49.30
N VAL B 202 29.55 37.71 49.44
CA VAL B 202 28.95 37.42 50.75
C VAL B 202 28.58 35.94 50.77
N PRO B 203 28.97 35.18 51.78
CA PRO B 203 28.64 33.76 51.80
C PRO B 203 27.14 33.52 51.89
N VAL B 204 26.70 32.44 51.27
CA VAL B 204 25.36 31.91 51.44
C VAL B 204 25.46 30.59 52.20
N MET B 205 24.64 30.42 53.23
CA MET B 205 24.62 29.22 54.03
C MET B 205 23.88 28.14 53.22
N ILE B 206 24.54 27.01 52.94
CA ILE B 206 23.94 25.92 52.17
C ILE B 206 24.02 24.61 52.98
N LYS B 207 23.09 23.71 52.69
CA LYS B 207 22.99 22.45 53.42
C LYS B 207 23.77 21.38 52.69
N VAL B 208 24.84 20.89 53.33
CA VAL B 208 25.70 19.83 52.81
C VAL B 208 25.73 18.71 53.86
N LYS B 209 25.37 17.50 53.44
CA LYS B 209 25.11 16.39 54.39
C LYS B 209 24.00 16.87 55.32
N LYS B 210 24.17 16.77 56.64
CA LYS B 210 23.24 17.36 57.59
C LYS B 210 23.75 18.68 58.18
N GLU B 211 24.73 19.32 57.53
CA GLU B 211 25.42 20.50 58.06
C GLU B 211 25.11 21.75 57.24
N MET B 212 25.07 22.89 57.92
CA MET B 212 24.92 24.20 57.26
C MET B 212 26.34 24.71 57.07
N VAL B 213 26.76 24.92 55.82
CA VAL B 213 28.13 25.36 55.54
C VAL B 213 28.13 26.59 54.63
N PRO B 214 29.11 27.49 54.75
CA PRO B 214 29.14 28.67 53.91
C PRO B 214 29.58 28.34 52.49
N PHE B 215 28.81 28.81 51.54
CA PHE B 215 29.20 28.80 50.13
C PHE B 215 29.71 30.20 49.82
N ALA B 216 31.00 30.31 49.51
CA ALA B 216 31.59 31.63 49.36
C ALA B 216 32.65 31.70 48.27
N LYS B 217 32.76 30.68 47.43
CA LYS B 217 33.74 30.64 46.35
C LYS B 217 33.03 30.24 45.06
N ASP B 218 33.23 31.02 43.99
CA ASP B 218 32.69 30.64 42.69
C ASP B 218 33.16 29.26 42.30
N GLU B 219 32.20 28.37 41.97
CA GLU B 219 32.57 26.96 41.74
C GLU B 219 32.57 26.58 40.27
N TYR B 220 32.08 27.47 39.39
CA TYR B 220 32.06 27.27 37.94
C TYR B 220 33.40 27.40 37.21
N PRO B 221 34.38 28.20 37.69
CA PRO B 221 35.66 28.28 36.95
C PRO B 221 36.34 26.93 36.83
N LYS B 222 36.99 26.73 35.68
CA LYS B 222 37.80 25.56 35.38
C LYS B 222 39.29 25.94 35.40
N ALA B 223 40.10 25.06 35.96
CA ALA B 223 41.53 25.33 36.10
C ALA B 223 42.28 24.80 34.89
N GLY B 224 43.35 25.51 34.53
CA GLY B 224 44.27 25.01 33.52
C GLY B 224 43.77 25.09 32.09
N VAL B 225 42.78 25.95 31.81
CA VAL B 225 42.21 26.04 30.48
C VAL B 225 43.18 26.74 29.53
N THR B 226 43.36 26.19 28.34
CA THR B 226 44.15 26.81 27.28
C THR B 226 43.35 26.73 25.98
N ALA B 227 43.75 27.53 24.99
CA ALA B 227 43.00 27.50 23.73
C ALA B 227 43.04 26.12 23.09
N ASP B 228 44.18 25.42 23.19
CA ASP B 228 44.30 24.07 22.63
C ASP B 228 43.49 23.05 23.41
N SER B 229 43.42 23.18 24.74
CA SER B 229 42.74 22.17 25.54
C SER B 229 41.25 22.12 25.23
N ILE B 230 40.66 23.25 24.84
CA ILE B 230 39.23 23.31 24.50
C ILE B 230 39.02 23.31 22.99
N ALA B 231 40.07 23.12 22.21
CA ALA B 231 39.96 23.11 20.77
C ALA B 231 39.31 21.84 20.21
N LYS B 232 39.11 20.82 21.03
CA LYS B 232 38.55 19.58 20.49
C LYS B 232 37.05 19.44 20.70
N LEU B 233 36.44 20.39 21.39
CA LEU B 233 35.00 20.33 21.65
C LEU B 233 34.20 20.50 20.36
N LYS B 234 33.04 19.83 20.34
CA LYS B 234 32.10 19.96 19.25
C LYS B 234 31.19 21.17 19.47
N GLY B 235 30.78 21.78 18.37
CA GLY B 235 29.80 22.84 18.41
C GLY B 235 28.60 22.45 19.21
N ALA B 236 28.14 23.36 20.06
CA ALA B 236 26.97 23.12 20.90
C ALA B 236 25.67 23.64 20.29
N PHE B 237 25.72 24.43 19.21
CA PHE B 237 24.50 25.01 18.66
C PHE B 237 24.47 24.89 17.14
N PRO B 238 23.28 24.73 16.56
CA PRO B 238 23.18 24.89 15.11
C PRO B 238 23.48 26.32 14.69
N VAL B 239 24.06 26.45 13.49
CA VAL B 239 24.20 27.76 12.88
C VAL B 239 22.79 28.19 12.44
N GLY B 240 22.64 29.45 12.05
CA GLY B 240 21.34 29.96 11.70
C GLY B 240 20.81 29.40 10.40
N PRO B 241 19.50 29.53 10.17
CA PRO B 241 18.92 29.07 8.91
C PRO B 241 19.37 29.82 7.69
N GLU B 242 19.95 31.04 7.80
CA GLU B 242 20.44 31.75 6.65
C GLU B 242 21.97 31.67 6.54
N SER B 243 22.62 30.89 7.40
CA SER B 243 24.08 30.87 7.47
C SER B 243 24.65 30.44 6.12
N PRO B 244 25.76 31.04 5.68
CA PRO B 244 26.61 32.02 6.37
C PRO B 244 26.29 33.48 6.12
N ASN B 245 25.10 33.86 5.64
CA ASN B 245 24.73 35.27 5.40
C ASN B 245 23.37 35.59 6.02
N PRO B 246 23.30 35.68 7.35
CA PRO B 246 22.03 36.05 7.99
C PRO B 246 21.57 37.41 7.49
N VAL B 247 20.27 37.58 7.35
CA VAL B 247 19.74 38.85 6.89
C VAL B 247 19.25 39.58 8.13
N VAL B 248 19.92 40.68 8.50
CA VAL B 248 19.65 41.38 9.76
C VAL B 248 19.30 42.84 9.45
N VAL B 249 18.59 43.46 10.37
CA VAL B 249 18.39 44.91 10.38
C VAL B 249 19.48 45.50 11.26
N ASN B 250 20.34 46.33 10.68
CA ASN B 250 21.36 47.03 11.46
C ASN B 250 20.76 48.28 12.08
N THR B 251 20.84 48.41 13.40
CA THR B 251 20.49 49.64 14.09
C THR B 251 21.69 50.54 14.31
N PHE B 252 22.89 50.08 13.94
CA PHE B 252 24.11 50.87 13.89
C PHE B 252 24.94 50.33 12.73
N GLU B 253 25.97 51.08 12.30
CA GLU B 253 26.84 50.62 11.22
C GLU B 253 28.06 49.87 11.74
N PRO B 254 28.18 48.56 11.51
CA PRO B 254 29.37 47.84 12.01
C PRO B 254 30.63 48.29 11.31
N THR B 255 31.72 48.36 12.06
CA THR B 255 33.03 48.62 11.45
C THR B 255 34.00 47.47 11.65
N GLY B 256 33.66 46.48 12.48
CA GLY B 256 34.60 45.44 12.82
C GLY B 256 34.43 44.13 12.07
N CYS B 257 33.68 44.13 10.96
CA CYS B 257 33.40 42.89 10.26
C CYS B 257 34.59 42.51 9.39
N GLN B 258 34.97 41.25 9.44
CA GLN B 258 36.15 40.85 8.71
C GLN B 258 35.93 39.47 8.13
N ASP B 259 36.88 39.03 7.35
CA ASP B 259 36.74 37.69 6.79
C ASP B 259 37.23 36.67 7.82
N ALA B 260 36.60 35.49 7.80
CA ALA B 260 36.97 34.35 8.62
C ALA B 260 36.81 33.08 7.79
N PRO B 261 37.77 32.16 7.88
CA PRO B 261 37.73 30.97 7.02
C PRO B 261 36.74 29.87 7.42
N ASP B 262 36.12 29.93 8.60
CA ASP B 262 35.21 28.88 9.06
C ASP B 262 33.79 29.39 9.21
N LYS B 263 33.31 30.18 8.25
CA LYS B 263 31.92 30.64 8.31
C LYS B 263 30.96 29.51 7.90
N GLY B 264 29.78 29.48 8.55
CA GLY B 264 28.80 28.47 8.26
C GLY B 264 29.05 27.13 8.92
N THR B 265 29.99 27.07 9.86
CA THR B 265 30.33 25.89 10.64
C THR B 265 30.07 26.18 12.10
N GLN B 266 29.89 25.12 12.89
CA GLN B 266 29.59 25.28 14.30
C GLN B 266 30.87 25.66 15.04
N ARG B 267 30.88 26.83 15.69
CA ARG B 267 32.06 27.36 16.36
C ARG B 267 31.83 27.66 17.83
N VAL B 268 30.60 27.84 18.24
CA VAL B 268 30.28 28.04 19.64
C VAL B 268 30.23 26.69 20.32
N THR B 269 30.93 26.58 21.43
CA THR B 269 31.02 25.34 22.18
C THR B 269 30.68 25.67 23.63
N ALA B 270 30.57 24.61 24.43
CA ALA B 270 30.32 24.78 25.86
C ALA B 270 31.46 25.55 26.52
N ALA B 271 32.68 25.49 25.96
CA ALA B 271 33.80 26.11 26.63
C ALA B 271 33.98 27.58 26.28
N ASN B 272 33.48 28.04 25.13
CA ASN B 272 33.60 29.45 24.79
C ASN B 272 32.27 30.20 24.86
N ALA B 273 31.25 29.58 25.46
CA ALA B 273 29.99 30.20 25.85
C ALA B 273 29.94 30.31 27.37
N SER B 274 29.12 31.24 27.87
CA SER B 274 28.85 31.30 29.30
C SER B 274 28.16 30.02 29.76
N GLY B 275 28.08 29.83 31.08
CA GLY B 275 27.32 28.74 31.63
C GLY B 275 25.88 29.13 31.97
N ILE B 276 25.19 28.13 32.54
CA ILE B 276 23.91 28.27 33.22
C ILE B 276 24.17 28.17 34.72
N ASN B 277 23.71 29.18 35.48
CA ASN B 277 24.23 29.38 36.84
C ASN B 277 23.22 30.04 37.77
N ASP B 278 23.50 29.92 39.08
CA ASP B 278 22.69 30.47 40.15
C ASP B 278 23.47 31.57 40.88
N GLY B 279 22.79 32.65 41.25
CA GLY B 279 23.46 33.70 41.98
C GLY B 279 22.60 34.93 42.14
N ALA B 280 23.10 35.88 42.92
CA ALA B 280 22.44 37.16 43.11
C ALA B 280 23.45 38.26 43.41
N ALA B 281 23.01 39.52 43.20
CA ALA B 281 23.83 40.68 43.46
C ALA B 281 22.90 41.83 43.82
N ALA B 282 23.35 42.68 44.74
CA ALA B 282 22.60 43.84 45.19
C ALA B 282 23.46 45.10 45.19
N ILE B 283 22.81 46.22 44.87
CA ILE B 283 23.46 47.52 44.74
C ILE B 283 22.59 48.53 45.47
N VAL B 284 23.22 49.37 46.29
CA VAL B 284 22.56 50.48 46.99
C VAL B 284 22.82 51.77 46.22
N LEU B 285 21.76 52.35 45.65
CA LEU B 285 21.87 53.55 44.82
C LEU B 285 21.29 54.71 45.61
N ALA B 286 22.04 55.82 45.70
CA ALA B 286 21.60 56.93 46.51
C ALA B 286 21.88 58.26 45.82
N SER B 287 21.01 59.24 46.09
CA SER B 287 21.23 60.63 45.66
C SER B 287 22.32 61.30 46.50
N GLY B 288 22.83 62.43 45.98
CA GLY B 288 23.72 63.25 46.78
C GLY B 288 23.08 63.68 48.09
N GLU B 289 21.78 64.03 48.05
CA GLU B 289 21.15 64.44 49.29
C GLU B 289 21.23 63.34 50.34
N ALA B 290 21.05 62.09 49.92
CA ALA B 290 21.10 60.98 50.87
C ALA B 290 22.50 60.71 51.36
N VAL B 291 23.51 60.94 50.51
CA VAL B 291 24.90 60.70 50.90
C VAL B 291 25.31 61.66 52.00
N ALA B 292 25.03 62.96 51.79
CA ALA B 292 25.31 63.96 52.81
C ALA B 292 24.48 63.73 54.05
N LYS B 293 23.20 63.40 53.89
CA LYS B 293 22.31 63.26 55.04
C LYS B 293 22.78 62.16 55.99
N TYR B 294 23.08 60.98 55.47
CA TYR B 294 23.45 59.87 56.32
C TYR B 294 24.97 59.72 56.50
N GLY B 295 25.75 60.68 56.01
CA GLY B 295 27.20 60.53 56.04
C GLY B 295 27.69 59.30 55.30
N LEU B 296 27.10 59.00 54.14
CA LEU B 296 27.48 57.79 53.44
C LEU B 296 28.85 57.97 52.80
N LYS B 297 29.49 56.85 52.46
CA LYS B 297 30.85 56.80 51.91
C LYS B 297 30.80 55.95 50.66
N PRO B 298 30.28 56.49 49.55
CA PRO B 298 30.02 55.65 48.38
C PRO B 298 31.30 55.20 47.70
N MET B 299 31.18 54.08 46.96
CA MET B 299 32.31 53.60 46.16
C MET B 299 32.49 54.41 44.88
N ALA B 300 31.40 54.76 44.20
CA ALA B 300 31.49 55.35 42.87
C ALA B 300 30.26 56.21 42.64
N LYS B 301 30.38 57.10 41.64
CA LYS B 301 29.28 57.93 41.13
C LYS B 301 28.78 57.38 39.79
N LEU B 302 27.47 57.26 39.67
CA LEU B 302 26.89 56.82 38.41
C LEU B 302 26.79 58.05 37.50
N ILE B 303 27.67 58.16 36.50
CA ILE B 303 27.69 59.38 35.68
C ILE B 303 27.05 59.18 34.32
N GLY B 304 26.77 57.96 33.92
CA GLY B 304 26.16 57.71 32.62
C GLY B 304 25.52 56.34 32.60
N TRP B 305 24.51 56.20 31.75
CA TRP B 305 23.81 54.91 31.60
C TRP B 305 23.03 54.99 30.29
N GLY B 306 22.77 53.85 29.70
CA GLY B 306 22.13 53.84 28.39
C GLY B 306 21.62 52.46 28.06
N GLN B 307 20.70 52.44 27.11
CA GLN B 307 20.06 51.23 26.58
C GLN B 307 20.19 51.26 25.07
N GLY B 308 19.87 50.14 24.45
CA GLY B 308 19.98 50.08 23.01
C GLY B 308 19.23 48.88 22.50
N GLY B 309 18.88 48.94 21.24
CA GLY B 309 18.19 47.85 20.59
C GLY B 309 18.89 47.50 19.30
N VAL B 310 18.91 46.20 18.99
CA VAL B 310 19.54 45.66 17.79
C VAL B 310 18.62 44.53 17.31
N ASP B 311 18.92 43.98 16.16
CA ASP B 311 18.11 42.86 15.66
C ASP B 311 18.19 41.69 16.63
N PRO B 312 17.06 41.05 16.98
CA PRO B 312 17.15 39.81 17.81
C PRO B 312 18.10 38.79 17.24
N LYS B 313 18.26 38.75 15.92
CA LYS B 313 19.12 37.74 15.31
C LYS B 313 20.56 37.91 15.74
N ILE B 314 20.96 39.13 16.10
CA ILE B 314 22.34 39.37 16.52
C ILE B 314 22.34 40.07 17.88
N MET B 315 21.41 39.69 18.74
CA MET B 315 21.27 40.31 20.06
C MET B 315 22.59 40.55 20.78
N GLY B 316 23.63 39.76 20.47
CA GLY B 316 24.92 39.87 21.13
C GLY B 316 25.64 41.22 20.96
N VAL B 317 25.30 42.02 19.95
CA VAL B 317 25.93 43.35 19.77
C VAL B 317 25.13 44.49 20.41
N GLY B 318 24.08 44.18 21.15
CA GLY B 318 23.37 45.16 21.92
C GLY B 318 24.26 46.16 22.66
N PRO B 319 25.35 45.70 23.29
CA PRO B 319 26.18 46.61 24.10
C PRO B 319 26.80 47.74 23.32
N VAL B 320 26.95 47.60 22.01
CA VAL B 320 27.53 48.68 21.23
C VAL B 320 26.65 49.92 21.32
N VAL B 321 25.35 49.76 21.09
CA VAL B 321 24.46 50.93 21.15
C VAL B 321 24.39 51.45 22.57
N ALA B 322 24.23 50.53 23.54
CA ALA B 322 23.99 50.91 24.92
C ALA B 322 25.19 51.63 25.53
N SER B 323 26.41 51.10 25.28
CA SER B 323 27.64 51.72 25.74
C SER B 323 27.89 53.07 25.09
N ARG B 324 27.58 53.19 23.79
CA ARG B 324 27.71 54.50 23.14
C ARG B 324 26.75 55.51 23.77
N ASN B 325 25.50 55.11 24.00
CA ASN B 325 24.58 56.02 24.66
C ASN B 325 25.06 56.40 26.06
N ALA B 326 25.51 55.42 26.85
CA ALA B 326 25.98 55.65 28.21
C ALA B 326 27.20 56.57 28.23
N MET B 327 28.19 56.30 27.36
CA MET B 327 29.37 57.16 27.33
C MET B 327 29.01 58.58 26.88
N LYS B 328 28.13 58.71 25.90
CA LYS B 328 27.71 60.05 25.47
C LYS B 328 27.05 60.80 26.62
N LYS B 329 26.17 60.11 27.37
CA LYS B 329 25.50 60.73 28.51
C LYS B 329 26.49 61.14 29.57
N ALA B 330 27.61 60.43 29.65
CA ALA B 330 28.64 60.65 30.65
C ALA B 330 29.67 61.67 30.20
N GLY B 331 29.62 62.09 28.94
CA GLY B 331 30.63 62.98 28.41
C GLY B 331 32.01 62.35 28.29
N VAL B 332 32.09 61.06 27.98
CA VAL B 332 33.35 60.37 27.81
C VAL B 332 33.32 59.59 26.51
N THR B 333 34.52 59.17 26.09
CA THR B 333 34.74 58.14 25.09
C THR B 333 35.46 56.94 25.72
N ILE B 334 35.61 55.88 24.94
CA ILE B 334 36.21 54.66 25.47
C ILE B 334 37.64 54.92 25.96
N ASP B 335 38.31 55.92 25.38
CA ASP B 335 39.69 56.21 25.75
C ASP B 335 39.81 56.73 27.17
N ASP B 336 38.75 57.34 27.70
CA ASP B 336 38.72 57.77 29.09
C ASP B 336 38.37 56.67 30.07
N ILE B 337 38.05 55.44 29.63
CA ILE B 337 37.63 54.38 30.56
C ILE B 337 38.84 53.56 30.99
N ASP B 338 39.01 53.41 32.30
CA ASP B 338 40.12 52.65 32.88
C ASP B 338 39.83 51.17 33.08
N LEU B 339 38.57 50.77 33.32
CA LEU B 339 38.28 49.35 33.52
C LEU B 339 36.94 49.03 32.87
N ILE B 340 36.82 47.85 32.26
CA ILE B 340 35.61 47.49 31.55
C ILE B 340 35.14 46.11 32.03
N GLU B 341 33.86 46.03 32.40
CA GLU B 341 33.23 44.73 32.64
C GLU B 341 32.21 44.57 31.54
N ALA B 342 32.54 43.81 30.50
CA ALA B 342 31.59 43.49 29.45
C ALA B 342 31.29 42.01 29.54
N ASN B 343 30.00 41.69 29.74
CA ASN B 343 29.65 40.33 30.13
C ASN B 343 29.95 39.38 28.99
N GLU B 344 30.48 38.20 29.33
CA GLU B 344 30.85 37.19 28.34
C GLU B 344 29.69 36.22 28.17
N ALA B 345 28.63 36.70 27.52
CA ALA B 345 27.53 35.79 27.18
C ALA B 345 28.02 34.73 26.23
N PHE B 346 28.70 35.14 25.16
CA PHE B 346 29.41 34.22 24.28
C PHE B 346 30.71 34.88 23.88
N ALA B 347 31.78 34.09 23.77
CA ALA B 347 33.02 34.67 23.27
C ALA B 347 32.74 35.38 21.95
N ALA B 348 31.88 34.76 21.13
CA ALA B 348 31.56 35.29 19.80
C ALA B 348 31.00 36.71 19.89
N GLN B 349 30.03 36.95 20.79
CA GLN B 349 29.52 38.31 20.84
C GLN B 349 30.46 39.25 21.58
N SER B 350 31.21 38.74 22.58
CA SER B 350 32.17 39.60 23.28
C SER B 350 33.20 40.17 22.32
N ILE B 351 33.62 39.35 21.35
CA ILE B 351 34.61 39.78 20.36
C ILE B 351 34.03 40.88 19.47
N ALA B 352 32.80 40.69 18.98
CA ALA B 352 32.18 41.69 18.12
C ALA B 352 32.04 43.04 18.84
N VAL B 353 31.58 43.02 20.09
CA VAL B 353 31.43 44.25 20.85
C VAL B 353 32.78 44.92 21.06
N ALA B 354 33.83 44.10 21.31
CA ALA B 354 35.16 44.65 21.52
C ALA B 354 35.68 45.32 20.25
N ARG B 355 35.45 44.69 19.09
CA ARG B 355 35.88 45.32 17.84
C ARG B 355 35.14 46.63 17.61
N GLU B 356 33.81 46.62 17.81
CA GLU B 356 32.98 47.78 17.51
C GLU B 356 33.28 48.93 18.45
N LEU B 357 33.49 48.65 19.73
CA LEU B 357 33.74 49.69 20.72
C LEU B 357 35.23 49.99 20.90
N HIS B 358 36.11 49.29 20.16
CA HIS B 358 37.57 49.45 20.25
C HIS B 358 38.08 49.31 21.68
N PHE B 359 37.64 48.24 22.35
CA PHE B 359 38.17 47.95 23.68
C PHE B 359 39.67 47.74 23.61
N ASP B 360 40.37 48.22 24.62
CA ASP B 360 41.71 47.73 24.89
C ASP B 360 41.55 46.57 25.87
N MET B 361 41.91 45.36 25.42
CA MET B 361 41.58 44.13 26.13
C MET B 361 42.29 44.03 27.48
N SER B 362 43.38 44.78 27.69
CA SER B 362 44.02 44.69 29.00
C SER B 362 43.19 45.35 30.09
N LYS B 363 42.16 46.12 29.71
CA LYS B 363 41.20 46.73 30.64
C LYS B 363 39.88 45.96 30.75
N VAL B 364 39.71 44.84 30.05
CA VAL B 364 38.41 44.18 29.95
C VAL B 364 38.40 42.93 30.82
N ASN B 365 37.42 42.85 31.73
CA ASN B 365 37.21 41.65 32.55
C ASN B 365 38.52 41.14 33.16
N VAL B 366 39.20 42.03 33.90
CA VAL B 366 40.58 41.78 34.29
C VAL B 366 40.69 40.67 35.33
N ASN B 367 39.58 40.31 35.99
CA ASN B 367 39.43 39.13 36.85
C ASN B 367 38.70 37.98 36.16
N GLY B 368 38.55 38.05 34.85
CA GLY B 368 37.81 37.07 34.10
C GLY B 368 36.33 37.39 34.06
N GLY B 369 35.63 36.70 33.15
CA GLY B 369 34.22 36.97 32.91
C GLY B 369 33.34 35.73 32.96
N ALA B 370 32.12 35.85 32.42
CA ALA B 370 31.06 34.86 32.68
C ALA B 370 31.40 33.46 32.15
N ILE B 371 32.32 33.36 31.18
CA ILE B 371 32.70 32.05 30.64
C ILE B 371 33.33 31.20 31.73
N ALA B 372 34.10 31.84 32.62
CA ALA B 372 34.70 31.20 33.80
C ALA B 372 33.79 31.27 35.02
N LEU B 373 33.24 32.47 35.30
CA LEU B 373 32.45 32.69 36.51
C LEU B 373 31.01 32.18 36.40
N GLY B 374 30.46 32.08 35.20
CA GLY B 374 29.06 31.71 35.08
C GLY B 374 28.14 32.92 34.93
N HIS B 375 26.90 32.64 34.57
CA HIS B 375 25.98 33.67 34.08
C HIS B 375 24.58 33.43 34.60
N PRO B 376 24.28 33.86 35.79
CA PRO B 376 22.88 33.71 36.26
C PRO B 376 22.04 34.89 35.77
N VAL B 377 21.11 34.59 34.84
CA VAL B 377 20.74 35.59 33.83
C VAL B 377 20.13 36.83 34.47
N GLY B 378 19.18 36.66 35.42
CA GLY B 378 18.59 37.86 35.99
C GLY B 378 19.54 38.65 36.92
N ALA B 379 20.68 38.06 37.30
CA ALA B 379 21.63 38.69 38.23
C ALA B 379 22.85 39.26 37.57
N SER B 380 23.28 38.73 36.42
CA SER B 380 24.60 39.10 35.90
C SER B 380 24.75 40.58 35.65
N GLY B 381 23.65 41.26 35.30
CA GLY B 381 23.73 42.70 35.02
C GLY B 381 24.13 43.50 36.24
N ALA B 382 23.66 43.06 37.41
CA ALA B 382 24.19 43.66 38.65
C ALA B 382 25.54 43.06 39.01
N ARG B 383 25.76 41.79 38.70
CA ARG B 383 26.96 41.12 39.15
C ARG B 383 28.21 41.76 38.56
N ILE B 384 28.18 42.08 37.26
CA ILE B 384 29.37 42.69 36.68
C ILE B 384 29.60 44.09 37.28
N ILE B 385 28.55 44.77 37.70
CA ILE B 385 28.77 46.07 38.35
C ILE B 385 29.55 45.85 39.65
N VAL B 386 29.15 44.83 40.41
CA VAL B 386 29.84 44.51 41.68
C VAL B 386 31.32 44.24 41.42
N THR B 387 31.60 43.43 40.40
CA THR B 387 32.97 43.08 40.09
C THR B 387 33.76 44.30 39.57
N LEU B 388 33.11 45.19 38.78
CA LEU B 388 33.81 46.37 38.28
C LEU B 388 34.18 47.30 39.43
N LEU B 389 33.21 47.60 40.29
CA LEU B 389 33.42 48.61 41.32
C LEU B 389 34.43 48.15 42.35
N HIS B 390 34.45 46.86 42.69
CA HIS B 390 35.46 46.41 43.65
C HIS B 390 36.85 46.42 43.04
N GLU B 391 36.97 46.10 41.74
CA GLU B 391 38.30 46.15 41.14
C GLU B 391 38.78 47.58 40.97
N MET B 392 37.86 48.54 40.68
CA MET B 392 38.28 49.94 40.64
C MET B 392 38.74 50.39 42.01
N GLN B 393 38.03 49.93 43.04
CA GLN B 393 38.46 50.26 44.39
C GLN B 393 39.89 49.82 44.65
N LYS B 394 40.30 48.66 44.12
CA LYS B 394 41.63 48.16 44.43
C LYS B 394 42.74 48.87 43.65
N ARG B 395 42.45 49.45 42.48
CA ARG B 395 43.46 50.07 41.64
C ARG B 395 43.41 51.59 41.78
N PRO B 396 44.46 52.25 42.27
CA PRO B 396 44.40 53.72 42.40
C PRO B 396 44.05 54.44 41.10
N GLU B 397 44.65 54.01 39.97
CA GLU B 397 44.49 54.66 38.68
C GLU B 397 43.14 54.39 38.05
N ALA B 398 42.43 53.35 38.46
CA ALA B 398 41.13 53.11 37.85
C ALA B 398 40.11 54.13 38.35
N LYS B 399 39.92 55.21 37.60
CA LYS B 399 38.99 56.28 37.96
C LYS B 399 37.63 56.20 37.27
N LYS B 400 37.57 55.71 36.03
CA LYS B 400 36.31 55.58 35.30
C LYS B 400 36.13 54.13 34.87
N GLY B 401 34.91 53.61 34.99
CA GLY B 401 34.62 52.25 34.59
C GLY B 401 33.37 52.17 33.75
N LEU B 402 33.31 51.12 32.92
CA LEU B 402 32.17 50.84 32.06
C LEU B 402 31.70 49.42 32.29
N ALA B 403 30.41 49.23 32.55
CA ALA B 403 29.83 47.89 32.61
C ALA B 403 28.73 47.78 31.58
N THR B 404 28.70 46.67 30.84
CA THR B 404 27.70 46.51 29.80
C THR B 404 27.50 45.02 29.48
N LEU B 405 26.34 44.70 28.93
CA LEU B 405 26.04 43.29 28.57
C LEU B 405 24.87 43.21 27.59
N CYS B 406 24.82 42.10 26.85
CA CYS B 406 23.80 41.94 25.82
C CYS B 406 22.56 41.34 26.43
N ILE B 407 21.45 41.37 25.68
CA ILE B 407 20.13 40.99 26.18
C ILE B 407 19.38 40.23 25.07
N GLY B 408 18.85 39.05 25.40
CA GLY B 408 18.08 38.30 24.43
C GLY B 408 16.90 39.11 23.91
N GLY B 409 16.64 38.99 22.61
CA GLY B 409 15.62 39.82 22.00
C GLY B 409 16.17 41.06 21.35
N GLY B 410 17.48 41.28 21.47
CA GLY B 410 18.17 42.29 20.72
C GLY B 410 18.25 43.59 21.49
N MET B 411 18.78 43.55 22.71
CA MET B 411 18.94 44.78 23.48
C MET B 411 20.30 44.79 24.20
N GLY B 412 20.61 45.94 24.78
CA GLY B 412 21.77 46.09 25.64
C GLY B 412 21.51 47.18 26.67
N THR B 413 22.25 47.10 27.78
CA THR B 413 22.28 48.14 28.81
C THR B 413 23.73 48.46 29.17
N ALA B 414 23.98 49.65 29.67
CA ALA B 414 25.34 50.06 29.99
C ALA B 414 25.29 51.11 31.07
N VAL B 415 26.31 51.09 31.93
CA VAL B 415 26.48 52.12 32.95
C VAL B 415 27.94 52.52 32.98
N VAL B 416 28.19 53.78 33.37
CA VAL B 416 29.51 54.37 33.42
C VAL B 416 29.70 54.94 34.82
N PHE B 417 30.83 54.60 35.45
CA PHE B 417 31.09 55.04 36.82
C PHE B 417 32.36 55.88 36.92
N GLU B 418 32.32 56.88 37.80
CA GLU B 418 33.49 57.62 38.28
C GLU B 418 33.74 57.27 39.74
N LYS B 419 34.93 56.78 40.03
CA LYS B 419 35.25 56.38 41.40
C LYS B 419 35.26 57.59 42.32
N CYS B 420 34.76 57.41 43.54
CA CYS B 420 34.72 58.48 44.53
C CYS B 420 36.08 58.63 45.25
N LEU B 421 36.47 59.88 45.50
CA LEU B 421 37.76 60.21 46.15
C LEU B 421 37.85 59.63 47.56
N ALA C 2 -22.80 -33.46 28.34
CA ALA C 2 -22.71 -32.03 28.50
C ALA C 2 -22.15 -31.60 29.85
N MET C 3 -21.92 -32.53 30.78
CA MET C 3 -21.24 -32.18 32.03
C MET C 3 -19.89 -31.50 31.77
N LYS C 4 -19.17 -31.94 30.73
CA LYS C 4 -17.84 -31.43 30.39
C LYS C 4 -17.88 -30.21 29.47
N ASP C 5 -19.05 -29.85 28.95
CA ASP C 5 -19.22 -28.73 28.03
C ASP C 5 -19.05 -27.41 28.76
N LEU C 6 -18.84 -26.35 27.97
CA LEU C 6 -18.66 -25.01 28.50
C LEU C 6 -19.83 -24.14 28.04
N TYR C 7 -20.43 -23.37 28.97
CA TYR C 7 -21.59 -22.53 28.70
C TYR C 7 -21.38 -21.09 29.10
N VAL C 8 -21.81 -20.18 28.22
CA VAL C 8 -22.04 -18.80 28.63
C VAL C 8 -23.44 -18.81 29.22
N VAL C 9 -23.53 -18.69 30.54
CA VAL C 9 -24.85 -18.72 31.17
C VAL C 9 -25.61 -17.43 30.87
N ASN C 10 -24.93 -16.29 30.99
CA ASN C 10 -25.49 -14.99 30.62
C ASN C 10 -24.34 -13.98 30.50
N CYS C 11 -24.69 -12.75 30.08
CA CYS C 11 -23.71 -11.75 29.76
C CYS C 11 -24.44 -10.43 29.46
N CYS C 12 -23.71 -9.33 29.59
CA CYS C 12 -24.29 -8.01 29.30
C CYS C 12 -23.16 -7.03 29.10
N ARG C 13 -23.54 -5.79 28.79
CA ARG C 13 -22.58 -4.75 28.46
C ARG C 13 -23.15 -3.41 28.91
N THR C 14 -22.24 -2.46 29.13
CA THR C 14 -22.71 -1.08 29.14
C THR C 14 -22.98 -0.60 27.72
N ALA C 15 -23.79 0.45 27.61
CA ALA C 15 -23.70 1.32 26.43
C ALA C 15 -22.27 1.83 26.27
N ILE C 16 -21.88 2.09 25.03
CA ILE C 16 -20.52 2.55 24.73
C ILE C 16 -20.51 4.07 24.68
N GLY C 17 -19.64 4.68 25.50
CA GLY C 17 -19.46 6.13 25.50
C GLY C 17 -18.51 6.65 24.44
N SER C 18 -18.72 7.89 24.03
CA SER C 18 -17.77 8.57 23.16
C SER C 18 -16.56 9.02 23.95
N PHE C 19 -15.47 9.27 23.22
CA PHE C 19 -14.25 9.82 23.81
C PHE C 19 -14.57 11.16 24.46
N GLY C 20 -14.30 11.27 25.76
CA GLY C 20 -14.64 12.49 26.48
C GLY C 20 -16.11 12.63 26.74
N GLY C 21 -16.87 11.56 26.54
CA GLY C 21 -18.35 11.59 26.53
C GLY C 21 -18.90 11.17 27.87
N SER C 22 -19.99 10.38 27.85
CA SER C 22 -20.83 10.21 29.04
C SER C 22 -20.15 9.37 30.13
N LEU C 23 -19.31 8.39 29.76
CA LEU C 23 -18.63 7.51 30.73
C LEU C 23 -17.27 8.04 31.19
N LYS C 24 -16.88 9.23 30.74
CA LYS C 24 -15.56 9.76 31.00
C LYS C 24 -15.20 9.70 32.48
N ASN C 25 -16.17 9.95 33.34
CA ASN C 25 -15.93 10.02 34.79
C ASN C 25 -16.30 8.73 35.52
N THR C 26 -16.53 7.65 34.79
CA THR C 26 -16.78 6.34 35.39
C THR C 26 -15.57 5.46 35.18
N PRO C 27 -14.79 5.19 36.21
CA PRO C 27 -13.54 4.45 36.03
C PRO C 27 -13.79 3.07 35.45
N ALA C 28 -12.77 2.55 34.79
CA ALA C 28 -12.83 1.20 34.25
C ALA C 28 -13.32 0.17 35.26
N ALA C 29 -12.85 0.25 36.51
CA ALA C 29 -13.23 -0.75 37.52
C ALA C 29 -14.72 -0.68 37.83
N GLU C 30 -15.26 0.54 37.92
CA GLU C 30 -16.67 0.68 38.24
C GLU C 30 -17.55 0.19 37.09
N MET C 31 -17.16 0.49 35.85
CA MET C 31 -17.91 0.03 34.67
C MET C 31 -17.90 -1.51 34.62
N GLY C 32 -16.73 -2.11 34.89
CA GLY C 32 -16.63 -3.58 34.96
C GLY C 32 -17.43 -4.18 36.09
N ALA C 33 -17.40 -3.56 37.26
CA ALA C 33 -18.20 -4.08 38.37
C ALA C 33 -19.70 -3.99 38.09
N VAL C 34 -20.17 -2.97 37.35
CA VAL C 34 -21.59 -2.90 37.02
C VAL C 34 -21.99 -4.11 36.16
N VAL C 35 -21.21 -4.41 35.11
CA VAL C 35 -21.66 -5.47 34.21
C VAL C 35 -21.46 -6.84 34.85
N VAL C 36 -20.48 -7.00 35.74
CA VAL C 36 -20.26 -8.29 36.39
C VAL C 36 -21.39 -8.59 37.34
N LYS C 37 -21.75 -7.63 38.18
CA LYS C 37 -22.86 -7.84 39.09
C LYS C 37 -24.14 -8.12 38.33
N GLU C 38 -24.40 -7.40 37.23
CA GLU C 38 -25.63 -7.67 36.51
C GLU C 38 -25.59 -9.02 35.79
N ALA C 39 -24.44 -9.39 35.23
CA ALA C 39 -24.35 -10.68 34.51
C ALA C 39 -24.57 -11.87 35.44
N LEU C 40 -23.94 -11.83 36.64
CA LEU C 40 -24.20 -12.86 37.64
C LEU C 40 -25.67 -12.90 38.00
N LYS C 41 -26.31 -11.73 38.07
CA LYS C 41 -27.73 -11.70 38.42
C LYS C 41 -28.58 -12.34 37.35
N ARG C 42 -28.36 -11.97 36.08
CA ARG C 42 -29.12 -12.61 35.01
C ARG C 42 -28.83 -14.10 34.92
N ALA C 43 -27.58 -14.48 35.17
CA ALA C 43 -27.18 -15.90 35.19
C ALA C 43 -27.69 -16.66 36.41
N ASN C 44 -28.25 -15.96 37.40
CA ASN C 44 -28.71 -16.56 38.65
C ASN C 44 -27.56 -17.32 39.35
N VAL C 45 -26.36 -16.74 39.34
CA VAL C 45 -25.20 -17.32 40.00
C VAL C 45 -24.83 -16.41 41.16
N ALA C 46 -24.74 -17.00 42.36
CA ALA C 46 -24.29 -16.26 43.52
C ALA C 46 -22.80 -15.92 43.41
N PRO C 47 -22.38 -14.73 43.83
CA PRO C 47 -20.96 -14.36 43.67
C PRO C 47 -20.03 -15.30 44.41
N GLU C 48 -20.46 -15.87 45.54
CA GLU C 48 -19.61 -16.80 46.27
C GLU C 48 -19.37 -18.11 45.52
N ASN C 49 -20.08 -18.36 44.42
CA ASN C 49 -19.88 -19.57 43.63
C ASN C 49 -18.97 -19.33 42.43
N VAL C 50 -18.45 -18.12 42.29
CA VAL C 50 -17.45 -17.85 41.27
C VAL C 50 -16.12 -18.37 41.77
N ASP C 51 -15.39 -19.10 40.91
CA ASP C 51 -14.07 -19.60 41.29
C ASP C 51 -12.93 -18.65 40.94
N GLU C 52 -13.06 -17.91 39.83
CA GLU C 52 -12.09 -16.86 39.48
C GLU C 52 -12.73 -15.85 38.54
N LEU C 53 -12.25 -14.61 38.62
CA LEU C 53 -12.62 -13.58 37.65
C LEU C 53 -11.40 -13.19 36.83
N MET C 54 -11.56 -13.18 35.51
CA MET C 54 -10.50 -12.78 34.61
C MET C 54 -11.02 -11.71 33.68
N PHE C 55 -10.32 -10.55 33.63
CA PHE C 55 -10.93 -9.39 32.99
C PHE C 55 -9.92 -8.64 32.13
N GLY C 56 -10.32 -8.30 30.90
CA GLY C 56 -9.42 -7.58 30.02
C GLY C 56 -9.45 -6.08 30.34
N CYS C 57 -8.28 -5.46 30.29
CA CYS C 57 -8.11 -4.01 30.49
C CYS C 57 -6.64 -3.67 30.20
N ILE C 58 -6.34 -2.78 29.25
CA ILE C 58 -4.95 -2.53 28.90
C ILE C 58 -4.46 -1.15 29.29
N LEU C 59 -5.36 -0.18 29.45
CA LEU C 59 -4.92 1.17 29.84
C LEU C 59 -5.01 1.27 31.36
N THR C 60 -4.11 0.57 32.04
CA THR C 60 -4.18 0.40 33.50
C THR C 60 -3.35 1.45 34.22
N SER C 61 -2.75 2.38 33.48
CA SER C 61 -1.91 3.40 34.08
C SER C 61 -2.63 4.16 35.19
N ALA C 62 -2.06 4.09 36.40
CA ALA C 62 -2.55 4.80 37.59
C ALA C 62 -3.95 4.36 37.99
N GLN C 63 -4.44 3.23 37.50
CA GLN C 63 -5.70 2.73 38.02
C GLN C 63 -5.54 1.93 39.30
N GLY C 64 -4.32 1.75 39.84
CA GLY C 64 -4.14 1.02 41.08
C GLY C 64 -3.89 -0.47 40.80
N GLN C 65 -3.75 -1.22 41.87
CA GLN C 65 -3.40 -2.65 41.78
C GLN C 65 -4.51 -3.45 41.10
N ASN C 66 -4.18 -4.12 39.98
CA ASN C 66 -4.98 -5.23 39.44
C ASN C 66 -6.45 -4.87 39.17
N VAL C 67 -6.74 -4.16 38.07
CA VAL C 67 -8.10 -3.70 37.80
C VAL C 67 -9.12 -4.84 37.92
N ALA C 68 -8.76 -6.04 37.46
CA ALA C 68 -9.71 -7.17 37.55
C ALA C 68 -10.12 -7.48 39.00
N ARG C 69 -9.14 -7.48 39.92
CA ARG C 69 -9.51 -7.70 41.33
C ARG C 69 -10.40 -6.59 41.85
N GLN C 70 -10.18 -5.33 41.39
CA GLN C 70 -11.09 -4.27 41.82
C GLN C 70 -12.49 -4.50 41.26
N VAL C 71 -12.58 -4.89 39.98
CA VAL C 71 -13.87 -5.21 39.39
C VAL C 71 -14.56 -6.27 40.23
N SER C 72 -13.82 -7.32 40.59
CA SER C 72 -14.39 -8.47 41.30
C SER C 72 -14.94 -8.08 42.64
N ILE C 73 -14.15 -7.35 43.42
CA ILE C 73 -14.57 -6.94 44.75
C ILE C 73 -15.71 -5.92 44.67
N LYS C 74 -15.64 -4.97 43.74
CA LYS C 74 -16.69 -3.95 43.68
C LYS C 74 -17.99 -4.57 43.21
N ALA C 75 -17.93 -5.68 42.49
CA ALA C 75 -19.13 -6.38 42.06
C ALA C 75 -19.75 -7.24 43.17
N GLY C 76 -19.12 -7.36 44.34
CA GLY C 76 -19.64 -8.18 45.42
C GLY C 76 -19.09 -9.61 45.49
N ILE C 77 -18.07 -9.93 44.70
CA ILE C 77 -17.44 -11.27 44.75
C ILE C 77 -16.48 -11.31 45.94
N PRO C 78 -16.55 -12.35 46.78
CA PRO C 78 -15.82 -12.33 48.07
C PRO C 78 -14.31 -12.28 47.90
N TYR C 79 -13.63 -11.88 48.99
CA TYR C 79 -12.17 -11.78 48.96
C TYR C 79 -11.50 -13.13 48.63
N SER C 80 -12.19 -14.22 48.93
CA SER C 80 -11.58 -15.53 48.67
C SER C 80 -11.48 -15.87 47.20
N VAL C 81 -12.09 -15.10 46.30
CA VAL C 81 -12.15 -15.44 44.88
C VAL C 81 -11.06 -14.68 44.15
N PRO C 82 -10.05 -15.33 43.60
CA PRO C 82 -8.96 -14.59 42.97
C PRO C 82 -9.38 -14.01 41.63
N ALA C 83 -8.62 -13.00 41.19
CA ALA C 83 -8.90 -12.36 39.91
C ALA C 83 -7.61 -11.84 39.33
N TYR C 84 -7.55 -11.70 38.00
CA TYR C 84 -6.36 -11.11 37.40
C TYR C 84 -6.71 -10.47 36.09
N THR C 85 -5.81 -9.59 35.65
CA THR C 85 -6.05 -8.67 34.54
C THR C 85 -5.38 -9.22 33.32
N VAL C 86 -6.15 -9.28 32.23
CA VAL C 86 -5.71 -9.89 30.99
C VAL C 86 -5.29 -8.77 30.04
N GLY C 87 -4.01 -8.81 29.63
CA GLY C 87 -3.52 -7.80 28.71
C GLY C 87 -3.13 -8.30 27.34
N MET C 88 -4.01 -8.18 26.35
CA MET C 88 -3.72 -8.67 25.01
C MET C 88 -4.27 -7.66 24.00
N VAL C 89 -3.96 -6.38 24.22
CA VAL C 89 -4.55 -5.21 23.54
C VAL C 89 -6.05 -5.40 23.27
N GLY C 91 -7.70 -7.70 21.94
CA GLY C 91 -8.21 -9.04 22.18
C GLY C 91 -8.54 -9.31 23.63
N SER C 92 -8.19 -8.39 24.55
CA SER C 92 -8.15 -8.75 25.97
C SER C 92 -9.50 -9.26 26.44
N GLY C 93 -10.60 -8.61 26.05
CA GLY C 93 -11.93 -9.04 26.48
C GLY C 93 -12.29 -10.46 26.05
N MET C 94 -11.93 -10.86 24.82
CA MET C 94 -12.18 -12.24 24.37
C MET C 94 -11.15 -13.21 24.94
N LYS C 95 -9.89 -12.77 25.07
CA LYS C 95 -8.83 -13.61 25.62
C LYS C 95 -9.18 -14.08 27.02
N SER C 96 -9.86 -13.23 27.79
CA SER C 96 -10.32 -13.62 29.12
C SER C 96 -11.28 -14.80 29.06
N VAL C 97 -12.10 -14.87 28.00
CA VAL C 97 -13.00 -16.01 27.83
C VAL C 97 -12.19 -17.26 27.52
N ILE C 98 -11.19 -17.12 26.66
CA ILE C 98 -10.32 -18.25 26.34
C ILE C 98 -9.59 -18.75 27.58
N GLU C 99 -9.12 -17.83 28.41
CA GLU C 99 -8.42 -18.20 29.63
C GLU C 99 -9.38 -18.84 30.63
N GLY C 100 -10.60 -18.30 30.72
CA GLY C 100 -11.59 -18.93 31.56
C GLY C 100 -11.90 -20.34 31.10
N ALA C 101 -12.07 -20.52 29.80
CA ALA C 101 -12.36 -21.87 29.29
C ALA C 101 -11.25 -22.84 29.63
N ARG C 102 -9.99 -22.42 29.46
CA ARG C 102 -8.83 -23.24 29.78
C ARG C 102 -8.80 -23.62 31.25
N SER C 103 -9.19 -22.71 32.14
CA SER C 103 -9.18 -23.05 33.57
C SER C 103 -10.19 -24.15 33.86
N ILE C 104 -11.41 -24.02 33.31
CA ILE C 104 -12.45 -25.00 33.57
C ILE C 104 -12.04 -26.35 32.98
N LEU C 105 -11.58 -26.36 31.74
CA LEU C 105 -11.21 -27.63 31.10
C LEU C 105 -10.02 -28.30 31.81
N ALA C 106 -9.14 -27.51 32.43
CA ALA C 106 -8.02 -28.02 33.21
C ALA C 106 -8.46 -28.63 34.53
N GLY C 107 -9.70 -28.43 34.94
CA GLY C 107 -10.13 -28.95 36.22
C GLY C 107 -9.91 -28.02 37.40
N ASP C 108 -9.46 -26.77 37.16
CA ASP C 108 -9.19 -25.83 38.24
C ASP C 108 -10.41 -25.02 38.65
N SER C 109 -11.49 -25.06 37.87
CA SER C 109 -12.66 -24.27 38.23
C SER C 109 -13.88 -24.80 37.49
N ASP C 110 -15.05 -24.32 37.92
CA ASP C 110 -16.35 -24.59 37.31
C ASP C 110 -17.12 -23.34 36.84
N ILE C 111 -16.90 -22.19 37.45
CA ILE C 111 -17.56 -20.94 37.06
C ILE C 111 -16.51 -19.84 37.05
N VAL C 112 -16.34 -19.19 35.89
CA VAL C 112 -15.40 -18.09 35.73
C VAL C 112 -16.16 -16.89 35.16
N VAL C 113 -15.97 -15.74 35.77
CA VAL C 113 -16.48 -14.50 35.22
C VAL C 113 -15.41 -13.95 34.30
N CYS C 114 -15.78 -13.73 33.04
CA CYS C 114 -14.91 -13.15 32.02
C CYS C 114 -15.46 -11.78 31.61
N GLY C 115 -14.66 -11.10 30.80
CA GLY C 115 -15.09 -9.83 30.20
C GLY C 115 -13.93 -8.88 30.06
N GLY C 116 -14.27 -7.60 29.98
CA GLY C 116 -13.25 -6.58 29.84
C GLY C 116 -13.84 -5.21 30.03
N THR C 117 -12.96 -4.27 30.33
CA THR C 117 -13.42 -2.91 30.57
C THR C 117 -12.30 -1.99 30.10
N GLU C 118 -12.70 -0.81 29.59
CA GLU C 118 -11.72 0.18 29.16
C GLU C 118 -12.33 1.56 29.29
N ASN C 119 -11.65 2.44 30.01
CA ASN C 119 -11.99 3.87 29.96
C ASN C 119 -10.85 4.57 29.23
N MET C 120 -11.05 4.69 27.92
CA MET C 120 -10.06 5.30 27.07
C MET C 120 -9.95 6.79 27.40
N SER C 121 -11.09 7.45 27.68
CA SER C 121 -11.11 8.88 28.05
C SER C 121 -10.25 9.18 29.30
N ALA C 122 -10.13 8.24 30.23
CA ALA C 122 -9.45 8.47 31.50
C ALA C 122 -7.99 8.06 31.49
N ALA C 123 -7.51 7.46 30.40
CA ALA C 123 -6.10 7.10 30.32
C ALA C 123 -5.24 8.37 30.50
N PRO C 124 -4.19 8.33 31.30
CA PRO C 124 -3.49 9.59 31.61
C PRO C 124 -2.39 9.93 30.64
N PHE C 125 -1.74 11.06 30.88
CA PHE C 125 -0.50 11.42 30.22
C PHE C 125 0.67 11.10 31.17
N ALA C 126 1.77 10.65 30.59
CA ALA C 126 2.89 10.19 31.42
C ALA C 126 4.15 10.99 31.11
N SER C 127 4.98 11.16 32.13
CA SER C 127 6.35 11.68 31.92
C SER C 127 7.37 10.58 32.23
N MET C 128 8.16 10.20 31.24
CA MET C 128 9.22 9.22 31.46
C MET C 128 10.42 9.87 32.18
N ASP C 129 10.49 11.20 32.19
CA ASP C 129 11.69 11.86 32.68
C ASP C 129 11.58 12.34 34.11
N ALA C 130 10.37 12.44 34.65
CA ALA C 130 10.21 13.07 35.96
C ALA C 130 10.87 12.27 37.09
N ARG C 131 10.92 10.95 37.01
CA ARG C 131 11.44 10.19 38.16
C ARG C 131 12.90 10.53 38.41
N TRP C 132 13.74 10.44 37.39
CA TRP C 132 15.16 10.66 37.60
C TRP C 132 15.68 12.00 37.08
N GLY C 133 14.81 12.80 36.45
CA GLY C 133 15.13 14.18 36.10
C GLY C 133 15.30 14.40 34.61
N ALA C 134 14.63 15.43 34.11
CA ALA C 134 14.80 15.90 32.73
C ALA C 134 16.10 16.66 32.51
N ARG C 135 16.64 17.29 33.58
CA ARG C 135 17.88 18.07 33.62
C ARG C 135 17.82 19.36 32.79
N MET C 136 17.67 19.22 31.47
CA MET C 136 17.64 20.36 30.57
C MET C 136 17.01 19.95 29.25
N GLY C 137 16.22 20.84 28.66
CA GLY C 137 15.63 20.60 27.36
C GLY C 137 14.19 20.11 27.46
N ASP C 138 13.34 20.62 26.57
CA ASP C 138 11.94 20.20 26.50
C ASP C 138 11.86 18.69 26.40
N LYS C 139 10.89 18.10 27.09
CA LYS C 139 10.65 16.67 27.02
C LYS C 139 9.22 16.42 26.55
N LYS C 140 8.85 15.17 26.47
CA LYS C 140 7.55 14.74 25.97
C LYS C 140 6.68 14.29 27.14
N LEU C 141 5.39 14.66 27.09
CA LEU C 141 4.33 14.06 27.90
C LEU C 141 3.60 13.08 27.01
N VAL C 142 3.67 11.82 27.36
CA VAL C 142 3.24 10.74 26.49
C VAL C 142 1.76 10.46 26.71
N ASP C 143 1.01 10.43 25.63
CA ASP C 143 -0.38 9.98 25.67
C ASP C 143 -0.40 8.45 25.80
N THR C 144 -0.69 7.95 27.01
CA THR C 144 -0.58 6.50 27.22
C THR C 144 -1.68 5.75 26.48
N MET C 145 -2.82 6.41 26.19
CA MET C 145 -3.85 5.75 25.37
C MET C 145 -3.32 5.42 23.99
N ILE C 146 -2.68 6.41 23.35
CA ILE C 146 -2.06 6.12 22.06
C ILE C 146 -0.90 5.12 22.23
N LYS C 147 0.03 5.44 23.12
CA LYS C 147 1.24 4.66 23.25
C LYS C 147 0.93 3.20 23.58
N ASP C 148 0.09 2.96 24.58
CA ASP C 148 -0.12 1.57 24.99
C ASP C 148 -1.28 0.90 24.27
N GLY C 149 -2.18 1.70 23.66
CA GLY C 149 -3.36 1.13 23.03
C GLY C 149 -3.33 1.11 21.52
N LEU C 150 -2.78 2.14 20.87
CA LEU C 150 -2.99 2.32 19.43
C LEU C 150 -1.73 2.45 18.59
N TRP C 151 -0.56 2.21 19.16
CA TRP C 151 0.70 2.40 18.47
C TRP C 151 1.45 1.07 18.39
N ASP C 152 2.08 0.79 17.26
CA ASP C 152 2.78 -0.50 17.12
C ASP C 152 4.18 -0.44 17.73
N ALA C 153 4.50 -1.41 18.59
CA ALA C 153 5.79 -1.36 19.26
C ALA C 153 6.99 -1.66 18.35
N TYR C 154 6.80 -2.38 17.24
CA TYR C 154 7.91 -2.84 16.41
C TYR C 154 8.18 -1.94 15.21
N ASN C 155 7.15 -1.34 14.65
CA ASN C 155 7.27 -0.49 13.48
C ASN C 155 7.10 0.97 13.79
N ASN C 156 6.75 1.33 15.01
CA ASN C 156 6.73 2.72 15.45
C ASN C 156 5.79 3.58 14.61
N TYR C 157 4.59 3.04 14.32
CA TYR C 157 3.51 3.86 13.75
C TYR C 157 2.15 3.34 14.21
N HIS C 158 1.12 4.12 13.92
CA HIS C 158 -0.24 3.93 14.44
C HIS C 158 -0.89 2.68 13.85
N MET C 159 -1.88 2.13 14.58
CA MET C 159 -2.66 1.02 14.01
C MET C 159 -3.33 1.42 12.69
N GLY C 160 -3.69 2.69 12.53
CA GLY C 160 -4.29 3.11 11.27
C GLY C 160 -3.34 2.99 10.09
N THR C 161 -2.04 3.15 10.33
CA THR C 161 -1.08 2.93 9.25
C THR C 161 -0.95 1.45 8.92
N THR C 162 -1.06 0.57 9.93
CA THR C 162 -1.13 -0.86 9.61
C THR C 162 -2.35 -1.19 8.78
N ALA C 163 -3.43 -0.40 8.92
CA ALA C 163 -4.61 -0.57 8.09
C ALA C 163 -4.35 -0.17 6.64
N GLU C 164 -3.60 0.92 6.44
CA GLU C 164 -3.20 1.27 5.09
C GLU C 164 -2.34 0.17 4.48
N ASN C 165 -1.45 -0.44 5.29
CA ASN C 165 -0.65 -1.56 4.80
C ASN C 165 -1.53 -2.65 4.20
N ILE C 166 -2.63 -2.98 4.88
CA ILE C 166 -3.59 -3.95 4.34
C ILE C 166 -4.23 -3.43 3.04
N ASN C 167 -4.62 -2.15 3.03
CA ASN C 167 -5.18 -1.54 1.82
C ASN C 167 -4.25 -1.73 0.63
N ASP C 168 -2.97 -1.43 0.82
CA ASP C 168 -1.98 -1.64 -0.23
C ASP C 168 -1.89 -3.11 -0.63
N ILE C 169 -1.73 -4.00 0.35
CA ILE C 169 -1.46 -5.39 0.00
C ILE C 169 -2.71 -6.06 -0.58
N TRP C 170 -3.87 -5.85 0.05
CA TRP C 170 -5.07 -6.53 -0.42
C TRP C 170 -5.76 -5.80 -1.57
N GLY C 171 -5.43 -4.52 -1.78
CA GLY C 171 -6.09 -3.75 -2.82
C GLY C 171 -7.51 -3.39 -2.45
N ILE C 172 -7.65 -2.45 -1.53
CA ILE C 172 -8.94 -2.06 -0.95
C ILE C 172 -9.12 -0.59 -1.19
N THR C 173 -10.07 -0.23 -2.06
CA THR C 173 -10.32 1.17 -2.34
C THR C 173 -10.96 1.92 -1.18
N ARG C 174 -10.77 3.24 -1.20
CA ARG C 174 -11.45 4.11 -0.26
C ARG C 174 -12.96 3.97 -0.35
N ARG C 175 -13.49 3.88 -1.58
CA ARG C 175 -14.93 3.76 -1.77
C ARG C 175 -15.48 2.49 -1.10
N GLU C 176 -14.82 1.34 -1.29
CA GLU C 176 -15.29 0.14 -0.62
C GLU C 176 -15.22 0.32 0.89
N GLN C 177 -14.13 0.90 1.39
CA GLN C 177 -14.04 1.15 2.83
C GLN C 177 -15.17 2.06 3.29
N ASP C 178 -15.55 3.02 2.45
CA ASP C 178 -16.63 3.93 2.82
C ASP C 178 -18.00 3.25 2.72
N GLU C 179 -18.21 2.42 1.70
CA GLU C 179 -19.44 1.64 1.62
C GLU C 179 -19.60 0.75 2.86
N PHE C 180 -18.52 0.07 3.24
CA PHE C 180 -18.54 -0.77 4.45
C PHE C 180 -18.92 0.02 5.68
N ALA C 181 -18.28 1.18 5.87
CA ALA C 181 -18.56 2.01 7.04
C ALA C 181 -20.01 2.48 7.04
N ALA C 182 -20.52 2.91 5.87
CA ALA C 182 -21.88 3.42 5.79
C ALA C 182 -22.90 2.34 6.14
N ALA C 183 -22.69 1.11 5.64
CA ALA C 183 -23.59 0.01 5.96
C ALA C 183 -23.58 -0.31 7.46
N SER C 184 -22.40 -0.26 8.08
CA SER C 184 -22.32 -0.47 9.53
C SER C 184 -23.14 0.57 10.27
N GLN C 185 -23.00 1.85 9.91
CA GLN C 185 -23.80 2.92 10.51
C GLN C 185 -25.28 2.71 10.25
N GLN C 186 -25.65 2.38 9.00
CA GLN C 186 -27.04 2.16 8.66
C GLN C 186 -27.66 1.02 9.50
N LYS C 187 -26.90 -0.07 9.69
CA LYS C 187 -27.40 -1.21 10.46
C LYS C 187 -27.50 -0.88 11.95
N THR C 188 -26.53 -0.15 12.48
CA THR C 188 -26.66 0.27 13.87
C THR C 188 -27.84 1.22 14.06
N GLU C 189 -28.06 2.09 13.07
CA GLU C 189 -29.22 2.99 13.14
C GLU C 189 -30.53 2.20 13.18
N ALA C 190 -30.64 1.17 12.32
CA ALA C 190 -31.87 0.38 12.33
C ALA C 190 -32.02 -0.37 13.64
N ALA C 191 -30.92 -0.94 14.15
CA ALA C 191 -31.02 -1.67 15.41
C ALA C 191 -31.38 -0.73 16.55
N GLN C 192 -30.89 0.51 16.52
CA GLN C 192 -31.32 1.46 17.55
C GLN C 192 -32.81 1.79 17.37
N ALA C 193 -33.24 2.02 16.14
CA ALA C 193 -34.66 2.28 15.88
C ALA C 193 -35.55 1.12 16.31
N ALA C 194 -35.05 -0.11 16.26
CA ALA C 194 -35.85 -1.28 16.60
C ALA C 194 -35.67 -1.74 18.05
N GLY C 195 -34.84 -1.08 18.86
CA GLY C 195 -34.69 -1.50 20.24
C GLY C 195 -33.90 -2.80 20.44
N ARG C 196 -33.07 -3.20 19.48
CA ARG C 196 -32.45 -4.51 19.58
C ARG C 196 -31.41 -4.59 20.68
N PHE C 197 -30.78 -3.47 21.04
CA PHE C 197 -29.77 -3.51 22.10
C PHE C 197 -30.38 -3.45 23.48
N ASP C 198 -31.70 -3.32 23.58
CA ASP C 198 -32.27 -3.09 24.89
C ASP C 198 -32.00 -4.26 25.83
N ASP C 199 -31.92 -5.46 25.30
CA ASP C 199 -31.78 -6.62 26.19
C ASP C 199 -30.37 -6.70 26.76
N GLU C 200 -29.36 -6.30 25.97
CA GLU C 200 -27.99 -6.57 26.38
C GLU C 200 -27.36 -5.45 27.19
N ILE C 201 -27.90 -4.23 27.10
CA ILE C 201 -27.29 -3.08 27.77
C ILE C 201 -27.74 -3.05 29.22
N VAL C 202 -26.81 -2.88 30.14
CA VAL C 202 -27.16 -2.56 31.52
C VAL C 202 -26.88 -1.07 31.71
N PRO C 203 -27.83 -0.30 32.24
CA PRO C 203 -27.59 1.15 32.43
C PRO C 203 -26.49 1.42 33.45
N VAL C 204 -25.76 2.51 33.26
CA VAL C 204 -24.75 3.01 34.20
C VAL C 204 -25.18 4.42 34.63
N MET C 205 -25.33 4.62 35.92
CA MET C 205 -25.64 5.92 36.48
C MET C 205 -24.42 6.83 36.39
N ILE C 206 -24.60 8.00 35.80
CA ILE C 206 -23.52 8.97 35.63
C ILE C 206 -23.99 10.29 36.21
N LYS C 207 -23.02 11.14 36.57
CA LYS C 207 -23.31 12.45 37.15
C LYS C 207 -23.38 13.47 36.03
N VAL C 208 -24.53 14.15 35.91
CA VAL C 208 -24.74 15.22 34.95
C VAL C 208 -25.37 16.40 35.68
N LYS C 209 -24.62 17.50 35.84
CA LYS C 209 -25.11 18.71 36.50
C LYS C 209 -25.68 18.40 37.89
N LYS C 210 -24.90 17.69 38.69
CA LYS C 210 -25.23 17.30 40.05
C LYS C 210 -26.42 16.33 40.13
N GLU C 211 -26.91 15.83 39.00
CA GLU C 211 -27.93 14.78 38.97
C GLU C 211 -27.30 13.44 38.59
N MET C 212 -27.80 12.35 39.19
CA MET C 212 -27.45 10.99 38.79
C MET C 212 -28.44 10.53 37.72
N VAL C 213 -27.96 10.32 36.49
CA VAL C 213 -28.86 9.96 35.40
C VAL C 213 -28.37 8.68 34.71
N PRO C 214 -29.28 7.87 34.20
CA PRO C 214 -28.89 6.63 33.52
C PRO C 214 -28.26 6.88 32.16
N PHE C 215 -27.16 6.17 31.91
CA PHE C 215 -26.56 6.13 30.60
C PHE C 215 -26.83 4.75 30.05
N ALA C 216 -27.66 4.67 28.99
CA ALA C 216 -28.15 3.36 28.57
C ALA C 216 -28.31 3.24 27.06
N LYS C 217 -27.81 4.19 26.28
CA LYS C 217 -27.84 4.09 24.81
C LYS C 217 -26.48 4.40 24.24
N ASP C 218 -26.04 3.62 23.26
CA ASP C 218 -24.79 3.96 22.58
C ASP C 218 -24.84 5.37 21.98
N GLU C 219 -23.85 6.20 22.29
CA GLU C 219 -23.84 7.60 21.89
C GLU C 219 -22.89 7.87 20.74
N TYR C 220 -22.07 6.90 20.37
CA TYR C 220 -21.15 7.08 19.25
C TYR C 220 -21.81 6.98 17.87
N PRO C 221 -22.87 6.17 17.63
CA PRO C 221 -23.36 6.04 16.24
C PRO C 221 -23.84 7.36 15.63
N LYS C 222 -23.70 7.45 14.31
CA LYS C 222 -24.08 8.65 13.57
C LYS C 222 -25.21 8.30 12.63
N ALA C 223 -26.28 9.09 12.68
CA ALA C 223 -27.46 8.84 11.86
C ALA C 223 -27.27 9.36 10.43
N GLY C 224 -27.89 8.66 9.49
CA GLY C 224 -28.03 9.16 8.14
C GLY C 224 -26.79 9.05 7.30
N VAL C 225 -25.91 8.10 7.59
CA VAL C 225 -24.59 8.06 6.96
C VAL C 225 -24.71 7.39 5.60
N THR C 226 -24.07 7.98 4.59
CA THR C 226 -23.95 7.32 3.28
C THR C 226 -22.48 7.30 2.85
N ALA C 227 -22.18 6.37 1.95
CA ALA C 227 -20.86 6.35 1.34
C ALA C 227 -20.50 7.70 0.73
N ASP C 228 -21.50 8.40 0.14
CA ASP C 228 -21.28 9.73 -0.42
C ASP C 228 -21.05 10.77 0.68
N SER C 229 -21.78 10.68 1.80
CA SER C 229 -21.70 11.71 2.84
C SER C 229 -20.30 11.80 3.44
N ILE C 230 -19.55 10.69 3.44
CA ILE C 230 -18.23 10.62 4.06
C ILE C 230 -17.12 10.44 3.04
N ALA C 231 -17.43 10.60 1.75
CA ALA C 231 -16.42 10.45 0.71
C ALA C 231 -15.51 11.67 0.58
N LYS C 232 -15.78 12.75 1.32
CA LYS C 232 -15.00 13.96 1.25
C LYS C 232 -13.93 14.08 2.33
N LEU C 233 -13.93 13.20 3.34
CA LEU C 233 -12.97 13.40 4.41
C LEU C 233 -11.55 13.07 3.98
N LYS C 234 -10.60 13.75 4.61
CA LYS C 234 -9.19 13.58 4.35
C LYS C 234 -8.72 12.34 5.10
N GLY C 235 -7.74 11.64 4.54
CA GLY C 235 -7.17 10.48 5.21
C GLY C 235 -6.61 10.85 6.57
N ALA C 236 -6.83 9.97 7.54
CA ALA C 236 -6.48 10.27 8.92
C ALA C 236 -5.12 9.74 9.36
N PHE C 237 -4.48 8.89 8.55
CA PHE C 237 -3.21 8.30 8.93
C PHE C 237 -2.26 8.31 7.75
N PRO C 238 -0.97 8.48 8.00
CA PRO C 238 -0.01 8.35 6.92
C PRO C 238 0.04 6.90 6.43
N VAL C 239 0.46 6.73 5.19
CA VAL C 239 0.70 5.39 4.70
C VAL C 239 2.01 4.87 5.28
N GLY C 240 2.20 3.55 5.21
CA GLY C 240 3.42 2.95 5.67
C GLY C 240 4.65 3.49 4.97
N PRO C 241 5.80 3.42 5.65
CA PRO C 241 7.05 3.81 4.99
C PRO C 241 7.40 2.95 3.79
N GLU C 242 6.80 1.77 3.61
CA GLU C 242 7.09 0.99 2.41
C GLU C 242 5.96 1.04 1.37
N SER C 243 4.93 1.86 1.59
CA SER C 243 3.85 2.04 0.62
C SER C 243 4.41 2.23 -0.79
N PRO C 244 3.81 1.59 -1.80
CA PRO C 244 2.64 0.70 -1.74
C PRO C 244 3.02 -0.78 -1.61
N ASN C 245 4.25 -1.09 -1.20
CA ASN C 245 4.77 -2.44 -1.19
C ASN C 245 5.36 -2.80 0.18
N PRO C 246 4.51 -2.95 1.19
CA PRO C 246 5.00 -3.43 2.49
C PRO C 246 5.53 -4.85 2.37
N VAL C 247 6.75 -5.08 2.85
CA VAL C 247 7.28 -6.43 2.93
C VAL C 247 6.95 -7.00 4.30
N VAL C 248 6.16 -8.07 4.31
CA VAL C 248 5.62 -8.67 5.52
C VAL C 248 5.99 -10.14 5.54
N VAL C 249 6.00 -10.69 6.74
CA VAL C 249 6.11 -12.13 6.94
C VAL C 249 4.69 -12.66 6.96
N ASN C 250 4.35 -13.54 6.01
CA ASN C 250 3.01 -14.09 5.95
C ASN C 250 2.93 -15.34 6.80
N THR C 251 1.94 -15.38 7.70
CA THR C 251 1.70 -16.57 8.50
C THR C 251 0.55 -17.39 7.93
N PHE C 252 0.00 -16.95 6.80
CA PHE C 252 -0.99 -17.69 6.02
C PHE C 252 -0.95 -17.12 4.60
N GLU C 253 -1.55 -17.86 3.67
CA GLU C 253 -1.51 -17.49 2.26
C GLU C 253 -2.76 -16.71 1.89
N PRO C 254 -2.66 -15.41 1.60
CA PRO C 254 -3.85 -14.65 1.20
C PRO C 254 -4.37 -15.11 -0.16
N THR C 255 -5.70 -15.18 -0.27
CA THR C 255 -6.38 -15.44 -1.54
C THR C 255 -7.31 -14.31 -1.98
N GLY C 256 -7.48 -13.27 -1.18
CA GLY C 256 -8.35 -12.18 -1.58
C GLY C 256 -7.63 -10.92 -2.02
N CYS C 257 -6.36 -11.03 -2.41
CA CYS C 257 -5.60 -9.87 -2.81
C CYS C 257 -5.97 -9.50 -4.24
N GLN C 258 -6.15 -8.20 -4.49
CA GLN C 258 -6.51 -7.69 -5.82
C GLN C 258 -5.73 -6.41 -6.09
N ASP C 259 -5.81 -5.95 -7.34
CA ASP C 259 -5.24 -4.66 -7.72
C ASP C 259 -6.31 -3.57 -7.60
N ALA C 260 -5.93 -2.44 -7.00
CA ALA C 260 -6.87 -1.36 -6.78
C ALA C 260 -6.26 -0.01 -7.16
N PRO C 261 -7.08 0.92 -7.68
CA PRO C 261 -6.52 2.15 -8.26
C PRO C 261 -5.87 3.12 -7.27
N ASP C 262 -6.36 3.23 -6.03
CA ASP C 262 -5.83 4.20 -5.06
C ASP C 262 -4.70 3.64 -4.19
N LYS C 263 -3.95 2.63 -4.64
CA LYS C 263 -2.86 2.10 -3.82
C LYS C 263 -1.82 3.18 -3.51
N GLY C 264 -1.31 3.17 -2.28
CA GLY C 264 -0.30 4.13 -1.90
C GLY C 264 -0.77 5.53 -1.57
N THR C 265 -2.08 5.72 -1.33
CA THR C 265 -2.67 6.98 -0.93
C THR C 265 -3.38 6.79 0.41
N GLN C 266 -3.78 7.89 1.04
CA GLN C 266 -4.45 7.80 2.33
C GLN C 266 -5.94 7.56 2.09
N ARG C 267 -6.45 6.46 2.65
CA ARG C 267 -7.83 6.06 2.54
C ARG C 267 -8.51 5.76 3.87
N VAL C 268 -7.77 5.51 4.95
CA VAL C 268 -8.41 5.37 6.26
C VAL C 268 -8.74 6.77 6.77
N THR C 269 -9.99 6.95 7.19
CA THR C 269 -10.47 8.22 7.73
C THR C 269 -11.17 7.94 9.05
N ALA C 270 -11.47 9.04 9.76
CA ALA C 270 -12.24 8.91 11.01
C ALA C 270 -13.60 8.26 10.78
N ALA C 271 -14.16 8.36 9.56
CA ALA C 271 -15.49 7.80 9.30
C ALA C 271 -15.47 6.31 9.01
N ASN C 272 -14.39 5.77 8.44
CA ASN C 272 -14.29 4.34 8.17
C ASN C 272 -13.33 3.61 9.12
N ALA C 273 -12.94 4.25 10.20
CA ALA C 273 -12.21 3.59 11.28
C ALA C 273 -13.10 3.53 12.51
N SER C 274 -12.85 2.55 13.38
CA SER C 274 -13.53 2.57 14.66
C SER C 274 -13.13 3.83 15.41
N GLY C 275 -13.87 4.12 16.47
CA GLY C 275 -13.58 5.27 17.30
C GLY C 275 -12.80 4.85 18.54
N ILE C 276 -12.53 5.86 19.37
CA ILE C 276 -11.95 5.70 20.69
C ILE C 276 -13.08 5.92 21.68
N ASN C 277 -13.27 4.95 22.59
CA ASN C 277 -14.51 4.87 23.37
C ASN C 277 -14.30 4.21 24.71
N ASP C 278 -15.36 4.29 25.55
CA ASP C 278 -15.38 3.77 26.92
C ASP C 278 -16.52 2.76 27.10
N GLY C 279 -16.26 1.67 27.83
CA GLY C 279 -17.32 0.69 28.11
C GLY C 279 -16.77 -0.58 28.70
N ALA C 280 -17.71 -1.47 29.08
CA ALA C 280 -17.39 -2.77 29.67
C ALA C 280 -18.40 -3.80 29.24
N ALA C 281 -17.98 -5.07 29.33
CA ALA C 281 -18.82 -6.22 29.06
C ALA C 281 -18.38 -7.37 29.97
N ALA C 282 -19.34 -8.16 30.44
CA ALA C 282 -19.05 -9.30 31.30
C ALA C 282 -19.76 -10.54 30.80
N ILE C 283 -19.11 -11.69 31.00
CA ILE C 283 -19.57 -12.99 30.51
C ILE C 283 -19.43 -14.00 31.64
N VAL C 284 -20.51 -14.69 31.99
CA VAL C 284 -20.47 -15.73 33.02
C VAL C 284 -20.27 -17.08 32.32
N LEU C 285 -19.12 -17.71 32.55
CA LEU C 285 -18.77 -18.96 31.87
C LEU C 285 -18.87 -20.09 32.88
N ALA C 286 -19.51 -21.23 32.50
CA ALA C 286 -19.66 -22.30 33.44
C ALA C 286 -19.61 -23.65 32.74
N SER C 287 -19.12 -24.63 33.46
CA SER C 287 -19.15 -26.02 33.01
C SER C 287 -20.57 -26.57 33.06
N GLY C 288 -20.81 -27.65 32.29
CA GLY C 288 -22.07 -28.33 32.37
C GLY C 288 -22.38 -28.84 33.77
N GLU C 289 -21.35 -29.29 34.48
CA GLU C 289 -21.49 -29.69 35.88
C GLU C 289 -22.10 -28.59 36.74
N ALA C 290 -21.56 -27.37 36.61
CA ALA C 290 -22.10 -26.24 37.38
C ALA C 290 -23.50 -25.85 36.90
N VAL C 291 -23.74 -25.91 35.59
CA VAL C 291 -25.09 -25.64 35.11
C VAL C 291 -26.08 -26.60 35.76
N ALA C 292 -25.72 -27.89 35.87
CA ALA C 292 -26.59 -28.88 36.51
C ALA C 292 -26.69 -28.66 38.02
N LYS C 293 -25.54 -28.51 38.72
CA LYS C 293 -25.54 -28.25 40.16
C LYS C 293 -26.50 -27.13 40.56
N TYR C 294 -26.49 -26.03 39.84
CA TYR C 294 -27.24 -24.86 40.28
C TYR C 294 -28.51 -24.63 39.48
N GLY C 295 -28.88 -25.54 38.61
CA GLY C 295 -30.08 -25.35 37.82
C GLY C 295 -30.00 -24.13 36.93
N LEU C 296 -28.86 -23.92 36.28
CA LEU C 296 -28.70 -22.70 35.50
C LEU C 296 -29.38 -22.85 34.14
N LYS C 297 -29.64 -21.72 33.47
CA LYS C 297 -30.33 -21.69 32.18
C LYS C 297 -29.46 -20.92 31.19
N PRO C 298 -28.47 -21.57 30.61
CA PRO C 298 -27.45 -20.87 29.84
C PRO C 298 -27.96 -20.38 28.48
N MET C 299 -27.25 -19.38 27.97
CA MET C 299 -27.61 -18.78 26.68
C MET C 299 -27.04 -19.59 25.52
N ALA C 300 -25.82 -20.11 25.67
CA ALA C 300 -25.09 -20.72 24.56
C ALA C 300 -23.95 -21.60 25.07
N LYS C 301 -23.55 -22.52 24.19
CA LYS C 301 -22.43 -23.41 24.43
C LYS C 301 -21.20 -22.87 23.68
N LEU C 302 -20.09 -22.73 24.39
CA LEU C 302 -18.83 -22.38 23.73
C LEU C 302 -18.26 -23.66 23.15
N ILE C 303 -18.29 -23.80 21.81
CA ILE C 303 -17.87 -25.05 21.17
C ILE C 303 -16.51 -24.95 20.52
N GLY C 304 -15.96 -23.76 20.33
CA GLY C 304 -14.62 -23.65 19.79
C GLY C 304 -14.05 -22.29 20.12
N TRP C 305 -12.73 -22.22 20.14
CA TRP C 305 -12.02 -20.93 20.26
C TRP C 305 -10.66 -21.09 19.64
N GLY C 306 -9.99 -19.96 19.36
CA GLY C 306 -8.66 -20.04 18.80
C GLY C 306 -7.97 -18.68 18.78
N GLN C 307 -6.67 -18.73 18.50
CA GLN C 307 -5.81 -17.54 18.47
C GLN C 307 -4.96 -17.60 17.23
N GLY C 308 -4.31 -16.49 16.92
CA GLY C 308 -3.43 -16.48 15.77
C GLY C 308 -2.44 -15.34 15.86
N GLY C 309 -1.33 -15.50 15.16
CA GLY C 309 -0.36 -14.44 15.00
C GLY C 309 -0.13 -14.16 13.53
N VAL C 310 0.05 -12.88 13.21
CA VAL C 310 0.41 -12.42 11.86
C VAL C 310 1.48 -11.35 12.04
N ASP C 311 1.95 -10.81 10.93
CA ASP C 311 2.94 -9.73 11.01
C ASP C 311 2.28 -8.50 11.65
N PRO C 312 2.97 -7.83 12.58
CA PRO C 312 2.40 -6.60 13.17
C PRO C 312 2.06 -5.54 12.14
N LYS C 313 2.82 -5.47 11.05
CA LYS C 313 2.52 -4.47 10.02
C LYS C 313 1.12 -4.63 9.48
N ILE C 314 0.56 -5.84 9.52
CA ILE C 314 -0.77 -6.12 8.99
C ILE C 314 -1.62 -6.82 10.05
N MET C 315 -1.50 -6.37 11.30
CA MET C 315 -2.21 -6.99 12.42
C MET C 315 -3.69 -7.20 12.13
N GLY C 316 -4.28 -6.34 11.26
CA GLY C 316 -5.70 -6.39 10.98
C GLY C 316 -6.23 -7.73 10.45
N VAL C 317 -5.38 -8.60 9.91
CA VAL C 317 -5.85 -9.90 9.44
C VAL C 317 -5.60 -11.01 10.45
N GLY C 318 -5.21 -10.68 11.68
CA GLY C 318 -5.17 -11.66 12.74
C GLY C 318 -6.36 -12.57 12.81
N PRO C 319 -7.60 -12.05 12.61
CA PRO C 319 -8.79 -12.91 12.71
C PRO C 319 -8.81 -14.09 11.73
N VAL C 320 -8.10 -13.99 10.60
CA VAL C 320 -8.16 -15.08 9.64
C VAL C 320 -7.60 -16.34 10.27
N VAL C 321 -6.43 -16.23 10.94
CA VAL C 321 -5.82 -17.41 11.56
C VAL C 321 -6.65 -17.86 12.75
N ALA C 322 -7.10 -16.90 13.57
CA ALA C 322 -7.82 -17.26 14.79
C ALA C 322 -9.17 -17.91 14.47
N SER C 323 -9.90 -17.41 13.46
CA SER C 323 -11.24 -17.92 13.20
C SER C 323 -11.16 -19.30 12.58
N ARG C 324 -10.15 -19.55 11.73
CA ARG C 324 -9.95 -20.88 11.17
C ARG C 324 -9.57 -21.88 12.25
N ASN C 325 -8.75 -21.46 13.22
CA ASN C 325 -8.43 -22.35 14.34
C ASN C 325 -9.66 -22.62 15.20
N ALA C 326 -10.45 -21.58 15.48
CA ALA C 326 -11.65 -21.76 16.29
C ALA C 326 -12.64 -22.68 15.60
N MET C 327 -12.75 -22.54 14.26
CA MET C 327 -13.79 -23.26 13.56
C MET C 327 -13.41 -24.73 13.46
N LYS C 328 -12.12 -25.00 13.25
CA LYS C 328 -11.60 -26.36 13.23
C LYS C 328 -11.79 -27.05 14.58
N LYS C 329 -11.53 -26.35 15.69
CA LYS C 329 -11.81 -26.95 17.00
C LYS C 329 -13.29 -27.20 17.21
N ALA C 330 -14.15 -26.33 16.66
CA ALA C 330 -15.59 -26.56 16.78
C ALA C 330 -16.10 -27.59 15.79
N GLY C 331 -15.29 -28.04 14.84
CA GLY C 331 -15.78 -28.95 13.80
C GLY C 331 -16.67 -28.34 12.73
N VAL C 332 -16.57 -27.03 12.47
CA VAL C 332 -17.45 -26.36 11.52
C VAL C 332 -16.61 -25.66 10.45
N THR C 333 -17.31 -25.24 9.39
CA THR C 333 -16.77 -24.32 8.40
C THR C 333 -17.58 -23.03 8.45
N ILE C 334 -17.16 -22.05 7.66
CA ILE C 334 -17.83 -20.75 7.62
C ILE C 334 -19.30 -20.90 7.20
N ASP C 335 -19.60 -21.87 6.32
CA ASP C 335 -20.98 -22.07 5.87
C ASP C 335 -21.91 -22.51 7.00
N ASP C 336 -21.37 -23.18 8.03
CA ASP C 336 -22.20 -23.58 9.16
C ASP C 336 -22.58 -22.42 10.07
N ILE C 337 -21.96 -21.26 9.92
CA ILE C 337 -22.17 -20.16 10.85
C ILE C 337 -23.36 -19.31 10.38
N ASP C 338 -24.29 -19.04 11.28
CA ASP C 338 -25.49 -18.27 10.95
C ASP C 338 -25.37 -16.76 11.24
N LEU C 339 -24.47 -16.37 12.14
CA LEU C 339 -24.26 -14.97 12.52
C LEU C 339 -22.80 -14.74 12.87
N ILE C 340 -22.27 -13.62 12.40
CA ILE C 340 -20.85 -13.33 12.53
C ILE C 340 -20.72 -11.94 13.16
N GLU C 341 -19.93 -11.83 14.22
CA GLU C 341 -19.58 -10.55 14.86
C GLU C 341 -18.06 -10.46 14.70
N ALA C 342 -17.63 -9.74 13.67
CA ALA C 342 -16.21 -9.56 13.35
C ALA C 342 -15.88 -8.08 13.60
N ASN C 343 -15.16 -7.78 14.67
CA ASN C 343 -15.03 -6.39 15.10
C ASN C 343 -14.49 -5.50 13.99
N GLU C 344 -15.01 -4.27 13.91
CA GLU C 344 -14.62 -3.37 12.84
C GLU C 344 -13.60 -2.38 13.39
N ALA C 345 -12.36 -2.84 13.58
CA ALA C 345 -11.28 -1.92 13.94
C ALA C 345 -11.07 -0.88 12.85
N PHE C 346 -11.02 -1.33 11.60
CA PHE C 346 -10.99 -0.46 10.42
C PHE C 346 -11.73 -1.16 9.29
N ALA C 347 -12.53 -0.40 8.55
CA ALA C 347 -13.15 -0.97 7.36
C ALA C 347 -12.11 -1.73 6.54
N ALA C 348 -10.89 -1.16 6.46
CA ALA C 348 -9.81 -1.77 5.70
C ALA C 348 -9.53 -3.21 6.14
N GLN C 349 -9.33 -3.42 7.46
CA GLN C 349 -8.99 -4.77 7.86
C GLN C 349 -10.20 -5.67 7.84
N SER C 350 -11.38 -5.13 8.11
CA SER C 350 -12.59 -5.94 8.11
C SER C 350 -12.87 -6.50 6.72
N ILE C 351 -12.58 -5.71 5.69
CA ILE C 351 -12.79 -6.16 4.32
C ILE C 351 -11.80 -7.27 3.98
N ALA C 352 -10.52 -7.10 4.35
CA ALA C 352 -9.55 -8.17 4.04
C ALA C 352 -9.92 -9.46 4.74
N VAL C 353 -10.33 -9.38 6.01
CA VAL C 353 -10.74 -10.56 6.73
C VAL C 353 -11.95 -11.20 6.06
N ALA C 354 -12.92 -10.38 5.63
CA ALA C 354 -14.10 -10.95 4.97
C ALA C 354 -13.73 -11.69 3.70
N ARG C 355 -12.81 -11.11 2.90
CA ARG C 355 -12.37 -11.78 1.68
C ARG C 355 -11.72 -13.13 1.97
N GLU C 356 -10.84 -13.20 2.98
CA GLU C 356 -10.11 -14.43 3.26
C GLU C 356 -11.01 -15.51 3.84
N LEU C 357 -11.91 -15.15 4.75
CA LEU C 357 -12.78 -16.15 5.38
C LEU C 357 -14.07 -16.39 4.59
N HIS C 358 -14.30 -15.65 3.52
CA HIS C 358 -15.49 -15.82 2.69
C HIS C 358 -16.79 -15.59 3.46
N PHE C 359 -16.82 -14.50 4.22
CA PHE C 359 -18.03 -14.10 4.93
C PHE C 359 -19.18 -13.88 3.97
N ASP C 360 -20.36 -14.35 4.35
CA ASP C 360 -21.61 -13.89 3.77
C ASP C 360 -21.98 -12.60 4.52
N MET C 361 -21.78 -11.45 3.88
CA MET C 361 -21.85 -10.17 4.58
C MET C 361 -23.25 -9.87 5.12
N SER C 362 -24.28 -10.53 4.58
CA SER C 362 -25.61 -10.41 5.13
C SER C 362 -25.76 -11.06 6.51
N LYS C 363 -24.83 -11.93 6.94
CA LYS C 363 -24.83 -12.45 8.30
C LYS C 363 -23.77 -11.80 9.21
N VAL C 364 -23.04 -10.80 8.70
CA VAL C 364 -21.95 -10.15 9.42
C VAL C 364 -22.44 -8.85 10.07
N ASN C 365 -22.24 -8.74 11.38
CA ASN C 365 -22.51 -7.52 12.15
C ASN C 365 -23.90 -6.97 11.85
N VAL C 366 -24.93 -7.80 12.05
CA VAL C 366 -26.25 -7.44 11.52
C VAL C 366 -26.84 -6.22 12.21
N ASN C 367 -26.35 -5.89 13.40
CA ASN C 367 -26.72 -4.71 14.16
C ASN C 367 -25.66 -3.63 14.08
N GLY C 368 -24.75 -3.73 13.12
CA GLY C 368 -23.67 -2.78 12.98
C GLY C 368 -22.52 -3.14 13.90
N GLY C 369 -21.41 -2.43 13.70
CA GLY C 369 -20.16 -2.79 14.34
C GLY C 369 -19.42 -1.58 14.85
N ALA C 370 -18.14 -1.78 15.24
CA ALA C 370 -17.40 -0.75 16.00
C ALA C 370 -17.27 0.57 15.25
N ILE C 371 -17.39 0.60 13.93
CA ILE C 371 -17.33 1.89 13.27
C ILE C 371 -18.49 2.77 13.74
N ALA C 372 -19.65 2.15 13.98
CA ALA C 372 -20.78 2.90 14.49
C ALA C 372 -20.83 2.93 16.02
N LEU C 373 -20.61 1.78 16.68
CA LEU C 373 -20.81 1.63 18.12
C LEU C 373 -19.63 2.08 18.98
N GLY C 374 -18.43 2.09 18.44
CA GLY C 374 -17.25 2.44 19.22
C GLY C 374 -16.45 1.20 19.59
N HIS C 375 -15.21 1.43 20.05
CA HIS C 375 -14.22 0.35 20.28
C HIS C 375 -13.40 0.63 21.56
N PRO C 376 -13.96 0.38 22.70
CA PRO C 376 -13.21 0.46 23.98
C PRO C 376 -12.29 -0.76 24.11
N VAL C 377 -10.99 -0.54 23.91
CA VAL C 377 -10.13 -1.63 23.41
C VAL C 377 -10.16 -2.85 24.34
N GLY C 378 -9.96 -2.64 25.65
CA GLY C 378 -9.91 -3.79 26.56
C GLY C 378 -11.20 -4.57 26.66
N ALA C 379 -12.33 -3.99 26.21
CA ALA C 379 -13.66 -4.56 26.40
C ALA C 379 -14.32 -5.10 25.13
N SER C 380 -13.90 -4.65 23.94
CA SER C 380 -14.65 -4.98 22.74
C SER C 380 -14.64 -6.47 22.44
N GLY C 381 -13.60 -7.19 22.88
CA GLY C 381 -13.56 -8.63 22.63
C GLY C 381 -14.65 -9.38 23.36
N ALA C 382 -15.00 -8.92 24.55
CA ALA C 382 -16.19 -9.41 25.22
C ALA C 382 -17.45 -8.75 24.69
N ARG C 383 -17.35 -7.47 24.26
CA ARG C 383 -18.56 -6.75 23.85
C ARG C 383 -19.19 -7.40 22.64
N ILE C 384 -18.40 -7.73 21.62
CA ILE C 384 -18.99 -8.36 20.44
C ILE C 384 -19.62 -9.71 20.79
N ILE C 385 -19.10 -10.41 21.81
CA ILE C 385 -19.72 -11.68 22.20
C ILE C 385 -21.12 -11.43 22.75
N VAL C 386 -21.24 -10.42 23.63
CA VAL C 386 -22.53 -10.03 24.18
C VAL C 386 -23.53 -9.74 23.05
N THR C 387 -23.12 -8.93 22.07
CA THR C 387 -24.00 -8.58 20.95
C THR C 387 -24.33 -9.80 20.10
N LEU C 388 -23.34 -10.68 19.88
CA LEU C 388 -23.59 -11.89 19.10
C LEU C 388 -24.66 -12.75 19.77
N LEU C 389 -24.50 -13.01 21.06
CA LEU C 389 -25.36 -14.00 21.69
C LEU C 389 -26.78 -13.50 21.84
N HIS C 390 -26.95 -12.21 22.14
CA HIS C 390 -28.29 -11.67 22.25
C HIS C 390 -28.99 -11.66 20.91
N GLU C 391 -28.27 -11.33 19.82
CA GLU C 391 -28.92 -11.41 18.51
C GLU C 391 -29.30 -12.85 18.16
N MET C 392 -28.43 -13.82 18.47
CA MET C 392 -28.82 -15.18 18.12
C MET C 392 -30.08 -15.61 18.85
N GLN C 393 -30.30 -15.08 20.06
CA GLN C 393 -31.51 -15.40 20.80
C GLN C 393 -32.74 -14.93 20.02
N LYS C 394 -32.63 -13.78 19.34
CA LYS C 394 -33.76 -13.17 18.65
C LYS C 394 -34.08 -13.86 17.33
N ARG C 395 -33.19 -14.69 16.80
CA ARG C 395 -33.44 -15.35 15.50
C ARG C 395 -33.52 -16.85 15.69
N PRO C 396 -34.67 -17.49 15.47
CA PRO C 396 -34.74 -18.96 15.66
C PRO C 396 -33.74 -19.71 14.81
N GLU C 397 -33.52 -19.24 13.59
CA GLU C 397 -32.61 -19.91 12.68
C GLU C 397 -31.14 -19.67 13.00
N ALA C 398 -30.82 -18.76 13.94
CA ALA C 398 -29.42 -18.49 14.27
C ALA C 398 -28.98 -19.40 15.40
N LYS C 399 -28.41 -20.55 15.03
CA LYS C 399 -27.98 -21.58 15.98
C LYS C 399 -26.48 -21.60 16.25
N LYS C 400 -25.67 -21.22 15.28
CA LYS C 400 -24.23 -21.13 15.48
C LYS C 400 -23.74 -19.73 15.15
N GLY C 401 -22.79 -19.24 15.96
CA GLY C 401 -22.24 -17.90 15.77
C GLY C 401 -20.74 -17.91 15.96
N LEU C 402 -20.09 -16.92 15.31
CA LEU C 402 -18.63 -16.70 15.36
C LEU C 402 -18.35 -15.26 15.76
N ALA C 403 -17.49 -15.07 16.75
CA ALA C 403 -17.04 -13.73 17.12
C ALA C 403 -15.53 -13.68 16.96
N THR C 404 -15.01 -12.61 16.33
CA THR C 404 -13.57 -12.53 16.14
C THR C 404 -13.11 -11.07 15.99
N LEU C 405 -11.85 -10.82 16.38
CA LEU C 405 -11.35 -9.45 16.25
C LEU C 405 -9.83 -9.45 16.16
N CYS C 406 -9.28 -8.39 15.56
CA CYS C 406 -7.85 -8.27 15.34
C CYS C 406 -7.17 -7.63 16.55
N ILE C 407 -5.86 -7.78 16.62
CA ILE C 407 -5.16 -7.41 17.85
C ILE C 407 -3.86 -6.73 17.47
N GLY C 408 -3.62 -5.55 18.05
CA GLY C 408 -2.38 -4.84 17.80
C GLY C 408 -1.17 -5.68 18.19
N GLY C 409 -0.11 -5.56 17.39
CA GLY C 409 1.04 -6.43 17.53
C GLY C 409 0.98 -7.69 16.68
N GLY C 410 -0.10 -7.90 15.95
CA GLY C 410 -0.15 -8.98 14.99
C GLY C 410 -0.78 -10.27 15.46
N MET C 411 -2.00 -10.21 15.99
CA MET C 411 -2.69 -11.39 16.52
C MET C 411 -4.18 -11.28 16.28
N GLY C 412 -4.89 -12.37 16.55
CA GLY C 412 -6.33 -12.37 16.61
C GLY C 412 -6.83 -13.42 17.60
N THR C 413 -8.06 -13.25 18.07
CA THR C 413 -8.75 -14.30 18.82
C THR C 413 -10.13 -14.55 18.19
N ALA C 414 -10.69 -15.73 18.46
CA ALA C 414 -12.03 -16.06 17.97
C ALA C 414 -12.69 -17.11 18.85
N VAL C 415 -14.01 -17.09 18.83
CA VAL C 415 -14.81 -18.04 19.58
C VAL C 415 -16.00 -18.43 18.72
N VAL C 416 -16.44 -19.69 18.87
CA VAL C 416 -17.62 -20.23 18.18
C VAL C 416 -18.60 -20.74 19.23
N PHE C 417 -19.88 -20.42 19.02
CA PHE C 417 -20.98 -20.69 19.95
C PHE C 417 -22.10 -21.48 19.29
N GLU C 418 -22.79 -22.29 20.10
CA GLU C 418 -23.99 -22.97 19.68
C GLU C 418 -25.11 -22.56 20.62
N LYS C 419 -26.20 -22.04 20.06
CA LYS C 419 -27.29 -21.55 20.89
C LYS C 419 -27.88 -22.67 21.73
N CYS C 420 -28.18 -22.39 23.00
CA CYS C 420 -28.88 -23.37 23.83
C CYS C 420 -30.38 -23.29 23.53
N LEU C 421 -30.99 -24.43 23.24
CA LEU C 421 -32.38 -24.45 22.83
C LEU C 421 -33.28 -24.78 24.02
N GLU C 422 -34.51 -24.29 23.96
CA GLU C 422 -35.49 -24.45 25.05
C GLU C 422 -35.79 -25.92 25.38
N MET D 3 -5.50 -35.74 31.38
CA MET D 3 -4.55 -34.74 31.89
C MET D 3 -3.07 -35.09 31.65
N LYS D 4 -2.42 -34.26 30.83
CA LYS D 4 -0.99 -34.37 30.54
C LYS D 4 -0.14 -34.06 31.78
N ASP D 5 0.97 -34.79 31.93
CA ASP D 5 2.04 -34.44 32.86
C ASP D 5 2.73 -33.14 32.42
N LEU D 6 3.14 -32.33 33.40
CA LEU D 6 3.71 -31.02 33.11
C LEU D 6 5.16 -30.91 33.62
N TYR D 7 6.05 -30.39 32.79
CA TYR D 7 7.43 -30.20 33.17
C TYR D 7 7.91 -28.78 32.99
N VAL D 8 8.70 -28.31 33.96
CA VAL D 8 9.58 -27.18 33.69
C VAL D 8 10.84 -27.74 33.06
N VAL D 9 11.05 -27.41 31.79
CA VAL D 9 12.19 -27.95 31.07
C VAL D 9 13.48 -27.22 31.46
N ASN D 10 13.44 -25.89 31.44
CA ASN D 10 14.55 -25.11 31.95
C ASN D 10 14.05 -23.69 32.21
N CYS D 11 14.93 -22.85 32.75
CA CYS D 11 14.54 -21.56 33.27
C CYS D 11 15.80 -20.80 33.68
N CYS D 12 15.66 -19.48 33.80
CA CYS D 12 16.78 -18.63 34.18
C CYS D 12 16.25 -17.23 34.47
N ARG D 13 17.15 -16.37 34.95
CA ARG D 13 16.75 -15.06 35.47
C ARG D 13 17.86 -14.05 35.22
N THR D 14 17.48 -12.77 35.20
CA THR D 14 18.52 -11.76 35.29
C THR D 14 19.04 -11.70 36.72
N ALA D 15 20.27 -11.17 36.88
CA ALA D 15 20.60 -10.53 38.16
C ALA D 15 19.56 -9.45 38.45
N ILE D 16 19.36 -9.14 39.73
CA ILE D 16 18.35 -8.15 40.10
C ILE D 16 19.04 -6.82 40.39
N GLY D 17 18.57 -5.75 39.72
CA GLY D 17 19.12 -4.42 39.90
C GLY D 17 18.40 -3.66 41.00
N SER D 18 19.15 -2.75 41.62
CA SER D 18 18.59 -1.83 42.60
C SER D 18 17.78 -0.73 41.92
N PHE D 19 16.87 -0.13 42.68
CA PHE D 19 16.08 1.00 42.20
C PHE D 19 17.01 2.11 41.73
N GLY D 20 16.82 2.57 40.48
CA GLY D 20 17.75 3.53 39.91
C GLY D 20 19.13 2.97 39.66
N GLY D 21 19.30 1.65 39.68
CA GLY D 21 20.63 1.04 39.53
C GLY D 21 20.92 0.56 38.12
N SER D 22 21.55 -0.61 38.04
CA SER D 22 22.20 -1.02 36.80
C SER D 22 21.23 -1.30 35.66
N LEU D 23 20.05 -1.82 35.96
CA LEU D 23 19.12 -2.18 34.91
C LEU D 23 18.15 -1.04 34.60
N LYS D 24 18.32 0.11 35.24
CA LYS D 24 17.35 1.20 35.11
C LYS D 24 17.12 1.61 33.66
N ASN D 25 18.11 1.47 32.79
CA ASN D 25 17.94 1.88 31.41
C ASN D 25 17.65 0.73 30.48
N THR D 26 17.31 -0.43 31.02
CA THR D 26 17.04 -1.64 30.23
C THR D 26 15.54 -1.89 30.33
N PRO D 27 14.81 -1.65 29.26
CA PRO D 27 13.35 -1.85 29.29
C PRO D 27 12.93 -3.24 29.75
N ALA D 28 11.79 -3.26 30.44
CA ALA D 28 11.18 -4.53 30.86
C ALA D 28 11.10 -5.55 29.74
N ALA D 29 10.68 -5.13 28.54
CA ALA D 29 10.60 -6.05 27.40
C ALA D 29 11.97 -6.59 27.02
N GLU D 30 13.02 -5.77 27.15
CA GLU D 30 14.37 -6.25 26.81
C GLU D 30 14.86 -7.26 27.83
N MET D 31 14.73 -6.93 29.12
CA MET D 31 15.02 -7.95 30.16
C MET D 31 14.30 -9.25 29.86
N GLY D 32 12.99 -9.18 29.58
CA GLY D 32 12.21 -10.38 29.34
C GLY D 32 12.74 -11.16 28.15
N ALA D 33 13.12 -10.44 27.08
CA ALA D 33 13.60 -11.09 25.87
C ALA D 33 14.92 -11.83 26.11
N VAL D 34 15.80 -11.27 26.94
CA VAL D 34 17.08 -11.94 27.24
C VAL D 34 16.83 -13.29 27.91
N VAL D 35 15.97 -13.31 28.93
CA VAL D 35 15.81 -14.56 29.67
C VAL D 35 14.96 -15.57 28.88
N VAL D 36 14.05 -15.11 28.02
CA VAL D 36 13.26 -16.05 27.23
C VAL D 36 14.14 -16.77 26.22
N LYS D 37 14.98 -15.99 25.54
CA LYS D 37 15.90 -16.55 24.55
C LYS D 37 16.83 -17.57 25.19
N GLU D 38 17.41 -17.20 26.34
CA GLU D 38 18.31 -18.12 27.04
C GLU D 38 17.58 -19.34 27.58
N ALA D 39 16.39 -19.16 28.16
CA ALA D 39 15.65 -20.30 28.70
C ALA D 39 15.31 -21.32 27.61
N LEU D 40 14.83 -20.84 26.46
CA LEU D 40 14.57 -21.71 25.32
C LEU D 40 15.84 -22.41 24.89
N LYS D 41 16.97 -21.70 24.88
CA LYS D 41 18.20 -22.31 24.43
C LYS D 41 18.67 -23.37 25.40
N ARG D 42 18.62 -23.08 26.70
CA ARG D 42 18.98 -24.11 27.68
C ARG D 42 18.03 -25.30 27.59
N ALA D 43 16.74 -25.03 27.35
CA ALA D 43 15.74 -26.07 27.18
C ALA D 43 15.91 -26.83 25.88
N ASN D 44 16.75 -26.35 24.99
CA ASN D 44 16.89 -26.95 23.67
C ASN D 44 15.52 -27.06 22.99
N VAL D 45 14.71 -26.02 23.13
CA VAL D 45 13.41 -25.91 22.48
C VAL D 45 13.51 -24.84 21.41
N ALA D 46 13.15 -25.18 20.15
CA ALA D 46 13.18 -24.20 19.07
C ALA D 46 12.10 -23.14 19.28
N PRO D 47 12.41 -21.86 19.03
CA PRO D 47 11.37 -20.84 19.19
C PRO D 47 10.11 -21.13 18.38
N GLU D 48 10.23 -21.72 17.20
CA GLU D 48 9.04 -21.96 16.39
C GLU D 48 8.15 -23.06 16.95
N ASN D 49 8.60 -23.79 17.99
CA ASN D 49 7.78 -24.83 18.61
C ASN D 49 7.09 -24.35 19.88
N VAL D 50 7.23 -23.09 20.24
CA VAL D 50 6.47 -22.51 21.34
C VAL D 50 5.03 -22.29 20.89
N ASP D 51 4.05 -22.74 21.70
CA ASP D 51 2.66 -22.51 21.35
C ASP D 51 2.17 -21.12 21.75
N GLU D 52 2.52 -20.65 22.95
CA GLU D 52 2.10 -19.32 23.41
C GLU D 52 3.12 -18.84 24.44
N LEU D 53 3.24 -17.52 24.60
CA LEU D 53 4.08 -16.95 25.65
C LEU D 53 3.17 -16.18 26.58
N MET D 54 3.30 -16.43 27.89
CA MET D 54 2.47 -15.73 28.88
C MET D 54 3.42 -15.09 29.88
N PHE D 55 3.35 -13.77 30.06
CA PHE D 55 4.40 -13.10 30.81
C PHE D 55 3.81 -12.06 31.77
N GLY D 56 4.22 -12.15 33.03
CA GLY D 56 3.79 -11.16 34.00
C GLY D 56 4.54 -9.83 33.87
N CYS D 57 3.76 -8.75 33.98
CA CYS D 57 4.29 -7.39 34.06
C CYS D 57 3.15 -6.48 34.47
N ILE D 58 3.32 -5.65 35.50
CA ILE D 58 2.21 -4.84 35.97
C ILE D 58 2.45 -3.34 35.86
N LEU D 59 3.69 -2.88 35.75
CA LEU D 59 3.89 -1.43 35.55
C LEU D 59 4.09 -1.18 34.06
N THR D 60 2.99 -1.36 33.34
CA THR D 60 3.03 -1.31 31.87
C THR D 60 2.84 0.09 31.28
N SER D 61 2.61 1.10 32.13
CA SER D 61 2.43 2.49 31.71
C SER D 61 3.49 2.93 30.71
N ALA D 62 3.03 3.40 29.52
CA ALA D 62 3.87 3.94 28.46
C ALA D 62 4.89 2.95 27.94
N GLN D 63 4.76 1.66 28.25
CA GLN D 63 5.66 0.67 27.70
C GLN D 63 5.24 0.19 26.32
N GLY D 64 4.11 0.65 25.80
CA GLY D 64 3.63 0.25 24.49
C GLY D 64 2.72 -0.98 24.56
N GLN D 65 2.30 -1.44 23.38
CA GLN D 65 1.30 -2.51 23.31
C GLN D 65 1.89 -3.80 23.83
N ASN D 66 1.25 -4.39 24.86
CA ASN D 66 1.43 -5.83 25.16
C ASN D 66 2.89 -6.19 25.42
N VAL D 67 3.40 -5.83 26.61
CA VAL D 67 4.79 -6.15 26.97
C VAL D 67 5.13 -7.63 26.66
N ALA D 68 4.25 -8.56 27.00
CA ALA D 68 4.55 -9.98 26.74
C ALA D 68 4.83 -10.24 25.26
N ARG D 69 4.01 -9.67 24.37
CA ARG D 69 4.25 -9.83 22.94
C ARG D 69 5.57 -9.18 22.54
N GLN D 70 5.94 -8.03 23.14
CA GLN D 70 7.26 -7.47 22.78
C GLN D 70 8.35 -8.42 23.24
N VAL D 71 8.20 -9.00 24.44
CA VAL D 71 9.20 -9.94 24.94
C VAL D 71 9.36 -11.10 23.97
N SER D 72 8.24 -11.66 23.51
CA SER D 72 8.24 -12.84 22.66
C SER D 72 8.97 -12.59 21.36
N ILE D 73 8.56 -11.54 20.63
CA ILE D 73 9.18 -11.20 19.35
C ILE D 73 10.65 -10.82 19.52
N LYS D 74 10.99 -10.00 20.54
CA LYS D 74 12.39 -9.64 20.71
C LYS D 74 13.25 -10.87 21.02
N ALA D 75 12.71 -11.87 21.71
CA ALA D 75 13.47 -13.10 21.96
C ALA D 75 13.67 -13.97 20.73
N GLY D 76 13.05 -13.63 19.59
CA GLY D 76 13.13 -14.45 18.39
C GLY D 76 11.99 -15.44 18.19
N ILE D 77 11.00 -15.44 19.07
CA ILE D 77 9.82 -16.30 18.82
C ILE D 77 9.03 -15.69 17.67
N PRO D 78 8.54 -16.48 16.71
CA PRO D 78 8.02 -15.88 15.46
C PRO D 78 6.67 -15.23 15.67
N TYR D 79 6.29 -14.44 14.65
CA TYR D 79 5.04 -13.68 14.68
C TYR D 79 3.83 -14.58 14.86
N SER D 80 3.91 -15.84 14.45
CA SER D 80 2.73 -16.67 14.50
C SER D 80 2.40 -17.16 15.89
N VAL D 81 3.27 -16.92 16.88
CA VAL D 81 3.07 -17.40 18.25
C VAL D 81 2.42 -16.29 19.05
N PRO D 82 1.19 -16.46 19.52
CA PRO D 82 0.53 -15.41 20.30
C PRO D 82 1.15 -15.27 21.69
N ALA D 83 0.90 -14.13 22.31
CA ALA D 83 1.43 -13.84 23.64
C ALA D 83 0.54 -12.83 24.34
N TYR D 84 0.49 -12.93 25.67
CA TYR D 84 -0.30 -11.91 26.36
C TYR D 84 0.29 -11.66 27.76
N THR D 85 -0.05 -10.48 28.28
CA THR D 85 0.51 -9.95 29.51
C THR D 85 -0.41 -10.29 30.67
N VAL D 86 0.18 -10.76 31.77
CA VAL D 86 -0.54 -11.28 32.92
C VAL D 86 -0.45 -10.25 34.04
N GLY D 87 -1.60 -9.73 34.48
CA GLY D 87 -1.58 -8.78 35.57
C GLY D 87 -2.21 -9.27 36.85
N MET D 88 -1.39 -9.72 37.79
CA MET D 88 -1.81 -10.17 39.12
C MET D 88 -0.87 -9.65 40.18
N VAL D 89 -0.58 -8.33 40.14
CA VAL D 89 0.41 -7.65 40.96
C VAL D 89 1.67 -8.52 41.15
N GLY D 91 2.07 -11.55 42.00
CA GLY D 91 1.91 -12.95 41.64
C GLY D 91 2.04 -13.16 40.16
N SER D 92 2.18 -12.05 39.41
CA SER D 92 2.08 -12.10 37.96
C SER D 92 3.00 -13.17 37.37
N GLY D 93 4.28 -13.18 37.77
CA GLY D 93 5.23 -14.11 37.18
C GLY D 93 4.89 -15.57 37.48
N MET D 94 4.35 -15.86 38.66
CA MET D 94 3.92 -17.24 38.94
C MET D 94 2.57 -17.53 38.30
N LYS D 95 1.67 -16.54 38.32
CA LYS D 95 0.37 -16.70 37.68
C LYS D 95 0.54 -17.10 36.23
N SER D 96 1.62 -16.63 35.58
CA SER D 96 1.81 -17.01 34.19
C SER D 96 2.08 -18.50 34.05
N VAL D 97 2.69 -19.11 35.08
CA VAL D 97 2.96 -20.55 35.05
C VAL D 97 1.64 -21.28 35.22
N ILE D 98 0.80 -20.79 36.12
CA ILE D 98 -0.51 -21.39 36.32
C ILE D 98 -1.34 -21.30 35.03
N GLU D 99 -1.34 -20.14 34.39
CA GLU D 99 -2.09 -20.04 33.14
C GLU D 99 -1.53 -20.97 32.08
N GLY D 100 -0.19 -21.01 31.97
CA GLY D 100 0.43 -21.90 31.02
C GLY D 100 0.05 -23.35 31.24
N ALA D 101 0.10 -23.81 32.51
CA ALA D 101 -0.31 -25.18 32.84
C ALA D 101 -1.74 -25.43 32.41
N ARG D 102 -2.64 -24.49 32.70
CA ARG D 102 -4.05 -24.68 32.35
C ARG D 102 -4.22 -24.81 30.85
N SER D 103 -3.51 -24.00 30.07
CA SER D 103 -3.56 -24.11 28.63
C SER D 103 -3.17 -25.52 28.18
N ILE D 104 -2.09 -26.06 28.76
CA ILE D 104 -1.66 -27.41 28.33
C ILE D 104 -2.65 -28.47 28.79
N LEU D 105 -3.14 -28.36 30.03
CA LEU D 105 -4.12 -29.34 30.48
C LEU D 105 -5.43 -29.25 29.70
N ALA D 106 -5.79 -28.05 29.24
CA ALA D 106 -7.02 -27.88 28.47
C ALA D 106 -6.92 -28.48 27.06
N GLY D 107 -5.71 -28.79 26.60
CA GLY D 107 -5.48 -29.33 25.29
C GLY D 107 -5.10 -28.32 24.21
N ASP D 108 -4.91 -27.04 24.55
CA ASP D 108 -4.63 -26.04 23.53
C ASP D 108 -3.17 -25.90 23.17
N SER D 109 -2.25 -26.47 23.94
CA SER D 109 -0.84 -26.17 23.71
C SER D 109 -0.02 -27.31 24.31
N ASP D 110 1.23 -27.43 23.88
CA ASP D 110 2.15 -28.36 24.53
C ASP D 110 3.41 -27.73 25.10
N ILE D 111 3.80 -26.57 24.62
CA ILE D 111 4.94 -25.83 25.13
C ILE D 111 4.48 -24.39 25.33
N VAL D 112 4.60 -23.87 26.55
CA VAL D 112 4.31 -22.46 26.83
C VAL D 112 5.52 -21.82 27.53
N VAL D 113 5.95 -20.67 27.05
CA VAL D 113 6.93 -19.87 27.78
C VAL D 113 6.24 -19.01 28.81
N CYS D 114 6.71 -19.11 30.04
CA CYS D 114 6.12 -18.49 31.20
C CYS D 114 7.18 -17.54 31.78
N GLY D 115 6.78 -16.60 32.62
CA GLY D 115 7.81 -15.81 33.29
C GLY D 115 7.27 -14.42 33.65
N GLY D 116 8.17 -13.46 33.78
CA GLY D 116 7.74 -12.10 34.07
C GLY D 116 8.92 -11.14 34.10
N THR D 117 8.58 -9.85 34.05
CA THR D 117 9.67 -8.89 34.02
C THR D 117 9.13 -7.57 34.55
N GLU D 118 10.01 -6.79 35.17
CA GLU D 118 9.56 -5.51 35.69
C GLU D 118 10.76 -4.58 35.76
N ASN D 119 10.61 -3.39 35.20
CA ASN D 119 11.54 -2.31 35.46
C ASN D 119 10.77 -1.31 36.32
N MET D 120 10.95 -1.44 37.64
CA MET D 120 10.31 -0.47 38.54
C MET D 120 11.05 0.86 38.49
N SER D 121 12.36 0.85 38.18
CA SER D 121 13.08 2.10 38.05
C SER D 121 12.48 3.00 36.97
N ALA D 122 11.95 2.40 35.89
CA ALA D 122 11.51 3.18 34.74
C ALA D 122 10.02 3.50 34.74
N ALA D 123 9.27 3.03 35.72
CA ALA D 123 7.85 3.34 35.71
C ALA D 123 7.65 4.85 35.78
N PRO D 124 6.72 5.43 34.99
CA PRO D 124 6.59 6.89 34.94
C PRO D 124 5.75 7.56 36.02
N PHE D 125 5.72 8.89 35.97
CA PHE D 125 4.72 9.66 36.70
C PHE D 125 3.61 10.02 35.73
N ALA D 126 2.37 10.06 36.24
CA ALA D 126 1.21 10.30 35.38
C ALA D 126 0.42 11.52 35.85
N SER D 127 -0.24 12.18 34.92
CA SER D 127 -1.19 13.25 35.23
C SER D 127 -2.58 12.78 34.82
N MET D 128 -3.49 12.61 35.79
CA MET D 128 -4.84 12.18 35.41
C MET D 128 -5.68 13.36 34.88
N ASP D 129 -5.27 14.58 35.20
CA ASP D 129 -6.02 15.78 34.80
C ASP D 129 -5.65 16.31 33.42
N ALA D 130 -4.51 15.90 32.85
CA ALA D 130 -3.98 16.63 31.71
C ALA D 130 -4.82 16.44 30.43
N ARG D 131 -5.51 15.30 30.30
CA ARG D 131 -6.20 15.05 29.02
C ARG D 131 -7.35 16.02 28.78
N TRP D 132 -8.19 16.22 29.78
CA TRP D 132 -9.41 17.01 29.65
C TRP D 132 -9.32 18.31 30.44
N GLY D 133 -8.28 18.49 31.25
CA GLY D 133 -8.04 19.83 31.83
C GLY D 133 -8.12 19.85 33.35
N ALA D 134 -7.07 20.40 33.98
CA ALA D 134 -7.05 20.65 35.42
C ALA D 134 -7.91 21.83 35.82
N ARG D 135 -8.02 22.82 34.94
CA ARG D 135 -8.78 24.08 34.99
C ARG D 135 -8.37 25.07 36.07
N MET D 136 -8.07 24.62 37.29
CA MET D 136 -7.65 25.55 38.33
C MET D 136 -7.34 24.73 39.58
N GLY D 137 -6.36 25.16 40.36
CA GLY D 137 -5.99 24.42 41.55
C GLY D 137 -4.88 23.42 41.26
N ASP D 138 -3.91 23.31 42.18
CA ASP D 138 -2.82 22.34 42.08
C ASP D 138 -3.41 20.94 41.98
N LYS D 139 -2.70 20.08 41.24
CA LYS D 139 -3.12 18.71 41.01
C LYS D 139 -1.94 17.79 41.31
N LYS D 140 -2.16 16.50 41.19
CA LYS D 140 -1.21 15.47 41.60
C LYS D 140 -0.46 14.99 40.36
N LEU D 141 0.85 14.75 40.52
CA LEU D 141 1.62 13.92 39.59
C LEU D 141 1.79 12.56 40.27
N VAL D 142 1.13 11.55 39.73
CA VAL D 142 1.02 10.26 40.39
C VAL D 142 2.24 9.41 40.09
N ASP D 143 2.87 8.86 41.14
CA ASP D 143 3.92 7.84 40.98
C ASP D 143 3.24 6.50 40.61
N THR D 144 3.30 6.08 39.35
CA THR D 144 2.52 4.91 38.95
C THR D 144 3.11 3.64 39.55
N MET D 145 4.41 3.64 39.86
CA MET D 145 5.00 2.50 40.55
C MET D 145 4.37 2.28 41.91
N ILE D 146 4.20 3.35 42.70
CA ILE D 146 3.52 3.16 43.97
C ILE D 146 2.04 2.85 43.74
N LYS D 147 1.40 3.65 42.87
CA LYS D 147 -0.05 3.53 42.69
C LYS D 147 -0.44 2.16 42.18
N ASP D 148 0.24 1.68 41.15
CA ASP D 148 -0.15 0.43 40.50
C ASP D 148 0.58 -0.79 41.10
N GLY D 149 1.67 -0.58 41.85
CA GLY D 149 2.40 -1.72 42.37
C GLY D 149 2.21 -1.99 43.85
N LEU D 150 2.13 -0.92 44.66
CA LEU D 150 2.42 -0.99 46.09
C LEU D 150 1.34 -0.41 46.98
N TRP D 151 0.24 0.08 46.41
CA TRP D 151 -0.82 0.74 47.16
C TRP D 151 -2.06 -0.11 47.12
N ASP D 152 -2.73 -0.25 48.26
CA ASP D 152 -3.97 -0.98 48.25
C ASP D 152 -5.12 -0.14 47.72
N ALA D 153 -5.89 -0.71 46.75
CA ALA D 153 -7.00 0.00 46.10
C ALA D 153 -8.24 0.14 46.98
N TYR D 154 -8.42 -0.71 47.98
CA TYR D 154 -9.62 -0.76 48.81
C TYR D 154 -9.44 -0.01 50.12
N ASN D 155 -8.22 0.01 50.66
CA ASN D 155 -8.01 0.62 51.95
C ASN D 155 -7.17 1.89 51.89
N ASN D 156 -6.67 2.27 50.72
CA ASN D 156 -5.94 3.51 50.54
C ASN D 156 -4.75 3.62 51.50
N TYR D 157 -3.95 2.56 51.58
CA TYR D 157 -2.65 2.66 52.26
C TYR D 157 -1.71 1.63 51.63
N HIS D 158 -0.42 1.73 52.00
CA HIS D 158 0.68 1.01 51.38
C HIS D 158 0.65 -0.47 51.75
N MET D 159 1.30 -1.30 50.91
CA MET D 159 1.52 -2.68 51.31
C MET D 159 2.18 -2.77 52.68
N GLY D 160 3.13 -1.86 52.96
CA GLY D 160 3.84 -1.86 54.24
C GLY D 160 2.90 -1.72 55.43
N THR D 161 1.79 -1.00 55.23
CA THR D 161 0.77 -0.92 56.26
C THR D 161 -0.04 -2.19 56.34
N THR D 162 -0.30 -2.87 55.21
CA THR D 162 -0.88 -4.22 55.36
C THR D 162 0.03 -5.13 56.20
N ALA D 163 1.36 -4.94 56.13
CA ALA D 163 2.27 -5.81 56.90
C ALA D 163 2.18 -5.49 58.40
N GLU D 164 2.03 -4.21 58.75
CA GLU D 164 1.82 -3.83 60.14
C GLU D 164 0.52 -4.41 60.68
N ASN D 165 -0.51 -4.55 59.83
CA ASN D 165 -1.71 -5.26 60.25
C ASN D 165 -1.40 -6.69 60.62
N ILE D 166 -0.56 -7.36 59.82
CA ILE D 166 -0.16 -8.73 60.17
C ILE D 166 0.61 -8.75 61.49
N ASN D 167 1.53 -7.80 61.68
CA ASN D 167 2.29 -7.76 62.93
C ASN D 167 1.38 -7.67 64.14
N ASP D 168 0.30 -6.88 64.04
CA ASP D 168 -0.66 -6.72 65.13
C ASP D 168 -1.48 -8.00 65.34
N ILE D 169 -2.10 -8.54 64.28
CA ILE D 169 -2.90 -9.76 64.46
C ILE D 169 -2.03 -10.93 64.91
N TRP D 170 -0.92 -11.19 64.21
CA TRP D 170 -0.14 -12.40 64.49
C TRP D 170 0.81 -12.29 65.69
N GLY D 171 1.14 -11.07 66.13
CA GLY D 171 2.07 -10.95 67.24
C GLY D 171 3.52 -11.19 66.83
N ILE D 172 4.07 -10.28 66.04
CA ILE D 172 5.40 -10.44 65.48
C ILE D 172 6.21 -9.22 65.92
N THR D 173 7.23 -9.44 66.75
CA THR D 173 8.01 -8.33 67.25
C THR D 173 8.89 -7.74 66.15
N ARG D 174 9.27 -6.47 66.37
CA ARG D 174 10.31 -5.86 65.55
C ARG D 174 11.59 -6.71 65.56
N ARG D 175 11.95 -7.28 66.72
CA ARG D 175 13.17 -8.08 66.80
C ARG D 175 13.10 -9.30 65.90
N GLU D 176 11.99 -10.04 65.96
CA GLU D 176 11.87 -11.23 65.11
C GLU D 176 11.94 -10.85 63.62
N GLN D 177 11.34 -9.73 63.23
CA GLN D 177 11.42 -9.29 61.83
C GLN D 177 12.85 -8.94 61.45
N ASP D 178 13.63 -8.36 62.38
CA ASP D 178 15.02 -8.01 62.09
C ASP D 178 15.94 -9.24 62.06
N GLU D 179 15.72 -10.22 62.92
CA GLU D 179 16.48 -11.49 62.82
C GLU D 179 16.15 -12.23 61.52
N PHE D 180 14.90 -12.26 61.11
CA PHE D 180 14.55 -12.83 59.80
C PHE D 180 15.28 -12.09 58.67
N ALA D 181 15.25 -10.75 58.71
CA ALA D 181 15.90 -9.95 57.67
C ALA D 181 17.41 -10.15 57.65
N ALA D 182 18.06 -10.19 58.83
CA ALA D 182 19.49 -10.41 58.86
C ALA D 182 19.85 -11.81 58.34
N ALA D 183 19.03 -12.81 58.70
CA ALA D 183 19.29 -14.17 58.22
C ALA D 183 19.19 -14.24 56.70
N SER D 184 18.22 -13.53 56.12
CA SER D 184 18.10 -13.52 54.66
C SER D 184 19.37 -12.93 54.03
N GLN D 185 19.85 -11.81 54.58
CA GLN D 185 21.06 -11.17 54.05
C GLN D 185 22.29 -12.05 54.25
N GLN D 186 22.39 -12.68 55.42
CA GLN D 186 23.54 -13.56 55.68
C GLN D 186 23.54 -14.75 54.71
N LYS D 187 22.37 -15.37 54.49
CA LYS D 187 22.29 -16.48 53.53
C LYS D 187 22.64 -16.02 52.12
N THR D 188 22.13 -14.87 51.71
CA THR D 188 22.47 -14.37 50.38
C THR D 188 23.97 -14.09 50.25
N GLU D 189 24.60 -13.55 51.30
CA GLU D 189 26.04 -13.27 51.26
C GLU D 189 26.83 -14.55 51.06
N ALA D 190 26.48 -15.61 51.79
CA ALA D 190 27.20 -16.88 51.64
C ALA D 190 26.99 -17.47 50.25
N ALA D 191 25.76 -17.43 49.74
CA ALA D 191 25.47 -17.94 48.41
C ALA D 191 26.21 -17.15 47.32
N GLN D 192 26.31 -15.82 47.46
CA GLN D 192 27.10 -15.04 46.52
C GLN D 192 28.58 -15.38 46.61
N ALA D 193 29.14 -15.51 47.82
CA ALA D 193 30.56 -15.84 47.90
C ALA D 193 30.84 -17.22 47.32
N ALA D 194 29.86 -18.10 47.36
CA ALA D 194 30.00 -19.46 46.88
C ALA D 194 29.50 -19.62 45.43
N GLY D 195 29.09 -18.54 44.78
CA GLY D 195 28.66 -18.64 43.38
C GLY D 195 27.41 -19.49 43.19
N ARG D 196 26.54 -19.55 44.21
CA ARG D 196 25.37 -20.40 44.08
C ARG D 196 24.47 -19.95 42.93
N PHE D 197 24.40 -18.65 42.66
CA PHE D 197 23.49 -18.14 41.63
C PHE D 197 24.10 -18.22 40.24
N ASP D 198 25.36 -18.64 40.12
CA ASP D 198 26.02 -18.65 38.82
C ASP D 198 25.17 -19.36 37.77
N ASP D 199 24.71 -20.58 38.08
CA ASP D 199 23.95 -21.36 37.10
C ASP D 199 22.70 -20.64 36.62
N GLU D 200 21.96 -19.99 37.51
CA GLU D 200 20.64 -19.51 37.13
C GLU D 200 20.62 -18.11 36.50
N ILE D 201 21.69 -17.31 36.64
CA ILE D 201 21.70 -15.92 36.16
C ILE D 201 22.18 -15.90 34.72
N VAL D 202 21.53 -15.09 33.90
CA VAL D 202 22.00 -14.82 32.53
C VAL D 202 22.44 -13.37 32.47
N PRO D 203 23.61 -13.05 31.94
CA PRO D 203 24.03 -11.63 31.87
C PRO D 203 23.12 -10.81 30.96
N VAL D 204 22.95 -9.53 31.34
CA VAL D 204 22.29 -8.50 30.53
C VAL D 204 23.31 -7.41 30.24
N MET D 205 23.51 -7.07 28.96
CA MET D 205 24.44 -6.03 28.59
C MET D 205 23.85 -4.64 28.87
N ILE D 206 24.59 -3.81 29.60
CA ILE D 206 24.15 -2.49 30.02
C ILE D 206 25.20 -1.48 29.62
N LYS D 207 24.76 -0.23 29.40
CA LYS D 207 25.64 0.81 28.91
C LYS D 207 26.26 1.53 30.10
N VAL D 208 27.57 1.42 30.23
CA VAL D 208 28.30 2.11 31.30
C VAL D 208 29.40 2.93 30.64
N LYS D 209 29.44 4.23 30.95
CA LYS D 209 30.28 5.18 30.24
C LYS D 209 29.88 5.07 28.77
N LYS D 210 30.78 4.74 27.84
CA LYS D 210 30.43 4.54 26.44
C LYS D 210 30.52 3.08 26.01
N GLU D 211 30.56 2.13 26.97
CA GLU D 211 30.82 0.74 26.64
C GLU D 211 29.69 -0.16 27.12
N MET D 212 29.51 -1.27 26.41
CA MET D 212 28.60 -2.33 26.82
C MET D 212 29.30 -3.27 27.80
N VAL D 213 28.66 -3.50 28.94
CA VAL D 213 29.26 -4.23 30.06
C VAL D 213 28.27 -5.24 30.61
N PRO D 214 28.69 -6.46 30.93
CA PRO D 214 27.75 -7.48 31.42
C PRO D 214 27.36 -7.25 32.87
N PHE D 215 26.05 -7.27 33.12
CA PHE D 215 25.51 -7.17 34.46
C PHE D 215 25.02 -8.56 34.83
N ALA D 216 25.70 -9.19 35.79
CA ALA D 216 25.38 -10.59 36.09
C ALA D 216 25.49 -10.92 37.57
N LYS D 217 25.55 -9.94 38.46
CA LYS D 217 25.56 -10.17 39.91
C LYS D 217 24.47 -9.32 40.58
N ASP D 218 23.68 -9.95 41.43
CA ASP D 218 22.63 -9.20 42.12
C ASP D 218 23.26 -8.07 42.91
N GLU D 219 22.69 -6.86 42.77
CA GLU D 219 23.24 -5.59 43.24
C GLU D 219 22.76 -5.21 44.62
N TYR D 220 21.51 -5.55 44.91
CA TYR D 220 20.78 -5.17 46.11
C TYR D 220 21.29 -5.77 47.43
N PRO D 221 21.87 -6.98 47.49
CA PRO D 221 22.25 -7.53 48.80
C PRO D 221 23.25 -6.62 49.49
N LYS D 222 23.16 -6.61 50.82
CA LYS D 222 24.07 -5.87 51.68
C LYS D 222 24.88 -6.83 52.52
N ALA D 223 26.18 -6.58 52.60
CA ALA D 223 27.07 -7.42 53.36
C ALA D 223 27.08 -7.00 54.83
N GLY D 224 27.37 -7.95 55.72
CA GLY D 224 27.63 -7.63 57.11
C GLY D 224 26.42 -7.37 57.98
N VAL D 225 25.21 -7.64 57.48
CA VAL D 225 23.98 -7.28 58.18
C VAL D 225 23.78 -8.17 59.42
N THR D 226 23.54 -7.54 60.55
CA THR D 226 23.09 -8.24 61.74
C THR D 226 21.77 -7.63 62.22
N ALA D 227 21.05 -8.43 62.99
CA ALA D 227 19.84 -7.95 63.65
C ALA D 227 20.13 -6.66 64.41
N ASP D 228 21.31 -6.60 65.07
CA ASP D 228 21.68 -5.44 65.87
C ASP D 228 21.95 -4.21 65.00
N SER D 229 22.52 -4.40 63.81
CA SER D 229 22.83 -3.25 62.98
C SER D 229 21.58 -2.53 62.48
N ILE D 230 20.44 -3.20 62.41
CA ILE D 230 19.25 -2.57 61.84
C ILE D 230 18.21 -2.26 62.91
N ALA D 231 18.59 -2.38 64.18
CA ALA D 231 17.66 -2.23 65.29
C ALA D 231 17.24 -0.78 65.52
N LYS D 232 17.99 0.17 64.99
CA LYS D 232 17.71 1.57 65.24
C LYS D 232 17.12 2.30 64.05
N LEU D 233 16.86 1.62 62.94
CA LEU D 233 16.11 2.27 61.88
C LEU D 233 14.71 2.61 62.35
N LYS D 234 14.13 3.64 61.75
CA LYS D 234 12.79 4.05 62.11
C LYS D 234 11.78 3.37 61.19
N GLY D 235 10.56 3.21 61.71
CA GLY D 235 9.50 2.58 60.97
C GLY D 235 9.26 3.32 59.66
N ALA D 236 9.13 2.56 58.58
CA ALA D 236 8.92 3.10 57.24
C ALA D 236 7.46 3.34 56.90
N PHE D 237 6.52 2.82 57.70
CA PHE D 237 5.13 2.84 57.32
C PHE D 237 4.25 3.13 58.51
N PRO D 238 3.12 3.82 58.30
CA PRO D 238 2.15 3.96 59.38
C PRO D 238 1.50 2.63 59.71
N VAL D 239 1.15 2.45 61.00
CA VAL D 239 0.27 1.33 61.32
C VAL D 239 -1.13 1.61 60.75
N GLY D 240 -1.92 0.55 60.63
CA GLY D 240 -3.25 0.69 60.06
C GLY D 240 -4.19 1.48 60.95
N PRO D 241 -5.29 1.97 60.36
CA PRO D 241 -6.24 2.79 61.13
C PRO D 241 -6.88 2.07 62.30
N GLU D 242 -6.85 0.74 62.34
CA GLU D 242 -7.49 -0.03 63.40
C GLU D 242 -6.48 -0.61 64.39
N SER D 243 -5.20 -0.30 64.20
CA SER D 243 -4.14 -0.80 65.07
C SER D 243 -4.45 -0.47 66.53
N PRO D 244 -4.20 -1.40 67.46
CA PRO D 244 -3.55 -2.71 67.30
C PRO D 244 -4.50 -3.85 66.95
N ASN D 245 -5.78 -3.59 66.67
CA ASN D 245 -6.78 -4.64 66.51
C ASN D 245 -7.49 -4.47 65.17
N PRO D 246 -6.80 -4.72 64.06
CA PRO D 246 -7.46 -4.64 62.75
C PRO D 246 -8.61 -5.63 62.65
N VAL D 247 -9.68 -5.20 61.99
CA VAL D 247 -10.85 -6.02 61.74
C VAL D 247 -10.77 -6.51 60.30
N VAL D 248 -10.70 -7.83 60.10
CA VAL D 248 -10.46 -8.42 58.80
C VAL D 248 -11.49 -9.52 58.60
N VAL D 249 -11.72 -9.87 57.35
CA VAL D 249 -12.47 -11.08 57.02
C VAL D 249 -11.46 -12.20 56.86
N ASN D 250 -11.57 -13.24 57.70
CA ASN D 250 -10.66 -14.39 57.60
C ASN D 250 -11.19 -15.36 56.55
N THR D 251 -10.37 -15.70 55.56
CA THR D 251 -10.69 -16.78 54.63
C THR D 251 -9.99 -18.07 55.02
N PHE D 252 -9.24 -18.04 56.10
CA PHE D 252 -8.76 -19.25 56.76
C PHE D 252 -8.69 -18.93 58.25
N GLU D 253 -8.62 -19.96 59.06
CA GLU D 253 -8.50 -19.79 60.50
C GLU D 253 -7.03 -19.80 60.88
N PRO D 254 -6.49 -18.70 61.39
CA PRO D 254 -5.07 -18.68 61.77
C PRO D 254 -4.81 -19.52 63.02
N THR D 255 -3.65 -20.18 63.05
CA THR D 255 -3.17 -20.85 64.26
C THR D 255 -1.89 -20.23 64.80
N GLY D 256 -1.26 -19.33 64.07
CA GLY D 256 0.01 -18.76 64.44
C GLY D 256 0.01 -17.48 65.25
N CYS D 257 -1.13 -17.03 65.77
CA CYS D 257 -1.16 -15.73 66.47
C CYS D 257 -0.61 -15.88 67.88
N GLN D 258 0.33 -15.03 68.25
CA GLN D 258 0.84 -15.08 69.61
C GLN D 258 0.97 -13.68 70.19
N ASP D 259 1.26 -13.64 71.49
CA ASP D 259 1.39 -12.37 72.19
C ASP D 259 2.69 -11.70 71.79
N ALA D 260 2.67 -10.37 71.68
CA ALA D 260 3.87 -9.61 71.38
C ALA D 260 3.84 -8.33 72.21
N PRO D 261 5.00 -7.86 72.67
CA PRO D 261 5.01 -6.68 73.54
C PRO D 261 4.89 -5.34 72.81
N ASP D 262 5.12 -5.28 71.50
CA ASP D 262 5.19 -4.01 70.75
C ASP D 262 4.06 -3.85 69.73
N LYS D 263 2.87 -4.39 70.02
CA LYS D 263 1.75 -4.19 69.10
C LYS D 263 1.38 -2.72 69.02
N GLY D 264 0.80 -2.31 67.89
CA GLY D 264 0.41 -0.92 67.73
C GLY D 264 1.54 0.06 67.48
N THR D 265 2.76 -0.41 67.25
CA THR D 265 3.91 0.45 67.00
C THR D 265 4.49 0.17 65.62
N GLN D 266 5.35 1.07 65.17
CA GLN D 266 5.92 0.92 63.83
C GLN D 266 7.09 -0.08 63.88
N ARG D 267 6.97 -1.17 63.12
CA ARG D 267 7.95 -2.24 63.15
C ARG D 267 8.57 -2.54 61.80
N VAL D 268 7.83 -2.34 60.71
CA VAL D 268 8.37 -2.55 59.37
C VAL D 268 9.35 -1.42 59.04
N THR D 269 10.56 -1.80 58.61
CA THR D 269 11.58 -0.85 58.20
C THR D 269 12.03 -1.14 56.76
N ALA D 270 12.78 -0.19 56.17
CA ALA D 270 13.41 -0.49 54.88
C ALA D 270 14.31 -1.73 54.93
N ALA D 271 14.86 -2.10 56.11
CA ALA D 271 15.76 -3.25 56.21
C ALA D 271 15.06 -4.60 56.45
N ASN D 272 13.82 -4.61 56.93
CA ASN D 272 13.12 -5.89 57.06
C ASN D 272 11.95 -6.02 56.07
N ALA D 273 11.95 -5.18 55.04
CA ALA D 273 11.03 -5.23 53.91
C ALA D 273 11.83 -5.49 52.66
N SER D 274 11.14 -5.99 51.63
CA SER D 274 11.74 -6.16 50.32
C SER D 274 12.13 -4.81 49.74
N GLY D 275 12.97 -4.87 48.70
CA GLY D 275 13.32 -3.68 47.97
C GLY D 275 12.36 -3.43 46.83
N ILE D 276 12.64 -2.32 46.13
CA ILE D 276 12.06 -1.95 44.84
C ILE D 276 13.16 -2.19 43.80
N ASN D 277 12.88 -3.02 42.79
CA ASN D 277 13.96 -3.58 41.98
C ASN D 277 13.51 -3.86 40.54
N ASP D 278 14.51 -4.09 39.68
CA ASP D 278 14.35 -4.39 38.25
C ASP D 278 14.89 -5.80 37.95
N GLY D 279 14.19 -6.56 37.13
CA GLY D 279 14.69 -7.87 36.72
C GLY D 279 13.63 -8.64 35.94
N ALA D 280 14.03 -9.83 35.50
CA ALA D 280 13.15 -10.70 34.71
C ALA D 280 13.53 -12.15 34.98
N ALA D 281 12.58 -13.04 34.69
CA ALA D 281 12.83 -14.47 34.77
C ALA D 281 11.92 -15.16 33.76
N ALA D 282 12.41 -16.26 33.18
CA ALA D 282 11.64 -17.02 32.21
C ALA D 282 11.68 -18.52 32.49
N ILE D 283 10.57 -19.18 32.13
CA ILE D 283 10.35 -20.58 32.46
C ILE D 283 9.76 -21.25 31.23
N VAL D 284 10.35 -22.37 30.81
CA VAL D 284 9.84 -23.13 29.67
C VAL D 284 9.02 -24.31 30.19
N LEU D 285 7.72 -24.29 29.91
CA LEU D 285 6.79 -25.29 30.42
C LEU D 285 6.35 -26.21 29.28
N ALA D 286 6.40 -27.53 29.51
CA ALA D 286 6.07 -28.47 28.44
C ALA D 286 5.32 -29.68 28.97
N SER D 287 4.45 -30.23 28.11
CA SER D 287 3.77 -31.46 28.37
C SER D 287 4.75 -32.64 28.27
N GLY D 288 4.37 -33.77 28.86
CA GLY D 288 5.19 -34.98 28.69
C GLY D 288 5.33 -35.39 27.24
N GLU D 289 4.28 -35.15 26.42
CA GLU D 289 4.35 -35.49 25.00
C GLU D 289 5.41 -34.68 24.29
N ALA D 290 5.44 -33.37 24.56
CA ALA D 290 6.48 -32.50 24.01
C ALA D 290 7.87 -32.91 24.50
N VAL D 291 8.03 -33.24 25.78
CA VAL D 291 9.31 -33.75 26.26
C VAL D 291 9.73 -34.99 25.47
N ALA D 292 8.84 -35.97 25.31
CA ALA D 292 9.15 -37.16 24.52
C ALA D 292 9.37 -36.82 23.05
N LYS D 293 8.53 -35.94 22.49
CA LYS D 293 8.66 -35.61 21.07
C LYS D 293 10.01 -35.00 20.76
N TYR D 294 10.45 -34.04 21.57
CA TYR D 294 11.67 -33.34 21.22
C TYR D 294 12.89 -33.83 21.97
N GLY D 295 12.80 -34.95 22.70
CA GLY D 295 13.92 -35.45 23.47
C GLY D 295 14.40 -34.45 24.51
N LEU D 296 13.48 -33.72 25.12
CA LEU D 296 13.89 -32.72 26.09
C LEU D 296 14.35 -33.38 27.39
N LYS D 297 15.17 -32.63 28.14
CA LYS D 297 15.74 -33.07 29.42
C LYS D 297 15.28 -32.08 30.49
N PRO D 298 14.10 -32.28 31.07
CA PRO D 298 13.53 -31.25 31.95
C PRO D 298 14.16 -31.26 33.34
N MET D 299 14.05 -30.11 34.00
CA MET D 299 14.57 -29.97 35.36
C MET D 299 13.63 -30.62 36.37
N ALA D 300 12.32 -30.42 36.20
CA ALA D 300 11.38 -30.79 37.26
C ALA D 300 9.99 -30.98 36.66
N LYS D 301 9.19 -31.74 37.38
CA LYS D 301 7.80 -31.95 37.05
C LYS D 301 6.96 -31.06 37.96
N LEU D 302 5.97 -30.38 37.36
CA LEU D 302 5.04 -29.52 38.09
C LEU D 302 3.84 -30.39 38.52
N ILE D 303 3.79 -30.73 39.81
CA ILE D 303 2.80 -31.69 40.29
C ILE D 303 1.64 -31.03 41.03
N GLY D 304 1.71 -29.73 41.29
CA GLY D 304 0.55 -29.05 41.81
C GLY D 304 0.72 -27.56 41.72
N TRP D 305 -0.41 -26.86 41.82
CA TRP D 305 -0.41 -25.41 41.85
C TRP D 305 -1.71 -24.97 42.49
N GLY D 306 -1.78 -23.70 42.94
CA GLY D 306 -2.96 -23.24 43.64
C GLY D 306 -2.95 -21.73 43.78
N GLN D 307 -4.12 -21.20 44.14
CA GLN D 307 -4.33 -19.77 44.33
C GLN D 307 -5.19 -19.59 45.56
N GLY D 308 -5.21 -18.37 46.07
CA GLY D 308 -6.02 -18.14 47.25
C GLY D 308 -6.29 -16.66 47.36
N GLY D 309 -7.37 -16.32 48.06
CA GLY D 309 -7.71 -14.94 48.34
C GLY D 309 -7.84 -14.75 49.85
N VAL D 310 -7.39 -13.59 50.34
CA VAL D 310 -7.58 -13.21 51.73
C VAL D 310 -8.10 -11.77 51.77
N ASP D 311 -8.33 -11.27 52.96
CA ASP D 311 -8.62 -9.84 53.11
C ASP D 311 -7.46 -9.01 52.60
N PRO D 312 -7.70 -7.99 51.73
CA PRO D 312 -6.60 -7.10 51.33
C PRO D 312 -5.87 -6.48 52.51
N LYS D 313 -6.55 -6.24 53.62
CA LYS D 313 -5.89 -5.67 54.78
C LYS D 313 -4.71 -6.52 55.23
N ILE D 314 -4.76 -7.84 54.95
CA ILE D 314 -3.72 -8.74 55.41
C ILE D 314 -3.21 -9.55 54.24
N MET D 315 -3.06 -8.89 53.10
CA MET D 315 -2.69 -9.60 51.88
C MET D 315 -1.48 -10.51 52.05
N GLY D 316 -0.55 -10.17 52.97
CA GLY D 316 0.67 -10.93 53.13
C GLY D 316 0.47 -12.42 53.46
N VAL D 317 -0.70 -12.82 53.97
CA VAL D 317 -0.90 -14.24 54.27
C VAL D 317 -1.65 -14.97 53.15
N GLY D 318 -1.77 -14.37 51.95
CA GLY D 318 -2.31 -15.09 50.81
C GLY D 318 -1.67 -16.44 50.54
N PRO D 319 -0.36 -16.59 50.76
CA PRO D 319 0.29 -17.88 50.46
C PRO D 319 -0.23 -19.03 51.30
N VAL D 320 -0.84 -18.76 52.45
CA VAL D 320 -1.30 -19.88 53.28
C VAL D 320 -2.39 -20.64 52.54
N VAL D 321 -3.36 -19.91 51.96
CA VAL D 321 -4.43 -20.55 51.21
C VAL D 321 -3.88 -21.17 49.94
N ALA D 322 -3.05 -20.41 49.22
CA ALA D 322 -2.59 -20.90 47.93
C ALA D 322 -1.72 -22.14 48.07
N SER D 323 -0.86 -22.17 49.08
CA SER D 323 0.04 -23.31 49.23
C SER D 323 -0.72 -24.53 49.67
N ARG D 324 -1.76 -24.34 50.50
CA ARG D 324 -2.58 -25.48 50.88
C ARG D 324 -3.30 -26.08 49.68
N ASN D 325 -3.83 -25.21 48.79
CA ASN D 325 -4.47 -25.72 47.59
C ASN D 325 -3.49 -26.47 46.71
N ALA D 326 -2.28 -25.94 46.52
CA ALA D 326 -1.29 -26.58 45.65
C ALA D 326 -0.79 -27.89 46.23
N MET D 327 -0.51 -27.92 47.53
CA MET D 327 -0.08 -29.19 48.13
C MET D 327 -1.18 -30.24 48.02
N LYS D 328 -2.44 -29.83 48.18
CA LYS D 328 -3.54 -30.80 48.14
C LYS D 328 -3.67 -31.41 46.75
N LYS D 329 -3.61 -30.55 45.72
CA LYS D 329 -3.60 -31.00 44.34
C LYS D 329 -2.41 -31.92 44.07
N ALA D 330 -1.25 -31.59 44.64
CA ALA D 330 -0.08 -32.43 44.54
C ALA D 330 -0.18 -33.68 45.41
N GLY D 331 -1.19 -33.77 46.28
CA GLY D 331 -1.27 -34.91 47.17
C GLY D 331 -0.06 -35.03 48.07
N VAL D 332 0.45 -33.91 48.58
CA VAL D 332 1.53 -33.88 49.57
C VAL D 332 1.12 -32.99 50.72
N THR D 333 1.88 -33.08 51.81
CA THR D 333 1.86 -32.15 52.94
C THR D 333 3.22 -31.49 53.07
N ILE D 334 3.30 -30.49 53.94
CA ILE D 334 4.52 -29.71 54.05
C ILE D 334 5.68 -30.60 54.45
N ASP D 335 5.37 -31.73 55.08
CA ASP D 335 6.39 -32.65 55.55
C ASP D 335 7.09 -33.34 54.38
N ASP D 336 6.43 -33.42 53.23
CA ASP D 336 7.05 -33.99 52.04
C ASP D 336 7.92 -33.01 51.29
N ILE D 337 7.82 -31.72 51.57
CA ILE D 337 8.58 -30.71 50.83
C ILE D 337 9.99 -30.58 51.40
N ASP D 338 11.00 -30.63 50.52
CA ASP D 338 12.41 -30.57 50.92
C ASP D 338 13.04 -29.19 50.83
N LEU D 339 12.59 -28.33 49.90
CA LEU D 339 13.01 -26.94 49.81
C LEU D 339 11.83 -26.04 49.55
N ILE D 340 11.90 -24.81 50.07
CA ILE D 340 10.83 -23.85 50.00
C ILE D 340 11.38 -22.49 49.59
N GLU D 341 10.80 -21.90 48.53
CA GLU D 341 11.06 -20.51 48.18
C GLU D 341 9.77 -19.75 48.48
N ALA D 342 9.68 -19.07 49.61
CA ALA D 342 8.52 -18.23 49.87
C ALA D 342 8.96 -16.78 49.87
N ASN D 343 8.37 -15.95 48.99
CA ASN D 343 8.95 -14.65 48.71
C ASN D 343 8.93 -13.77 49.96
N GLU D 344 9.99 -12.99 50.14
CA GLU D 344 10.06 -12.10 51.30
C GLU D 344 9.57 -10.69 50.93
N ALA D 345 8.26 -10.57 50.80
CA ALA D 345 7.69 -9.25 50.60
C ALA D 345 7.95 -8.37 51.82
N PHE D 346 7.72 -8.92 53.01
CA PHE D 346 8.07 -8.30 54.30
C PHE D 346 8.40 -9.41 55.30
N ALA D 347 9.38 -9.18 56.19
CA ALA D 347 9.60 -10.20 57.21
C ALA D 347 8.31 -10.47 57.99
N ALA D 348 7.50 -9.44 58.17
CA ALA D 348 6.22 -9.56 58.85
C ALA D 348 5.33 -10.63 58.22
N GLN D 349 5.09 -10.54 56.91
CA GLN D 349 4.20 -11.54 56.32
C GLN D 349 4.91 -12.88 56.12
N SER D 350 6.23 -12.87 55.87
CA SER D 350 6.95 -14.12 55.73
C SER D 350 6.91 -14.94 57.02
N ILE D 351 7.12 -14.27 58.17
CA ILE D 351 7.02 -14.98 59.44
C ILE D 351 5.61 -15.56 59.63
N ALA D 352 4.57 -14.76 59.35
CA ALA D 352 3.20 -15.22 59.56
C ALA D 352 2.89 -16.45 58.69
N VAL D 353 3.27 -16.39 57.41
CA VAL D 353 3.03 -17.53 56.53
C VAL D 353 3.76 -18.76 57.07
N ALA D 354 5.00 -18.58 57.57
CA ALA D 354 5.80 -19.72 58.04
C ALA D 354 5.16 -20.36 59.28
N ARG D 355 4.59 -19.54 60.18
CA ARG D 355 3.87 -20.08 61.33
C ARG D 355 2.63 -20.87 60.90
N GLU D 356 1.85 -20.33 59.96
CA GLU D 356 0.61 -21.01 59.57
C GLU D 356 0.90 -22.32 58.83
N LEU D 357 1.94 -22.36 58.02
CA LEU D 357 2.23 -23.51 57.17
C LEU D 357 3.25 -24.47 57.77
N HIS D 358 3.79 -24.16 58.95
CA HIS D 358 4.71 -25.05 59.66
C HIS D 358 5.98 -25.28 58.87
N PHE D 359 6.48 -24.20 58.29
CA PHE D 359 7.75 -24.22 57.60
C PHE D 359 8.86 -24.59 58.55
N ASP D 360 9.62 -25.61 58.20
CA ASP D 360 10.95 -25.79 58.78
C ASP D 360 11.89 -24.76 58.14
N MET D 361 12.32 -23.77 58.94
CA MET D 361 13.05 -22.62 58.38
C MET D 361 14.41 -23.01 57.82
N SER D 362 14.98 -24.14 58.24
CA SER D 362 16.25 -24.57 57.65
C SER D 362 16.11 -24.88 56.17
N LYS D 363 14.89 -25.10 55.67
CA LYS D 363 14.61 -25.37 54.27
C LYS D 363 14.07 -24.17 53.50
N VAL D 364 13.89 -23.00 54.14
CA VAL D 364 13.24 -21.86 53.50
C VAL D 364 14.28 -20.87 53.01
N ASN D 365 14.16 -20.47 51.74
CA ASN D 365 15.02 -19.47 51.10
C ASN D 365 16.49 -19.66 51.47
N VAL D 366 17.02 -20.84 51.14
CA VAL D 366 18.31 -21.29 51.70
C VAL D 366 19.47 -20.50 51.13
N ASN D 367 19.26 -19.85 49.98
CA ASN D 367 20.20 -18.87 49.45
C ASN D 367 19.77 -17.43 49.74
N GLY D 368 18.85 -17.22 50.67
CA GLY D 368 18.35 -15.89 50.94
C GLY D 368 17.16 -15.54 50.06
N GLY D 369 16.51 -14.44 50.41
CA GLY D 369 15.32 -14.05 49.68
C GLY D 369 15.25 -12.56 49.38
N ALA D 370 14.03 -12.07 49.11
CA ALA D 370 13.85 -10.77 48.43
C ALA D 370 14.28 -9.58 49.30
N ILE D 371 14.37 -9.74 50.62
CA ILE D 371 14.92 -8.67 51.46
C ILE D 371 16.36 -8.35 51.06
N ALA D 372 17.16 -9.39 50.80
CA ALA D 372 18.50 -9.22 50.26
C ALA D 372 18.52 -9.04 48.73
N LEU D 373 17.80 -9.90 48.01
CA LEU D 373 17.95 -10.02 46.55
C LEU D 373 17.19 -8.94 45.78
N GLY D 374 16.09 -8.42 46.32
CA GLY D 374 15.25 -7.48 45.62
C GLY D 374 13.98 -8.14 45.11
N HIS D 375 13.00 -7.29 44.78
CA HIS D 375 11.64 -7.72 44.45
C HIS D 375 11.05 -6.93 43.26
N PRO D 376 11.47 -7.25 42.02
CA PRO D 376 10.83 -6.65 40.83
C PRO D 376 9.48 -7.30 40.59
N VAL D 377 8.41 -6.55 40.84
CA VAL D 377 7.16 -7.17 41.30
C VAL D 377 6.60 -8.15 40.25
N GLY D 378 6.55 -7.75 38.98
CA GLY D 378 5.92 -8.63 37.99
C GLY D 378 6.73 -9.89 37.66
N ALA D 379 7.97 -9.99 38.17
CA ALA D 379 8.87 -11.07 37.85
C ALA D 379 9.16 -11.99 39.02
N SER D 380 9.00 -11.51 40.25
CA SER D 380 9.48 -12.29 41.38
C SER D 380 8.82 -13.65 41.43
N GLY D 381 7.53 -13.73 41.03
CA GLY D 381 6.81 -14.98 41.10
C GLY D 381 7.46 -16.06 40.25
N ALA D 382 8.04 -15.68 39.11
CA ALA D 382 8.88 -16.57 38.33
C ALA D 382 10.32 -16.67 38.87
N ARG D 383 10.86 -15.58 39.38
CA ARG D 383 12.24 -15.57 39.87
C ARG D 383 12.44 -16.59 41.00
N ILE D 384 11.49 -16.65 41.95
CA ILE D 384 11.70 -17.60 43.04
C ILE D 384 11.61 -19.04 42.56
N ILE D 385 10.88 -19.28 41.45
CA ILE D 385 10.84 -20.64 40.89
C ILE D 385 12.20 -20.99 40.34
N VAL D 386 12.82 -20.04 39.63
CA VAL D 386 14.16 -20.22 39.09
C VAL D 386 15.14 -20.57 40.21
N THR D 387 15.13 -19.79 41.30
CA THR D 387 16.04 -20.03 42.42
C THR D 387 15.79 -21.40 43.06
N LEU D 388 14.51 -21.74 43.27
CA LEU D 388 14.16 -23.04 43.86
C LEU D 388 14.69 -24.19 43.01
N LEU D 389 14.39 -24.16 41.71
CA LEU D 389 14.67 -25.32 40.88
C LEU D 389 16.17 -25.54 40.75
N HIS D 390 16.95 -24.46 40.67
CA HIS D 390 18.39 -24.63 40.55
C HIS D 390 19.01 -25.08 41.86
N GLU D 391 18.48 -24.62 42.99
CA GLU D 391 19.01 -25.12 44.25
C GLU D 391 18.63 -26.59 44.46
N MET D 392 17.44 -26.99 43.98
CA MET D 392 16.99 -28.38 44.13
C MET D 392 17.97 -29.30 43.40
N GLN D 393 18.44 -28.83 42.24
CA GLN D 393 19.41 -29.59 41.46
C GLN D 393 20.72 -29.77 42.20
N LYS D 394 21.06 -28.88 43.11
CA LYS D 394 22.34 -29.01 43.79
C LYS D 394 22.27 -29.90 45.03
N ARG D 395 21.07 -30.21 45.53
CA ARG D 395 20.94 -30.99 46.76
C ARG D 395 20.42 -32.38 46.46
N PRO D 396 21.23 -33.42 46.60
CA PRO D 396 20.75 -34.80 46.30
C PRO D 396 19.47 -35.17 47.04
N GLU D 397 19.26 -34.66 48.26
CA GLU D 397 18.11 -35.01 49.08
C GLU D 397 16.86 -34.19 48.79
N ALA D 398 16.93 -33.17 47.91
CA ALA D 398 15.80 -32.28 47.65
C ALA D 398 14.97 -32.81 46.48
N LYS D 399 13.92 -33.57 46.79
CA LYS D 399 13.09 -34.21 45.78
C LYS D 399 11.87 -33.39 45.42
N LYS D 400 11.30 -32.70 46.40
CA LYS D 400 10.07 -31.94 46.24
C LYS D 400 10.25 -30.53 46.80
N GLY D 401 9.73 -29.55 46.07
CA GLY D 401 9.89 -28.17 46.45
C GLY D 401 8.58 -27.41 46.31
N LEU D 402 8.50 -26.29 47.06
CA LEU D 402 7.33 -25.43 47.09
C LEU D 402 7.80 -24.01 46.85
N ALA D 403 7.14 -23.29 45.92
CA ALA D 403 7.34 -21.84 45.77
C ALA D 403 6.01 -21.13 45.96
N THR D 404 6.02 -19.99 46.65
CA THR D 404 4.77 -19.30 46.93
C THR D 404 5.06 -17.84 47.24
N LEU D 405 4.07 -16.98 46.99
CA LEU D 405 4.23 -15.56 47.34
C LEU D 405 2.88 -14.88 47.50
N CYS D 406 2.88 -13.76 48.25
CA CYS D 406 1.66 -12.99 48.54
C CYS D 406 1.46 -11.97 47.46
N ILE D 407 0.25 -11.41 47.41
CA ILE D 407 -0.16 -10.58 46.26
C ILE D 407 -1.01 -9.43 46.77
N GLY D 408 -0.66 -8.21 46.41
CA GLY D 408 -1.44 -7.07 46.86
C GLY D 408 -2.88 -7.19 46.38
N GLY D 409 -3.81 -6.71 47.19
CA GLY D 409 -5.20 -6.95 46.93
C GLY D 409 -5.72 -8.21 47.58
N GLY D 410 -4.84 -8.98 48.23
CA GLY D 410 -5.29 -10.06 49.08
C GLY D 410 -5.33 -11.41 48.39
N MET D 411 -4.24 -11.86 47.78
CA MET D 411 -4.24 -13.17 47.12
C MET D 411 -2.89 -13.81 47.31
N GLY D 412 -2.77 -15.04 46.81
CA GLY D 412 -1.49 -15.71 46.71
C GLY D 412 -1.54 -16.75 45.63
N THR D 413 -0.36 -17.18 45.21
CA THR D 413 -0.21 -18.30 44.29
C THR D 413 0.89 -19.20 44.84
N ALA D 414 0.83 -20.47 44.44
CA ALA D 414 1.84 -21.43 44.85
C ALA D 414 1.97 -22.50 43.79
N VAL D 415 3.16 -23.12 43.72
CA VAL D 415 3.44 -24.23 42.82
C VAL D 415 4.27 -25.26 43.56
N VAL D 416 4.09 -26.54 43.18
CA VAL D 416 4.80 -27.64 43.81
C VAL D 416 5.49 -28.44 42.74
N PHE D 417 6.77 -28.74 42.97
CA PHE D 417 7.66 -29.34 41.98
C PHE D 417 8.24 -30.65 42.49
N GLU D 418 8.43 -31.58 41.57
CA GLU D 418 9.13 -32.82 41.85
C GLU D 418 10.32 -32.88 40.91
N LYS D 419 11.52 -32.99 41.47
CA LYS D 419 12.72 -32.95 40.65
C LYS D 419 12.77 -34.17 39.73
N CYS D 420 13.19 -33.97 38.47
CA CYS D 420 13.38 -35.07 37.54
C CYS D 420 14.73 -35.73 37.77
N LEU D 421 14.76 -37.04 37.78
CA LEU D 421 16.02 -37.74 37.94
C LEU D 421 16.48 -38.25 36.59
N GLU D 422 17.79 -38.17 36.36
CA GLU D 422 18.34 -38.69 35.11
C GLU D 422 18.04 -40.18 34.99
N HIS D 423 17.97 -40.65 33.75
CA HIS D 423 17.72 -42.07 33.51
C HIS D 423 18.99 -42.87 33.74
N HIS D 424 18.83 -44.19 33.76
CA HIS D 424 19.98 -45.08 33.93
C HIS D 424 20.63 -45.34 32.58
N HIS D 425 21.93 -45.64 32.60
CA HIS D 425 22.69 -45.85 31.36
C HIS D 425 23.33 -47.24 31.34
N MET E 3 12.39 33.00 -15.39
CA MET E 3 13.76 32.85 -15.86
C MET E 3 13.81 32.17 -17.25
N LYS E 4 12.75 31.43 -17.60
CA LYS E 4 12.58 30.74 -18.88
C LYS E 4 13.60 29.62 -19.08
N ASP E 5 14.51 29.42 -18.15
CA ASP E 5 15.42 28.28 -18.21
C ASP E 5 14.66 27.00 -17.88
N LEU E 6 15.24 25.86 -18.26
CA LEU E 6 14.58 24.56 -18.13
C LEU E 6 15.47 23.64 -17.29
N TYR E 7 14.86 22.87 -16.36
CA TYR E 7 15.60 22.05 -15.40
C TYR E 7 15.01 20.65 -15.31
N VAL E 8 15.90 19.66 -15.22
CA VAL E 8 15.54 18.34 -14.73
C VAL E 8 15.62 18.42 -13.21
N VAL E 9 14.47 18.32 -12.56
CA VAL E 9 14.45 18.38 -11.11
C VAL E 9 15.01 17.10 -10.53
N ASN E 10 14.53 15.96 -11.01
CA ASN E 10 14.98 14.66 -10.56
C ASN E 10 14.48 13.65 -11.56
N CYS E 11 14.97 12.42 -11.43
CA CYS E 11 14.71 11.35 -12.37
C CYS E 11 15.17 10.05 -11.76
N CYS E 12 14.70 8.94 -12.36
CA CYS E 12 15.05 7.60 -11.89
C CYS E 12 14.63 6.58 -12.94
N ARG E 13 15.00 5.33 -12.71
CA ARG E 13 14.78 4.29 -13.71
C ARG E 13 14.58 2.95 -13.02
N THR E 14 13.96 2.02 -13.74
CA THR E 14 13.98 0.64 -13.29
C THR E 14 15.35 0.04 -13.59
N ALA E 15 15.68 -1.01 -12.85
CA ALA E 15 16.66 -1.98 -13.35
C ALA E 15 16.15 -2.53 -14.67
N ILE E 16 17.07 -2.97 -15.52
CA ILE E 16 16.68 -3.44 -16.85
C ILE E 16 16.62 -4.96 -16.88
N GLY E 17 15.50 -5.49 -17.35
CA GLY E 17 15.29 -6.93 -17.41
C GLY E 17 15.71 -7.52 -18.75
N SER E 18 16.08 -8.78 -18.70
CA SER E 18 16.41 -9.57 -19.88
C SER E 18 15.15 -9.97 -20.62
N PHE E 19 15.31 -10.21 -21.91
CA PHE E 19 14.21 -10.69 -22.75
C PHE E 19 13.65 -11.97 -22.15
N GLY E 20 12.36 -11.97 -21.84
CA GLY E 20 11.80 -13.15 -21.17
C GLY E 20 12.21 -13.30 -19.72
N GLY E 21 12.78 -12.25 -19.12
CA GLY E 21 13.39 -12.31 -17.79
C GLY E 21 12.44 -11.79 -16.72
N SER E 22 13.00 -11.01 -15.78
CA SER E 22 12.33 -10.73 -14.52
C SER E 22 11.13 -9.79 -14.65
N LEU E 23 11.16 -8.87 -15.60
CA LEU E 23 10.06 -7.92 -15.79
C LEU E 23 9.06 -8.40 -16.85
N LYS E 24 9.22 -9.65 -17.36
CA LYS E 24 8.35 -10.05 -18.47
C LYS E 24 6.89 -9.95 -18.10
N ASN E 25 6.55 -10.12 -16.83
CA ASN E 25 5.15 -10.11 -16.43
C ASN E 25 4.69 -8.76 -15.87
N THR E 26 5.55 -7.72 -15.94
CA THR E 26 5.22 -6.37 -15.49
C THR E 26 4.90 -5.52 -16.71
N PRO E 27 3.62 -5.16 -16.96
CA PRO E 27 3.27 -4.37 -18.18
C PRO E 27 4.03 -3.06 -18.26
N ALA E 28 4.23 -2.60 -19.50
CA ALA E 28 4.91 -1.31 -19.68
C ALA E 28 4.27 -0.21 -18.83
N ALA E 29 2.93 -0.13 -18.78
CA ALA E 29 2.31 0.94 -18.01
C ALA E 29 2.62 0.82 -16.53
N GLU E 30 2.80 -0.39 -16.03
CA GLU E 30 3.11 -0.54 -14.61
C GLU E 30 4.55 -0.13 -14.31
N MET E 31 5.51 -0.52 -15.17
CA MET E 31 6.86 -0.05 -14.93
C MET E 31 6.95 1.47 -15.01
N GLY E 32 6.29 2.07 -16.00
CA GLY E 32 6.29 3.52 -16.09
C GLY E 32 5.75 4.17 -14.83
N ALA E 33 4.68 3.61 -14.29
CA ALA E 33 4.01 4.24 -13.16
C ALA E 33 4.96 4.29 -11.97
N VAL E 34 5.76 3.23 -11.80
CA VAL E 34 6.69 3.11 -10.69
C VAL E 34 7.75 4.20 -10.80
N VAL E 35 8.30 4.41 -11.99
CA VAL E 35 9.36 5.40 -12.01
C VAL E 35 8.77 6.82 -11.98
N VAL E 36 7.53 7.02 -12.45
CA VAL E 36 6.94 8.37 -12.41
C VAL E 36 6.60 8.78 -10.99
N LYS E 37 5.93 7.88 -10.25
CA LYS E 37 5.66 8.13 -8.84
C LYS E 37 6.94 8.49 -8.11
N GLU E 38 7.98 7.65 -8.27
CA GLU E 38 9.21 7.82 -7.51
C GLU E 38 9.92 9.10 -7.90
N ALA E 39 9.96 9.40 -9.21
CA ALA E 39 10.66 10.60 -9.66
C ALA E 39 9.98 11.86 -9.16
N LEU E 40 8.65 11.87 -9.17
CA LEU E 40 7.92 12.98 -8.58
C LEU E 40 8.22 13.09 -7.08
N LYS E 41 8.20 11.96 -6.38
CA LYS E 41 8.49 12.00 -4.94
C LYS E 41 9.90 12.51 -4.69
N ARG E 42 10.90 12.00 -5.42
CA ARG E 42 12.25 12.52 -5.24
C ARG E 42 12.33 14.00 -5.61
N ALA E 43 11.63 14.42 -6.67
CA ALA E 43 11.65 15.82 -7.06
C ALA E 43 10.94 16.73 -6.09
N ASN E 44 10.21 16.16 -5.12
CA ASN E 44 9.32 16.92 -4.25
C ASN E 44 8.29 17.74 -5.04
N VAL E 45 7.72 17.11 -6.08
CA VAL E 45 6.66 17.71 -6.89
C VAL E 45 5.37 16.95 -6.63
N ALA E 46 4.34 17.64 -6.18
CA ALA E 46 3.04 17.03 -5.98
C ALA E 46 2.46 16.60 -7.33
N PRO E 47 1.83 15.44 -7.41
CA PRO E 47 1.29 14.99 -8.70
C PRO E 47 0.28 15.98 -9.27
N GLU E 48 -0.52 16.59 -8.40
CA GLU E 48 -1.55 17.56 -8.80
C GLU E 48 -0.97 18.80 -9.44
N ASN E 49 0.33 19.03 -9.28
CA ASN E 49 1.04 20.15 -9.88
C ASN E 49 1.68 19.82 -11.23
N VAL E 50 1.58 18.58 -11.72
CA VAL E 50 2.07 18.26 -13.05
C VAL E 50 1.10 18.79 -14.11
N ASP E 51 1.63 19.38 -15.17
CA ASP E 51 0.81 19.96 -16.24
C ASP E 51 0.48 18.97 -17.35
N GLU E 52 1.42 18.08 -17.68
CA GLU E 52 1.22 17.06 -18.70
C GLU E 52 2.28 16.00 -18.49
N LEU E 53 1.95 14.76 -18.86
CA LEU E 53 2.94 13.69 -18.89
C LEU E 53 3.12 13.26 -20.34
N MET E 54 4.35 13.24 -20.81
CA MET E 54 4.64 12.68 -22.13
C MET E 54 5.61 11.50 -22.00
N PHE E 55 5.24 10.37 -22.59
CA PHE E 55 5.97 9.11 -22.33
C PHE E 55 6.22 8.35 -23.62
N GLY E 56 7.49 7.95 -23.81
CA GLY E 56 7.86 7.11 -24.95
C GLY E 56 7.36 5.69 -24.72
N CYS E 57 6.81 5.09 -25.77
CA CYS E 57 6.52 3.64 -25.77
C CYS E 57 6.15 3.27 -27.21
N ILE E 58 6.76 2.23 -27.81
CA ILE E 58 6.48 1.98 -29.24
C ILE E 58 5.85 0.62 -29.50
N LEU E 59 6.01 -0.37 -28.62
CA LEU E 59 5.38 -1.70 -28.83
C LEU E 59 4.07 -1.70 -28.07
N THR E 60 3.15 -0.87 -28.57
CA THR E 60 1.90 -0.61 -27.87
C THR E 60 0.81 -1.60 -28.24
N SER E 61 1.10 -2.56 -29.10
CA SER E 61 0.10 -3.52 -29.52
C SER E 61 -0.57 -4.23 -28.35
N ALA E 62 -1.90 -4.06 -28.28
CA ALA E 62 -2.82 -4.68 -27.32
C ALA E 62 -2.56 -4.23 -25.89
N GLN E 63 -1.83 -3.14 -25.71
CA GLN E 63 -1.69 -2.60 -24.36
C GLN E 63 -2.89 -1.76 -23.95
N GLY E 64 -3.84 -1.51 -24.87
CA GLY E 64 -5.00 -0.69 -24.54
C GLY E 64 -4.74 0.79 -24.82
N GLN E 65 -5.76 1.62 -24.57
CA GLN E 65 -5.69 3.03 -24.98
C GLN E 65 -4.51 3.75 -24.32
N ASN E 66 -3.66 4.40 -25.14
CA ASN E 66 -2.73 5.46 -24.67
C ASN E 66 -1.91 5.05 -23.43
N VAL E 67 -0.90 4.18 -23.64
CA VAL E 67 -0.03 3.76 -22.53
C VAL E 67 0.44 4.92 -21.62
N ALA E 68 0.79 6.07 -22.20
CA ALA E 68 1.22 7.20 -21.37
C ALA E 68 0.14 7.62 -20.38
N ARG E 69 -1.13 7.67 -20.80
CA ARG E 69 -2.20 8.00 -19.86
C ARG E 69 -2.35 6.94 -18.80
N GLN E 70 -2.22 5.66 -19.17
CA GLN E 70 -2.22 4.59 -18.15
C GLN E 70 -1.08 4.80 -17.15
N VAL E 71 0.14 5.10 -17.63
CA VAL E 71 1.26 5.41 -16.74
C VAL E 71 0.89 6.54 -15.80
N SER E 72 0.36 7.64 -16.37
CA SER E 72 0.01 8.79 -15.56
C SER E 72 -0.97 8.43 -14.46
N ILE E 73 -2.09 7.79 -14.81
CA ILE E 73 -3.07 7.50 -13.77
C ILE E 73 -2.52 6.51 -12.73
N LYS E 74 -1.82 5.46 -13.17
CA LYS E 74 -1.34 4.48 -12.20
C LYS E 74 -0.30 5.08 -11.25
N ALA E 75 0.46 6.08 -11.70
CA ALA E 75 1.41 6.83 -10.89
C ALA E 75 0.76 7.73 -9.84
N GLY E 76 -0.56 7.92 -9.89
CA GLY E 76 -1.22 8.83 -8.98
C GLY E 76 -1.40 10.24 -9.48
N ILE E 77 -1.18 10.51 -10.76
CA ILE E 77 -1.43 11.85 -11.30
C ILE E 77 -2.92 12.00 -11.58
N PRO E 78 -3.55 13.11 -11.19
CA PRO E 78 -5.02 13.24 -11.30
C PRO E 78 -5.55 13.07 -12.72
N TYR E 79 -6.85 12.76 -12.81
CA TYR E 79 -7.53 12.67 -14.11
C TYR E 79 -7.43 13.97 -14.90
N SER E 80 -7.32 15.11 -14.20
CA SER E 80 -7.31 16.41 -14.86
C SER E 80 -6.06 16.65 -15.69
N VAL E 81 -5.03 15.83 -15.51
CA VAL E 81 -3.72 16.05 -16.12
C VAL E 81 -3.63 15.22 -17.40
N PRO E 82 -3.45 15.84 -18.56
CA PRO E 82 -3.38 15.04 -19.79
C PRO E 82 -2.01 14.42 -20.00
N ALA E 83 -1.99 13.40 -20.86
CA ALA E 83 -0.81 12.61 -21.14
C ALA E 83 -0.93 12.03 -22.53
N TYR E 84 0.20 11.89 -23.21
CA TYR E 84 0.15 11.23 -24.49
C TYR E 84 1.45 10.44 -24.72
N THR E 85 1.35 9.49 -25.63
CA THR E 85 2.38 8.49 -25.88
C THR E 85 3.19 8.94 -27.08
N VAL E 86 4.52 8.90 -26.95
CA VAL E 86 5.44 9.43 -27.94
C VAL E 86 6.04 8.24 -28.71
N GLY E 87 5.87 8.20 -30.05
CA GLY E 87 6.49 7.12 -30.83
C GLY E 87 7.53 7.59 -31.80
N MET E 88 8.81 7.41 -31.44
CA MET E 88 9.93 7.81 -32.27
C MET E 88 10.98 6.72 -32.20
N VAL E 89 10.53 5.48 -32.35
CA VAL E 89 11.31 4.23 -32.23
C VAL E 89 12.21 4.32 -30.99
N GLY E 91 14.22 6.54 -30.01
CA GLY E 91 14.43 7.89 -29.52
C GLY E 91 13.29 8.34 -28.63
N SER E 92 12.22 7.53 -28.58
CA SER E 92 10.96 7.93 -27.92
C SER E 92 11.16 8.50 -26.52
N GLY E 93 12.01 7.85 -25.70
CA GLY E 93 12.17 8.34 -24.33
C GLY E 93 12.86 9.70 -24.25
N MET E 94 13.77 9.97 -25.16
CA MET E 94 14.44 11.26 -25.16
C MET E 94 13.59 12.29 -25.88
N LYS E 95 12.89 11.85 -26.94
CA LYS E 95 11.97 12.74 -27.64
C LYS E 95 10.91 13.30 -26.70
N SER E 96 10.50 12.53 -25.67
CA SER E 96 9.49 13.04 -24.74
C SER E 96 10.01 14.26 -23.96
N VAL E 97 11.33 14.27 -23.68
CA VAL E 97 11.96 15.41 -23.00
C VAL E 97 12.02 16.59 -23.92
N ILE E 98 12.33 16.35 -25.20
CA ILE E 98 12.30 17.43 -26.18
C ILE E 98 10.89 18.00 -26.28
N GLU E 99 9.89 17.14 -26.37
CA GLU E 99 8.53 17.65 -26.45
C GLU E 99 8.16 18.38 -25.16
N GLY E 100 8.60 17.86 -24.01
CA GLY E 100 8.32 18.55 -22.76
C GLY E 100 8.93 19.94 -22.71
N ALA E 101 10.20 20.05 -23.09
CA ALA E 101 10.87 21.35 -23.15
C ALA E 101 10.13 22.32 -24.08
N ARG E 102 9.66 21.82 -25.22
CA ARG E 102 8.96 22.72 -26.13
C ARG E 102 7.65 23.22 -25.52
N SER E 103 6.92 22.36 -24.81
CA SER E 103 5.69 22.82 -24.16
C SER E 103 5.98 23.96 -23.16
N ILE E 104 7.02 23.78 -22.35
CA ILE E 104 7.36 24.80 -21.34
C ILE E 104 7.84 26.07 -22.03
N LEU E 105 8.75 25.96 -22.99
CA LEU E 105 9.20 27.18 -23.69
C LEU E 105 8.05 27.88 -24.41
N ALA E 106 7.06 27.13 -24.87
CA ALA E 106 5.90 27.69 -25.55
C ALA E 106 4.96 28.40 -24.59
N GLY E 107 5.15 28.21 -23.29
CA GLY E 107 4.30 28.82 -22.30
C GLY E 107 3.04 28.05 -21.99
N ASP E 108 2.91 26.82 -22.49
CA ASP E 108 1.78 25.97 -22.15
C ASP E 108 1.91 25.27 -20.81
N SER E 109 3.12 25.12 -20.25
CA SER E 109 3.21 24.32 -19.04
C SER E 109 4.39 24.78 -18.20
N ASP E 110 4.40 24.39 -16.93
CA ASP E 110 5.57 24.66 -16.10
C ASP E 110 6.27 23.42 -15.57
N ILE E 111 5.55 22.31 -15.39
CA ILE E 111 6.11 21.03 -14.97
C ILE E 111 5.58 19.98 -15.92
N VAL E 112 6.49 19.23 -16.54
CA VAL E 112 6.13 18.14 -17.42
C VAL E 112 6.87 16.90 -16.98
N VAL E 113 6.16 15.79 -16.86
CA VAL E 113 6.80 14.51 -16.61
C VAL E 113 7.10 13.88 -17.94
N CYS E 114 8.35 13.44 -18.12
CA CYS E 114 8.86 12.88 -19.36
C CYS E 114 9.40 11.49 -19.07
N GLY E 115 9.69 10.73 -20.12
CA GLY E 115 10.31 9.41 -19.90
C GLY E 115 9.84 8.42 -20.97
N GLY E 116 10.01 7.14 -20.66
CA GLY E 116 9.65 6.08 -21.60
C GLY E 116 9.56 4.76 -20.89
N THR E 117 8.89 3.80 -21.54
CA THR E 117 8.71 2.49 -20.95
C THR E 117 8.57 1.48 -22.06
N GLU E 118 9.11 0.27 -21.86
CA GLU E 118 8.99 -0.73 -22.91
C GLU E 118 9.04 -2.11 -22.28
N ASN E 119 8.03 -2.92 -22.55
CA ASN E 119 8.09 -4.34 -22.25
C ASN E 119 8.18 -5.04 -23.60
N MET E 120 9.41 -5.33 -23.99
CA MET E 120 9.71 -5.97 -25.24
C MET E 120 9.36 -7.46 -25.14
N SER E 121 9.51 -8.07 -23.94
CA SER E 121 9.12 -9.45 -23.69
C SER E 121 7.64 -9.67 -23.94
N ALA E 122 6.79 -8.69 -23.58
CA ALA E 122 5.35 -8.93 -23.68
C ALA E 122 4.75 -8.52 -25.02
N ALA E 123 5.56 -8.06 -25.97
CA ALA E 123 5.01 -7.63 -27.26
C ALA E 123 4.40 -8.83 -28.00
N PRO E 124 3.18 -8.74 -28.50
CA PRO E 124 2.49 -9.92 -29.02
C PRO E 124 2.89 -10.32 -30.44
N PHE E 125 2.37 -11.48 -30.85
CA PHE E 125 2.33 -11.91 -32.24
C PHE E 125 0.99 -11.52 -32.83
N ALA E 126 0.98 -11.18 -34.12
CA ALA E 126 -0.22 -10.66 -34.74
C ALA E 126 -0.49 -11.37 -36.05
N SER E 127 -1.78 -11.53 -36.35
CA SER E 127 -2.24 -12.04 -37.64
C SER E 127 -2.87 -10.89 -38.40
N MET E 128 -2.28 -10.52 -39.55
CA MET E 128 -2.93 -9.49 -40.39
C MET E 128 -4.14 -10.07 -41.13
N ASP E 129 -4.16 -11.38 -41.35
CA ASP E 129 -5.23 -11.98 -42.14
C ASP E 129 -6.46 -12.30 -41.32
N ALA E 130 -6.39 -12.32 -39.98
CA ALA E 130 -7.51 -12.91 -39.24
C ALA E 130 -8.81 -12.12 -39.34
N ARG E 131 -8.72 -10.79 -39.48
CA ARG E 131 -9.94 -9.99 -39.41
C ARG E 131 -10.88 -10.27 -40.58
N TRP E 132 -10.37 -10.20 -41.80
CA TRP E 132 -11.22 -10.37 -42.97
C TRP E 132 -11.09 -11.75 -43.60
N GLY E 133 -10.21 -12.61 -43.07
CA GLY E 133 -10.15 -14.00 -43.49
C GLY E 133 -8.87 -14.35 -44.26
N ALA E 134 -8.23 -15.46 -43.89
CA ALA E 134 -7.09 -15.98 -44.65
C ALA E 134 -7.52 -16.71 -45.92
N ARG E 135 -8.76 -17.22 -45.94
CA ARG E 135 -9.34 -17.97 -47.06
C ARG E 135 -8.67 -19.33 -47.30
N MET E 136 -7.41 -19.33 -47.73
CA MET E 136 -6.80 -20.63 -48.01
C MET E 136 -5.30 -20.40 -48.12
N GLY E 137 -4.52 -21.38 -47.65
CA GLY E 137 -3.07 -21.26 -47.72
C GLY E 137 -2.44 -20.73 -46.45
N ASP E 138 -1.27 -21.25 -46.07
CA ASP E 138 -0.60 -20.84 -44.83
C ASP E 138 -0.35 -19.35 -44.81
N LYS E 139 -0.47 -18.74 -43.63
CA LYS E 139 -0.25 -17.32 -43.46
C LYS E 139 0.84 -17.11 -42.41
N LYS E 140 1.12 -15.86 -42.08
CA LYS E 140 2.21 -15.50 -41.19
C LYS E 140 1.65 -15.04 -39.85
N LEU E 141 2.31 -15.45 -38.74
CA LEU E 141 2.15 -14.77 -37.47
C LEU E 141 3.34 -13.85 -37.31
N VAL E 142 3.06 -12.55 -37.27
CA VAL E 142 4.08 -11.50 -37.29
C VAL E 142 4.56 -11.27 -35.86
N ASP E 143 5.86 -11.25 -35.68
CA ASP E 143 6.47 -10.84 -34.40
C ASP E 143 6.44 -9.31 -34.38
N THR E 144 5.58 -8.71 -33.56
CA THR E 144 5.44 -7.25 -33.63
C THR E 144 6.59 -6.53 -32.97
N MET E 145 7.33 -7.23 -32.12
CA MET E 145 8.51 -6.62 -31.53
C MET E 145 9.54 -6.35 -32.62
N ILE E 146 9.78 -7.34 -33.46
CA ILE E 146 10.71 -7.18 -34.56
C ILE E 146 10.15 -6.20 -35.61
N LYS E 147 8.92 -6.42 -36.04
CA LYS E 147 8.33 -5.61 -37.10
C LYS E 147 8.28 -4.13 -36.72
N ASP E 148 7.78 -3.84 -35.55
CA ASP E 148 7.59 -2.43 -35.16
C ASP E 148 8.82 -1.85 -34.45
N GLY E 149 9.74 -2.70 -34.00
CA GLY E 149 10.84 -2.25 -33.18
C GLY E 149 12.16 -2.26 -33.90
N LEU E 150 12.40 -3.32 -34.67
CA LEU E 150 13.76 -3.63 -35.09
C LEU E 150 13.90 -3.81 -36.59
N TRP E 151 12.87 -3.56 -37.37
CA TRP E 151 12.89 -3.84 -38.81
C TRP E 151 12.76 -2.52 -39.57
N ASP E 152 13.59 -2.30 -40.60
CA ASP E 152 13.48 -1.06 -41.34
C ASP E 152 12.32 -1.12 -42.35
N ALA E 153 11.45 -0.11 -42.30
CA ALA E 153 10.27 -0.08 -43.17
C ALA E 153 10.60 0.18 -44.62
N TYR E 154 11.74 0.77 -44.95
CA TYR E 154 12.02 1.19 -46.34
C TYR E 154 12.89 0.21 -47.09
N ASN E 155 13.79 -0.49 -46.38
CA ASN E 155 14.73 -1.39 -47.03
C ASN E 155 14.49 -2.84 -46.69
N ASN E 156 13.52 -3.12 -45.82
CA ASN E 156 13.08 -4.50 -45.57
C ASN E 156 14.24 -5.35 -45.04
N TYR E 157 14.98 -4.80 -44.05
CA TYR E 157 15.94 -5.63 -43.33
C TYR E 157 16.12 -5.08 -41.92
N HIS E 158 16.83 -5.84 -41.09
CA HIS E 158 16.96 -5.59 -39.66
C HIS E 158 17.83 -4.36 -39.39
N MET E 159 17.67 -3.76 -38.19
CA MET E 159 18.63 -2.75 -37.74
C MET E 159 20.05 -3.30 -37.76
N GLY E 160 20.23 -4.60 -37.44
CA GLY E 160 21.56 -5.17 -37.46
C GLY E 160 22.22 -5.04 -38.81
N THR E 161 21.42 -5.13 -39.88
CA THR E 161 21.98 -4.98 -41.23
C THR E 161 22.31 -3.53 -41.55
N THR E 162 21.52 -2.56 -41.06
CA THR E 162 21.96 -1.17 -41.17
C THR E 162 23.33 -0.99 -40.48
N ALA E 163 23.55 -1.74 -39.38
CA ALA E 163 24.85 -1.64 -38.71
C ALA E 163 25.97 -2.18 -39.59
N GLU E 164 25.71 -3.28 -40.31
CA GLU E 164 26.69 -3.78 -41.27
C GLU E 164 26.95 -2.75 -42.37
N ASN E 165 25.91 -2.04 -42.83
CA ASN E 165 26.13 -0.98 -43.80
C ASN E 165 27.14 0.03 -43.27
N ILE E 166 27.00 0.43 -42.00
CA ILE E 166 27.95 1.36 -41.40
C ILE E 166 29.33 0.75 -41.33
N ASN E 167 29.41 -0.53 -40.93
CA ASN E 167 30.72 -1.18 -40.90
C ASN E 167 31.41 -1.04 -42.26
N ASP E 168 30.67 -1.28 -43.36
CA ASP E 168 31.24 -1.22 -44.70
C ASP E 168 31.68 0.20 -45.05
N ILE E 169 30.80 1.19 -44.85
CA ILE E 169 31.10 2.56 -45.26
C ILE E 169 32.20 3.15 -44.39
N TRP E 170 32.08 2.98 -43.07
CA TRP E 170 33.04 3.63 -42.20
C TRP E 170 34.32 2.83 -42.04
N GLY E 171 34.31 1.52 -42.33
CA GLY E 171 35.55 0.76 -42.26
C GLY E 171 35.84 0.41 -40.82
N ILE E 172 34.99 -0.42 -40.23
CA ILE E 172 35.05 -0.78 -38.81
C ILE E 172 35.23 -2.28 -38.73
N THR E 173 36.34 -2.72 -38.16
CA THR E 173 36.63 -4.16 -38.10
C THR E 173 35.78 -4.88 -37.04
N ARG E 174 35.71 -6.21 -37.18
CA ARG E 174 35.07 -7.01 -36.15
C ARG E 174 35.75 -6.81 -34.79
N ARG E 175 37.09 -6.78 -34.78
CA ARG E 175 37.82 -6.66 -33.52
C ARG E 175 37.51 -5.35 -32.82
N GLU E 176 37.44 -4.23 -33.57
CA GLU E 176 37.13 -2.97 -32.91
C GLU E 176 35.75 -3.00 -32.24
N GLN E 177 34.76 -3.57 -32.93
CA GLN E 177 33.43 -3.73 -32.33
C GLN E 177 33.48 -4.61 -31.09
N ASP E 178 34.26 -5.70 -31.12
CA ASP E 178 34.36 -6.58 -29.94
C ASP E 178 35.09 -5.91 -28.77
N GLU E 179 36.13 -5.11 -29.04
CA GLU E 179 36.78 -4.36 -27.96
C GLU E 179 35.82 -3.35 -27.36
N PHE E 180 35.03 -2.70 -28.20
CA PHE E 180 34.05 -1.75 -27.66
C PHE E 180 33.04 -2.48 -26.76
N ALA E 181 32.50 -3.62 -27.25
CA ALA E 181 31.51 -4.38 -26.48
C ALA E 181 32.10 -4.87 -25.15
N ALA E 182 33.32 -5.43 -25.19
CA ALA E 182 33.99 -5.85 -23.95
C ALA E 182 34.22 -4.67 -23.00
N ALA E 183 34.64 -3.50 -23.51
CA ALA E 183 34.83 -2.37 -22.59
C ALA E 183 33.50 -1.92 -21.96
N SER E 184 32.38 -2.01 -22.69
CA SER E 184 31.07 -1.67 -22.09
C SER E 184 30.70 -2.62 -20.96
N GLN E 185 30.89 -3.94 -21.17
CA GLN E 185 30.63 -4.94 -20.11
C GLN E 185 31.52 -4.69 -18.91
N GLN E 186 32.81 -4.43 -19.16
CA GLN E 186 33.76 -4.22 -18.07
C GLN E 186 33.36 -3.00 -17.25
N LYS E 187 33.01 -1.88 -17.92
CA LYS E 187 32.60 -0.70 -17.18
C LYS E 187 31.30 -0.96 -16.41
N THR E 188 30.35 -1.68 -17.03
CA THR E 188 29.07 -1.93 -16.36
C THR E 188 29.26 -2.82 -15.14
N GLU E 189 30.07 -3.90 -15.28
CA GLU E 189 30.34 -4.76 -14.14
C GLU E 189 31.01 -4.00 -13.00
N ALA E 190 32.01 -3.16 -13.30
CA ALA E 190 32.66 -2.40 -12.23
C ALA E 190 31.67 -1.43 -11.59
N ALA E 191 30.79 -0.85 -12.40
CA ALA E 191 29.78 0.06 -11.86
C ALA E 191 28.79 -0.67 -10.97
N GLN E 192 28.31 -1.85 -11.41
CA GLN E 192 27.43 -2.66 -10.57
C GLN E 192 28.06 -2.98 -9.21
N ALA E 193 29.34 -3.41 -9.18
CA ALA E 193 29.99 -3.81 -7.92
C ALA E 193 30.23 -2.62 -7.00
N ALA E 194 30.51 -1.44 -7.55
CA ALA E 194 30.68 -0.25 -6.73
C ALA E 194 29.35 0.39 -6.32
N GLY E 195 28.22 -0.18 -6.74
CA GLY E 195 26.94 0.38 -6.39
C GLY E 195 26.62 1.69 -7.07
N ARG E 196 27.22 1.97 -8.24
CA ARG E 196 27.05 3.28 -8.86
C ARG E 196 25.61 3.56 -9.29
N PHE E 197 24.83 2.52 -9.58
CA PHE E 197 23.44 2.62 -10.03
C PHE E 197 22.41 2.66 -8.90
N ASP E 198 22.87 2.50 -7.64
CA ASP E 198 21.97 2.41 -6.49
C ASP E 198 21.05 3.63 -6.37
N ASP E 199 21.58 4.82 -6.64
CA ASP E 199 20.77 6.00 -6.43
C ASP E 199 19.72 6.15 -7.54
N GLU E 200 20.06 5.78 -8.77
CA GLU E 200 19.11 6.02 -9.88
C GLU E 200 18.04 4.94 -10.00
N ILE E 201 18.32 3.70 -9.52
CA ILE E 201 17.40 2.60 -9.74
C ILE E 201 16.31 2.65 -8.68
N VAL E 202 15.07 2.44 -9.09
CA VAL E 202 13.96 2.24 -8.17
C VAL E 202 13.46 0.81 -8.31
N PRO E 203 13.32 0.05 -7.22
CA PRO E 203 12.90 -1.36 -7.34
C PRO E 203 11.51 -1.53 -7.94
N VAL E 204 11.33 -2.61 -8.69
CA VAL E 204 10.01 -3.01 -9.15
C VAL E 204 9.67 -4.33 -8.49
N MET E 205 8.47 -4.42 -7.92
CA MET E 205 7.99 -5.58 -7.20
C MET E 205 7.52 -6.61 -8.21
N ILE E 206 8.07 -7.82 -8.16
CA ILE E 206 7.77 -8.84 -9.13
C ILE E 206 7.39 -10.13 -8.40
N LYS E 207 6.63 -10.98 -9.09
CA LYS E 207 6.06 -12.17 -8.48
C LYS E 207 6.93 -13.35 -8.86
N VAL E 208 7.54 -13.99 -7.85
CA VAL E 208 8.33 -15.21 -8.03
C VAL E 208 7.80 -16.28 -7.08
N LYS E 209 7.57 -17.47 -7.61
CA LYS E 209 6.92 -18.54 -6.86
C LYS E 209 5.57 -17.94 -6.43
N LYS E 210 5.28 -17.83 -5.13
CA LYS E 210 4.06 -17.15 -4.68
C LYS E 210 4.36 -15.89 -3.87
N GLU E 211 5.50 -15.25 -4.13
CA GLU E 211 5.94 -14.12 -3.33
C GLU E 211 6.32 -12.92 -4.21
N MET E 212 6.02 -11.72 -3.70
CA MET E 212 6.49 -10.47 -4.28
C MET E 212 7.91 -10.20 -3.78
N VAL E 213 8.86 -10.04 -4.70
CA VAL E 213 10.26 -9.82 -4.35
C VAL E 213 10.78 -8.61 -5.14
N PRO E 214 11.69 -7.81 -4.60
CA PRO E 214 12.11 -6.60 -5.29
C PRO E 214 13.10 -6.91 -6.39
N PHE E 215 12.81 -6.44 -7.60
CA PHE E 215 13.77 -6.50 -8.70
C PHE E 215 14.49 -5.15 -8.80
N ALA E 216 15.79 -5.14 -8.47
CA ALA E 216 16.48 -3.86 -8.38
C ALA E 216 17.91 -3.90 -8.88
N LYS E 217 18.28 -4.90 -9.66
CA LYS E 217 19.63 -5.02 -10.19
C LYS E 217 19.55 -5.38 -11.66
N ASP E 218 20.26 -4.63 -12.50
CA ASP E 218 20.27 -4.92 -13.93
C ASP E 218 20.70 -6.36 -14.16
N GLU E 219 19.90 -7.09 -14.96
CA GLU E 219 19.96 -8.53 -15.18
C GLU E 219 20.78 -8.92 -16.37
N TYR E 220 20.77 -8.08 -17.38
CA TYR E 220 21.39 -8.35 -18.66
C TYR E 220 22.92 -8.33 -18.66
N PRO E 221 23.62 -7.55 -17.81
CA PRO E 221 25.11 -7.51 -17.91
C PRO E 221 25.71 -8.89 -17.72
N LYS E 222 26.77 -9.17 -18.47
CA LYS E 222 27.48 -10.46 -18.40
C LYS E 222 28.84 -10.31 -17.70
N ALA E 223 29.15 -11.23 -16.79
CA ALA E 223 30.37 -11.11 -16.00
C ALA E 223 31.60 -11.55 -16.79
N GLY E 224 32.68 -10.79 -16.67
CA GLY E 224 33.95 -11.27 -17.16
C GLY E 224 34.04 -11.40 -18.67
N VAL E 225 33.41 -10.48 -19.42
CA VAL E 225 33.46 -10.50 -20.89
C VAL E 225 34.79 -9.93 -21.35
N THR E 226 35.48 -10.66 -22.23
CA THR E 226 36.68 -10.13 -22.89
C THR E 226 36.51 -10.19 -24.40
N ALA E 227 37.26 -9.34 -25.08
CA ALA E 227 37.17 -9.28 -26.53
C ALA E 227 37.55 -10.64 -27.13
N ASP E 228 38.57 -11.30 -26.55
CA ASP E 228 38.94 -12.63 -27.03
C ASP E 228 37.81 -13.64 -26.87
N SER E 229 37.02 -13.53 -25.80
CA SER E 229 35.99 -14.55 -25.58
C SER E 229 34.82 -14.41 -26.57
N ILE E 230 34.53 -13.21 -27.08
CA ILE E 230 33.45 -13.08 -28.06
C ILE E 230 33.94 -13.07 -29.49
N ALA E 231 35.23 -13.27 -29.72
CA ALA E 231 35.78 -13.40 -31.06
C ALA E 231 35.23 -14.64 -31.78
N LYS E 232 34.69 -15.61 -31.04
CA LYS E 232 34.28 -16.88 -31.62
C LYS E 232 32.87 -16.85 -32.17
N LEU E 233 32.04 -15.89 -31.75
CA LEU E 233 30.66 -15.93 -32.19
C LEU E 233 30.56 -15.61 -33.67
N LYS E 234 29.56 -16.20 -34.31
CA LYS E 234 29.36 -15.88 -35.70
C LYS E 234 28.39 -14.71 -35.85
N GLY E 235 28.41 -14.11 -37.04
CA GLY E 235 27.60 -12.94 -37.28
C GLY E 235 26.11 -13.26 -37.14
N ALA E 236 25.37 -12.30 -36.60
CA ALA E 236 23.96 -12.48 -36.34
C ALA E 236 23.06 -11.90 -37.45
N PHE E 237 23.60 -11.15 -38.39
CA PHE E 237 22.75 -10.48 -39.36
C PHE E 237 23.37 -10.60 -40.74
N PRO E 238 22.58 -10.66 -41.80
CA PRO E 238 23.16 -10.53 -43.14
C PRO E 238 23.75 -9.15 -43.37
N VAL E 239 24.82 -9.09 -44.17
CA VAL E 239 25.25 -7.80 -44.71
C VAL E 239 24.16 -7.25 -45.63
N GLY E 240 24.22 -5.94 -45.90
CA GLY E 240 23.28 -5.33 -46.80
C GLY E 240 23.39 -5.85 -48.22
N PRO E 241 22.32 -5.72 -49.02
CA PRO E 241 22.40 -6.20 -50.42
C PRO E 241 23.34 -5.40 -51.28
N GLU E 242 23.75 -4.19 -50.91
CA GLU E 242 24.77 -3.50 -51.69
C GLU E 242 26.20 -3.70 -51.14
N SER E 243 26.35 -4.50 -50.09
CA SER E 243 27.67 -4.75 -49.49
C SER E 243 28.63 -5.27 -50.56
N PRO E 244 29.88 -4.80 -50.54
CA PRO E 244 30.49 -3.92 -49.54
C PRO E 244 30.38 -2.42 -49.82
N ASN E 245 29.55 -1.96 -50.74
CA ASN E 245 29.52 -0.54 -51.12
C ASN E 245 28.09 -0.01 -51.10
N PRO E 246 27.48 0.10 -49.93
CA PRO E 246 26.13 0.65 -49.86
C PRO E 246 26.10 2.05 -50.43
N VAL E 247 25.06 2.31 -51.21
CA VAL E 247 24.83 3.64 -51.76
C VAL E 247 23.79 4.33 -50.88
N VAL E 248 24.15 5.46 -50.27
CA VAL E 248 23.34 6.15 -49.30
C VAL E 248 23.19 7.61 -49.67
N VAL E 249 22.14 8.24 -49.14
CA VAL E 249 21.95 9.69 -49.21
C VAL E 249 22.60 10.29 -47.96
N ASN E 250 23.67 11.06 -48.13
CA ASN E 250 24.38 11.61 -46.98
C ASN E 250 23.72 12.93 -46.58
N THR E 251 23.36 13.07 -45.31
CA THR E 251 22.85 14.35 -44.83
C THR E 251 23.91 15.16 -44.08
N PHE E 252 25.09 14.59 -43.87
CA PHE E 252 26.28 15.28 -43.38
C PHE E 252 27.48 14.66 -44.11
N GLU E 253 28.60 15.36 -44.12
CA GLU E 253 29.78 14.83 -44.79
C GLU E 253 30.60 14.04 -43.80
N PRO E 254 30.71 12.73 -43.93
CA PRO E 254 31.52 11.95 -42.98
C PRO E 254 33.00 12.30 -43.12
N THR E 255 33.68 12.42 -41.99
CA THR E 255 35.13 12.58 -41.98
C THR E 255 35.88 11.37 -41.46
N GLY E 256 35.18 10.39 -40.91
CA GLY E 256 35.83 9.32 -40.17
C GLY E 256 35.84 7.96 -40.84
N CYS E 257 35.65 7.92 -42.16
CA CYS E 257 35.67 6.68 -42.90
C CYS E 257 37.10 6.25 -43.20
N GLN E 258 37.38 4.97 -42.99
CA GLN E 258 38.66 4.41 -43.32
C GLN E 258 38.42 3.08 -44.01
N ASP E 259 39.49 2.44 -44.43
CA ASP E 259 39.39 1.17 -45.11
C ASP E 259 39.73 0.05 -44.13
N ALA E 260 38.88 -0.98 -44.10
CA ALA E 260 39.09 -2.09 -43.19
C ALA E 260 39.11 -3.42 -43.92
N PRO E 261 40.01 -4.32 -43.52
CA PRO E 261 40.21 -5.56 -44.30
C PRO E 261 39.02 -6.52 -44.31
N ASP E 262 38.08 -6.45 -43.36
CA ASP E 262 36.95 -7.38 -43.40
C ASP E 262 35.68 -6.74 -43.93
N LYS E 263 35.80 -5.79 -44.86
CA LYS E 263 34.64 -5.26 -45.57
C LYS E 263 33.80 -6.38 -46.13
N GLY E 264 32.48 -6.19 -46.11
CA GLY E 264 31.63 -7.16 -46.79
C GLY E 264 31.46 -8.50 -46.10
N THR E 265 31.77 -8.60 -44.81
CA THR E 265 31.59 -9.83 -44.07
C THR E 265 30.72 -9.53 -42.86
N GLN E 266 30.11 -10.60 -42.33
CA GLN E 266 29.29 -10.47 -41.14
C GLN E 266 30.20 -10.15 -39.96
N ARG E 267 29.94 -9.03 -39.28
CA ARG E 267 30.73 -8.63 -38.13
C ARG E 267 29.91 -8.39 -36.88
N VAL E 268 28.63 -8.05 -37.03
CA VAL E 268 27.76 -7.82 -35.88
C VAL E 268 27.30 -9.16 -35.32
N THR E 269 27.44 -9.30 -33.98
CA THR E 269 27.09 -10.51 -33.26
C THR E 269 26.15 -10.15 -32.11
N ALA E 270 25.59 -11.18 -31.46
CA ALA E 270 24.77 -10.93 -30.29
C ALA E 270 25.59 -10.25 -29.19
N ALA E 271 26.92 -10.42 -29.18
CA ALA E 271 27.73 -9.82 -28.13
C ALA E 271 28.14 -8.38 -28.41
N ASN E 272 28.17 -7.94 -29.66
CA ASN E 272 28.58 -6.55 -29.91
C ASN E 272 27.41 -5.68 -30.34
N ALA E 273 26.17 -6.18 -30.18
CA ALA E 273 24.94 -5.45 -30.37
C ALA E 273 24.26 -5.32 -29.03
N SER E 274 23.32 -4.38 -28.93
CA SER E 274 22.51 -4.30 -27.73
C SER E 274 21.57 -5.49 -27.65
N GLY E 275 21.01 -5.70 -26.47
CA GLY E 275 20.03 -6.74 -26.30
C GLY E 275 18.60 -6.23 -26.51
N ILE E 276 17.67 -7.15 -26.31
CA ILE E 276 16.25 -6.91 -26.30
C ILE E 276 15.83 -6.97 -24.83
N ASN E 277 15.15 -5.92 -24.33
CA ASN E 277 15.07 -5.76 -22.89
C ASN E 277 13.81 -5.01 -22.51
N ASP E 278 13.54 -5.00 -21.19
CA ASP E 278 12.37 -4.43 -20.56
C ASP E 278 12.80 -3.42 -19.49
N GLY E 279 12.09 -2.31 -19.42
CA GLY E 279 12.30 -1.35 -18.35
C GLY E 279 11.66 -0.01 -18.67
N ALA E 280 11.88 0.93 -17.76
CA ALA E 280 11.32 2.28 -17.88
C ALA E 280 12.20 3.28 -17.14
N ALA E 281 11.91 4.56 -17.39
CA ALA E 281 12.62 5.66 -16.76
C ALA E 281 11.73 6.91 -16.81
N ALA E 282 11.90 7.80 -15.83
CA ALA E 282 11.07 9.00 -15.76
C ALA E 282 11.93 10.19 -15.40
N ILE E 283 11.53 11.36 -15.92
CA ILE E 283 12.28 12.61 -15.77
C ILE E 283 11.27 13.70 -15.47
N VAL E 284 11.52 14.49 -14.41
CA VAL E 284 10.66 15.62 -14.06
C VAL E 284 11.34 16.87 -14.60
N LEU E 285 10.68 17.54 -15.53
CA LEU E 285 11.19 18.76 -16.15
C LEU E 285 10.40 19.96 -15.65
N ALA E 286 11.09 21.06 -15.32
CA ALA E 286 10.40 22.25 -14.81
C ALA E 286 11.04 23.53 -15.34
N SER E 287 10.19 24.55 -15.50
CA SER E 287 10.71 25.89 -15.70
C SER E 287 11.39 26.40 -14.43
N GLY E 288 12.30 27.35 -14.64
CA GLY E 288 12.86 28.07 -13.51
C GLY E 288 11.79 28.70 -12.64
N GLU E 289 10.67 29.12 -13.23
CA GLU E 289 9.64 29.76 -12.41
C GLU E 289 8.99 28.75 -11.48
N ALA E 290 8.78 27.52 -11.95
CA ALA E 290 8.28 26.44 -11.11
C ALA E 290 9.28 26.04 -10.02
N VAL E 291 10.57 25.97 -10.36
CA VAL E 291 11.59 25.68 -9.35
C VAL E 291 11.57 26.73 -8.26
N ALA E 292 11.53 27.99 -8.65
CA ALA E 292 11.49 29.06 -7.66
C ALA E 292 10.17 29.04 -6.90
N LYS E 293 9.05 28.84 -7.61
CA LYS E 293 7.75 28.80 -6.95
C LYS E 293 7.72 27.74 -5.86
N TYR E 294 8.08 26.50 -6.19
CA TYR E 294 7.88 25.41 -5.25
C TYR E 294 9.13 25.06 -4.47
N GLY E 295 10.19 25.86 -4.56
CA GLY E 295 11.38 25.57 -3.77
C GLY E 295 12.03 24.27 -4.17
N LEU E 296 11.99 23.94 -5.45
CA LEU E 296 12.58 22.71 -5.92
C LEU E 296 14.11 22.83 -5.97
N LYS E 297 14.80 21.68 -5.99
CA LYS E 297 16.26 21.62 -6.04
C LYS E 297 16.66 20.72 -7.20
N PRO E 298 16.86 21.29 -8.38
CA PRO E 298 17.05 20.46 -9.58
C PRO E 298 18.47 19.90 -9.69
N MET E 299 18.58 18.78 -10.44
CA MET E 299 19.87 18.17 -10.71
C MET E 299 20.66 18.97 -11.74
N ALA E 300 19.99 19.43 -12.80
CA ALA E 300 20.68 19.99 -13.95
C ALA E 300 19.74 20.89 -14.76
N LYS E 301 20.35 21.77 -15.52
CA LYS E 301 19.67 22.67 -16.44
C LYS E 301 19.77 22.10 -17.85
N LEU E 302 18.65 22.07 -18.56
CA LEU E 302 18.65 21.60 -19.94
C LEU E 302 19.03 22.77 -20.82
N ILE E 303 20.25 22.76 -21.36
CA ILE E 303 20.73 23.95 -22.08
C ILE E 303 20.71 23.80 -23.59
N GLY E 304 20.47 22.60 -24.11
CA GLY E 304 20.22 22.49 -25.53
C GLY E 304 19.72 21.08 -25.85
N TRP E 305 19.08 20.97 -27.00
CA TRP E 305 18.56 19.71 -27.53
C TRP E 305 18.55 19.83 -29.05
N GLY E 306 18.53 18.69 -29.70
CA GLY E 306 18.53 18.67 -31.16
C GLY E 306 18.03 17.33 -31.67
N GLN E 307 17.78 17.31 -32.97
CA GLN E 307 17.31 16.13 -33.69
C GLN E 307 18.02 16.10 -35.03
N GLY E 308 17.93 14.95 -35.69
CA GLY E 308 18.55 14.83 -36.99
C GLY E 308 17.93 13.69 -37.78
N GLY E 309 18.11 13.77 -39.08
CA GLY E 309 17.75 12.68 -39.97
C GLY E 309 18.93 12.27 -40.83
N VAL E 310 19.02 10.97 -41.09
CA VAL E 310 20.01 10.38 -41.96
C VAL E 310 19.29 9.32 -42.81
N ASP E 311 20.04 8.76 -43.77
CA ASP E 311 19.52 7.66 -44.58
C ASP E 311 19.18 6.49 -43.66
N PRO E 312 17.95 5.97 -43.72
CA PRO E 312 17.60 4.75 -42.98
C PRO E 312 18.65 3.65 -43.12
N LYS E 313 19.27 3.50 -44.28
CA LYS E 313 20.26 2.44 -44.45
C LYS E 313 21.39 2.55 -43.45
N ILE E 314 21.71 3.77 -42.98
CA ILE E 314 22.78 3.98 -42.01
C ILE E 314 22.24 4.74 -40.80
N MET E 315 21.01 4.40 -40.41
CA MET E 315 20.34 5.02 -39.28
C MET E 315 21.24 5.22 -38.05
N GLY E 316 22.25 4.34 -37.84
CA GLY E 316 23.06 4.41 -36.64
C GLY E 316 23.86 5.71 -36.48
N VAL E 317 24.12 6.45 -37.56
CA VAL E 317 24.86 7.70 -37.39
C VAL E 317 23.95 8.93 -37.24
N GLY E 318 22.66 8.73 -36.99
CA GLY E 318 21.78 9.83 -36.68
C GLY E 318 22.23 10.74 -35.57
N PRO E 319 22.93 10.21 -34.53
CA PRO E 319 23.42 11.08 -33.44
C PRO E 319 24.41 12.13 -33.87
N VAL E 320 25.12 11.93 -34.98
CA VAL E 320 26.04 12.97 -35.43
C VAL E 320 25.30 14.29 -35.67
N VAL E 321 24.17 14.23 -36.39
CA VAL E 321 23.42 15.44 -36.70
C VAL E 321 22.75 15.98 -35.45
N ALA E 322 22.07 15.11 -34.70
CA ALA E 322 21.33 15.60 -33.53
C ALA E 322 22.26 16.23 -32.50
N SER E 323 23.43 15.60 -32.24
CA SER E 323 24.40 16.13 -31.28
C SER E 323 24.97 17.48 -31.71
N ARG E 324 25.30 17.64 -32.99
CA ARG E 324 25.75 18.91 -33.48
C ARG E 324 24.66 19.97 -33.32
N ASN E 325 23.39 19.61 -33.61
CA ASN E 325 22.33 20.60 -33.43
C ASN E 325 22.17 20.95 -31.96
N ALA E 326 22.24 19.94 -31.08
CA ALA E 326 22.10 20.20 -29.64
C ALA E 326 23.24 21.06 -29.13
N MET E 327 24.48 20.75 -29.56
CA MET E 327 25.61 21.54 -29.04
C MET E 327 25.62 22.96 -29.62
N LYS E 328 25.20 23.13 -30.88
CA LYS E 328 25.01 24.47 -31.44
C LYS E 328 24.02 25.28 -30.62
N LYS E 329 22.86 24.68 -30.29
CA LYS E 329 21.83 25.35 -29.53
C LYS E 329 22.29 25.64 -28.09
N ALA E 330 23.17 24.80 -27.53
CA ALA E 330 23.73 25.06 -26.21
C ALA E 330 24.85 26.10 -26.22
N GLY E 331 25.39 26.45 -27.39
CA GLY E 331 26.59 27.26 -27.46
C GLY E 331 27.86 26.57 -27.03
N VAL E 332 27.92 25.24 -27.11
CA VAL E 332 29.10 24.48 -26.68
C VAL E 332 29.65 23.68 -27.87
N THR E 333 30.87 23.16 -27.67
CA THR E 333 31.47 22.17 -28.56
C THR E 333 31.75 20.90 -27.77
N ILE E 334 32.18 19.87 -28.49
CA ILE E 334 32.40 18.60 -27.79
C ILE E 334 33.47 18.75 -26.70
N ASP E 335 34.45 19.64 -26.88
CA ASP E 335 35.49 19.79 -25.85
C ASP E 335 34.98 20.38 -24.55
N ASP E 336 33.83 21.07 -24.59
CA ASP E 336 33.22 21.57 -23.37
C ASP E 336 32.43 20.50 -22.62
N ILE E 337 32.24 19.32 -23.19
CA ILE E 337 31.44 18.28 -22.56
C ILE E 337 32.33 17.43 -21.65
N ASP E 338 31.90 17.19 -20.42
CA ASP E 338 32.68 16.40 -19.47
C ASP E 338 32.26 14.92 -19.41
N LEU E 339 31.00 14.63 -19.71
CA LEU E 339 30.45 13.29 -19.62
C LEU E 339 29.48 13.06 -20.78
N ILE E 340 29.58 11.91 -21.43
CA ILE E 340 28.77 11.58 -22.59
C ILE E 340 28.07 10.25 -22.37
N GLU E 341 26.75 10.24 -22.54
CA GLU E 341 26.02 8.98 -22.70
C GLU E 341 25.57 8.88 -24.15
N ALA E 342 26.25 8.05 -24.93
CA ALA E 342 25.80 7.77 -26.29
C ALA E 342 25.32 6.33 -26.33
N ASN E 343 24.05 6.12 -26.66
CA ASN E 343 23.49 4.79 -26.49
C ASN E 343 24.21 3.77 -27.37
N GLU E 344 24.37 2.54 -26.88
CA GLU E 344 25.07 1.52 -27.67
C GLU E 344 24.04 0.62 -28.35
N ALA E 345 23.43 1.11 -29.42
CA ALA E 345 22.59 0.25 -30.25
C ALA E 345 23.42 -0.88 -30.85
N PHE E 346 24.55 -0.58 -31.47
CA PHE E 346 25.51 -1.56 -31.98
C PHE E 346 26.88 -0.92 -31.83
N ALA E 347 27.90 -1.74 -31.50
CA ALA E 347 29.25 -1.22 -31.43
C ALA E 347 29.60 -0.56 -32.76
N ALA E 348 29.10 -1.13 -33.85
CA ALA E 348 29.29 -0.55 -35.20
C ALA E 348 28.89 0.93 -35.27
N GLN E 349 27.65 1.25 -34.87
CA GLN E 349 27.25 2.64 -35.05
C GLN E 349 27.92 3.52 -34.00
N SER E 350 28.09 3.00 -32.78
CA SER E 350 28.74 3.77 -31.71
C SER E 350 30.13 4.23 -32.13
N ILE E 351 30.90 3.35 -32.75
CA ILE E 351 32.23 3.72 -33.19
C ILE E 351 32.17 4.79 -34.26
N ALA E 352 31.26 4.65 -35.22
CA ALA E 352 31.14 5.65 -36.27
C ALA E 352 30.72 7.00 -35.68
N VAL E 353 29.75 7.00 -34.77
CA VAL E 353 29.35 8.27 -34.15
C VAL E 353 30.54 8.87 -33.41
N ALA E 354 31.31 8.03 -32.70
CA ALA E 354 32.44 8.57 -31.91
C ALA E 354 33.51 9.18 -32.80
N ARG E 355 33.74 8.57 -33.97
CA ARG E 355 34.71 9.12 -34.90
C ARG E 355 34.26 10.47 -35.44
N GLU E 356 32.97 10.58 -35.80
CA GLU E 356 32.50 11.80 -36.44
C GLU E 356 32.43 12.94 -35.44
N LEU E 357 32.10 12.67 -34.18
CA LEU E 357 31.97 13.74 -33.19
C LEU E 357 33.23 13.95 -32.38
N HIS E 358 34.26 13.12 -32.60
CA HIS E 358 35.54 13.19 -31.92
C HIS E 358 35.38 13.04 -30.41
N PHE E 359 34.65 11.99 -30.01
CA PHE E 359 34.48 11.65 -28.60
C PHE E 359 35.82 11.27 -28.00
N ASP E 360 36.09 11.81 -26.81
CA ASP E 360 37.09 11.25 -25.90
C ASP E 360 36.42 10.06 -25.20
N MET E 361 36.79 8.83 -25.60
CA MET E 361 36.17 7.60 -25.07
C MET E 361 36.31 7.47 -23.56
N SER E 362 37.31 8.09 -22.95
CA SER E 362 37.40 8.03 -21.49
C SER E 362 36.23 8.72 -20.83
N LYS E 363 35.51 9.61 -21.55
CA LYS E 363 34.32 10.28 -21.07
C LYS E 363 32.99 9.64 -21.50
N VAL E 364 33.03 8.53 -22.25
CA VAL E 364 31.82 8.00 -22.90
C VAL E 364 31.30 6.80 -22.11
N ASN E 365 30.03 6.83 -21.73
CA ASN E 365 29.38 5.69 -21.03
C ASN E 365 30.29 5.13 -19.94
N VAL E 366 30.64 6.00 -18.99
CA VAL E 366 31.66 5.62 -18.00
C VAL E 366 31.18 4.47 -17.10
N ASN E 367 29.88 4.26 -17.01
CA ASN E 367 29.36 3.12 -16.26
C ASN E 367 28.90 2.00 -17.17
N GLY E 368 29.34 2.00 -18.41
CA GLY E 368 28.87 1.04 -19.38
C GLY E 368 27.63 1.51 -20.09
N GLY E 369 27.24 0.73 -21.08
CA GLY E 369 26.11 1.10 -21.94
C GLY E 369 25.26 -0.08 -22.29
N ALA E 370 24.38 0.09 -23.26
CA ALA E 370 23.28 -0.82 -23.54
C ALA E 370 23.75 -2.18 -24.04
N ILE E 371 24.97 -2.30 -24.59
CA ILE E 371 25.46 -3.66 -24.92
C ILE E 371 25.47 -4.57 -23.69
N ALA E 372 25.79 -4.01 -22.52
CA ALA E 372 25.77 -4.68 -21.21
C ALA E 372 24.43 -4.47 -20.47
N LEU E 373 23.95 -3.22 -20.41
CA LEU E 373 22.78 -2.89 -19.62
C LEU E 373 21.48 -3.29 -20.26
N GLY E 374 21.44 -3.36 -21.60
CA GLY E 374 20.23 -3.68 -22.30
C GLY E 374 19.56 -2.42 -22.86
N HIS E 375 18.59 -2.65 -23.74
CA HIS E 375 18.02 -1.60 -24.59
C HIS E 375 16.51 -1.77 -24.73
N PRO E 376 15.75 -1.37 -23.75
CA PRO E 376 14.28 -1.34 -23.91
C PRO E 376 13.85 -0.13 -24.75
N VAL E 377 13.40 -0.41 -25.98
CA VAL E 377 13.56 0.59 -27.03
C VAL E 377 12.85 1.90 -26.66
N GLY E 378 11.59 1.86 -26.22
CA GLY E 378 10.93 3.14 -25.97
C GLY E 378 11.43 3.89 -24.73
N ALA E 379 12.21 3.23 -23.87
CA ALA E 379 12.69 3.78 -22.60
C ALA E 379 14.11 4.26 -22.67
N SER E 380 14.97 3.62 -23.47
CA SER E 380 16.40 3.92 -23.41
C SER E 380 16.74 5.39 -23.57
N GLY E 381 15.98 6.15 -24.38
CA GLY E 381 16.31 7.58 -24.53
C GLY E 381 16.20 8.34 -23.23
N ALA E 382 15.26 7.95 -22.37
CA ALA E 382 15.17 8.53 -21.04
C ALA E 382 16.20 7.86 -20.11
N ARG E 383 16.41 6.56 -20.30
CA ARG E 383 17.33 5.80 -19.46
C ARG E 383 18.71 6.42 -19.45
N ILE E 384 19.25 6.76 -20.63
CA ILE E 384 20.63 7.23 -20.61
C ILE E 384 20.71 8.62 -19.96
N ILE E 385 19.62 9.42 -20.04
CA ILE E 385 19.64 10.71 -19.35
C ILE E 385 19.75 10.48 -17.84
N VAL E 386 18.98 9.50 -17.33
CA VAL E 386 19.00 9.23 -15.90
C VAL E 386 20.39 8.83 -15.46
N THR E 387 21.03 7.94 -16.24
CA THR E 387 22.39 7.51 -15.93
C THR E 387 23.39 8.66 -16.02
N LEU E 388 23.28 9.49 -17.07
CA LEU E 388 24.13 10.67 -17.21
C LEU E 388 24.05 11.58 -16.00
N LEU E 389 22.83 11.97 -15.62
CA LEU E 389 22.66 12.98 -14.60
C LEU E 389 23.08 12.45 -13.22
N HIS E 390 22.84 11.17 -12.95
CA HIS E 390 23.29 10.62 -11.67
C HIS E 390 24.80 10.54 -11.60
N GLU E 391 25.45 10.15 -12.70
CA GLU E 391 26.91 10.16 -12.67
C GLU E 391 27.44 11.59 -12.60
N MET E 392 26.72 12.57 -13.14
CA MET E 392 27.16 13.96 -13.02
C MET E 392 27.11 14.42 -11.57
N GLN E 393 26.07 14.01 -10.87
CA GLN E 393 25.95 14.34 -9.45
C GLN E 393 27.14 13.81 -8.67
N LYS E 394 27.75 12.70 -9.11
CA LYS E 394 28.84 12.11 -8.35
C LYS E 394 30.20 12.75 -8.65
N ARG E 395 30.38 13.37 -9.81
CA ARG E 395 31.69 13.86 -10.20
C ARG E 395 31.78 15.36 -10.03
N PRO E 396 32.67 15.84 -9.15
CA PRO E 396 32.80 17.30 -8.93
C PRO E 396 33.14 18.08 -10.19
N GLU E 397 33.83 17.47 -11.15
CA GLU E 397 34.29 18.19 -12.32
C GLU E 397 33.43 17.93 -13.54
N ALA E 398 32.29 17.27 -13.38
CA ALA E 398 31.42 16.95 -14.49
C ALA E 398 30.32 18.01 -14.54
N LYS E 399 30.58 19.09 -15.29
CA LYS E 399 29.75 20.30 -15.34
C LYS E 399 28.79 20.30 -16.52
N LYS E 400 29.21 19.82 -17.68
CA LYS E 400 28.36 19.77 -18.84
C LYS E 400 28.35 18.33 -19.36
N GLY E 401 27.24 17.96 -19.98
CA GLY E 401 27.16 16.58 -20.46
C GLY E 401 26.17 16.45 -21.57
N LEU E 402 26.35 15.37 -22.33
CA LEU E 402 25.67 15.13 -23.61
C LEU E 402 25.08 13.73 -23.60
N ALA E 403 23.80 13.60 -23.95
CA ALA E 403 23.20 12.29 -24.15
C ALA E 403 22.62 12.29 -25.55
N THR E 404 22.78 11.16 -26.27
CA THR E 404 22.27 11.07 -27.64
C THR E 404 22.12 9.59 -27.99
N LEU E 405 21.27 9.29 -28.98
CA LEU E 405 21.09 7.91 -29.43
C LEU E 405 20.51 7.90 -30.85
N CYS E 406 20.72 6.76 -31.54
CA CYS E 406 20.25 6.59 -32.90
C CYS E 406 18.83 6.01 -32.91
N ILE E 407 18.16 6.16 -34.05
CA ILE E 407 16.74 5.86 -34.14
C ILE E 407 16.51 5.16 -35.47
N GLY E 408 15.86 4.00 -35.41
CA GLY E 408 15.43 3.27 -36.60
C GLY E 408 14.65 4.13 -37.58
N GLY E 409 14.94 4.05 -38.87
CA GLY E 409 14.33 4.96 -39.82
C GLY E 409 15.21 6.15 -40.13
N GLY E 410 16.39 6.24 -39.51
CA GLY E 410 17.40 7.19 -39.90
C GLY E 410 17.23 8.51 -39.15
N MET E 411 17.19 8.49 -37.80
CA MET E 411 17.19 9.72 -37.01
C MET E 411 18.08 9.64 -35.77
N GLY E 412 18.16 10.78 -35.09
CA GLY E 412 18.91 10.89 -33.86
C GLY E 412 18.26 11.97 -33.03
N THR E 413 18.38 11.83 -31.70
CA THR E 413 18.02 12.90 -30.78
C THR E 413 19.19 13.12 -29.82
N ALA E 414 19.24 14.30 -29.24
CA ALA E 414 20.35 14.68 -28.35
C ALA E 414 19.87 15.74 -27.39
N VAL E 415 20.43 15.69 -26.16
CA VAL E 415 20.18 16.69 -25.12
C VAL E 415 21.52 17.04 -24.47
N VAL E 416 21.68 18.32 -24.08
CA VAL E 416 22.89 18.83 -23.43
C VAL E 416 22.47 19.46 -22.11
N PHE E 417 23.16 19.07 -21.03
CA PHE E 417 22.88 19.49 -19.65
C PHE E 417 24.06 20.24 -19.04
N GLU E 418 23.74 21.20 -18.18
CA GLU E 418 24.71 21.87 -17.31
C GLU E 418 24.28 21.58 -15.88
N LYS E 419 25.15 20.91 -15.12
CA LYS E 419 24.82 20.56 -13.75
C LYS E 419 24.53 21.80 -12.91
N CYS E 420 23.53 21.69 -12.03
CA CYS E 420 23.24 22.70 -11.04
C CYS E 420 24.26 22.63 -9.90
N LEU E 421 25.00 23.71 -9.67
CA LEU E 421 25.93 23.76 -8.55
C LEU E 421 25.27 24.45 -7.36
N GLU E 422 25.38 23.80 -6.20
CA GLU E 422 24.61 24.20 -5.02
C GLU E 422 25.21 25.42 -4.34
N HIS E 423 24.34 26.30 -3.85
CA HIS E 423 24.76 27.44 -3.03
C HIS E 423 23.74 27.65 -1.92
N ALA F 2 7.73 38.11 -27.13
CA ALA F 2 7.70 37.73 -28.53
C ALA F 2 7.65 36.21 -28.67
N MET F 3 6.45 35.75 -28.99
CA MET F 3 6.23 34.42 -29.52
C MET F 3 5.70 34.61 -30.93
N LYS F 4 6.05 33.68 -31.80
CA LYS F 4 5.70 33.81 -33.19
C LYS F 4 4.18 33.69 -33.35
N ASP F 5 3.66 34.31 -34.41
CA ASP F 5 2.33 33.97 -34.91
C ASP F 5 2.38 32.64 -35.65
N LEU F 6 1.29 31.87 -35.53
CA LEU F 6 1.16 30.52 -36.11
C LEU F 6 0.05 30.51 -37.14
N TYR F 7 0.33 29.95 -38.34
CA TYR F 7 -0.65 29.81 -39.41
C TYR F 7 -0.80 28.38 -39.86
N VAL F 8 -2.05 28.00 -40.16
CA VAL F 8 -2.26 26.86 -41.05
C VAL F 8 -2.19 27.42 -42.46
N VAL F 9 -1.16 26.99 -43.18
CA VAL F 9 -1.02 27.45 -44.55
C VAL F 9 -2.06 26.77 -45.43
N ASN F 10 -2.10 25.44 -45.38
CA ASN F 10 -3.13 24.72 -46.10
C ASN F 10 -3.29 23.34 -45.45
N CYS F 11 -4.26 22.60 -45.95
CA CYS F 11 -4.61 21.34 -45.32
C CYS F 11 -5.57 20.63 -46.24
N CYS F 12 -5.69 19.30 -46.04
CA CYS F 12 -6.58 18.51 -46.87
C CYS F 12 -6.75 17.14 -46.22
N ARG F 13 -7.67 16.35 -46.76
CA ARG F 13 -8.01 15.06 -46.16
C ARG F 13 -8.37 14.07 -47.26
N THR F 14 -8.27 12.79 -46.94
CA THR F 14 -8.90 11.79 -47.79
C THR F 14 -10.41 11.76 -47.55
N ALA F 15 -11.13 11.25 -48.54
CA ALA F 15 -12.47 10.81 -48.19
C ALA F 15 -12.36 9.74 -47.11
N ILE F 16 -13.43 9.56 -46.34
CA ILE F 16 -13.41 8.57 -45.27
C ILE F 16 -14.07 7.27 -45.72
N GLY F 17 -13.35 6.14 -45.51
CA GLY F 17 -13.81 4.84 -45.91
C GLY F 17 -14.61 4.18 -44.81
N SER F 18 -15.53 3.30 -45.22
CA SER F 18 -16.25 2.46 -44.28
C SER F 18 -15.35 1.31 -43.82
N PHE F 19 -15.70 0.75 -42.66
CA PHE F 19 -15.01 -0.41 -42.09
C PHE F 19 -15.11 -1.58 -43.03
N GLY F 20 -13.97 -2.14 -43.43
CA GLY F 20 -13.98 -3.15 -44.47
C GLY F 20 -14.32 -2.63 -45.86
N GLY F 21 -14.29 -1.32 -46.08
CA GLY F 21 -14.68 -0.71 -47.35
C GLY F 21 -13.53 -0.29 -48.24
N SER F 22 -13.69 0.88 -48.88
CA SER F 22 -12.84 1.18 -50.04
C SER F 22 -11.38 1.39 -49.67
N LEU F 23 -11.07 1.85 -48.45
CA LEU F 23 -9.68 2.10 -48.06
C LEU F 23 -9.03 0.94 -47.33
N LYS F 24 -9.73 -0.19 -47.16
CA LYS F 24 -9.24 -1.23 -46.27
C LYS F 24 -7.87 -1.74 -46.68
N ASN F 25 -7.58 -1.73 -47.99
CA ASN F 25 -6.31 -2.23 -48.48
C ASN F 25 -5.26 -1.15 -48.67
N THR F 26 -5.52 0.08 -48.17
CA THR F 26 -4.58 1.19 -48.29
C THR F 26 -3.95 1.45 -46.91
N PRO F 27 -2.68 1.08 -46.66
CA PRO F 27 -2.16 1.23 -45.30
C PRO F 27 -2.24 2.69 -44.83
N ALA F 28 -2.32 2.83 -43.51
CA ALA F 28 -2.31 4.14 -42.87
C ALA F 28 -1.16 4.98 -43.39
N ALA F 29 0.03 4.39 -43.54
CA ALA F 29 1.18 5.17 -43.97
C ALA F 29 0.99 5.75 -45.36
N GLU F 30 0.31 5.00 -46.25
CA GLU F 30 0.08 5.49 -47.62
C GLU F 30 -0.97 6.60 -47.67
N MET F 31 -2.09 6.44 -46.97
CA MET F 31 -3.11 7.51 -46.93
C MET F 31 -2.46 8.80 -46.40
N GLY F 32 -1.61 8.67 -45.38
CA GLY F 32 -0.96 9.83 -44.80
C GLY F 32 0.01 10.47 -45.78
N ALA F 33 0.72 9.65 -46.55
CA ALA F 33 1.62 10.21 -47.55
C ALA F 33 0.83 10.98 -48.60
N VAL F 34 -0.32 10.45 -49.01
CA VAL F 34 -1.16 11.14 -49.98
C VAL F 34 -1.54 12.54 -49.49
N VAL F 35 -2.02 12.64 -48.25
CA VAL F 35 -2.52 13.95 -47.83
C VAL F 35 -1.37 14.89 -47.47
N VAL F 36 -0.24 14.35 -47.01
CA VAL F 36 0.91 15.20 -46.69
C VAL F 36 1.48 15.80 -47.97
N LYS F 37 1.69 14.96 -48.99
CA LYS F 37 2.22 15.47 -50.24
C LYS F 37 1.29 16.52 -50.86
N GLU F 38 -0.02 16.25 -50.91
CA GLU F 38 -0.98 17.25 -51.42
C GLU F 38 -1.03 18.52 -50.55
N ALA F 39 -0.99 18.36 -49.22
CA ALA F 39 -1.07 19.51 -48.34
C ALA F 39 0.10 20.47 -48.58
N LEU F 40 1.30 19.92 -48.74
CA LEU F 40 2.46 20.73 -49.05
C LEU F 40 2.32 21.38 -50.42
N LYS F 41 1.75 20.64 -51.38
CA LYS F 41 1.58 21.20 -52.71
C LYS F 41 0.61 22.40 -52.69
N ARG F 42 -0.53 22.23 -52.05
CA ARG F 42 -1.48 23.33 -51.94
C ARG F 42 -0.90 24.49 -51.14
N ALA F 43 -0.05 24.21 -50.16
CA ALA F 43 0.57 25.27 -49.38
C ALA F 43 1.70 25.96 -50.12
N ASN F 44 2.11 25.43 -51.28
CA ASN F 44 3.27 25.98 -51.97
C ASN F 44 4.54 25.93 -51.11
N VAL F 45 4.71 24.84 -50.38
CA VAL F 45 5.86 24.65 -49.49
C VAL F 45 6.67 23.49 -50.05
N ALA F 46 7.95 23.73 -50.31
CA ALA F 46 8.77 22.63 -50.79
C ALA F 46 9.03 21.65 -49.64
N PRO F 47 9.01 20.34 -49.91
CA PRO F 47 9.27 19.34 -48.85
C PRO F 47 10.55 19.57 -48.09
N GLU F 48 11.58 20.08 -48.76
CA GLU F 48 12.87 20.22 -48.08
C GLU F 48 12.84 21.34 -47.06
N ASN F 49 11.78 22.16 -47.04
CA ASN F 49 11.66 23.24 -46.07
C ASN F 49 10.85 22.86 -44.84
N VAL F 50 10.33 21.63 -44.77
CA VAL F 50 9.65 21.21 -43.56
C VAL F 50 10.69 20.96 -42.48
N ASP F 51 10.44 21.43 -41.25
CA ASP F 51 11.42 21.11 -40.19
C ASP F 51 11.14 19.80 -39.45
N GLU F 52 9.88 19.40 -39.34
CA GLU F 52 9.51 18.14 -38.69
C GLU F 52 8.13 17.78 -39.17
N LEU F 53 7.83 16.49 -39.18
CA LEU F 53 6.48 16.00 -39.34
C LEU F 53 6.04 15.29 -38.06
N MET F 54 4.86 15.67 -37.56
CA MET F 54 4.26 14.96 -36.44
C MET F 54 2.88 14.49 -36.82
N PHE F 55 2.63 13.18 -36.65
CA PHE F 55 1.42 12.54 -37.21
C PHE F 55 0.75 11.64 -36.19
N GLY F 56 -0.57 11.80 -36.05
CA GLY F 56 -1.36 10.89 -35.22
C GLY F 56 -1.63 9.54 -35.88
N CYS F 57 -1.51 8.48 -35.07
CA CYS F 57 -1.83 7.11 -35.47
C CYS F 57 -1.76 6.23 -34.21
N ILE F 58 -2.81 5.52 -33.87
CA ILE F 58 -2.80 4.75 -32.63
C ILE F 58 -2.90 3.24 -32.84
N LEU F 59 -3.45 2.74 -33.97
CA LEU F 59 -3.50 1.28 -34.23
C LEU F 59 -2.27 0.91 -35.05
N THR F 60 -1.16 1.00 -34.40
CA THR F 60 0.14 0.94 -35.09
C THR F 60 0.64 -0.49 -35.12
N SER F 61 -0.17 -1.40 -34.62
CA SER F 61 0.29 -2.78 -34.46
C SER F 61 0.69 -3.35 -35.82
N ALA F 62 1.96 -3.78 -35.92
CA ALA F 62 2.50 -4.48 -37.10
C ALA F 62 2.59 -3.57 -38.33
N GLN F 63 2.56 -2.24 -38.14
CA GLN F 63 2.73 -1.33 -39.26
C GLN F 63 4.19 -0.98 -39.53
N GLY F 64 5.14 -1.45 -38.72
CA GLY F 64 6.54 -1.11 -38.94
C GLY F 64 6.99 0.02 -38.04
N GLN F 65 8.26 0.37 -38.16
CA GLN F 65 8.82 1.42 -37.31
C GLN F 65 8.18 2.78 -37.62
N ASN F 66 7.60 3.42 -36.62
CA ASN F 66 7.31 4.88 -36.68
C ASN F 66 6.43 5.26 -37.90
N VAL F 67 5.11 5.01 -37.84
CA VAL F 67 4.23 5.34 -38.98
C VAL F 67 4.42 6.78 -39.46
N ALA F 68 4.67 7.73 -38.53
CA ALA F 68 4.85 9.13 -38.99
C ALA F 68 6.05 9.29 -39.93
N ARG F 69 7.17 8.60 -39.64
CA ARG F 69 8.35 8.67 -40.51
C ARG F 69 8.06 8.04 -41.87
N GLN F 70 7.30 6.95 -41.89
CA GLN F 70 6.91 6.34 -43.16
C GLN F 70 6.09 7.29 -44.02
N VAL F 71 5.13 7.99 -43.38
CA VAL F 71 4.33 9.00 -44.06
C VAL F 71 5.24 10.06 -44.65
N SER F 72 6.15 10.57 -43.81
CA SER F 72 7.03 11.65 -44.24
C SER F 72 7.83 11.25 -45.46
N ILE F 73 8.50 10.10 -45.39
CA ILE F 73 9.39 9.70 -46.48
C ILE F 73 8.57 9.41 -47.73
N LYS F 74 7.40 8.75 -47.57
CA LYS F 74 6.62 8.38 -48.75
C LYS F 74 6.00 9.61 -49.40
N ALA F 75 5.79 10.67 -48.64
CA ALA F 75 5.29 11.93 -49.20
C ALA F 75 6.37 12.72 -49.95
N GLY F 76 7.63 12.21 -49.98
CA GLY F 76 8.73 12.95 -50.57
C GLY F 76 9.43 13.96 -49.66
N ILE F 77 9.17 13.96 -48.35
CA ILE F 77 9.98 14.77 -47.43
C ILE F 77 11.34 14.11 -47.25
N PRO F 78 12.46 14.84 -47.30
CA PRO F 78 13.78 14.19 -47.31
C PRO F 78 14.13 13.48 -46.01
N TYR F 79 15.13 12.60 -46.12
CA TYR F 79 15.65 11.87 -44.94
C TYR F 79 16.08 12.80 -43.81
N SER F 80 16.53 14.00 -44.13
CA SER F 80 17.05 14.91 -43.09
C SER F 80 15.96 15.40 -42.14
N VAL F 81 14.69 15.27 -42.50
CA VAL F 81 13.59 15.84 -41.74
C VAL F 81 13.08 14.81 -40.73
N PRO F 82 13.16 15.06 -39.44
CA PRO F 82 12.69 14.03 -38.49
C PRO F 82 11.17 14.00 -38.43
N ALA F 83 10.66 12.91 -37.89
CA ALA F 83 9.23 12.69 -37.82
C ALA F 83 8.93 11.77 -36.64
N TYR F 84 7.77 11.96 -36.00
CA TYR F 84 7.40 11.03 -34.94
C TYR F 84 5.88 10.92 -34.86
N THR F 85 5.44 9.83 -34.24
CA THR F 85 4.04 9.41 -34.20
C THR F 85 3.44 9.77 -32.84
N VAL F 86 2.27 10.39 -32.90
CA VAL F 86 1.60 11.00 -31.76
C VAL F 86 0.49 10.04 -31.37
N GLY F 87 0.49 9.58 -30.11
CA GLY F 87 -0.53 8.67 -29.64
C GLY F 87 -1.34 9.25 -28.51
N MET F 88 -2.53 9.73 -28.82
CA MET F 88 -3.44 10.30 -27.84
C MET F 88 -4.86 9.87 -28.19
N VAL F 89 -5.05 8.57 -28.46
CA VAL F 89 -6.35 7.96 -28.89
C VAL F 89 -7.01 8.84 -29.96
N GLY F 91 -7.74 11.83 -30.05
CA GLY F 91 -7.20 13.17 -30.12
C GLY F 91 -5.92 13.32 -30.91
N SER F 92 -5.33 12.19 -31.32
CA SER F 92 -3.96 12.22 -31.83
C SER F 92 -3.79 13.22 -32.97
N GLY F 93 -4.80 13.30 -33.84
CA GLY F 93 -4.68 14.16 -35.00
C GLY F 93 -4.66 15.63 -34.63
N MET F 94 -5.37 16.01 -33.59
CA MET F 94 -5.30 17.41 -33.22
C MET F 94 -4.11 17.64 -32.28
N LYS F 95 -3.73 16.61 -31.50
CA LYS F 95 -2.54 16.72 -30.64
C LYS F 95 -1.30 17.01 -31.47
N SER F 96 -1.23 16.44 -32.66
CA SER F 96 -0.08 16.72 -33.52
C SER F 96 0.02 18.21 -33.84
N VAL F 97 -1.12 18.88 -34.00
CA VAL F 97 -1.14 20.34 -34.21
C VAL F 97 -0.65 21.07 -32.96
N ILE F 98 -1.17 20.71 -31.80
CA ILE F 98 -0.71 21.34 -30.56
C ILE F 98 0.80 21.14 -30.38
N GLU F 99 1.30 19.92 -30.65
CA GLU F 99 2.72 19.66 -30.54
C GLU F 99 3.50 20.44 -31.57
N GLY F 100 2.96 20.56 -32.79
CA GLY F 100 3.65 21.35 -33.80
C GLY F 100 3.70 22.82 -33.43
N ALA F 101 2.58 23.36 -32.90
CA ALA F 101 2.58 24.75 -32.46
C ALA F 101 3.63 24.99 -31.38
N ARG F 102 3.69 24.10 -30.39
CA ARG F 102 4.65 24.28 -29.30
C ARG F 102 6.07 24.29 -29.82
N SER F 103 6.37 23.43 -30.78
CA SER F 103 7.70 23.39 -31.35
C SER F 103 8.08 24.74 -31.99
N ILE F 104 7.16 25.34 -32.73
CA ILE F 104 7.46 26.62 -33.37
C ILE F 104 7.63 27.73 -32.35
N LEU F 105 6.73 27.78 -31.36
CA LEU F 105 6.81 28.84 -30.35
C LEU F 105 8.08 28.72 -29.52
N ALA F 106 8.54 27.48 -29.28
CA ALA F 106 9.76 27.26 -28.53
C ALA F 106 10.96 27.74 -29.30
N GLY F 107 10.81 27.97 -30.60
CA GLY F 107 11.93 28.39 -31.41
C GLY F 107 12.71 27.28 -32.08
N ASP F 108 12.23 26.03 -32.04
CA ASP F 108 12.95 24.93 -32.69
C ASP F 108 12.68 24.76 -34.18
N SER F 109 11.59 25.32 -34.69
CA SER F 109 11.18 25.08 -36.05
C SER F 109 10.31 26.24 -36.54
N ASP F 110 10.10 26.29 -37.86
CA ASP F 110 9.21 27.27 -38.47
C ASP F 110 8.13 26.65 -39.36
N ILE F 111 8.39 25.46 -39.90
CA ILE F 111 7.35 24.74 -40.66
C ILE F 111 7.25 23.31 -40.12
N VAL F 112 6.05 22.92 -39.68
CA VAL F 112 5.79 21.57 -39.20
C VAL F 112 4.61 21.01 -39.95
N VAL F 113 4.74 19.77 -40.46
CA VAL F 113 3.59 19.06 -41.02
C VAL F 113 2.91 18.30 -39.88
N CYS F 114 1.61 18.53 -39.71
CA CYS F 114 0.80 17.89 -38.71
C CYS F 114 -0.31 17.08 -39.37
N GLY F 115 -1.00 16.28 -38.56
CA GLY F 115 -2.16 15.53 -39.07
C GLY F 115 -2.29 14.16 -38.41
N GLY F 116 -2.99 13.27 -39.10
CA GLY F 116 -3.14 11.91 -38.59
C GLY F 116 -3.66 10.98 -39.66
N THR F 117 -3.49 9.68 -39.41
CA THR F 117 -3.97 8.66 -40.32
C THR F 117 -4.39 7.45 -39.50
N GLU F 118 -5.46 6.74 -39.95
CA GLU F 118 -5.85 5.51 -39.28
C GLU F 118 -6.51 4.57 -40.28
N ASN F 119 -5.97 3.36 -40.43
CA ASN F 119 -6.70 2.27 -41.10
C ASN F 119 -7.21 1.33 -40.01
N MET F 120 -8.47 1.52 -39.62
CA MET F 120 -9.08 0.70 -38.60
C MET F 120 -9.43 -0.68 -39.18
N SER F 121 -9.79 -0.75 -40.48
CA SER F 121 -10.08 -2.04 -41.13
C SER F 121 -8.89 -2.97 -41.09
N ALA F 122 -7.69 -2.41 -41.14
CA ALA F 122 -6.48 -3.19 -41.28
C ALA F 122 -5.86 -3.58 -39.93
N ALA F 123 -6.38 -3.09 -38.82
CA ALA F 123 -5.72 -3.38 -37.57
C ALA F 123 -5.81 -4.89 -37.28
N PRO F 124 -4.76 -5.47 -36.78
CA PRO F 124 -4.74 -6.95 -36.69
C PRO F 124 -5.34 -7.51 -35.41
N PHE F 125 -5.31 -8.81 -35.36
CA PHE F 125 -5.60 -9.56 -34.15
C PHE F 125 -4.27 -10.04 -33.58
N ALA F 126 -4.18 -10.10 -32.25
CA ALA F 126 -2.92 -10.36 -31.53
C ALA F 126 -3.06 -11.54 -30.56
N SER F 127 -1.96 -12.27 -30.34
CA SER F 127 -1.90 -13.27 -29.28
C SER F 127 -0.86 -12.84 -28.25
N MET F 128 -1.29 -12.63 -27.02
CA MET F 128 -0.37 -12.30 -25.94
C MET F 128 0.38 -13.53 -25.45
N ASP F 129 -0.15 -14.72 -25.72
CA ASP F 129 0.41 -15.96 -25.19
C ASP F 129 1.41 -16.62 -26.12
N ALA F 130 1.40 -16.26 -27.41
CA ALA F 130 2.18 -17.03 -28.39
C ALA F 130 3.68 -16.97 -28.12
N ARG F 131 4.21 -15.83 -27.66
CA ARG F 131 5.66 -15.68 -27.58
C ARG F 131 6.30 -16.67 -26.59
N TRP F 132 5.83 -16.68 -25.33
CA TRP F 132 6.39 -17.57 -24.31
C TRP F 132 5.59 -18.87 -24.08
N GLY F 133 4.40 -19.00 -24.65
CA GLY F 133 3.64 -20.24 -24.69
C GLY F 133 2.33 -20.12 -23.91
N ALA F 134 1.26 -20.70 -24.49
CA ALA F 134 -0.04 -20.86 -23.84
C ALA F 134 -0.05 -22.00 -22.84
N ARG F 135 0.73 -23.04 -23.14
CA ARG F 135 0.97 -24.30 -22.43
C ARG F 135 -0.26 -25.23 -22.37
N MET F 136 -1.43 -24.69 -22.09
CA MET F 136 -2.64 -25.50 -21.90
C MET F 136 -3.82 -24.57 -21.68
N GLY F 137 -4.99 -24.89 -22.24
CA GLY F 137 -6.15 -24.03 -22.03
C GLY F 137 -6.38 -23.01 -23.13
N ASP F 138 -7.64 -22.88 -23.56
CA ASP F 138 -7.98 -21.91 -24.60
C ASP F 138 -7.51 -20.51 -24.19
N LYS F 139 -7.05 -19.72 -25.15
CA LYS F 139 -6.57 -18.37 -24.91
C LYS F 139 -7.36 -17.41 -25.80
N LYS F 140 -7.06 -16.13 -25.69
CA LYS F 140 -7.79 -15.11 -26.44
C LYS F 140 -6.97 -14.64 -27.62
N LEU F 141 -7.65 -14.36 -28.76
CA LEU F 141 -7.06 -13.54 -29.80
C LEU F 141 -7.68 -12.15 -29.73
N VAL F 142 -6.87 -11.17 -29.42
CA VAL F 142 -7.31 -9.82 -29.06
C VAL F 142 -7.53 -9.03 -30.34
N ASP F 143 -8.69 -8.40 -30.46
CA ASP F 143 -8.94 -7.38 -31.49
C ASP F 143 -8.20 -6.10 -31.11
N THR F 144 -7.10 -5.78 -31.82
CA THR F 144 -6.31 -4.62 -31.39
C THR F 144 -7.04 -3.32 -31.65
N MET F 145 -7.95 -3.33 -32.63
CA MET F 145 -8.76 -2.14 -32.92
C MET F 145 -9.61 -1.77 -31.72
N ILE F 146 -10.31 -2.75 -31.17
CA ILE F 146 -11.16 -2.52 -30.01
C ILE F 146 -10.32 -2.26 -28.77
N LYS F 147 -9.28 -3.09 -28.57
CA LYS F 147 -8.50 -3.01 -27.34
C LYS F 147 -7.76 -1.69 -27.24
N ASP F 148 -7.08 -1.30 -28.32
CA ASP F 148 -6.24 -0.10 -28.27
C ASP F 148 -6.97 1.15 -28.70
N GLY F 149 -8.11 1.01 -29.40
CA GLY F 149 -8.82 2.17 -29.87
C GLY F 149 -10.11 2.50 -29.12
N LEU F 150 -10.88 1.49 -28.73
CA LEU F 150 -12.26 1.70 -28.29
C LEU F 150 -12.60 1.18 -26.90
N TRP F 151 -11.62 0.73 -26.13
CA TRP F 151 -11.87 0.07 -24.84
C TRP F 151 -11.24 0.90 -23.73
N ASP F 152 -11.94 1.08 -22.64
CA ASP F 152 -11.31 1.82 -21.54
C ASP F 152 -10.36 0.93 -20.74
N ALA F 153 -9.15 1.44 -20.48
CA ALA F 153 -8.12 0.68 -19.75
C ALA F 153 -8.34 0.62 -18.25
N TYR F 154 -9.19 1.48 -17.69
CA TYR F 154 -9.37 1.58 -16.25
C TYR F 154 -10.63 0.90 -15.74
N ASN F 155 -11.71 0.91 -16.54
CA ASN F 155 -13.00 0.38 -16.14
C ASN F 155 -13.41 -0.83 -16.96
N ASN F 156 -12.61 -1.22 -17.95
CA ASN F 156 -12.85 -2.46 -18.67
C ASN F 156 -14.23 -2.51 -19.32
N TYR F 157 -14.57 -1.45 -20.04
CA TYR F 157 -15.71 -1.52 -20.93
C TYR F 157 -15.50 -0.53 -22.08
N HIS F 158 -16.40 -0.62 -23.05
CA HIS F 158 -16.31 0.07 -24.33
C HIS F 158 -16.52 1.56 -24.13
N MET F 159 -15.96 2.33 -25.06
CA MET F 159 -16.27 3.76 -25.18
C MET F 159 -17.78 3.98 -25.18
N GLY F 160 -18.53 3.07 -25.83
CA GLY F 160 -19.97 3.22 -25.92
C GLY F 160 -20.64 3.12 -24.57
N THR F 161 -20.04 2.37 -23.64
CA THR F 161 -20.58 2.36 -22.29
C THR F 161 -20.28 3.66 -21.56
N THR F 162 -19.13 4.31 -21.83
CA THR F 162 -18.89 5.62 -21.21
C THR F 162 -19.92 6.64 -21.67
N ALA F 163 -20.41 6.51 -22.90
CA ALA F 163 -21.48 7.39 -23.38
C ALA F 163 -22.79 7.10 -22.67
N GLU F 164 -23.06 5.83 -22.36
CA GLU F 164 -24.26 5.54 -21.57
C GLU F 164 -24.17 6.16 -20.18
N ASN F 165 -22.97 6.24 -19.61
CA ASN F 165 -22.77 6.91 -18.34
C ASN F 165 -23.15 8.39 -18.44
N ILE F 166 -22.68 9.06 -19.50
CA ILE F 166 -23.07 10.46 -19.68
C ILE F 166 -24.57 10.61 -19.85
N ASN F 167 -25.20 9.74 -20.66
CA ASN F 167 -26.66 9.74 -20.77
C ASN F 167 -27.31 9.72 -19.40
N ASP F 168 -26.79 8.90 -18.48
CA ASP F 168 -27.33 8.81 -17.13
C ASP F 168 -27.08 10.09 -16.34
N ILE F 169 -25.82 10.55 -16.28
CA ILE F 169 -25.49 11.70 -15.44
C ILE F 169 -26.17 12.96 -15.96
N TRP F 170 -26.11 13.20 -17.26
CA TRP F 170 -26.66 14.41 -17.84
C TRP F 170 -28.15 14.31 -18.13
N GLY F 171 -28.72 13.09 -18.16
CA GLY F 171 -30.13 12.97 -18.48
C GLY F 171 -30.41 13.29 -19.93
N ILE F 172 -29.94 12.42 -20.83
CA ILE F 172 -30.07 12.62 -22.27
C ILE F 172 -30.95 11.50 -22.81
N THR F 173 -32.13 11.85 -23.31
CA THR F 173 -33.03 10.84 -23.84
C THR F 173 -32.48 10.21 -25.12
N ARG F 174 -32.98 9.01 -25.40
CA ARG F 174 -32.74 8.37 -26.69
C ARG F 174 -33.24 9.23 -27.84
N ARG F 175 -34.45 9.81 -27.70
CA ARG F 175 -35.01 10.66 -28.74
C ARG F 175 -34.08 11.80 -29.10
N GLU F 176 -33.59 12.54 -28.08
CA GLU F 176 -32.67 13.63 -28.36
C GLU F 176 -31.40 13.15 -29.09
N GLN F 177 -30.91 11.95 -28.74
CA GLN F 177 -29.70 11.47 -29.43
C GLN F 177 -30.00 11.10 -30.87
N ASP F 178 -31.18 10.53 -31.12
CA ASP F 178 -31.57 10.17 -32.47
C ASP F 178 -31.80 11.42 -33.32
N GLU F 179 -32.38 12.46 -32.74
CA GLU F 179 -32.57 13.70 -33.50
C GLU F 179 -31.23 14.36 -33.82
N PHE F 180 -30.29 14.33 -32.87
CA PHE F 180 -28.95 14.85 -33.12
C PHE F 180 -28.29 14.10 -34.26
N ALA F 181 -28.33 12.76 -34.22
CA ALA F 181 -27.75 11.95 -35.28
C ALA F 181 -28.42 12.20 -36.62
N ALA F 182 -29.75 12.32 -36.63
CA ALA F 182 -30.46 12.56 -37.88
C ALA F 182 -30.10 13.91 -38.50
N ALA F 183 -29.95 14.94 -37.67
CA ALA F 183 -29.48 16.24 -38.17
C ALA F 183 -28.09 16.14 -38.79
N SER F 184 -27.18 15.41 -38.14
CA SER F 184 -25.85 15.22 -38.72
C SER F 184 -25.93 14.58 -40.10
N GLN F 185 -26.74 13.52 -40.24
CA GLN F 185 -26.87 12.83 -41.53
C GLN F 185 -27.50 13.74 -42.60
N GLN F 186 -28.52 14.52 -42.19
CA GLN F 186 -29.18 15.45 -43.12
C GLN F 186 -28.20 16.51 -43.62
N LYS F 187 -27.42 17.09 -42.72
CA LYS F 187 -26.49 18.17 -43.13
C LYS F 187 -25.39 17.61 -44.04
N THR F 188 -24.89 16.43 -43.73
CA THR F 188 -23.90 15.81 -44.59
C THR F 188 -24.48 15.49 -45.95
N GLU F 189 -25.71 14.97 -45.97
CA GLU F 189 -26.34 14.65 -47.25
C GLU F 189 -26.48 15.90 -48.12
N ALA F 190 -26.88 17.02 -47.54
CA ALA F 190 -26.97 18.26 -48.30
C ALA F 190 -25.58 18.81 -48.68
N ALA F 191 -24.62 18.69 -47.77
CA ALA F 191 -23.25 19.08 -48.06
C ALA F 191 -22.66 18.27 -49.22
N GLN F 192 -22.90 16.95 -49.22
CA GLN F 192 -22.45 16.09 -50.31
C GLN F 192 -23.17 16.41 -51.62
N ALA F 193 -24.49 16.71 -51.58
CA ALA F 193 -25.20 17.10 -52.80
C ALA F 193 -24.69 18.43 -53.36
N ALA F 194 -24.20 19.31 -52.51
CA ALA F 194 -23.69 20.59 -52.97
C ALA F 194 -22.19 20.56 -53.23
N GLY F 195 -21.55 19.40 -53.15
CA GLY F 195 -20.11 19.36 -53.34
C GLY F 195 -19.33 20.14 -52.31
N ARG F 196 -19.81 20.23 -51.06
CA ARG F 196 -19.13 21.11 -50.10
C ARG F 196 -17.74 20.61 -49.78
N PHE F 197 -17.50 19.31 -49.85
CA PHE F 197 -16.22 18.73 -49.46
C PHE F 197 -15.23 18.63 -50.60
N ASP F 198 -15.60 19.12 -51.78
CA ASP F 198 -14.76 18.92 -52.96
C ASP F 198 -13.42 19.66 -52.83
N ASP F 199 -13.42 20.81 -52.17
CA ASP F 199 -12.19 21.58 -51.94
C ASP F 199 -11.24 20.85 -50.98
N GLU F 200 -11.76 20.19 -49.95
CA GLU F 200 -10.86 19.67 -48.92
C GLU F 200 -10.40 18.24 -49.18
N ILE F 201 -11.07 17.48 -50.06
CA ILE F 201 -10.75 16.06 -50.26
C ILE F 201 -9.69 15.90 -51.34
N VAL F 202 -8.74 15.01 -51.12
CA VAL F 202 -7.78 14.61 -52.16
C VAL F 202 -8.05 13.15 -52.49
N PRO F 203 -8.16 12.77 -53.76
CA PRO F 203 -8.44 11.36 -54.08
C PRO F 203 -7.29 10.43 -53.70
N VAL F 204 -7.66 9.22 -53.29
CA VAL F 204 -6.74 8.14 -53.04
C VAL F 204 -7.01 7.07 -54.09
N MET F 205 -5.97 6.59 -54.74
CA MET F 205 -6.20 5.57 -55.77
C MET F 205 -6.29 4.21 -55.11
N ILE F 206 -7.32 3.47 -55.45
CA ILE F 206 -7.61 2.18 -54.83
C ILE F 206 -7.80 1.13 -55.92
N LYS F 207 -7.52 -0.12 -55.58
CA LYS F 207 -7.60 -1.22 -56.54
C LYS F 207 -8.99 -1.85 -56.47
N VAL F 208 -9.70 -1.86 -57.61
CA VAL F 208 -11.05 -2.41 -57.72
C VAL F 208 -11.09 -3.31 -58.95
N LYS F 209 -11.31 -4.61 -58.73
CA LYS F 209 -11.09 -5.63 -59.76
C LYS F 209 -9.61 -5.59 -60.11
N LYS F 210 -9.24 -5.32 -61.36
CA LYS F 210 -7.84 -5.24 -61.77
C LYS F 210 -7.43 -3.81 -62.09
N GLU F 211 -8.16 -2.80 -61.58
CA GLU F 211 -8.00 -1.42 -62.01
C GLU F 211 -7.80 -0.49 -60.82
N MET F 212 -6.89 0.47 -60.99
CA MET F 212 -6.75 1.65 -60.13
C MET F 212 -7.83 2.68 -60.45
N VAL F 213 -8.64 3.04 -59.47
CA VAL F 213 -9.68 4.05 -59.61
C VAL F 213 -9.60 5.02 -58.44
N PRO F 214 -10.04 6.28 -58.60
CA PRO F 214 -9.92 7.24 -57.50
C PRO F 214 -11.09 7.11 -56.54
N PHE F 215 -10.78 6.99 -55.25
CA PHE F 215 -11.73 7.07 -54.16
C PHE F 215 -11.73 8.52 -53.64
N ALA F 216 -12.85 9.21 -53.83
CA ALA F 216 -12.87 10.64 -53.54
C ALA F 216 -14.18 11.12 -52.95
N LYS F 217 -15.06 10.23 -52.52
CA LYS F 217 -16.31 10.65 -51.90
C LYS F 217 -16.51 9.89 -50.61
N ASP F 218 -16.89 10.59 -49.54
CA ASP F 218 -17.18 9.90 -48.28
C ASP F 218 -18.30 8.86 -48.45
N GLU F 219 -18.01 7.61 -48.01
CA GLU F 219 -18.92 6.49 -48.29
C GLU F 219 -19.68 6.01 -47.07
N TYR F 220 -19.36 6.51 -45.88
CA TYR F 220 -20.13 6.20 -44.67
C TYR F 220 -21.51 6.86 -44.57
N PRO F 221 -21.75 8.08 -45.07
CA PRO F 221 -23.04 8.75 -44.80
C PRO F 221 -24.22 7.96 -45.33
N LYS F 222 -25.34 8.02 -44.59
CA LYS F 222 -26.57 7.34 -45.03
C LYS F 222 -27.58 8.37 -45.47
N ALA F 223 -28.27 8.09 -46.58
CA ALA F 223 -29.21 9.05 -47.16
C ALA F 223 -30.61 8.82 -46.59
N GLY F 224 -31.38 9.91 -46.50
CA GLY F 224 -32.76 9.88 -46.01
C GLY F 224 -32.95 9.56 -44.53
N VAL F 225 -31.98 9.85 -43.68
CA VAL F 225 -32.10 9.52 -42.25
C VAL F 225 -33.00 10.54 -41.56
N THR F 226 -33.97 10.04 -40.78
CA THR F 226 -34.74 10.87 -39.84
C THR F 226 -34.64 10.26 -38.45
N ALA F 227 -35.04 11.03 -37.43
CA ALA F 227 -35.03 10.47 -36.07
C ALA F 227 -35.99 9.28 -35.94
N ASP F 228 -37.15 9.34 -36.63
CA ASP F 228 -38.08 8.21 -36.54
C ASP F 228 -37.54 6.97 -37.23
N SER F 229 -36.73 7.13 -38.27
CA SER F 229 -36.27 5.96 -39.01
C SER F 229 -35.25 5.15 -38.20
N ILE F 230 -34.62 5.74 -37.20
CA ILE F 230 -33.62 5.06 -36.38
C ILE F 230 -34.12 4.81 -34.96
N ALA F 231 -35.39 5.10 -34.71
CA ALA F 231 -36.03 4.82 -33.43
C ALA F 231 -36.18 3.33 -33.15
N LYS F 232 -36.05 2.45 -34.16
CA LYS F 232 -36.32 1.05 -33.95
C LYS F 232 -35.07 0.24 -33.58
N LEU F 233 -33.88 0.81 -33.71
CA LEU F 233 -32.70 -0.01 -33.53
C LEU F 233 -32.47 -0.34 -32.06
N LYS F 234 -31.80 -1.45 -31.82
CA LYS F 234 -31.51 -1.85 -30.45
C LYS F 234 -30.23 -1.18 -29.95
N GLY F 235 -30.17 -0.95 -28.64
CA GLY F 235 -28.96 -0.43 -28.05
C GLY F 235 -27.77 -1.33 -28.35
N ALA F 236 -26.65 -0.71 -28.70
CA ALA F 236 -25.43 -1.42 -29.10
C ALA F 236 -24.50 -1.73 -27.94
N PHE F 237 -24.67 -1.10 -26.78
CA PHE F 237 -23.71 -1.20 -25.69
C PHE F 237 -24.43 -1.40 -24.36
N PRO F 238 -23.83 -2.15 -23.43
CA PRO F 238 -24.42 -2.25 -22.09
C PRO F 238 -24.30 -0.92 -21.39
N VAL F 239 -25.29 -0.63 -20.54
CA VAL F 239 -25.08 0.48 -19.62
C VAL F 239 -23.97 0.10 -18.64
N GLY F 240 -23.40 1.11 -17.98
CA GLY F 240 -22.32 0.87 -17.05
C GLY F 240 -22.75 0.08 -15.84
N PRO F 241 -21.78 -0.41 -15.06
CA PRO F 241 -22.10 -0.77 -13.67
C PRO F 241 -22.59 0.49 -12.97
N GLU F 242 -23.10 0.34 -11.76
CA GLU F 242 -23.60 1.50 -11.02
C GLU F 242 -24.57 2.40 -11.82
N SER F 243 -25.01 1.96 -13.00
CA SER F 243 -26.11 2.64 -13.68
C SER F 243 -27.39 2.48 -12.85
N PRO F 244 -28.26 3.51 -12.80
CA PRO F 244 -28.21 4.78 -13.50
C PRO F 244 -27.47 5.91 -12.76
N ASN F 245 -26.65 5.60 -11.75
CA ASN F 245 -25.97 6.62 -10.96
C ASN F 245 -24.47 6.34 -10.89
N PRO F 246 -23.76 6.55 -12.00
CA PRO F 246 -22.30 6.35 -11.97
C PRO F 246 -21.62 7.28 -10.99
N VAL F 247 -20.61 6.76 -10.30
CA VAL F 247 -19.78 7.57 -9.41
C VAL F 247 -18.56 8.03 -10.21
N VAL F 248 -18.48 9.34 -10.47
CA VAL F 248 -17.37 9.89 -11.22
C VAL F 248 -16.67 10.97 -10.39
N VAL F 249 -15.40 11.18 -10.67
CA VAL F 249 -14.64 12.32 -10.17
C VAL F 249 -14.83 13.45 -11.17
N ASN F 250 -15.36 14.59 -10.72
CA ASN F 250 -15.64 15.73 -11.62
C ASN F 250 -14.43 16.67 -11.66
N THR F 251 -13.90 16.90 -12.86
CA THR F 251 -12.85 17.90 -13.00
C THR F 251 -13.39 19.28 -13.35
N PHE F 252 -14.70 19.39 -13.58
CA PHE F 252 -15.41 20.66 -13.71
C PHE F 252 -16.80 20.45 -13.17
N GLU F 253 -17.48 21.55 -12.81
CA GLU F 253 -18.84 21.48 -12.26
C GLU F 253 -19.84 21.53 -13.41
N PRO F 254 -20.59 20.45 -13.67
CA PRO F 254 -21.58 20.48 -14.75
C PRO F 254 -22.73 21.40 -14.42
N THR F 255 -23.22 22.12 -15.42
CA THR F 255 -24.45 22.89 -15.28
C THR F 255 -25.56 22.37 -16.17
N GLY F 256 -25.31 21.33 -16.96
CA GLY F 256 -26.22 20.87 -17.99
C GLY F 256 -26.97 19.61 -17.66
N CYS F 257 -26.94 19.15 -16.42
CA CYS F 257 -27.58 17.90 -16.07
C CYS F 257 -29.08 18.11 -15.87
N GLN F 258 -29.83 17.02 -16.00
CA GLN F 258 -31.27 17.02 -15.88
C GLN F 258 -31.71 15.57 -15.80
N ASP F 259 -33.01 15.37 -15.53
CA ASP F 259 -33.57 14.04 -15.37
C ASP F 259 -34.27 13.61 -16.65
N ALA F 260 -34.18 12.31 -16.96
CA ALA F 260 -34.74 11.75 -18.18
C ALA F 260 -35.44 10.44 -17.87
N PRO F 261 -36.64 10.22 -18.42
CA PRO F 261 -37.39 9.00 -18.08
C PRO F 261 -36.69 7.72 -18.46
N ASP F 262 -35.90 7.69 -19.53
CA ASP F 262 -35.24 6.46 -19.94
C ASP F 262 -33.85 6.27 -19.30
N LYS F 263 -33.64 6.83 -18.11
CA LYS F 263 -32.40 6.64 -17.38
C LYS F 263 -32.15 5.17 -17.07
N GLY F 264 -30.88 4.76 -17.12
CA GLY F 264 -30.56 3.38 -16.76
C GLY F 264 -30.92 2.34 -17.80
N THR F 265 -31.27 2.75 -19.02
CA THR F 265 -31.58 1.85 -20.11
C THR F 265 -30.60 2.12 -21.27
N GLN F 266 -30.59 1.22 -22.24
CA GLN F 266 -29.68 1.35 -23.37
C GLN F 266 -30.25 2.35 -24.37
N ARG F 267 -29.46 3.37 -24.69
CA ARG F 267 -29.88 4.39 -25.63
C ARG F 267 -28.90 4.62 -26.76
N VAL F 268 -27.62 4.29 -26.60
CA VAL F 268 -26.63 4.45 -27.67
C VAL F 268 -26.83 3.34 -28.67
N THR F 269 -26.88 3.69 -29.96
CA THR F 269 -27.08 2.73 -31.03
C THR F 269 -26.03 2.96 -32.12
N ALA F 270 -25.99 2.02 -33.08
CA ALA F 270 -25.15 2.20 -34.26
C ALA F 270 -25.54 3.47 -35.03
N ALA F 271 -26.81 3.88 -35.01
CA ALA F 271 -27.20 5.07 -35.75
C ALA F 271 -26.78 6.38 -35.07
N ASN F 272 -26.60 6.42 -33.74
CA ASN F 272 -26.30 7.68 -33.08
C ASN F 272 -24.94 7.66 -32.41
N ALA F 273 -24.10 6.67 -32.74
CA ALA F 273 -22.66 6.68 -32.52
C ALA F 273 -21.97 6.95 -33.86
N SER F 274 -20.72 7.43 -33.80
CA SER F 274 -19.96 7.43 -35.03
C SER F 274 -19.60 5.98 -35.40
N GLY F 275 -19.07 5.78 -36.60
CA GLY F 275 -18.68 4.46 -37.05
C GLY F 275 -17.21 4.19 -36.79
N ILE F 276 -16.77 3.04 -37.28
CA ILE F 276 -15.36 2.67 -37.35
C ILE F 276 -14.92 2.85 -38.79
N ASN F 277 -13.81 3.56 -39.02
CA ASN F 277 -13.57 4.12 -40.35
C ASN F 277 -12.08 4.24 -40.60
N ASP F 278 -11.74 4.41 -41.90
CA ASP F 278 -10.37 4.60 -42.39
C ASP F 278 -10.23 5.97 -43.07
N GLY F 279 -9.06 6.60 -42.90
CA GLY F 279 -8.87 7.93 -43.48
C GLY F 279 -7.67 8.62 -42.88
N ALA F 280 -7.35 9.79 -43.46
CA ALA F 280 -6.16 10.57 -43.09
C ALA F 280 -6.42 12.03 -43.43
N ALA F 281 -5.62 12.90 -42.82
CA ALA F 281 -5.72 14.35 -42.99
C ALA F 281 -4.37 14.97 -42.64
N ALA F 282 -3.99 16.00 -43.38
CA ALA F 282 -2.70 16.64 -43.16
C ALA F 282 -2.90 18.13 -43.08
N ILE F 283 -2.04 18.77 -42.31
CA ILE F 283 -2.10 20.20 -42.01
C ILE F 283 -0.69 20.76 -42.00
N VAL F 284 -0.46 21.81 -42.80
CA VAL F 284 0.85 22.46 -42.90
C VAL F 284 0.83 23.68 -41.98
N LEU F 285 1.67 23.64 -40.95
CA LEU F 285 1.74 24.68 -39.94
C LEU F 285 2.99 25.53 -40.15
N ALA F 286 2.85 26.86 -40.09
CA ALA F 286 4.05 27.67 -40.29
C ALA F 286 4.03 28.93 -39.45
N SER F 287 5.22 29.34 -39.00
CA SER F 287 5.40 30.61 -38.33
C SER F 287 5.10 31.80 -39.28
N GLY F 288 4.73 32.94 -38.70
CA GLY F 288 4.66 34.15 -39.50
C GLY F 288 5.96 34.44 -40.24
N GLU F 289 7.11 34.11 -39.61
CA GLU F 289 8.42 34.27 -40.26
C GLU F 289 8.52 33.48 -41.55
N ALA F 290 8.13 32.21 -41.51
CA ALA F 290 8.17 31.37 -42.70
C ALA F 290 7.16 31.83 -43.75
N VAL F 291 5.98 32.23 -43.32
CA VAL F 291 4.98 32.78 -44.26
C VAL F 291 5.57 33.95 -45.05
N ALA F 292 6.22 34.88 -44.34
CA ALA F 292 6.83 36.02 -45.03
C ALA F 292 8.03 35.60 -45.87
N LYS F 293 8.83 34.64 -45.39
CA LYS F 293 10.04 34.27 -46.11
C LYS F 293 9.73 33.56 -47.42
N TYR F 294 8.76 32.66 -47.41
CA TYR F 294 8.44 31.89 -48.60
C TYR F 294 7.24 32.46 -49.37
N GLY F 295 6.73 33.63 -48.97
CA GLY F 295 5.59 34.19 -49.67
C GLY F 295 4.36 33.30 -49.68
N LEU F 296 4.05 32.70 -48.54
CA LEU F 296 2.92 31.80 -48.41
C LEU F 296 1.62 32.57 -48.20
N LYS F 297 0.51 31.92 -48.53
CA LYS F 297 -0.83 32.50 -48.39
C LYS F 297 -1.65 31.58 -47.50
N PRO F 298 -1.58 31.79 -46.18
CA PRO F 298 -2.20 30.84 -45.24
C PRO F 298 -3.72 30.95 -45.20
N MET F 299 -4.37 29.81 -44.88
CA MET F 299 -5.82 29.77 -44.77
C MET F 299 -6.29 30.36 -43.46
N ALA F 300 -5.55 30.14 -42.37
CA ALA F 300 -6.06 30.56 -41.07
C ALA F 300 -4.90 30.70 -40.08
N LYS F 301 -5.12 31.51 -39.06
CA LYS F 301 -4.18 31.71 -37.97
C LYS F 301 -4.62 30.87 -36.78
N LEU F 302 -3.69 30.14 -36.17
CA LEU F 302 -3.98 29.39 -34.94
C LEU F 302 -3.74 30.26 -33.73
N ILE F 303 -4.81 30.61 -33.01
CA ILE F 303 -4.71 31.66 -31.98
C ILE F 303 -4.86 31.12 -30.56
N GLY F 304 -5.24 29.85 -30.40
CA GLY F 304 -5.28 29.30 -29.07
C GLY F 304 -5.50 27.81 -29.20
N TRP F 305 -5.16 27.10 -28.14
CA TRP F 305 -5.32 25.65 -28.11
C TRP F 305 -5.32 25.27 -26.65
N GLY F 306 -5.92 24.10 -26.36
CA GLY F 306 -5.92 23.61 -24.99
C GLY F 306 -6.21 22.14 -24.93
N GLN F 307 -6.08 21.60 -23.71
CA GLN F 307 -6.28 20.20 -23.42
C GLN F 307 -7.01 20.14 -22.09
N GLY F 308 -7.60 18.99 -21.82
CA GLY F 308 -8.36 18.82 -20.59
C GLY F 308 -8.35 17.36 -20.18
N GLY F 309 -8.56 17.14 -18.89
CA GLY F 309 -8.68 15.81 -18.34
C GLY F 309 -9.98 15.71 -17.57
N VAL F 310 -10.67 14.57 -17.74
CA VAL F 310 -11.92 14.24 -17.04
C VAL F 310 -11.86 12.78 -16.61
N ASP F 311 -12.89 12.36 -15.87
CA ASP F 311 -12.95 10.98 -15.44
C ASP F 311 -13.06 10.08 -16.68
N PRO F 312 -12.22 9.06 -16.81
CA PRO F 312 -12.40 8.12 -17.92
C PRO F 312 -13.83 7.62 -18.11
N LYS F 313 -14.59 7.45 -17.03
CA LYS F 313 -15.94 6.92 -17.17
C LYS F 313 -16.83 7.87 -17.99
N ILE F 314 -16.50 9.16 -18.01
CA ILE F 314 -17.30 10.15 -18.73
C ILE F 314 -16.38 10.92 -19.67
N MET F 315 -15.44 10.19 -20.26
CA MET F 315 -14.51 10.72 -21.26
C MET F 315 -15.12 11.67 -22.29
N GLY F 316 -16.42 11.53 -22.59
CA GLY F 316 -17.03 12.29 -23.66
C GLY F 316 -17.14 13.78 -23.41
N VAL F 317 -17.00 14.23 -22.16
CA VAL F 317 -17.07 15.66 -21.88
C VAL F 317 -15.67 16.27 -21.76
N GLY F 318 -14.61 15.50 -22.06
CA GLY F 318 -13.30 16.05 -22.20
C GLY F 318 -13.26 17.43 -22.87
N PRO F 319 -14.02 17.61 -23.97
CA PRO F 319 -13.99 18.89 -24.69
C PRO F 319 -14.42 20.08 -23.87
N VAL F 320 -15.13 19.88 -22.77
CA VAL F 320 -15.54 21.05 -22.00
C VAL F 320 -14.31 21.77 -21.44
N VAL F 321 -13.37 21.00 -20.87
CA VAL F 321 -12.20 21.61 -20.26
C VAL F 321 -11.24 22.12 -21.34
N ALA F 322 -11.01 21.31 -22.37
CA ALA F 322 -10.08 21.69 -23.41
C ALA F 322 -10.55 22.96 -24.13
N SER F 323 -11.84 23.02 -24.51
CA SER F 323 -12.37 24.21 -25.20
C SER F 323 -12.24 25.46 -24.34
N ARG F 324 -12.49 25.33 -23.04
CA ARG F 324 -12.38 26.49 -22.15
C ARG F 324 -10.94 26.97 -22.05
N ASN F 325 -9.97 26.05 -21.98
CA ASN F 325 -8.58 26.49 -21.92
C ASN F 325 -8.17 27.13 -23.25
N ALA F 326 -8.55 26.49 -24.36
CA ALA F 326 -8.21 27.07 -25.66
C ALA F 326 -8.79 28.47 -25.79
N MET F 327 -10.05 28.64 -25.38
CA MET F 327 -10.73 29.91 -25.63
C MET F 327 -10.08 31.00 -24.78
N LYS F 328 -9.79 30.68 -23.51
CA LYS F 328 -9.11 31.62 -22.61
C LYS F 328 -7.76 32.04 -23.17
N LYS F 329 -6.97 31.10 -23.69
CA LYS F 329 -5.69 31.45 -24.31
C LYS F 329 -5.90 32.29 -25.56
N ALA F 330 -6.97 32.02 -26.31
CA ALA F 330 -7.28 32.82 -27.48
C ALA F 330 -7.89 34.18 -27.12
N GLY F 331 -8.23 34.40 -25.85
CA GLY F 331 -8.88 35.65 -25.48
C GLY F 331 -10.31 35.80 -25.99
N VAL F 332 -11.03 34.69 -26.17
CA VAL F 332 -12.41 34.72 -26.65
C VAL F 332 -13.32 33.97 -25.68
N THR F 333 -14.63 34.20 -25.85
CA THR F 333 -15.70 33.40 -25.25
C THR F 333 -16.48 32.68 -26.36
N ILE F 334 -17.40 31.79 -25.94
CA ILE F 334 -18.10 31.01 -26.97
C ILE F 334 -18.95 31.92 -27.87
N ASP F 335 -19.51 33.02 -27.36
CA ASP F 335 -20.24 33.93 -28.25
C ASP F 335 -19.36 34.54 -29.33
N ASP F 336 -18.03 34.57 -29.16
CA ASP F 336 -17.15 35.07 -30.20
C ASP F 336 -16.88 34.08 -31.31
N ILE F 337 -17.25 32.80 -31.15
CA ILE F 337 -16.94 31.77 -32.13
C ILE F 337 -18.06 31.73 -33.18
N ASP F 338 -17.67 31.71 -34.45
CA ASP F 338 -18.62 31.76 -35.56
C ASP F 338 -18.94 30.38 -36.14
N LEU F 339 -18.01 29.41 -36.04
CA LEU F 339 -18.19 28.07 -36.56
C LEU F 339 -17.51 27.10 -35.60
N ILE F 340 -18.16 25.98 -35.34
CA ILE F 340 -17.64 24.95 -34.45
C ILE F 340 -17.63 23.64 -35.20
N GLU F 341 -16.49 22.93 -35.15
CA GLU F 341 -16.44 21.49 -35.44
C GLU F 341 -16.16 20.78 -34.13
N ALA F 342 -17.19 20.14 -33.57
CA ALA F 342 -17.05 19.34 -32.36
C ALA F 342 -17.35 17.89 -32.73
N ASN F 343 -16.35 17.04 -32.62
CA ASN F 343 -16.44 15.71 -33.22
C ASN F 343 -17.59 14.91 -32.61
N GLU F 344 -18.30 14.16 -33.46
CA GLU F 344 -19.47 13.42 -32.97
C GLU F 344 -19.07 11.97 -32.69
N ALA F 345 -18.34 11.78 -31.59
CA ALA F 345 -18.05 10.42 -31.14
C ALA F 345 -19.34 9.65 -30.84
N PHE F 346 -20.20 10.22 -29.99
CA PHE F 346 -21.57 9.76 -29.78
C PHE F 346 -22.47 10.97 -29.59
N ALA F 347 -23.72 10.85 -30.07
CA ALA F 347 -24.68 11.91 -29.83
C ALA F 347 -24.72 12.25 -28.36
N ALA F 348 -24.59 11.21 -27.52
CA ALA F 348 -24.68 11.37 -26.07
C ALA F 348 -23.66 12.38 -25.55
N GLN F 349 -22.36 12.16 -25.85
CA GLN F 349 -21.34 13.10 -25.36
C GLN F 349 -21.44 14.44 -26.05
N SER F 350 -21.76 14.44 -27.35
CA SER F 350 -21.88 15.69 -28.10
C SER F 350 -22.97 16.58 -27.52
N ILE F 351 -24.11 15.98 -27.17
CA ILE F 351 -25.17 16.77 -26.55
C ILE F 351 -24.69 17.35 -25.21
N ALA F 352 -23.99 16.54 -24.41
CA ALA F 352 -23.54 17.00 -23.10
C ALA F 352 -22.51 18.13 -23.24
N VAL F 353 -21.58 17.98 -24.20
CA VAL F 353 -20.63 19.06 -24.46
C VAL F 353 -21.39 20.30 -24.90
N ALA F 354 -22.43 20.13 -25.72
CA ALA F 354 -23.20 21.27 -26.20
C ALA F 354 -23.84 22.03 -25.06
N ARG F 355 -24.41 21.32 -24.09
CA ARG F 355 -25.05 22.00 -22.95
C ARG F 355 -24.05 22.76 -22.09
N GLU F 356 -22.93 22.12 -21.74
CA GLU F 356 -21.95 22.72 -20.85
C GLU F 356 -21.28 23.95 -21.48
N LEU F 357 -21.00 23.91 -22.77
CA LEU F 357 -20.35 25.03 -23.43
C LEU F 357 -21.32 26.03 -24.05
N HIS F 358 -22.63 25.74 -24.06
CA HIS F 358 -23.63 26.67 -24.60
C HIS F 358 -23.45 26.88 -26.11
N PHE F 359 -23.18 25.80 -26.83
CA PHE F 359 -23.12 25.86 -28.28
C PHE F 359 -24.43 26.38 -28.86
N ASP F 360 -24.33 27.34 -29.78
CA ASP F 360 -25.41 27.66 -30.70
C ASP F 360 -25.36 26.60 -31.79
N MET F 361 -26.33 25.67 -31.79
CA MET F 361 -26.22 24.49 -32.67
C MET F 361 -26.31 24.84 -34.15
N SER F 362 -26.80 26.03 -34.50
CA SER F 362 -26.76 26.45 -35.90
C SER F 362 -25.33 26.66 -36.37
N LYS F 363 -24.36 26.77 -35.46
CA LYS F 363 -22.96 26.95 -35.88
C LYS F 363 -22.13 25.69 -35.74
N VAL F 364 -22.73 24.57 -35.38
CA VAL F 364 -21.99 23.36 -35.05
C VAL F 364 -22.06 22.41 -36.23
N ASN F 365 -20.92 21.88 -36.66
CA ASN F 365 -20.82 20.88 -37.73
C ASN F 365 -21.79 21.19 -38.89
N VAL F 366 -21.63 22.37 -39.49
CA VAL F 366 -22.63 22.87 -40.44
C VAL F 366 -22.72 22.00 -41.68
N ASN F 367 -21.69 21.18 -41.94
CA ASN F 367 -21.71 20.27 -43.07
C ASN F 367 -21.88 18.84 -42.60
N GLY F 368 -22.33 18.66 -41.36
CA GLY F 368 -22.46 17.35 -40.77
C GLY F 368 -21.22 16.89 -40.02
N GLY F 369 -21.39 15.80 -39.27
CA GLY F 369 -20.33 15.35 -38.40
C GLY F 369 -20.05 13.87 -38.48
N ALA F 370 -19.28 13.37 -37.50
CA ALA F 370 -18.74 12.01 -37.58
C ALA F 370 -19.81 10.92 -37.54
N ILE F 371 -21.03 11.20 -37.08
CA ILE F 371 -22.06 10.15 -37.12
C ILE F 371 -22.34 9.74 -38.57
N ALA F 372 -22.29 10.71 -39.48
CA ALA F 372 -22.50 10.54 -40.92
C ALA F 372 -21.18 10.27 -41.64
N LEU F 373 -20.14 11.02 -41.31
CA LEU F 373 -18.90 11.01 -42.07
C LEU F 373 -17.96 9.88 -41.68
N GLY F 374 -18.04 9.39 -40.44
CA GLY F 374 -17.08 8.39 -39.97
C GLY F 374 -16.03 8.99 -39.05
N HIS F 375 -15.28 8.09 -38.36
CA HIS F 375 -14.39 8.46 -37.26
C HIS F 375 -13.13 7.55 -37.27
N PRO F 376 -12.21 7.79 -38.20
CA PRO F 376 -10.90 7.09 -38.17
C PRO F 376 -10.05 7.69 -37.06
N VAL F 377 -9.81 6.93 -36.00
CA VAL F 377 -9.58 7.54 -34.69
C VAL F 377 -8.33 8.41 -34.71
N GLY F 378 -7.20 7.88 -35.20
CA GLY F 378 -5.96 8.66 -35.17
C GLY F 378 -5.98 9.87 -36.07
N ALA F 379 -6.94 9.94 -37.02
CA ALA F 379 -6.98 11.02 -37.99
C ALA F 379 -8.04 12.07 -37.70
N SER F 380 -9.11 11.73 -36.97
CA SER F 380 -10.27 12.62 -36.90
C SER F 380 -9.94 13.98 -36.29
N GLY F 381 -9.04 14.01 -35.29
CA GLY F 381 -8.76 15.32 -34.67
C GLY F 381 -8.20 16.32 -35.66
N ALA F 382 -7.42 15.82 -36.64
CA ALA F 382 -7.03 16.64 -37.78
C ALA F 382 -8.15 16.80 -38.80
N ARG F 383 -8.89 15.72 -39.06
CA ARG F 383 -9.96 15.78 -40.04
C ARG F 383 -10.93 16.92 -39.74
N ILE F 384 -11.33 17.07 -38.48
CA ILE F 384 -12.33 18.10 -38.21
C ILE F 384 -11.72 19.48 -38.36
N ILE F 385 -10.40 19.60 -38.23
CA ILE F 385 -9.73 20.87 -38.47
C ILE F 385 -9.78 21.21 -39.97
N VAL F 386 -9.54 20.20 -40.81
CA VAL F 386 -9.64 20.40 -42.26
C VAL F 386 -11.04 20.88 -42.65
N THR F 387 -12.08 20.23 -42.13
CA THR F 387 -13.45 20.58 -42.48
C THR F 387 -13.80 21.98 -41.97
N LEU F 388 -13.37 22.31 -40.75
CA LEU F 388 -13.59 23.64 -40.19
C LEU F 388 -12.95 24.73 -41.07
N LEU F 389 -11.68 24.56 -41.42
CA LEU F 389 -10.94 25.63 -42.06
C LEU F 389 -11.41 25.85 -43.48
N HIS F 390 -11.81 24.78 -44.18
CA HIS F 390 -12.35 24.98 -45.51
C HIS F 390 -13.70 25.71 -45.48
N GLU F 391 -14.52 25.45 -44.47
CA GLU F 391 -15.79 26.17 -44.40
C GLU F 391 -15.59 27.60 -43.91
N MET F 392 -14.63 27.85 -42.99
CA MET F 392 -14.29 29.23 -42.64
C MET F 392 -13.84 29.99 -43.88
N GLN F 393 -13.06 29.34 -44.73
CA GLN F 393 -12.59 29.98 -45.97
C GLN F 393 -13.76 30.58 -46.71
N LYS F 394 -14.84 29.78 -46.88
CA LYS F 394 -15.99 30.18 -47.70
C LYS F 394 -16.83 31.26 -47.05
N ARG F 395 -16.81 31.41 -45.74
CA ARG F 395 -17.80 32.26 -45.08
C ARG F 395 -17.16 33.54 -44.55
N PRO F 396 -17.58 34.72 -45.06
CA PRO F 396 -16.93 35.98 -44.65
C PRO F 396 -17.06 36.28 -43.16
N GLU F 397 -18.20 35.93 -42.54
CA GLU F 397 -18.38 36.21 -41.12
C GLU F 397 -17.65 35.21 -40.25
N ALA F 398 -17.12 34.13 -40.83
CA ALA F 398 -16.52 33.09 -40.01
C ALA F 398 -15.11 33.51 -39.57
N LYS F 399 -15.06 34.55 -38.75
CA LYS F 399 -13.77 35.10 -38.32
C LYS F 399 -13.07 34.20 -37.30
N LYS F 400 -13.80 33.49 -36.45
CA LYS F 400 -13.21 32.65 -35.42
C LYS F 400 -13.88 31.28 -35.44
N GLY F 401 -13.05 30.25 -35.30
CA GLY F 401 -13.53 28.89 -35.35
C GLY F 401 -12.92 28.08 -34.23
N LEU F 402 -13.68 27.07 -33.77
CA LEU F 402 -13.31 26.18 -32.69
C LEU F 402 -13.47 24.74 -33.16
N ALA F 403 -12.42 23.95 -32.98
CA ALA F 403 -12.48 22.52 -33.25
C ALA F 403 -12.11 21.82 -31.96
N THR F 404 -12.88 20.79 -31.61
CA THR F 404 -12.61 20.08 -30.35
C THR F 404 -13.14 18.66 -30.42
N LEU F 405 -12.52 17.76 -29.64
CA LEU F 405 -13.07 16.39 -29.60
C LEU F 405 -12.68 15.66 -28.31
N CYS F 406 -13.47 14.62 -27.97
CA CYS F 406 -13.26 13.84 -26.75
C CYS F 406 -12.25 12.74 -27.04
N ILE F 407 -11.65 12.20 -25.98
CA ILE F 407 -10.54 11.26 -26.09
C ILE F 407 -10.71 10.16 -25.04
N GLY F 408 -10.69 8.91 -25.48
CA GLY F 408 -10.78 7.81 -24.54
C GLY F 408 -9.70 7.90 -23.49
N GLY F 409 -10.05 7.58 -22.25
CA GLY F 409 -9.15 7.80 -21.14
C GLY F 409 -9.45 9.04 -20.37
N GLY F 410 -10.42 9.84 -20.83
CA GLY F 410 -10.89 10.98 -20.09
C GLY F 410 -10.12 12.24 -20.44
N MET F 411 -10.02 12.57 -21.74
CA MET F 411 -9.35 13.80 -22.14
C MET F 411 -10.12 14.50 -23.26
N GLY F 412 -9.69 15.73 -23.55
CA GLY F 412 -10.14 16.46 -24.73
C GLY F 412 -9.03 17.38 -25.18
N THR F 413 -9.03 17.69 -26.49
CA THR F 413 -8.19 18.70 -27.11
C THR F 413 -9.10 19.69 -27.85
N ALA F 414 -8.60 20.93 -27.99
CA ALA F 414 -9.36 22.01 -28.62
C ALA F 414 -8.38 23.00 -29.27
N VAL F 415 -8.78 23.53 -30.43
CA VAL F 415 -8.02 24.57 -31.11
C VAL F 415 -8.97 25.70 -31.55
N VAL F 416 -8.47 26.93 -31.49
CA VAL F 416 -9.22 28.12 -31.90
C VAL F 416 -8.47 28.80 -33.04
N PHE F 417 -9.16 29.00 -34.17
CA PHE F 417 -8.61 29.63 -35.35
C PHE F 417 -9.24 30.99 -35.63
N GLU F 418 -8.47 31.82 -36.32
CA GLU F 418 -8.90 33.12 -36.81
C GLU F 418 -8.67 33.15 -38.31
N LYS F 419 -9.70 33.54 -39.05
CA LYS F 419 -9.62 33.51 -40.50
C LYS F 419 -8.54 34.47 -40.98
N CYS F 420 -7.81 34.06 -42.01
CA CYS F 420 -6.94 34.98 -42.71
C CYS F 420 -7.80 35.64 -43.78
N LEU F 421 -7.96 36.95 -43.69
CA LEU F 421 -8.73 37.65 -44.68
C LEU F 421 -7.96 37.65 -46.01
N GLU F 422 -8.69 37.56 -47.11
CA GLU F 422 -8.07 37.64 -48.43
C GLU F 422 -7.47 39.02 -48.64
N HIS F 423 -6.41 39.07 -49.46
CA HIS F 423 -5.79 40.34 -49.76
C HIS F 423 -6.70 41.17 -50.68
N HIS F 424 -6.29 42.41 -50.96
CA HIS F 424 -7.04 43.31 -51.82
C HIS F 424 -6.50 43.24 -53.25
N ALA G 2 -13.87 -74.00 -40.06
CA ALA G 2 -14.67 -73.09 -39.26
C ALA G 2 -13.82 -72.43 -38.19
N MET G 3 -12.67 -73.01 -37.86
CA MET G 3 -11.75 -72.33 -36.94
C MET G 3 -11.20 -71.03 -37.52
N LYS G 4 -11.09 -70.00 -36.67
CA LYS G 4 -10.45 -68.75 -37.06
C LYS G 4 -9.89 -68.13 -35.78
N ASP G 5 -8.61 -68.35 -35.51
CA ASP G 5 -8.03 -67.93 -34.24
C ASP G 5 -7.13 -66.74 -34.45
N LEU G 6 -6.87 -66.01 -33.36
CA LEU G 6 -6.10 -64.77 -33.46
C LEU G 6 -5.05 -64.72 -32.38
N TYR G 7 -3.84 -64.30 -32.75
CA TYR G 7 -2.70 -64.28 -31.86
C TYR G 7 -2.01 -62.93 -31.88
N VAL G 8 -1.62 -62.46 -30.71
CA VAL G 8 -0.65 -61.38 -30.64
C VAL G 8 0.72 -62.04 -30.69
N VAL G 9 1.39 -61.86 -31.81
CA VAL G 9 2.70 -62.50 -31.99
C VAL G 9 3.74 -61.79 -31.12
N ASN G 10 3.88 -60.48 -31.29
CA ASN G 10 4.71 -59.70 -30.39
C ASN G 10 4.16 -58.28 -30.31
N CYS G 11 4.77 -57.49 -29.43
CA CYS G 11 4.32 -56.12 -29.23
C CYS G 11 5.39 -55.38 -28.41
N CYS G 12 5.32 -54.05 -28.42
CA CYS G 12 6.26 -53.24 -27.64
C CYS G 12 5.70 -51.81 -27.58
N ARG G 13 6.39 -50.94 -26.84
CA ARG G 13 5.92 -49.60 -26.58
C ARG G 13 7.11 -48.67 -26.42
N THR G 14 6.87 -47.38 -26.62
CA THR G 14 7.88 -46.42 -26.18
C THR G 14 7.76 -46.27 -24.68
N ALA G 15 8.86 -45.84 -24.06
CA ALA G 15 8.70 -45.18 -22.77
C ALA G 15 7.75 -43.98 -22.96
N ILE G 16 7.05 -43.60 -21.91
CA ILE G 16 6.05 -42.54 -21.96
C ILE G 16 6.70 -41.25 -21.48
N GLY G 17 6.60 -40.19 -22.31
CA GLY G 17 7.12 -38.86 -21.96
C GLY G 17 6.11 -38.00 -21.21
N SER G 18 6.64 -37.08 -20.40
CA SER G 18 5.81 -36.09 -19.72
C SER G 18 5.37 -35.01 -20.68
N PHE G 19 4.27 -34.34 -20.32
CA PHE G 19 3.80 -33.15 -21.08
C PHE G 19 4.91 -32.13 -21.24
N GLY G 20 5.27 -31.81 -22.47
CA GLY G 20 6.39 -30.90 -22.65
C GLY G 20 7.76 -31.50 -22.38
N GLY G 21 7.87 -32.81 -22.23
CA GLY G 21 9.09 -33.50 -21.79
C GLY G 21 9.89 -34.10 -22.94
N SER G 22 10.48 -35.27 -22.68
CA SER G 22 11.54 -35.80 -23.55
C SER G 22 11.07 -36.13 -24.97
N LEU G 23 9.78 -36.43 -25.16
CA LEU G 23 9.30 -36.77 -26.52
C LEU G 23 8.57 -35.61 -27.21
N LYS G 24 8.56 -34.41 -26.60
CA LYS G 24 7.83 -33.26 -27.17
C LYS G 24 8.23 -32.98 -28.60
N ASN G 25 9.49 -33.19 -28.95
CA ASN G 25 9.96 -32.93 -30.31
C ASN G 25 9.97 -34.17 -31.18
N THR G 26 9.34 -35.26 -30.77
CA THR G 26 9.29 -36.46 -31.59
C THR G 26 7.88 -36.64 -32.14
N PRO G 27 7.66 -36.45 -33.44
CA PRO G 27 6.30 -36.50 -33.96
C PRO G 27 5.63 -37.85 -33.70
N ALA G 28 4.31 -37.80 -33.56
CA ALA G 28 3.50 -39.01 -33.35
C ALA G 28 3.83 -40.08 -34.38
N ALA G 29 3.96 -39.69 -35.65
CA ALA G 29 4.22 -40.68 -36.68
C ALA G 29 5.58 -41.32 -36.54
N GLU G 30 6.57 -40.56 -36.07
CA GLU G 30 7.90 -41.14 -35.89
C GLU G 30 7.90 -42.09 -34.71
N MET G 31 7.16 -41.74 -33.64
CA MET G 31 7.06 -42.59 -32.45
C MET G 31 6.38 -43.92 -32.83
N GLY G 32 5.31 -43.84 -33.63
CA GLY G 32 4.64 -45.05 -34.08
C GLY G 32 5.50 -45.88 -34.99
N ALA G 33 6.32 -45.22 -35.79
CA ALA G 33 7.22 -45.94 -36.69
C ALA G 33 8.25 -46.76 -35.92
N VAL G 34 8.75 -46.23 -34.80
CA VAL G 34 9.72 -46.95 -33.98
C VAL G 34 9.11 -48.24 -33.42
N VAL G 35 7.91 -48.15 -32.83
CA VAL G 35 7.36 -49.36 -32.22
C VAL G 35 6.88 -50.35 -33.27
N VAL G 36 6.40 -49.87 -34.42
CA VAL G 36 5.94 -50.81 -35.45
C VAL G 36 7.11 -51.59 -36.00
N LYS G 37 8.19 -50.91 -36.38
CA LYS G 37 9.36 -51.63 -36.91
C LYS G 37 9.89 -52.63 -35.89
N GLU G 38 10.01 -52.22 -34.63
CA GLU G 38 10.52 -53.10 -33.58
C GLU G 38 9.57 -54.28 -33.30
N ALA G 39 8.26 -54.02 -33.25
CA ALA G 39 7.33 -55.11 -32.97
C ALA G 39 7.39 -56.19 -34.06
N LEU G 40 7.49 -55.79 -35.33
CA LEU G 40 7.56 -56.74 -36.43
C LEU G 40 8.83 -57.57 -36.35
N LYS G 41 9.96 -56.91 -36.06
CA LYS G 41 11.23 -57.60 -35.84
C LYS G 41 11.12 -58.60 -34.69
N ARG G 42 10.60 -58.15 -33.55
CA ARG G 42 10.46 -59.10 -32.44
C ARG G 42 9.51 -60.24 -32.82
N ALA G 43 8.50 -59.96 -33.65
CA ALA G 43 7.56 -61.01 -34.07
C ALA G 43 8.12 -61.91 -35.15
N ASN G 44 9.29 -61.56 -35.67
CA ASN G 44 9.91 -62.21 -36.80
C ASN G 44 8.96 -62.21 -38.00
N VAL G 45 8.30 -61.07 -38.21
CA VAL G 45 7.41 -60.91 -39.35
C VAL G 45 8.00 -59.83 -40.25
N ALA G 46 8.15 -60.19 -41.52
CA ALA G 46 8.73 -59.25 -42.48
C ALA G 46 7.73 -58.15 -42.81
N PRO G 47 8.20 -56.91 -42.99
CA PRO G 47 7.27 -55.80 -43.31
C PRO G 47 6.40 -56.09 -44.52
N GLU G 48 6.98 -56.73 -45.55
CA GLU G 48 6.25 -56.98 -46.79
C GLU G 48 5.14 -58.00 -46.62
N ASN G 49 5.10 -58.71 -45.50
CA ASN G 49 4.03 -59.66 -45.26
C ASN G 49 2.90 -59.07 -44.42
N VAL G 50 2.95 -57.79 -44.10
CA VAL G 50 1.83 -57.19 -43.39
C VAL G 50 0.70 -56.96 -44.40
N ASP G 51 -0.54 -57.32 -44.02
CA ASP G 51 -1.70 -57.06 -44.88
C ASP G 51 -2.28 -55.65 -44.74
N GLU G 52 -2.29 -55.09 -43.52
CA GLU G 52 -2.79 -53.75 -43.31
C GLU G 52 -2.22 -53.25 -42.00
N LEU G 53 -2.14 -51.92 -41.83
CA LEU G 53 -1.82 -51.34 -40.54
C LEU G 53 -2.96 -50.42 -40.12
N MET G 54 -3.46 -50.62 -38.92
CA MET G 54 -4.50 -49.78 -38.32
C MET G 54 -4.00 -49.17 -37.01
N PHE G 55 -4.02 -47.83 -36.92
CA PHE G 55 -3.31 -47.17 -35.82
C PHE G 55 -4.19 -46.10 -35.22
N GLY G 56 -4.25 -46.09 -33.89
CA GLY G 56 -4.99 -45.05 -33.20
C GLY G 56 -4.16 -43.77 -33.07
N CYS G 57 -4.84 -42.63 -33.29
CA CYS G 57 -4.24 -41.33 -33.08
C CYS G 57 -5.37 -40.32 -33.21
N ILE G 58 -5.60 -39.48 -32.20
CA ILE G 58 -6.75 -38.59 -32.21
C ILE G 58 -6.40 -37.11 -32.30
N LEU G 59 -5.19 -36.69 -31.92
CA LEU G 59 -4.78 -35.27 -32.02
C LEU G 59 -3.99 -35.08 -33.32
N THR G 60 -4.70 -35.24 -34.42
CA THR G 60 -4.11 -35.27 -35.77
C THR G 60 -3.99 -33.89 -36.39
N SER G 61 -4.39 -32.85 -35.68
CA SER G 61 -4.27 -31.51 -36.23
C SER G 61 -2.86 -31.22 -36.68
N ALA G 62 -2.77 -30.89 -37.98
CA ALA G 62 -1.59 -30.36 -38.65
C ALA G 62 -0.49 -31.38 -38.69
N GLN G 63 -0.84 -32.67 -38.51
CA GLN G 63 0.11 -33.76 -38.64
C GLN G 63 0.21 -34.29 -40.04
N GLY G 64 -0.61 -33.75 -40.99
CA GLY G 64 -0.57 -34.22 -42.37
C GLY G 64 -1.55 -35.35 -42.65
N GLN G 65 -1.53 -35.82 -43.90
CA GLN G 65 -2.48 -36.87 -44.28
C GLN G 65 -2.18 -38.18 -43.53
N ASN G 66 -3.18 -38.70 -42.82
CA ASN G 66 -3.30 -40.13 -42.43
C ASN G 66 -2.09 -40.61 -41.64
N VAL G 67 -2.01 -40.14 -40.40
CA VAL G 67 -0.94 -40.52 -39.46
C VAL G 67 -0.56 -42.00 -39.55
N ALA G 68 -1.56 -42.89 -39.63
CA ALA G 68 -1.26 -44.32 -39.66
C ALA G 68 -0.45 -44.71 -40.90
N ARG G 69 -0.76 -44.14 -42.06
CA ARG G 69 0.04 -44.43 -43.24
C ARG G 69 1.45 -43.88 -43.11
N GLN G 70 1.60 -42.72 -42.44
CA GLN G 70 2.92 -42.19 -42.15
C GLN G 70 3.70 -43.16 -41.29
N VAL G 71 3.06 -43.66 -40.23
CA VAL G 71 3.68 -44.66 -39.39
C VAL G 71 4.10 -45.86 -40.24
N SER G 72 3.19 -46.35 -41.09
CA SER G 72 3.46 -47.56 -41.84
C SER G 72 4.69 -47.38 -42.72
N ILE G 73 4.72 -46.30 -43.49
CA ILE G 73 5.81 -46.08 -44.43
C ILE G 73 7.11 -45.82 -43.70
N LYS G 74 7.10 -44.98 -42.66
CA LYS G 74 8.34 -44.74 -41.91
C LYS G 74 8.89 -46.03 -41.28
N ALA G 75 8.02 -46.95 -40.88
CA ALA G 75 8.47 -48.17 -40.24
C ALA G 75 9.07 -49.19 -41.20
N GLY G 76 8.98 -48.96 -42.51
CA GLY G 76 9.57 -49.86 -43.48
C GLY G 76 8.57 -50.74 -44.22
N ILE G 77 7.29 -50.49 -44.04
CA ILE G 77 6.23 -51.28 -44.67
C ILE G 77 5.99 -50.73 -46.07
N PRO G 78 5.87 -51.59 -47.08
CA PRO G 78 5.87 -51.10 -48.47
C PRO G 78 4.64 -50.29 -48.83
N TYR G 79 4.76 -49.52 -49.90
CA TYR G 79 3.62 -48.72 -50.36
C TYR G 79 2.38 -49.57 -50.65
N SER G 80 2.56 -50.85 -51.01
CA SER G 80 1.42 -51.69 -51.37
C SER G 80 0.54 -52.04 -50.16
N VAL G 81 1.03 -51.89 -48.94
CA VAL G 81 0.26 -52.24 -47.74
C VAL G 81 -0.59 -51.05 -47.33
N PRO G 82 -1.92 -51.17 -47.34
CA PRO G 82 -2.78 -50.06 -46.91
C PRO G 82 -2.73 -49.86 -45.41
N ALA G 83 -3.12 -48.65 -44.98
CA ALA G 83 -3.14 -48.29 -43.57
C ALA G 83 -4.14 -47.16 -43.34
N TYR G 84 -4.78 -47.16 -42.17
CA TYR G 84 -5.66 -46.04 -41.84
C TYR G 84 -5.65 -45.74 -40.35
N THR G 85 -6.14 -44.54 -40.03
CA THR G 85 -6.09 -43.99 -38.68
C THR G 85 -7.42 -44.23 -37.99
N VAL G 86 -7.36 -44.62 -36.72
CA VAL G 86 -8.52 -45.05 -35.97
C VAL G 86 -8.82 -43.99 -34.94
N GLY G 87 -10.01 -43.38 -35.03
CA GLY G 87 -10.33 -42.39 -34.04
C GLY G 87 -11.44 -42.77 -33.08
N MET G 88 -11.06 -43.20 -31.88
CA MET G 88 -12.04 -43.56 -30.86
C MET G 88 -11.56 -43.05 -29.50
N VAL G 89 -11.25 -41.76 -29.44
CA VAL G 89 -10.67 -41.02 -28.29
C VAL G 89 -9.62 -41.92 -27.54
N GLY G 91 -9.81 -44.90 -26.60
CA GLY G 91 -9.91 -46.31 -26.95
C GLY G 91 -9.16 -46.64 -28.23
N SER G 92 -8.72 -45.59 -28.94
CA SER G 92 -8.23 -45.77 -30.31
C SER G 92 -7.17 -46.88 -30.39
N GLY G 93 -6.22 -46.88 -29.45
CA GLY G 93 -5.17 -47.90 -29.48
C GLY G 93 -5.72 -49.31 -29.39
N MET G 94 -6.75 -49.52 -28.59
CA MET G 94 -7.31 -50.84 -28.47
C MET G 94 -8.38 -51.13 -29.50
N LYS G 95 -9.09 -50.09 -29.94
CA LYS G 95 -10.01 -50.22 -31.06
C LYS G 95 -9.29 -50.71 -32.29
N SER G 96 -8.06 -50.27 -32.48
CA SER G 96 -7.29 -50.72 -33.65
C SER G 96 -7.14 -52.25 -33.65
N VAL G 97 -6.97 -52.84 -32.46
CA VAL G 97 -6.84 -54.29 -32.31
C VAL G 97 -8.15 -54.98 -32.65
N ILE G 98 -9.24 -54.44 -32.14
CA ILE G 98 -10.57 -54.94 -32.48
C ILE G 98 -10.80 -54.89 -34.00
N GLU G 99 -10.49 -53.75 -34.64
CA GLU G 99 -10.67 -53.67 -36.10
C GLU G 99 -9.74 -54.63 -36.82
N GLY G 100 -8.50 -54.79 -36.31
CA GLY G 100 -7.58 -55.76 -36.88
C GLY G 100 -8.11 -57.18 -36.75
N ALA G 101 -8.67 -57.51 -35.59
CA ALA G 101 -9.26 -58.83 -35.40
C ALA G 101 -10.40 -59.09 -36.39
N ARG G 102 -11.28 -58.10 -36.57
CA ARG G 102 -12.42 -58.27 -37.47
C ARG G 102 -11.98 -58.51 -38.91
N SER G 103 -10.91 -57.83 -39.33
CA SER G 103 -10.39 -58.01 -40.68
C SER G 103 -9.91 -59.44 -40.91
N ILE G 104 -9.28 -60.02 -39.90
CA ILE G 104 -8.82 -61.39 -40.05
C ILE G 104 -9.98 -62.37 -40.02
N LEU G 105 -10.92 -62.17 -39.07
CA LEU G 105 -12.06 -63.07 -38.98
C LEU G 105 -12.92 -63.03 -40.23
N ALA G 106 -13.11 -61.84 -40.78
CA ALA G 106 -13.84 -61.71 -42.04
C ALA G 106 -13.12 -62.36 -43.21
N GLY G 107 -11.85 -62.70 -43.06
CA GLY G 107 -11.12 -63.37 -44.11
C GLY G 107 -10.47 -62.44 -45.12
N ASP G 108 -10.32 -61.16 -44.78
CA ASP G 108 -9.64 -60.20 -45.64
C ASP G 108 -8.13 -60.19 -45.46
N SER G 109 -7.61 -60.83 -44.42
CA SER G 109 -6.21 -60.60 -44.09
C SER G 109 -5.79 -61.63 -43.07
N ASP G 110 -4.50 -61.72 -42.87
CA ASP G 110 -3.91 -62.65 -41.93
C ASP G 110 -2.92 -62.02 -40.97
N ILE G 111 -2.31 -60.89 -41.31
CA ILE G 111 -1.39 -60.18 -40.43
C ILE G 111 -1.76 -58.70 -40.47
N VAL G 112 -2.13 -58.15 -39.31
CA VAL G 112 -2.45 -56.72 -39.19
C VAL G 112 -1.59 -56.14 -38.08
N VAL G 113 -0.86 -55.07 -38.39
CA VAL G 113 -0.18 -54.30 -37.34
C VAL G 113 -1.19 -53.34 -36.72
N CYS G 114 -1.31 -53.39 -35.40
CA CYS G 114 -2.23 -52.53 -34.64
C CYS G 114 -1.41 -51.68 -33.67
N GLY G 115 -2.07 -50.73 -33.03
CA GLY G 115 -1.40 -49.94 -32.02
C GLY G 115 -1.94 -48.52 -32.00
N GLY G 116 -1.14 -47.63 -31.43
CA GLY G 116 -1.54 -46.24 -31.31
C GLY G 116 -0.35 -45.36 -31.00
N THR G 117 -0.55 -44.06 -31.25
CA THR G 117 0.52 -43.08 -31.02
C THR G 117 -0.13 -41.74 -30.69
N GLU G 118 0.51 -40.97 -29.82
CA GLU G 118 0.00 -39.65 -29.47
C GLU G 118 1.11 -38.78 -28.92
N ASN G 119 1.28 -37.61 -29.53
CA ASN G 119 2.11 -36.57 -28.98
C ASN G 119 1.19 -35.42 -28.57
N MET G 120 0.77 -35.46 -27.30
CA MET G 120 -0.08 -34.43 -26.73
C MET G 120 0.67 -33.12 -26.54
N SER G 121 2.00 -33.19 -26.30
CA SER G 121 2.83 -31.98 -26.20
C SER G 121 2.79 -31.15 -27.47
N ALA G 122 2.69 -31.79 -28.62
CA ALA G 122 2.84 -31.10 -29.88
C ALA G 122 1.51 -30.67 -30.51
N ALA G 123 0.37 -30.96 -29.88
CA ALA G 123 -0.91 -30.61 -30.46
C ALA G 123 -1.05 -29.08 -30.49
N PRO G 124 -1.49 -28.52 -31.61
CA PRO G 124 -1.45 -27.07 -31.81
C PRO G 124 -2.66 -26.39 -31.18
N PHE G 125 -2.63 -25.06 -31.21
CA PHE G 125 -3.78 -24.19 -30.98
C PHE G 125 -4.38 -23.82 -32.34
N ALA G 126 -5.70 -23.65 -32.37
CA ALA G 126 -6.46 -23.43 -33.60
C ALA G 126 -7.28 -22.15 -33.49
N SER G 127 -7.45 -21.47 -34.65
CA SER G 127 -8.37 -20.34 -34.79
C SER G 127 -9.49 -20.77 -35.74
N MET G 128 -10.70 -20.87 -35.21
CA MET G 128 -11.87 -21.19 -36.04
C MET G 128 -12.24 -20.03 -36.95
N ASP G 129 -11.94 -18.80 -36.53
CA ASP G 129 -12.36 -17.57 -37.20
C ASP G 129 -11.43 -17.09 -38.31
N ALA G 130 -10.19 -17.59 -38.35
CA ALA G 130 -9.20 -16.95 -39.21
C ALA G 130 -9.47 -17.17 -40.68
N ARG G 131 -10.13 -18.28 -41.06
CA ARG G 131 -10.29 -18.56 -42.48
C ARG G 131 -11.21 -17.54 -43.13
N TRP G 132 -12.37 -17.29 -42.52
CA TRP G 132 -13.35 -16.42 -43.15
C TRP G 132 -13.44 -15.09 -42.44
N GLY G 133 -12.71 -14.91 -41.34
CA GLY G 133 -12.75 -13.52 -40.86
C GLY G 133 -13.35 -13.49 -39.48
N ALA G 134 -12.61 -12.91 -38.53
CA ALA G 134 -13.16 -12.60 -37.21
C ALA G 134 -14.02 -11.33 -37.23
N ARG G 135 -13.71 -10.41 -38.15
CA ARG G 135 -14.42 -9.13 -38.36
C ARG G 135 -14.22 -8.13 -37.22
N MET G 136 -14.69 -8.46 -36.02
CA MET G 136 -14.63 -7.54 -34.89
C MET G 136 -14.88 -8.29 -33.60
N GLY G 137 -14.14 -7.97 -32.55
CA GLY G 137 -14.41 -8.63 -31.30
C GLY G 137 -13.39 -9.71 -30.99
N ASP G 138 -12.98 -9.85 -29.72
CA ASP G 138 -12.02 -10.89 -29.34
C ASP G 138 -12.54 -12.29 -29.66
N LYS G 139 -11.62 -13.16 -30.01
CA LYS G 139 -11.89 -14.52 -30.43
C LYS G 139 -11.03 -15.46 -29.57
N LYS G 140 -11.26 -16.76 -29.72
CA LYS G 140 -10.54 -17.77 -28.96
C LYS G 140 -9.45 -18.39 -29.82
N LEU G 141 -8.32 -18.71 -29.20
CA LEU G 141 -7.38 -19.70 -29.74
C LEU G 141 -7.67 -21.01 -29.03
N VAL G 142 -8.17 -22.01 -29.75
CA VAL G 142 -8.60 -23.26 -29.11
C VAL G 142 -7.39 -24.19 -28.90
N ASP G 143 -7.24 -24.70 -27.68
CA ASP G 143 -6.28 -25.76 -27.40
C ASP G 143 -6.83 -27.06 -28.00
N THR G 144 -6.30 -27.51 -29.13
CA THR G 144 -6.89 -28.72 -29.74
C THR G 144 -6.70 -29.99 -28.91
N MET G 145 -5.69 -30.00 -28.03
CA MET G 145 -5.47 -31.17 -27.19
C MET G 145 -6.63 -31.37 -26.23
N ILE G 146 -7.02 -30.30 -25.54
CA ILE G 146 -8.18 -30.34 -24.65
C ILE G 146 -9.48 -30.54 -25.43
N LYS G 147 -9.67 -29.75 -26.50
CA LYS G 147 -10.96 -29.80 -27.23
C LYS G 147 -11.21 -31.17 -27.81
N ASP G 148 -10.24 -31.70 -28.53
CA ASP G 148 -10.43 -32.96 -29.22
C ASP G 148 -10.13 -34.19 -28.35
N GLY G 149 -9.40 -34.00 -27.23
CA GLY G 149 -8.94 -35.14 -26.45
C GLY G 149 -9.64 -35.32 -25.11
N LEU G 150 -9.96 -34.21 -24.45
CA LEU G 150 -10.31 -34.24 -23.05
C LEU G 150 -11.60 -33.51 -22.69
N TRP G 151 -12.36 -33.06 -23.68
CA TRP G 151 -13.53 -32.21 -23.44
C TRP G 151 -14.75 -32.97 -23.94
N ASP G 152 -15.82 -33.01 -23.15
CA ASP G 152 -17.01 -33.71 -23.64
C ASP G 152 -17.75 -32.82 -24.63
N ALA G 153 -18.08 -33.40 -25.78
CA ALA G 153 -18.75 -32.70 -26.85
C ALA G 153 -20.24 -32.51 -26.58
N TYR G 154 -20.85 -33.16 -25.58
CA TYR G 154 -22.30 -33.06 -25.38
C TYR G 154 -22.67 -32.24 -24.16
N ASN G 155 -21.85 -32.30 -23.11
CA ASN G 155 -22.12 -31.61 -21.87
C ASN G 155 -21.18 -30.45 -21.62
N ASN G 156 -20.19 -30.25 -22.49
CA ASN G 156 -19.36 -29.04 -22.50
C ASN G 156 -18.59 -28.89 -21.18
N TYR G 157 -17.95 -29.98 -20.77
CA TYR G 157 -17.02 -29.90 -19.65
C TYR G 157 -15.96 -31.01 -19.77
N HIS G 158 -15.00 -30.98 -18.86
CA HIS G 158 -13.81 -31.81 -18.93
C HIS G 158 -14.15 -33.25 -18.58
N MET G 159 -13.29 -34.14 -19.07
CA MET G 159 -13.29 -35.52 -18.61
C MET G 159 -13.24 -35.59 -17.09
N GLY G 160 -12.44 -34.72 -16.47
CA GLY G 160 -12.33 -34.72 -15.02
C GLY G 160 -13.66 -34.50 -14.36
N THR G 161 -14.54 -33.67 -14.98
CA THR G 161 -15.89 -33.46 -14.44
C THR G 161 -16.75 -34.71 -14.62
N THR G 162 -16.62 -35.46 -15.74
CA THR G 162 -17.31 -36.75 -15.80
C THR G 162 -16.80 -37.68 -14.69
N ALA G 163 -15.54 -37.53 -14.28
CA ALA G 163 -15.04 -38.33 -13.16
C ALA G 163 -15.73 -37.96 -11.86
N GLU G 164 -16.00 -36.66 -11.65
CA GLU G 164 -16.79 -36.25 -10.48
C GLU G 164 -18.23 -36.76 -10.56
N ASN G 165 -18.82 -36.80 -11.77
CA ASN G 165 -20.15 -37.40 -11.90
C ASN G 165 -20.15 -38.82 -11.34
N ILE G 166 -19.09 -39.59 -11.67
CA ILE G 166 -18.95 -40.95 -11.17
C ILE G 166 -18.79 -40.96 -9.64
N ASN G 167 -17.94 -40.07 -9.11
CA ASN G 167 -17.76 -39.99 -7.66
C ASN G 167 -19.09 -39.78 -6.95
N ASP G 168 -19.93 -38.89 -7.47
CA ASP G 168 -21.25 -38.65 -6.87
C ASP G 168 -22.14 -39.89 -6.96
N ILE G 169 -22.31 -40.45 -8.16
CA ILE G 169 -23.26 -41.53 -8.33
C ILE G 169 -22.81 -42.78 -7.56
N TRP G 170 -21.53 -43.18 -7.74
CA TRP G 170 -21.05 -44.39 -7.06
C TRP G 170 -20.71 -44.18 -5.59
N GLY G 171 -20.43 -42.96 -5.16
CA GLY G 171 -20.04 -42.74 -3.78
C GLY G 171 -18.58 -43.17 -3.60
N ILE G 172 -17.68 -42.39 -4.21
CA ILE G 172 -16.24 -42.66 -4.16
C ILE G 172 -15.57 -41.48 -3.47
N THR G 173 -15.00 -41.72 -2.29
CA THR G 173 -14.48 -40.63 -1.48
C THR G 173 -13.10 -40.19 -1.98
N ARG G 174 -12.72 -38.98 -1.57
CA ARG G 174 -11.37 -38.50 -1.85
C ARG G 174 -10.33 -39.48 -1.32
N ARG G 175 -10.56 -40.02 -0.11
CA ARG G 175 -9.63 -40.97 0.48
C ARG G 175 -9.39 -42.18 -0.42
N GLU G 176 -10.48 -42.80 -0.90
CA GLU G 176 -10.30 -44.03 -1.67
C GLU G 176 -9.56 -43.71 -2.97
N GLN G 177 -9.88 -42.58 -3.58
CA GLN G 177 -9.19 -42.13 -4.79
C GLN G 177 -7.70 -41.92 -4.56
N ASP G 178 -7.34 -41.27 -3.45
CA ASP G 178 -5.92 -41.05 -3.17
C ASP G 178 -5.21 -42.34 -2.81
N GLU G 179 -5.87 -43.23 -2.07
CA GLU G 179 -5.21 -44.50 -1.72
C GLU G 179 -4.99 -45.35 -2.98
N PHE G 180 -5.90 -45.25 -3.94
CA PHE G 180 -5.71 -45.89 -5.25
C PHE G 180 -4.53 -45.26 -5.99
N ALA G 181 -4.48 -43.93 -6.01
CA ALA G 181 -3.38 -43.22 -6.67
C ALA G 181 -2.03 -43.62 -6.07
N ALA G 182 -1.92 -43.61 -4.74
CA ALA G 182 -0.63 -43.92 -4.12
C ALA G 182 -0.20 -45.36 -4.41
N ALA G 183 -1.17 -46.29 -4.38
CA ALA G 183 -0.86 -47.69 -4.70
C ALA G 183 -0.34 -47.82 -6.13
N SER G 184 -0.94 -47.08 -7.09
CA SER G 184 -0.42 -47.09 -8.46
C SER G 184 1.02 -46.55 -8.55
N GLN G 185 1.30 -45.42 -7.89
CA GLN G 185 2.67 -44.90 -7.92
C GLN G 185 3.63 -45.88 -7.24
N GLN G 186 3.22 -46.47 -6.12
CA GLN G 186 4.11 -47.36 -5.40
C GLN G 186 4.41 -48.62 -6.20
N LYS G 187 3.39 -49.16 -6.88
CA LYS G 187 3.65 -50.31 -7.72
C LYS G 187 4.58 -49.95 -8.89
N THR G 188 4.38 -48.77 -9.50
CA THR G 188 5.27 -48.38 -10.60
C THR G 188 6.70 -48.14 -10.13
N GLU G 189 6.87 -47.55 -8.94
CA GLU G 189 8.22 -47.37 -8.44
C GLU G 189 8.93 -48.71 -8.22
N ALA G 190 8.23 -49.69 -7.66
CA ALA G 190 8.84 -51.01 -7.47
C ALA G 190 9.11 -51.70 -8.81
N ALA G 191 8.18 -51.59 -9.77
CA ALA G 191 8.42 -52.14 -11.10
C ALA G 191 9.63 -51.49 -11.76
N GLN G 192 9.75 -50.16 -11.64
CA GLN G 192 10.90 -49.47 -12.23
C GLN G 192 12.20 -49.91 -11.58
N ALA G 193 12.22 -50.05 -10.26
CA ALA G 193 13.46 -50.42 -9.59
C ALA G 193 13.92 -51.81 -10.03
N ALA G 194 12.98 -52.71 -10.31
CA ALA G 194 13.25 -54.07 -10.73
C ALA G 194 13.46 -54.21 -12.22
N GLY G 195 13.36 -53.12 -12.97
CA GLY G 195 13.46 -53.16 -14.42
C GLY G 195 12.35 -53.94 -15.09
N ARG G 196 11.17 -54.06 -14.45
CA ARG G 196 10.10 -54.88 -15.04
C ARG G 196 9.71 -54.43 -16.45
N PHE G 197 9.89 -53.14 -16.78
CA PHE G 197 9.46 -52.59 -18.08
C PHE G 197 10.53 -52.73 -19.16
N ASP G 198 11.70 -53.29 -18.82
CA ASP G 198 12.80 -53.28 -19.79
C ASP G 198 12.47 -54.11 -21.03
N ASP G 199 11.80 -55.25 -20.86
CA ASP G 199 11.44 -56.09 -22.00
C ASP G 199 10.50 -55.36 -22.99
N GLU G 200 9.48 -54.66 -22.50
CA GLU G 200 8.45 -54.13 -23.40
C GLU G 200 8.85 -52.81 -24.07
N ILE G 201 9.76 -52.03 -23.47
CA ILE G 201 10.08 -50.69 -23.97
C ILE G 201 11.06 -50.82 -25.12
N VAL G 202 10.83 -50.04 -26.16
CA VAL G 202 11.82 -49.86 -27.22
C VAL G 202 12.35 -48.42 -27.11
N PRO G 203 13.66 -48.20 -27.17
CA PRO G 203 14.19 -46.83 -27.03
C PRO G 203 13.83 -45.94 -28.21
N VAL G 204 13.63 -44.64 -27.95
CA VAL G 204 13.43 -43.61 -28.97
C VAL G 204 14.62 -42.65 -28.88
N MET G 205 15.26 -42.39 -30.02
CA MET G 205 16.42 -41.51 -30.02
C MET G 205 15.90 -40.07 -29.99
N ILE G 206 16.40 -39.25 -29.07
CA ILE G 206 15.94 -37.88 -28.92
C ILE G 206 17.16 -36.95 -28.85
N LYS G 207 16.90 -35.67 -28.99
CA LYS G 207 17.96 -34.67 -28.93
C LYS G 207 17.95 -34.00 -27.56
N VAL G 208 19.07 -34.10 -26.85
CA VAL G 208 19.30 -33.46 -25.57
C VAL G 208 20.64 -32.76 -25.65
N LYS G 209 20.66 -31.44 -25.43
CA LYS G 209 21.80 -30.56 -25.80
C LYS G 209 21.98 -30.74 -27.31
N LYS G 210 23.19 -31.01 -27.80
CA LYS G 210 23.41 -31.26 -29.22
C LYS G 210 23.64 -32.75 -29.50
N GLU G 211 23.10 -33.60 -28.63
CA GLU G 211 23.43 -35.01 -28.65
C GLU G 211 22.17 -35.85 -28.85
N MET G 212 22.27 -36.89 -29.67
CA MET G 212 21.24 -37.93 -29.78
C MET G 212 21.46 -38.99 -28.71
N VAL G 213 20.46 -39.18 -27.85
CA VAL G 213 20.56 -40.16 -26.76
C VAL G 213 19.27 -40.96 -26.73
N PRO G 214 19.32 -42.21 -26.27
CA PRO G 214 18.10 -43.01 -26.15
C PRO G 214 17.23 -42.54 -24.99
N PHE G 215 15.96 -42.43 -25.25
CA PHE G 215 14.97 -42.25 -24.21
C PHE G 215 14.30 -43.61 -24.03
N ALA G 216 14.42 -44.19 -22.83
CA ALA G 216 14.03 -45.58 -22.65
C ALA G 216 13.43 -45.87 -21.29
N LYS G 217 13.17 -44.86 -20.46
CA LYS G 217 12.58 -45.06 -19.14
C LYS G 217 11.40 -44.10 -18.99
N ASP G 218 10.26 -44.61 -18.55
CA ASP G 218 9.12 -43.75 -18.27
C ASP G 218 9.50 -42.62 -17.31
N GLU G 219 9.19 -41.39 -17.71
CA GLU G 219 9.65 -40.25 -16.92
C GLU G 219 8.56 -39.59 -16.11
N TYR G 220 7.29 -39.98 -16.30
CA TYR G 220 6.17 -39.41 -15.56
C TYR G 220 6.05 -39.91 -14.10
N PRO G 221 6.45 -41.16 -13.75
CA PRO G 221 6.27 -41.64 -12.37
C PRO G 221 6.94 -40.76 -11.32
N LYS G 222 6.29 -40.69 -10.18
CA LYS G 222 6.73 -39.89 -9.04
C LYS G 222 7.11 -40.86 -7.94
N ALA G 223 8.19 -40.56 -7.22
CA ALA G 223 8.76 -41.48 -6.24
C ALA G 223 8.26 -41.15 -4.83
N GLY G 224 8.26 -42.18 -3.97
CA GLY G 224 7.84 -42.03 -2.58
C GLY G 224 6.44 -41.44 -2.36
N VAL G 225 5.48 -41.69 -3.27
CA VAL G 225 4.13 -41.16 -3.10
C VAL G 225 3.36 -41.97 -2.06
N THR G 226 2.62 -41.28 -1.19
CA THR G 226 1.73 -41.93 -0.22
C THR G 226 0.38 -41.21 -0.24
N ALA G 227 -0.61 -41.81 0.40
CA ALA G 227 -1.94 -41.21 0.41
C ALA G 227 -1.94 -39.89 1.16
N ASP G 228 -1.22 -39.80 2.28
CA ASP G 228 -1.15 -38.51 2.97
C ASP G 228 -0.39 -37.45 2.18
N SER G 229 0.59 -37.85 1.37
CA SER G 229 1.38 -36.82 0.71
C SER G 229 0.55 -36.04 -0.31
N ILE G 230 -0.52 -36.65 -0.83
CA ILE G 230 -1.36 -36.04 -1.87
C ILE G 230 -2.74 -35.65 -1.31
N ALA G 231 -2.96 -35.82 -0.02
CA ALA G 231 -4.26 -35.53 0.56
C ALA G 231 -4.52 -34.04 0.73
N LYS G 232 -3.50 -33.18 0.62
CA LYS G 232 -3.74 -31.75 0.78
C LYS G 232 -3.95 -31.03 -0.56
N LEU G 233 -3.75 -31.71 -1.67
CA LEU G 233 -3.85 -31.10 -2.99
C LEU G 233 -5.26 -30.59 -3.25
N LYS G 234 -5.35 -29.50 -4.00
CA LYS G 234 -6.63 -28.89 -4.34
C LYS G 234 -7.26 -29.62 -5.52
N GLY G 235 -8.59 -29.65 -5.54
CA GLY G 235 -9.27 -30.26 -6.68
C GLY G 235 -8.93 -29.54 -7.97
N ALA G 236 -8.91 -30.30 -9.07
CA ALA G 236 -8.56 -29.72 -10.36
C ALA G 236 -9.75 -29.46 -11.28
N PHE G 237 -10.95 -29.90 -10.91
CA PHE G 237 -12.09 -29.89 -11.84
C PHE G 237 -13.36 -29.51 -11.12
N PRO G 238 -14.21 -28.69 -11.71
CA PRO G 238 -15.50 -28.45 -11.09
C PRO G 238 -16.34 -29.72 -11.12
N VAL G 239 -17.24 -29.82 -10.14
CA VAL G 239 -18.24 -30.89 -10.18
C VAL G 239 -19.27 -30.59 -11.26
N GLY G 240 -20.03 -31.63 -11.63
CA GLY G 240 -21.03 -31.53 -12.66
C GLY G 240 -22.16 -30.60 -12.28
N PRO G 241 -22.89 -30.07 -13.27
CA PRO G 241 -23.90 -29.04 -12.98
C PRO G 241 -25.00 -29.53 -12.08
N GLU G 242 -25.20 -30.84 -11.99
CA GLU G 242 -26.28 -31.38 -11.17
C GLU G 242 -25.74 -32.12 -9.96
N SER G 243 -24.44 -32.02 -9.69
CA SER G 243 -23.84 -32.57 -8.50
C SER G 243 -24.62 -32.13 -7.27
N PRO G 244 -24.80 -33.02 -6.27
CA PRO G 244 -24.29 -34.39 -6.20
C PRO G 244 -25.22 -35.44 -6.80
N ASN G 245 -26.27 -35.08 -7.56
CA ASN G 245 -27.21 -36.07 -8.11
C ASN G 245 -27.30 -35.93 -9.63
N PRO G 246 -26.29 -36.37 -10.36
CA PRO G 246 -26.35 -36.28 -11.82
C PRO G 246 -27.42 -37.19 -12.39
N VAL G 247 -27.97 -36.79 -13.53
CA VAL G 247 -29.08 -37.51 -14.17
C VAL G 247 -28.52 -38.16 -15.42
N VAL G 248 -28.40 -39.51 -15.40
CA VAL G 248 -27.78 -40.23 -16.50
C VAL G 248 -28.74 -41.29 -17.03
N VAL G 249 -28.59 -41.61 -18.30
CA VAL G 249 -29.18 -42.81 -18.88
C VAL G 249 -28.25 -43.97 -18.54
N ASN G 250 -28.77 -44.96 -17.85
CA ASN G 250 -27.97 -46.14 -17.48
C ASN G 250 -28.07 -47.20 -18.56
N THR G 251 -26.95 -47.53 -19.19
CA THR G 251 -26.98 -48.64 -20.13
C THR G 251 -26.71 -49.97 -19.47
N PHE G 252 -26.43 -49.98 -18.16
CA PHE G 252 -26.38 -51.19 -17.34
C PHE G 252 -26.83 -50.80 -15.94
N GLU G 253 -27.29 -51.82 -15.18
CA GLU G 253 -27.82 -51.58 -13.84
C GLU G 253 -26.66 -51.66 -12.87
N PRO G 254 -26.30 -50.56 -12.19
CA PRO G 254 -25.14 -50.59 -11.28
C PRO G 254 -25.45 -51.38 -10.03
N THR G 255 -24.43 -52.11 -9.55
CA THR G 255 -24.54 -52.76 -8.25
C THR G 255 -23.59 -52.19 -7.21
N GLY G 256 -22.67 -51.34 -7.62
CA GLY G 256 -21.60 -50.90 -6.75
C GLY G 256 -21.77 -49.54 -6.11
N CYS G 257 -22.97 -48.94 -6.18
CA CYS G 257 -23.20 -47.58 -5.72
C CYS G 257 -23.33 -47.54 -4.21
N GLN G 258 -22.55 -46.67 -3.58
CA GLN G 258 -22.55 -46.53 -2.13
C GLN G 258 -22.75 -45.07 -1.76
N ASP G 259 -23.16 -44.84 -0.52
CA ASP G 259 -23.22 -43.50 0.05
C ASP G 259 -21.84 -43.05 0.49
N ALA G 260 -21.48 -41.81 0.18
CA ALA G 260 -20.17 -41.27 0.54
C ALA G 260 -20.32 -39.92 1.23
N PRO G 261 -19.38 -39.55 2.11
CA PRO G 261 -19.53 -38.31 2.88
C PRO G 261 -19.14 -37.04 2.15
N ASP G 262 -18.26 -37.09 1.13
CA ASP G 262 -17.85 -35.88 0.43
C ASP G 262 -18.51 -35.75 -0.95
N LYS G 263 -19.71 -36.30 -1.12
CA LYS G 263 -20.45 -36.10 -2.37
C LYS G 263 -20.65 -34.61 -2.61
N GLY G 264 -20.58 -34.20 -3.88
CA GLY G 264 -20.81 -32.80 -4.17
C GLY G 264 -19.60 -31.91 -3.96
N THR G 265 -18.44 -32.46 -3.63
CA THR G 265 -17.24 -31.66 -3.50
C THR G 265 -16.21 -32.10 -4.54
N GLN G 266 -15.18 -31.28 -4.69
CA GLN G 266 -14.12 -31.53 -5.65
C GLN G 266 -13.19 -32.62 -5.10
N ARG G 267 -13.10 -33.76 -5.79
CA ARG G 267 -12.30 -34.87 -5.25
C ARG G 267 -11.22 -35.34 -6.18
N VAL G 268 -11.37 -35.11 -7.49
CA VAL G 268 -10.36 -35.43 -8.48
C VAL G 268 -9.25 -34.38 -8.41
N THR G 269 -8.01 -34.83 -8.40
CA THR G 269 -6.86 -33.91 -8.30
C THR G 269 -5.85 -34.29 -9.37
N ALA G 270 -4.79 -33.48 -9.52
CA ALA G 270 -3.69 -33.83 -10.41
C ALA G 270 -3.02 -35.15 -10.02
N ALA G 271 -3.03 -35.52 -8.72
CA ALA G 271 -2.35 -36.72 -8.28
C ALA G 271 -3.20 -37.97 -8.37
N ASN G 272 -4.54 -37.86 -8.45
CA ASN G 272 -5.34 -39.09 -8.56
C ASN G 272 -6.03 -39.21 -9.91
N ALA G 273 -5.56 -38.43 -10.90
CA ALA G 273 -5.94 -38.52 -12.31
C ALA G 273 -4.72 -38.82 -13.16
N SER G 274 -4.96 -39.31 -14.37
CA SER G 274 -3.85 -39.60 -15.27
C SER G 274 -3.16 -38.29 -15.67
N GLY G 275 -2.00 -38.44 -16.29
CA GLY G 275 -1.31 -37.30 -16.85
C GLY G 275 -1.72 -37.04 -18.29
N ILE G 276 -1.17 -35.97 -18.83
CA ILE G 276 -1.12 -35.69 -20.27
C ILE G 276 0.28 -36.06 -20.73
N ASN G 277 0.38 -36.91 -21.78
CA ASN G 277 1.67 -37.59 -22.05
C ASN G 277 1.83 -37.94 -23.52
N ASP G 278 3.06 -38.36 -23.86
CA ASP G 278 3.51 -38.65 -25.22
C ASP G 278 4.05 -40.10 -25.30
N GLY G 279 3.71 -40.83 -26.35
CA GLY G 279 4.16 -42.21 -26.47
C GLY G 279 3.41 -42.98 -27.55
N ALA G 280 3.83 -44.24 -27.73
CA ALA G 280 3.23 -45.07 -28.77
C ALA G 280 3.46 -46.53 -28.37
N ALA G 281 2.74 -47.41 -29.03
CA ALA G 281 2.76 -48.84 -28.75
C ALA G 281 2.27 -49.56 -30.00
N ALA G 282 2.85 -50.73 -30.29
CA ALA G 282 2.43 -51.49 -31.47
C ALA G 282 2.28 -52.97 -31.16
N ILE G 283 1.39 -53.62 -31.93
CA ILE G 283 0.95 -54.99 -31.66
C ILE G 283 0.82 -55.69 -33.01
N VAL G 284 1.53 -56.78 -33.21
CA VAL G 284 1.39 -57.60 -34.41
C VAL G 284 0.35 -58.67 -34.17
N LEU G 285 -0.70 -58.68 -34.97
CA LEU G 285 -1.81 -59.62 -34.81
C LEU G 285 -1.86 -60.54 -36.02
N ALA G 286 -1.99 -61.84 -35.78
CA ALA G 286 -1.89 -62.80 -36.86
C ALA G 286 -2.92 -63.92 -36.69
N SER G 287 -3.41 -64.41 -37.81
CA SER G 287 -4.26 -65.60 -37.77
C SER G 287 -3.43 -66.84 -37.44
N GLY G 288 -4.15 -67.91 -37.04
CA GLY G 288 -3.51 -69.20 -36.91
C GLY G 288 -2.80 -69.65 -38.17
N GLU G 289 -3.40 -69.42 -39.34
CA GLU G 289 -2.72 -69.79 -40.59
C GLU G 289 -1.37 -69.10 -40.71
N ALA G 290 -1.32 -67.80 -40.42
CA ALA G 290 -0.06 -67.07 -40.51
C ALA G 290 0.96 -67.62 -39.52
N VAL G 291 0.52 -67.94 -38.30
CA VAL G 291 1.40 -68.47 -37.27
C VAL G 291 2.04 -69.78 -37.73
N ALA G 292 1.21 -70.69 -38.28
CA ALA G 292 1.73 -71.98 -38.73
C ALA G 292 2.63 -71.79 -39.93
N LYS G 293 2.17 -71.02 -40.92
CA LYS G 293 2.92 -70.83 -42.18
C LYS G 293 4.34 -70.34 -41.92
N TYR G 294 4.48 -69.26 -41.17
CA TYR G 294 5.79 -68.67 -40.92
C TYR G 294 6.49 -69.24 -39.70
N GLY G 295 5.91 -70.23 -39.02
CA GLY G 295 6.46 -70.69 -37.77
C GLY G 295 6.62 -69.56 -36.75
N LEU G 296 5.55 -68.79 -36.52
CA LEU G 296 5.61 -67.71 -35.54
C LEU G 296 5.49 -68.26 -34.12
N LYS G 297 5.99 -67.50 -33.15
CA LYS G 297 5.97 -67.91 -31.75
C LYS G 297 5.25 -66.82 -30.96
N PRO G 298 3.91 -66.88 -30.87
CA PRO G 298 3.13 -65.74 -30.37
C PRO G 298 3.19 -65.66 -28.86
N MET G 299 2.94 -64.44 -28.34
CA MET G 299 2.84 -64.30 -26.89
C MET G 299 1.50 -64.77 -26.36
N ALA G 300 0.40 -64.53 -27.10
CA ALA G 300 -0.92 -64.81 -26.54
C ALA G 300 -1.95 -64.98 -27.66
N LYS G 301 -3.06 -65.58 -27.28
CA LYS G 301 -4.23 -65.72 -28.13
C LYS G 301 -5.30 -64.73 -27.67
N LEU G 302 -5.81 -63.95 -28.61
CA LEU G 302 -6.95 -63.06 -28.36
C LEU G 302 -8.22 -63.91 -28.42
N ILE G 303 -8.81 -64.19 -27.27
CA ILE G 303 -9.96 -65.08 -27.20
C ILE G 303 -11.26 -64.35 -26.95
N GLY G 304 -11.23 -63.04 -26.69
CA GLY G 304 -12.47 -62.29 -26.56
C GLY G 304 -12.17 -60.81 -26.64
N TRP G 305 -13.15 -60.05 -27.12
CA TRP G 305 -13.03 -58.58 -27.21
C TRP G 305 -14.43 -58.02 -27.24
N GLY G 306 -14.55 -56.74 -26.91
CA GLY G 306 -15.87 -56.18 -26.73
C GLY G 306 -15.79 -54.68 -26.67
N GLN G 307 -16.94 -54.05 -26.89
CA GLN G 307 -17.10 -52.61 -26.77
C GLN G 307 -18.36 -52.36 -25.96
N GLY G 308 -18.52 -51.13 -25.50
CA GLY G 308 -19.78 -50.77 -24.87
C GLY G 308 -19.97 -49.27 -24.94
N GLY G 309 -21.20 -48.87 -24.69
CA GLY G 309 -21.55 -47.46 -24.65
C GLY G 309 -22.27 -47.17 -23.35
N VAL G 310 -22.00 -45.98 -22.79
CA VAL G 310 -22.62 -45.54 -21.56
C VAL G 310 -22.92 -44.06 -21.76
N ASP G 311 -23.58 -43.46 -20.78
CA ASP G 311 -23.86 -42.04 -20.86
C ASP G 311 -22.54 -41.26 -20.91
N PRO G 312 -22.39 -40.30 -21.85
CA PRO G 312 -21.20 -39.44 -21.84
C PRO G 312 -20.85 -38.83 -20.49
N LYS G 313 -21.84 -38.50 -19.67
CA LYS G 313 -21.56 -37.88 -18.38
C LYS G 313 -20.83 -38.80 -17.41
N ILE G 314 -20.94 -40.13 -17.57
CA ILE G 314 -20.24 -41.08 -16.71
C ILE G 314 -19.42 -42.02 -17.58
N MET G 315 -18.80 -41.47 -18.62
CA MET G 315 -17.93 -42.22 -19.50
C MET G 315 -16.92 -43.14 -18.83
N GLY G 316 -16.52 -42.88 -17.59
CA GLY G 316 -15.53 -43.72 -16.92
C GLY G 316 -15.94 -45.18 -16.72
N VAL G 317 -17.23 -45.50 -16.76
CA VAL G 317 -17.67 -46.90 -16.53
C VAL G 317 -17.97 -47.62 -17.84
N GLY G 318 -17.65 -47.00 -18.98
CA GLY G 318 -17.55 -47.68 -20.24
C GLY G 318 -16.95 -49.08 -20.15
N PRO G 319 -15.83 -49.28 -19.42
CA PRO G 319 -15.23 -50.63 -19.35
C PRO G 319 -16.15 -51.69 -18.80
N VAL G 320 -17.14 -51.33 -18.00
CA VAL G 320 -18.03 -52.35 -17.43
C VAL G 320 -18.77 -53.08 -18.54
N VAL G 321 -19.35 -52.32 -19.49
CA VAL G 321 -20.09 -52.97 -20.56
C VAL G 321 -19.13 -53.71 -21.50
N ALA G 322 -18.03 -53.04 -21.87
CA ALA G 322 -17.05 -53.67 -22.77
C ALA G 322 -16.46 -54.97 -22.20
N SER G 323 -16.09 -54.98 -20.91
CA SER G 323 -15.43 -56.15 -20.33
C SER G 323 -16.36 -57.36 -20.24
N ARG G 324 -17.62 -57.11 -19.86
CA ARG G 324 -18.61 -58.18 -19.85
C ARG G 324 -18.79 -58.77 -21.26
N ASN G 325 -18.84 -57.91 -22.28
CA ASN G 325 -18.99 -58.42 -23.64
C ASN G 325 -17.77 -59.22 -24.07
N ALA G 326 -16.57 -58.70 -23.77
CA ALA G 326 -15.34 -59.41 -24.12
C ALA G 326 -15.28 -60.76 -23.41
N MET G 327 -15.72 -60.81 -22.15
CA MET G 327 -15.55 -62.02 -21.35
C MET G 327 -16.62 -63.04 -21.74
N LYS G 328 -17.82 -62.54 -22.05
CA LYS G 328 -18.87 -63.42 -22.56
C LYS G 328 -18.45 -64.02 -23.89
N LYS G 329 -17.84 -63.22 -24.77
CA LYS G 329 -17.34 -63.74 -26.03
C LYS G 329 -16.20 -64.74 -25.80
N ALA G 330 -15.36 -64.50 -24.79
CA ALA G 330 -14.26 -65.41 -24.47
C ALA G 330 -14.71 -66.69 -23.77
N GLY G 331 -15.96 -66.77 -23.32
CA GLY G 331 -16.46 -67.88 -22.52
C GLY G 331 -15.86 -67.92 -21.14
N VAL G 332 -15.60 -66.76 -20.54
CA VAL G 332 -14.94 -66.69 -19.23
C VAL G 332 -15.74 -65.72 -18.36
N THR G 333 -15.54 -65.83 -17.04
CA THR G 333 -15.92 -64.78 -16.09
C THR G 333 -14.67 -64.20 -15.42
N ILE G 334 -14.90 -63.24 -14.52
CA ILE G 334 -13.77 -62.49 -13.92
C ILE G 334 -12.91 -63.40 -13.05
N ASP G 335 -13.50 -64.45 -12.46
CA ASP G 335 -12.68 -65.37 -11.66
C ASP G 335 -11.67 -66.16 -12.51
N ASP G 336 -11.94 -66.31 -13.80
CA ASP G 336 -10.99 -66.97 -14.71
C ASP G 336 -9.78 -66.12 -15.04
N ILE G 337 -9.80 -64.84 -14.68
CA ILE G 337 -8.78 -63.88 -15.12
C ILE G 337 -7.70 -63.82 -14.06
N ASP G 338 -6.44 -63.98 -14.48
CA ASP G 338 -5.29 -63.93 -13.60
C ASP G 338 -4.64 -62.55 -13.51
N LEU G 339 -4.67 -61.74 -14.57
CA LEU G 339 -4.08 -60.40 -14.51
C LEU G 339 -5.03 -59.44 -15.22
N ILE G 340 -5.10 -58.21 -14.74
CA ILE G 340 -5.99 -57.20 -15.28
C ILE G 340 -5.18 -55.93 -15.50
N GLU G 341 -5.31 -55.31 -16.69
CA GLU G 341 -4.75 -53.99 -16.93
C GLU G 341 -5.99 -53.15 -17.19
N ALA G 342 -6.49 -52.46 -16.19
CA ALA G 342 -7.59 -51.53 -16.40
C ALA G 342 -7.01 -50.13 -16.31
N ASN G 343 -7.06 -49.38 -17.42
CA ASN G 343 -6.35 -48.11 -17.50
C ASN G 343 -6.81 -47.13 -16.43
N GLU G 344 -5.88 -46.34 -15.90
CA GLU G 344 -6.26 -45.41 -14.81
C GLU G 344 -6.46 -44.00 -15.34
N ALA G 345 -7.61 -43.81 -16.01
CA ALA G 345 -7.96 -42.47 -16.44
C ALA G 345 -8.09 -41.54 -15.24
N PHE G 346 -8.85 -42.00 -14.25
CA PHE G 346 -9.01 -41.30 -12.98
C PHE G 346 -9.23 -42.40 -11.97
N ALA G 347 -8.71 -42.24 -10.75
CA ALA G 347 -9.01 -43.20 -9.70
C ALA G 347 -10.52 -43.31 -9.48
N ALA G 348 -11.24 -42.20 -9.62
CA ALA G 348 -12.71 -42.21 -9.60
C ALA G 348 -13.26 -43.30 -10.52
N GLN G 349 -12.99 -43.22 -11.81
CA GLN G 349 -13.61 -44.19 -12.70
C GLN G 349 -13.03 -45.59 -12.51
N SER G 350 -11.73 -45.71 -12.17
CA SER G 350 -11.12 -47.03 -11.95
C SER G 350 -11.76 -47.74 -10.77
N ILE G 351 -12.08 -47.00 -9.70
CA ILE G 351 -12.75 -47.63 -8.58
C ILE G 351 -14.17 -48.08 -8.97
N ALA G 352 -14.92 -47.25 -9.71
CA ALA G 352 -16.28 -47.67 -10.06
C ALA G 352 -16.26 -48.92 -10.94
N VAL G 353 -15.31 -49.00 -11.87
CA VAL G 353 -15.22 -50.16 -12.74
C VAL G 353 -14.90 -51.41 -11.91
N ALA G 354 -13.97 -51.27 -10.97
CA ALA G 354 -13.55 -52.41 -10.14
C ALA G 354 -14.71 -52.96 -9.32
N ARG G 355 -15.51 -52.06 -8.73
CA ARG G 355 -16.67 -52.47 -7.94
C ARG G 355 -17.69 -53.19 -8.82
N GLU G 356 -17.98 -52.66 -10.01
CA GLU G 356 -19.01 -53.28 -10.82
C GLU G 356 -18.57 -54.64 -11.35
N LEU G 357 -17.29 -54.77 -11.69
CA LEU G 357 -16.77 -56.03 -12.25
C LEU G 357 -16.15 -56.94 -11.19
N HIS G 358 -16.12 -56.52 -9.91
CA HIS G 358 -15.65 -57.38 -8.81
C HIS G 358 -14.18 -57.77 -9.03
N PHE G 359 -13.37 -56.78 -9.42
CA PHE G 359 -11.93 -56.99 -9.56
C PHE G 359 -11.34 -57.43 -8.24
N ASP G 360 -10.43 -58.41 -8.29
CA ASP G 360 -9.48 -58.66 -7.21
C ASP G 360 -8.30 -57.70 -7.44
N MET G 361 -8.20 -56.67 -6.60
CA MET G 361 -7.20 -55.61 -6.81
C MET G 361 -5.76 -56.10 -6.72
N SER G 362 -5.50 -57.24 -6.07
CA SER G 362 -4.16 -57.78 -6.11
C SER G 362 -3.75 -58.18 -7.52
N LYS G 363 -4.71 -58.29 -8.47
CA LYS G 363 -4.43 -58.67 -9.85
C LYS G 363 -4.49 -57.51 -10.83
N VAL G 364 -4.78 -56.31 -10.36
CA VAL G 364 -5.06 -55.15 -11.22
C VAL G 364 -3.81 -54.29 -11.32
N ASN G 365 -3.35 -54.01 -12.54
CA ASN G 365 -2.24 -53.08 -12.75
C ASN G 365 -1.04 -53.37 -11.83
N VAL G 366 -0.53 -54.61 -11.92
CA VAL G 366 0.42 -55.03 -10.90
C VAL G 366 1.74 -54.27 -10.99
N ASN G 367 2.05 -53.65 -12.13
CA ASN G 367 3.22 -52.81 -12.24
C ASN G 367 2.86 -51.31 -12.20
N GLY G 368 1.68 -50.97 -11.65
CA GLY G 368 1.20 -49.62 -11.63
C GLY G 368 0.46 -49.28 -12.93
N GLY G 369 -0.24 -48.16 -12.91
CA GLY G 369 -1.00 -47.74 -14.07
C GLY G 369 -0.85 -46.28 -14.45
N ALA G 370 -1.81 -45.75 -15.21
CA ALA G 370 -1.64 -44.46 -15.89
C ALA G 370 -1.45 -43.29 -14.93
N ILE G 371 -1.90 -43.39 -13.68
CA ILE G 371 -1.66 -42.29 -12.75
C ILE G 371 -0.17 -42.07 -12.58
N ALA G 372 0.62 -43.16 -12.57
CA ALA G 372 2.08 -43.07 -12.50
C ALA G 372 2.72 -43.01 -13.87
N LEU G 373 2.28 -43.85 -14.79
CA LEU G 373 2.98 -44.01 -16.06
C LEU G 373 2.64 -42.97 -17.10
N GLY G 374 1.50 -42.29 -16.98
CA GLY G 374 1.08 -41.33 -18.00
C GLY G 374 0.10 -41.95 -19.00
N HIS G 375 -0.56 -41.07 -19.78
CA HIS G 375 -1.70 -41.49 -20.60
C HIS G 375 -1.72 -40.76 -21.93
N PRO G 376 -0.93 -41.20 -22.87
CA PRO G 376 -1.00 -40.60 -24.21
C PRO G 376 -2.21 -41.16 -24.95
N VAL G 377 -3.24 -40.31 -25.10
CA VAL G 377 -4.60 -40.80 -25.22
C VAL G 377 -4.73 -41.83 -26.35
N GLY G 378 -4.26 -41.51 -27.57
CA GLY G 378 -4.50 -42.42 -28.67
C GLY G 378 -3.66 -43.69 -28.62
N ALA G 379 -2.65 -43.76 -27.75
CA ALA G 379 -1.79 -44.93 -27.65
C ALA G 379 -2.16 -45.86 -26.49
N SER G 380 -2.80 -45.33 -25.45
CA SER G 380 -2.87 -46.10 -24.21
C SER G 380 -3.63 -47.40 -24.39
N GLY G 381 -4.66 -47.41 -25.24
CA GLY G 381 -5.38 -48.66 -25.46
C GLY G 381 -4.48 -49.80 -25.86
N ALA G 382 -3.43 -49.49 -26.65
CA ALA G 382 -2.44 -50.49 -27.00
C ALA G 382 -1.36 -50.61 -25.93
N ARG G 383 -0.98 -49.50 -25.32
CA ARG G 383 0.02 -49.52 -24.27
C ARG G 383 -0.31 -50.54 -23.19
N ILE G 384 -1.57 -50.53 -22.71
CA ILE G 384 -1.88 -51.44 -21.60
C ILE G 384 -1.92 -52.90 -22.06
N ILE G 385 -2.22 -53.14 -23.34
CA ILE G 385 -2.09 -54.49 -23.84
C ILE G 385 -0.63 -54.91 -23.80
N VAL G 386 0.27 -54.01 -24.21
CA VAL G 386 1.69 -54.31 -24.17
C VAL G 386 2.13 -54.66 -22.75
N THR G 387 1.64 -53.91 -21.76
CA THR G 387 2.08 -54.14 -20.37
C THR G 387 1.48 -55.42 -19.80
N LEU G 388 0.21 -55.69 -20.13
CA LEU G 388 -0.42 -56.93 -19.70
C LEU G 388 0.32 -58.16 -20.24
N LEU G 389 0.57 -58.19 -21.55
CA LEU G 389 1.12 -59.39 -22.14
C LEU G 389 2.53 -59.69 -21.62
N HIS G 390 3.34 -58.63 -21.41
CA HIS G 390 4.70 -58.87 -20.95
C HIS G 390 4.71 -59.35 -19.51
N GLU G 391 3.78 -58.86 -18.68
CA GLU G 391 3.73 -59.38 -17.31
C GLU G 391 3.13 -60.79 -17.27
N MET G 392 2.19 -61.11 -18.19
CA MET G 392 1.71 -62.49 -18.25
C MET G 392 2.86 -63.43 -18.57
N GLN G 393 3.73 -63.03 -19.51
CA GLN G 393 4.90 -63.83 -19.86
C GLN G 393 5.83 -64.05 -18.66
N LYS G 394 5.87 -63.10 -17.73
CA LYS G 394 6.81 -63.23 -16.61
C LYS G 394 6.26 -64.04 -15.45
N ARG G 395 4.93 -64.23 -15.38
CA ARG G 395 4.25 -64.96 -14.31
C ARG G 395 3.73 -66.29 -14.85
N PRO G 396 4.36 -67.43 -14.50
CA PRO G 396 3.94 -68.71 -15.10
C PRO G 396 2.48 -69.01 -14.90
N GLU G 397 1.92 -68.60 -13.76
CA GLU G 397 0.53 -68.80 -13.38
C GLU G 397 -0.43 -67.78 -14.00
N ALA G 398 0.04 -66.77 -14.69
CA ALA G 398 -0.85 -65.80 -15.33
C ALA G 398 -1.24 -66.35 -16.71
N LYS G 399 -2.36 -67.05 -16.79
CA LYS G 399 -2.74 -67.67 -18.07
C LYS G 399 -3.80 -66.90 -18.86
N LYS G 400 -4.68 -66.15 -18.21
CA LYS G 400 -5.73 -65.37 -18.88
C LYS G 400 -5.69 -63.94 -18.38
N GLY G 401 -5.84 -62.99 -19.29
CA GLY G 401 -5.66 -61.58 -18.95
C GLY G 401 -6.75 -60.75 -19.60
N LEU G 402 -7.16 -59.70 -18.90
CA LEU G 402 -8.14 -58.74 -19.40
C LEU G 402 -7.51 -57.34 -19.47
N ALA G 403 -7.72 -56.65 -20.59
CA ALA G 403 -7.32 -55.25 -20.67
C ALA G 403 -8.53 -54.47 -21.13
N THR G 404 -8.74 -53.32 -20.49
CA THR G 404 -9.91 -52.50 -20.79
C THR G 404 -9.65 -51.07 -20.37
N LEU G 405 -10.35 -50.13 -21.01
CA LEU G 405 -10.24 -48.72 -20.64
C LEU G 405 -11.48 -47.96 -21.10
N CYS G 406 -11.71 -46.82 -20.44
CA CYS G 406 -12.87 -45.98 -20.73
C CYS G 406 -12.52 -45.00 -21.84
N ILE G 407 -13.58 -44.40 -22.41
CA ILE G 407 -13.45 -43.63 -23.65
C ILE G 407 -14.35 -42.40 -23.54
N GLY G 408 -13.78 -41.21 -23.75
CA GLY G 408 -14.58 -40.01 -23.68
C GLY G 408 -15.72 -40.04 -24.70
N GLY G 409 -16.85 -39.43 -24.35
CA GLY G 409 -18.07 -39.59 -25.14
C GLY G 409 -18.89 -40.81 -24.77
N GLY G 410 -18.45 -41.60 -23.79
CA GLY G 410 -19.27 -42.64 -23.18
C GLY G 410 -19.09 -44.04 -23.72
N MET G 411 -17.85 -44.55 -23.81
CA MET G 411 -17.66 -45.87 -24.39
C MET G 411 -16.58 -46.62 -23.63
N GLY G 412 -16.47 -47.93 -23.91
CA GLY G 412 -15.33 -48.70 -23.44
C GLY G 412 -14.95 -49.74 -24.47
N THR G 413 -13.71 -50.21 -24.37
CA THR G 413 -13.26 -51.37 -25.12
C THR G 413 -12.57 -52.34 -24.17
N ALA G 414 -12.54 -53.60 -24.56
CA ALA G 414 -11.94 -54.61 -23.72
C ALA G 414 -11.49 -55.75 -24.59
N VAL G 415 -10.37 -56.37 -24.19
CA VAL G 415 -9.86 -57.55 -24.85
C VAL G 415 -9.48 -58.57 -23.77
N VAL G 416 -9.62 -59.84 -24.11
CA VAL G 416 -9.24 -60.95 -23.22
C VAL G 416 -8.24 -61.82 -23.95
N PHE G 417 -7.18 -62.23 -23.23
CA PHE G 417 -6.07 -62.98 -23.80
C PHE G 417 -5.88 -64.28 -23.05
N GLU G 418 -5.45 -65.30 -23.78
CA GLU G 418 -4.95 -66.54 -23.16
C GLU G 418 -3.49 -66.72 -23.55
N LYS G 419 -2.62 -66.86 -22.55
CA LYS G 419 -1.19 -66.89 -22.84
C LYS G 419 -0.88 -68.12 -23.68
N CYS G 420 0.06 -68.00 -24.62
CA CYS G 420 0.46 -69.14 -25.42
C CYS G 420 1.50 -69.91 -24.63
N LEU G 421 1.23 -71.20 -24.41
CA LEU G 421 2.16 -72.07 -23.67
C LEU G 421 2.50 -73.32 -24.48
N LYS H 4 -22.93 -62.97 -43.47
CA LYS H 4 -22.30 -63.67 -44.58
C LYS H 4 -22.64 -63.01 -45.92
N ASP H 5 -23.93 -62.88 -46.26
CA ASP H 5 -24.32 -62.00 -47.36
C ASP H 5 -24.54 -60.59 -46.81
N LEU H 6 -24.08 -59.58 -47.55
CA LEU H 6 -24.11 -58.21 -47.06
C LEU H 6 -24.90 -57.29 -48.00
N TYR H 7 -25.69 -56.38 -47.42
CA TYR H 7 -26.56 -55.49 -48.20
C TYR H 7 -26.44 -54.05 -47.73
N VAL H 8 -26.50 -53.13 -48.69
CA VAL H 8 -26.76 -51.73 -48.39
C VAL H 8 -28.28 -51.60 -48.39
N VAL H 9 -28.85 -51.38 -47.21
CA VAL H 9 -30.31 -51.31 -47.13
C VAL H 9 -30.80 -50.04 -47.80
N ASN H 10 -30.17 -48.92 -47.46
CA ASN H 10 -30.52 -47.65 -48.06
C ASN H 10 -29.38 -46.70 -47.77
N CYS H 11 -29.43 -45.51 -48.41
CA CYS H 11 -28.35 -44.55 -48.31
C CYS H 11 -28.80 -43.23 -48.91
N CYS H 12 -28.18 -42.14 -48.45
CA CYS H 12 -28.52 -40.79 -48.90
C CYS H 12 -27.35 -39.86 -48.60
N ARG H 13 -27.48 -38.60 -49.03
CA ARG H 13 -26.37 -37.66 -48.96
C ARG H 13 -26.94 -36.25 -48.92
N THR H 14 -26.20 -35.34 -48.29
CA THR H 14 -26.49 -33.92 -48.47
C THR H 14 -26.20 -33.50 -49.90
N ALA H 15 -26.86 -32.43 -50.33
CA ALA H 15 -26.29 -31.66 -51.44
C ALA H 15 -24.91 -31.17 -51.02
N ILE H 16 -24.03 -30.99 -52.00
CA ILE H 16 -22.66 -30.57 -51.72
C ILE H 16 -22.54 -29.05 -51.85
N GLY H 17 -21.99 -28.42 -50.80
CA GLY H 17 -21.74 -26.99 -50.79
C GLY H 17 -20.39 -26.61 -51.37
N SER H 18 -20.33 -25.37 -51.86
CA SER H 18 -19.08 -24.77 -52.30
C SER H 18 -18.25 -24.32 -51.10
N PHE H 19 -16.94 -24.24 -51.28
CA PHE H 19 -16.02 -23.72 -50.27
C PHE H 19 -16.48 -22.33 -49.81
N GLY H 20 -16.68 -22.19 -48.50
CA GLY H 20 -17.26 -20.95 -47.98
C GLY H 20 -18.69 -20.72 -48.37
N GLY H 21 -19.35 -21.72 -48.97
CA GLY H 21 -20.70 -21.58 -49.45
C GLY H 21 -21.76 -21.95 -48.44
N SER H 22 -22.81 -22.65 -48.90
CA SER H 22 -24.04 -22.78 -48.14
C SER H 22 -23.87 -23.59 -46.86
N LEU H 23 -22.96 -24.56 -46.83
CA LEU H 23 -22.83 -25.42 -45.66
C LEU H 23 -21.72 -24.96 -44.71
N LYS H 24 -21.09 -23.80 -44.96
CA LYS H 24 -19.90 -23.44 -44.20
C LYS H 24 -20.22 -23.33 -42.72
N ASN H 25 -21.43 -22.90 -42.36
CA ASN H 25 -21.84 -22.80 -40.97
C ASN H 25 -22.50 -24.08 -40.43
N THR H 26 -22.47 -25.19 -41.18
CA THR H 26 -23.06 -26.44 -40.65
C THR H 26 -21.95 -27.41 -40.27
N PRO H 27 -21.69 -27.69 -39.00
CA PRO H 27 -20.52 -28.55 -38.68
C PRO H 27 -20.63 -29.95 -39.27
N ALA H 28 -19.45 -30.56 -39.46
CA ALA H 28 -19.38 -31.90 -39.99
C ALA H 28 -20.29 -32.86 -39.23
N ALA H 29 -20.36 -32.72 -37.92
CA ALA H 29 -21.16 -33.69 -37.16
C ALA H 29 -22.65 -33.50 -37.39
N GLU H 30 -23.08 -32.26 -37.66
CA GLU H 30 -24.48 -32.01 -37.94
C GLU H 30 -24.88 -32.51 -39.31
N MET H 31 -24.06 -32.22 -40.32
CA MET H 31 -24.27 -32.81 -41.63
C MET H 31 -24.37 -34.33 -41.56
N GLY H 32 -23.46 -34.97 -40.81
CA GLY H 32 -23.47 -36.42 -40.71
C GLY H 32 -24.74 -36.94 -40.05
N ALA H 33 -25.17 -36.26 -38.99
CA ALA H 33 -26.41 -36.65 -38.31
C ALA H 33 -27.59 -36.64 -39.26
N VAL H 34 -27.71 -35.58 -40.08
CA VAL H 34 -28.85 -35.47 -40.98
C VAL H 34 -28.92 -36.68 -41.91
N VAL H 35 -27.79 -37.02 -42.55
CA VAL H 35 -27.83 -38.12 -43.50
C VAL H 35 -28.04 -39.44 -42.79
N VAL H 36 -27.42 -39.60 -41.62
CA VAL H 36 -27.54 -40.88 -40.91
C VAL H 36 -28.98 -41.13 -40.49
N LYS H 37 -29.63 -40.13 -39.89
CA LYS H 37 -31.01 -40.33 -39.49
C LYS H 37 -31.91 -40.62 -40.71
N GLU H 38 -31.73 -39.85 -41.79
CA GLU H 38 -32.53 -40.07 -43.00
C GLU H 38 -32.30 -41.48 -43.55
N ALA H 39 -31.04 -41.92 -43.59
CA ALA H 39 -30.73 -43.25 -44.13
C ALA H 39 -31.40 -44.33 -43.30
N LEU H 40 -31.35 -44.21 -41.97
CA LEU H 40 -32.02 -45.22 -41.13
C LEU H 40 -33.52 -45.24 -41.40
N LYS H 41 -34.14 -44.06 -41.54
CA LYS H 41 -35.58 -44.01 -41.82
C LYS H 41 -35.92 -44.59 -43.18
N ARG H 42 -35.19 -44.17 -44.22
CA ARG H 42 -35.39 -44.75 -45.56
C ARG H 42 -35.17 -46.26 -45.54
N ALA H 43 -34.24 -46.73 -44.71
CA ALA H 43 -33.97 -48.17 -44.58
C ALA H 43 -34.96 -48.89 -43.67
N ASN H 44 -35.84 -48.15 -42.98
CA ASN H 44 -36.76 -48.74 -42.00
C ASN H 44 -36.00 -49.53 -40.92
N VAL H 45 -34.89 -48.98 -40.46
CA VAL H 45 -34.11 -49.50 -39.34
C VAL H 45 -34.23 -48.55 -38.16
N ALA H 46 -34.74 -49.07 -37.04
CA ALA H 46 -34.77 -48.30 -35.80
C ALA H 46 -33.34 -48.04 -35.33
N PRO H 47 -33.06 -46.84 -34.81
CA PRO H 47 -31.69 -46.53 -34.38
C PRO H 47 -31.21 -47.43 -33.26
N GLU H 48 -32.10 -47.96 -32.44
CA GLU H 48 -31.67 -48.84 -31.36
C GLU H 48 -31.27 -50.22 -31.87
N ASN H 49 -31.50 -50.51 -33.14
CA ASN H 49 -31.05 -51.77 -33.76
C ASN H 49 -29.71 -51.63 -34.46
N VAL H 50 -29.06 -50.47 -34.37
CA VAL H 50 -27.73 -50.30 -34.94
C VAL H 50 -26.73 -50.84 -33.93
N ASP H 51 -25.76 -51.65 -34.42
CA ASP H 51 -24.71 -52.21 -33.58
C ASP H 51 -23.47 -51.34 -33.50
N GLU H 52 -23.12 -50.62 -34.58
CA GLU H 52 -22.00 -49.70 -34.56
C GLU H 52 -22.18 -48.69 -35.69
N LEU H 53 -21.61 -47.50 -35.50
CA LEU H 53 -21.51 -46.46 -36.53
C LEU H 53 -20.04 -46.22 -36.80
N MET H 54 -19.68 -46.19 -38.07
CA MET H 54 -18.30 -46.10 -38.52
C MET H 54 -18.29 -44.98 -39.56
N PHE H 55 -17.62 -43.86 -39.28
CA PHE H 55 -17.84 -42.68 -40.11
C PHE H 55 -16.53 -42.02 -40.49
N GLY H 56 -16.36 -41.75 -41.77
CA GLY H 56 -15.19 -41.03 -42.23
C GLY H 56 -15.31 -39.53 -41.96
N CYS H 57 -14.19 -38.95 -41.53
CA CYS H 57 -13.97 -37.51 -41.36
C CYS H 57 -12.48 -37.33 -41.09
N ILE H 58 -11.78 -36.49 -41.85
CA ILE H 58 -10.35 -36.34 -41.66
C ILE H 58 -9.93 -34.96 -41.14
N LEU H 59 -10.73 -33.92 -41.35
CA LEU H 59 -10.38 -32.58 -40.89
C LEU H 59 -11.05 -32.36 -39.54
N THR H 60 -10.55 -33.08 -38.54
CA THR H 60 -11.20 -33.13 -37.25
C THR H 60 -10.69 -32.06 -36.28
N SER H 61 -9.80 -31.16 -36.73
CA SER H 61 -9.20 -30.21 -35.79
C SER H 61 -10.26 -29.39 -35.11
N ALA H 62 -10.21 -29.38 -33.77
CA ALA H 62 -11.07 -28.55 -32.94
C ALA H 62 -12.55 -28.89 -33.12
N GLN H 63 -12.89 -30.06 -33.67
CA GLN H 63 -14.28 -30.49 -33.74
C GLN H 63 -14.75 -31.24 -32.51
N GLY H 64 -13.88 -31.46 -31.52
CA GLY H 64 -14.28 -32.17 -30.33
C GLY H 64 -13.99 -33.68 -30.42
N GLN H 65 -14.29 -34.38 -29.34
CA GLN H 65 -13.98 -35.80 -29.28
C GLN H 65 -14.81 -36.58 -30.33
N ASN H 66 -14.13 -37.34 -31.18
CA ASN H 66 -14.74 -38.43 -31.96
C ASN H 66 -15.98 -38.00 -32.76
N VAL H 67 -15.73 -37.29 -33.86
CA VAL H 67 -16.81 -36.83 -34.72
C VAL H 67 -17.84 -37.93 -34.99
N ALA H 68 -17.38 -39.17 -35.22
CA ALA H 68 -18.37 -40.22 -35.55
C ALA H 68 -19.35 -40.45 -34.41
N ARG H 69 -18.86 -40.45 -33.16
CA ARG H 69 -19.76 -40.59 -32.03
C ARG H 69 -20.72 -39.41 -31.91
N GLN H 70 -20.27 -38.19 -32.24
CA GLN H 70 -21.18 -37.04 -32.26
C GLN H 70 -22.25 -37.19 -33.35
N VAL H 71 -21.85 -37.67 -34.53
CA VAL H 71 -22.80 -37.96 -35.61
C VAL H 71 -23.84 -38.98 -35.14
N SER H 72 -23.38 -40.01 -34.45
CA SER H 72 -24.27 -41.10 -33.99
C SER H 72 -25.32 -40.59 -33.02
N ILE H 73 -24.87 -39.83 -32.03
CA ILE H 73 -25.76 -39.41 -30.96
C ILE H 73 -26.73 -38.38 -31.50
N LYS H 74 -26.21 -37.41 -32.24
CA LYS H 74 -27.07 -36.34 -32.74
C LYS H 74 -28.10 -36.89 -33.71
N ALA H 75 -27.81 -38.04 -34.33
CA ALA H 75 -28.76 -38.66 -35.23
C ALA H 75 -29.83 -39.45 -34.51
N GLY H 76 -29.70 -39.65 -33.19
CA GLY H 76 -30.67 -40.41 -32.45
C GLY H 76 -30.28 -41.83 -32.12
N ILE H 77 -29.06 -42.22 -32.38
CA ILE H 77 -28.62 -43.58 -32.03
C ILE H 77 -28.25 -43.60 -30.55
N PRO H 78 -28.74 -44.56 -29.78
CA PRO H 78 -28.56 -44.52 -28.32
C PRO H 78 -27.09 -44.53 -27.90
N TYR H 79 -26.88 -44.08 -26.66
CA TYR H 79 -25.55 -44.07 -26.05
C TYR H 79 -24.89 -45.45 -26.08
N SER H 80 -25.69 -46.51 -25.97
CA SER H 80 -25.18 -47.88 -25.94
C SER H 80 -24.52 -48.30 -27.25
N VAL H 81 -24.78 -47.62 -28.36
CA VAL H 81 -24.21 -47.99 -29.65
C VAL H 81 -22.84 -47.31 -29.79
N PRO H 82 -21.74 -48.07 -29.86
CA PRO H 82 -20.42 -47.43 -30.04
C PRO H 82 -20.24 -46.89 -31.45
N ALA H 83 -19.34 -45.91 -31.57
CA ALA H 83 -19.01 -45.35 -32.87
C ALA H 83 -17.55 -44.96 -32.89
N TYR H 84 -16.99 -44.89 -34.08
CA TYR H 84 -15.61 -44.43 -34.20
C TYR H 84 -15.38 -43.78 -35.56
N THR H 85 -14.36 -42.92 -35.60
CA THR H 85 -14.04 -42.10 -36.75
C THR H 85 -12.95 -42.78 -37.58
N VAL H 86 -13.19 -42.82 -38.89
CA VAL H 86 -12.34 -43.51 -39.86
C VAL H 86 -11.46 -42.46 -40.55
N GLY H 87 -10.14 -42.56 -40.35
CA GLY H 87 -9.21 -41.67 -41.04
C GLY H 87 -8.45 -42.34 -42.16
N MET H 88 -8.89 -42.17 -43.40
CA MET H 88 -8.16 -42.69 -44.55
C MET H 88 -8.20 -41.67 -45.69
N VAL H 89 -7.89 -40.41 -45.35
CA VAL H 89 -7.99 -39.24 -46.26
C VAL H 89 -9.29 -39.35 -47.07
N GLY H 91 -10.47 -41.62 -48.86
CA GLY H 91 -11.05 -42.93 -48.88
C GLY H 91 -11.94 -43.16 -47.68
N SER H 92 -11.87 -42.24 -46.70
CA SER H 92 -12.46 -42.49 -45.38
C SER H 92 -13.92 -42.92 -45.48
N GLY H 93 -14.71 -42.24 -46.32
CA GLY H 93 -16.12 -42.60 -46.40
C GLY H 93 -16.36 -43.98 -46.97
N MET H 94 -15.52 -44.43 -47.89
CA MET H 94 -15.73 -45.79 -48.37
C MET H 94 -14.88 -46.82 -47.63
N LYS H 95 -13.83 -46.41 -46.92
CA LYS H 95 -13.19 -47.32 -45.97
C LYS H 95 -14.16 -47.71 -44.85
N SER H 96 -15.06 -46.79 -44.44
CA SER H 96 -15.98 -47.11 -43.35
C SER H 96 -16.91 -48.26 -43.72
N VAL H 97 -17.21 -48.40 -45.02
CA VAL H 97 -18.06 -49.49 -45.45
C VAL H 97 -17.28 -50.80 -45.39
N ILE H 98 -16.01 -50.77 -45.80
CA ILE H 98 -15.16 -51.96 -45.72
C ILE H 98 -15.02 -52.41 -44.28
N GLU H 99 -14.84 -51.45 -43.37
CA GLU H 99 -14.76 -51.77 -41.93
C GLU H 99 -16.09 -52.34 -41.45
N GLY H 100 -17.21 -51.75 -41.88
CA GLY H 100 -18.50 -52.29 -41.47
C GLY H 100 -18.72 -53.69 -42.01
N ALA H 101 -18.37 -53.91 -43.28
CA ALA H 101 -18.51 -55.24 -43.85
C ALA H 101 -17.70 -56.25 -43.06
N ARG H 102 -16.42 -55.94 -42.75
CA ARG H 102 -15.58 -56.86 -41.98
C ARG H 102 -16.20 -57.19 -40.64
N SER H 103 -16.77 -56.18 -39.98
CA SER H 103 -17.40 -56.36 -38.69
C SER H 103 -18.53 -57.37 -38.77
N ILE H 104 -19.37 -57.25 -39.79
CA ILE H 104 -20.51 -58.15 -39.92
C ILE H 104 -20.04 -59.55 -40.24
N LEU H 105 -19.08 -59.70 -41.17
CA LEU H 105 -18.56 -61.03 -41.46
C LEU H 105 -17.85 -61.67 -40.28
N ALA H 106 -17.19 -60.87 -39.45
CA ALA H 106 -16.53 -61.34 -38.23
C ALA H 106 -17.53 -61.85 -37.21
N GLY H 107 -18.81 -61.51 -37.35
CA GLY H 107 -19.79 -61.98 -36.39
C GLY H 107 -19.96 -61.09 -35.18
N ASP H 108 -19.41 -59.86 -35.21
CA ASP H 108 -19.58 -58.88 -34.16
C ASP H 108 -20.82 -58.02 -34.31
N SER H 109 -21.35 -57.89 -35.52
CA SER H 109 -22.50 -57.03 -35.75
C SER H 109 -23.32 -57.59 -36.90
N ASP H 110 -24.56 -57.08 -36.99
CA ASP H 110 -25.48 -57.38 -38.07
C ASP H 110 -25.98 -56.14 -38.81
N ILE H 111 -25.94 -54.95 -38.18
CA ILE H 111 -26.26 -53.67 -38.83
C ILE H 111 -25.23 -52.63 -38.43
N VAL H 112 -24.60 -52.02 -39.43
CA VAL H 112 -23.58 -51.01 -39.25
C VAL H 112 -23.97 -49.79 -40.07
N VAL H 113 -24.03 -48.63 -39.43
CA VAL H 113 -24.10 -47.39 -40.19
C VAL H 113 -22.68 -47.00 -40.58
N CYS H 114 -22.48 -46.75 -41.87
CA CYS H 114 -21.23 -46.31 -42.48
C CYS H 114 -21.47 -44.94 -43.11
N GLY H 115 -20.39 -44.26 -43.44
CA GLY H 115 -20.52 -43.03 -44.23
C GLY H 115 -19.34 -42.10 -43.98
N GLY H 116 -19.54 -40.84 -44.32
CA GLY H 116 -18.51 -39.86 -44.07
C GLY H 116 -19.08 -38.46 -44.12
N THR H 117 -18.42 -37.57 -43.41
CA THR H 117 -18.79 -36.17 -43.41
C THR H 117 -17.52 -35.33 -43.46
N GLU H 118 -17.60 -34.20 -44.14
CA GLU H 118 -16.51 -33.23 -44.15
C GLU H 118 -17.04 -31.82 -44.30
N ASN H 119 -16.54 -30.92 -43.46
CA ASN H 119 -16.75 -29.48 -43.66
C ASN H 119 -15.36 -28.87 -43.86
N MET H 120 -14.92 -28.86 -45.11
CA MET H 120 -13.62 -28.28 -45.45
C MET H 120 -13.62 -26.76 -45.26
N SER H 121 -14.79 -26.11 -45.39
CA SER H 121 -14.87 -24.66 -45.18
C SER H 121 -14.51 -24.30 -43.75
N ALA H 122 -14.91 -25.13 -42.79
CA ALA H 122 -14.74 -24.82 -41.38
C ALA H 122 -13.42 -25.30 -40.80
N ALA H 123 -12.57 -25.97 -41.58
CA ALA H 123 -11.31 -26.41 -40.99
C ALA H 123 -10.48 -25.20 -40.54
N PRO H 124 -9.84 -25.27 -39.40
CA PRO H 124 -9.18 -24.09 -38.82
C PRO H 124 -7.76 -23.88 -39.35
N PHE H 125 -7.22 -22.72 -38.98
CA PHE H 125 -5.79 -22.48 -39.06
C PHE H 125 -5.18 -22.81 -37.70
N ALA H 126 -3.96 -23.31 -37.72
CA ALA H 126 -3.32 -23.78 -36.50
C ALA H 126 -1.97 -23.10 -36.27
N SER H 127 -1.62 -22.91 -34.99
CA SER H 127 -0.29 -22.42 -34.65
C SER H 127 0.48 -23.55 -33.96
N MET H 128 1.54 -24.03 -34.60
CA MET H 128 2.37 -25.03 -33.93
C MET H 128 3.27 -24.45 -32.85
N ASP H 129 3.54 -23.14 -32.91
CA ASP H 129 4.45 -22.55 -31.95
C ASP H 129 3.77 -22.06 -30.71
N ALA H 130 2.42 -21.91 -30.70
CA ALA H 130 1.79 -21.14 -29.62
C ALA H 130 1.83 -21.86 -28.25
N ARG H 131 1.83 -23.22 -28.23
CA ARG H 131 1.77 -23.89 -26.93
C ARG H 131 3.03 -23.64 -26.09
N TRP H 132 4.22 -23.86 -26.66
CA TRP H 132 5.47 -23.77 -25.92
C TRP H 132 6.25 -22.50 -26.27
N GLY H 133 5.79 -21.74 -27.27
CA GLY H 133 6.35 -20.38 -27.34
C GLY H 133 7.09 -20.20 -28.65
N ALA H 134 6.74 -19.13 -29.36
CA ALA H 134 7.43 -18.74 -30.58
C ALA H 134 8.80 -18.10 -30.30
N ARG H 135 8.91 -17.41 -29.16
CA ARG H 135 10.07 -16.66 -28.68
C ARG H 135 10.43 -15.42 -29.48
N MET H 136 10.83 -15.57 -30.74
CA MET H 136 11.18 -14.38 -31.52
C MET H 136 11.19 -14.81 -32.98
N GLY H 137 10.74 -13.92 -33.86
CA GLY H 137 10.71 -14.28 -35.27
C GLY H 137 9.32 -14.65 -35.77
N ASP H 138 9.01 -14.19 -36.99
CA ASP H 138 7.72 -14.49 -37.62
C ASP H 138 7.52 -15.99 -37.72
N LYS H 139 6.31 -16.43 -37.47
CA LYS H 139 5.97 -17.84 -37.49
C LYS H 139 4.86 -18.08 -38.53
N LYS H 140 4.51 -19.33 -38.73
CA LYS H 140 3.53 -19.66 -39.75
C LYS H 140 2.19 -19.97 -39.07
N LEU H 141 1.10 -19.66 -39.76
CA LEU H 141 -0.24 -20.12 -39.37
C LEU H 141 -0.66 -21.14 -40.43
N VAL H 142 -0.80 -22.42 -40.02
CA VAL H 142 -0.98 -23.53 -40.96
C VAL H 142 -2.45 -23.68 -41.32
N ASP H 143 -2.72 -23.77 -42.62
CA ASP H 143 -4.04 -24.14 -43.13
C ASP H 143 -4.22 -25.65 -42.96
N THR H 144 -5.00 -26.07 -41.95
CA THR H 144 -5.07 -27.50 -41.66
C THR H 144 -5.80 -28.27 -42.75
N MET H 145 -6.67 -27.60 -43.49
CA MET H 145 -7.34 -28.25 -44.60
C MET H 145 -6.34 -28.67 -45.66
N ILE H 146 -5.44 -27.75 -46.04
CA ILE H 146 -4.40 -28.13 -47.01
C ILE H 146 -3.44 -29.14 -46.39
N LYS H 147 -2.98 -28.88 -45.17
CA LYS H 147 -1.97 -29.71 -44.55
C LYS H 147 -2.49 -31.13 -44.31
N ASP H 148 -3.66 -31.25 -43.69
CA ASP H 148 -4.19 -32.55 -43.34
C ASP H 148 -4.97 -33.20 -44.46
N GLY H 149 -5.45 -32.43 -45.46
CA GLY H 149 -6.28 -33.04 -46.48
C GLY H 149 -5.64 -33.19 -47.85
N LEU H 150 -4.85 -32.22 -48.25
CA LEU H 150 -4.44 -32.08 -49.64
C LEU H 150 -2.94 -32.08 -49.89
N TRP H 151 -2.10 -32.28 -48.88
CA TRP H 151 -0.65 -32.20 -49.02
C TRP H 151 -0.04 -33.59 -48.80
N ASP H 152 0.93 -33.98 -49.63
CA ASP H 152 1.57 -35.28 -49.40
C ASP H 152 2.63 -35.19 -48.30
N ALA H 153 2.58 -36.14 -47.35
CA ALA H 153 3.49 -36.17 -46.22
C ALA H 153 4.91 -36.62 -46.58
N TYR H 154 5.09 -37.35 -47.69
CA TYR H 154 6.40 -37.95 -48.02
C TYR H 154 7.19 -37.14 -49.04
N ASN H 155 6.50 -36.50 -50.00
CA ASN H 155 7.12 -35.72 -51.06
C ASN H 155 6.95 -34.21 -50.88
N ASN H 156 6.19 -33.77 -49.88
CA ASN H 156 6.06 -32.34 -49.55
C ASN H 156 5.55 -31.51 -50.73
N TYR H 157 4.50 -32.00 -51.39
CA TYR H 157 3.77 -31.17 -52.35
C TYR H 157 2.30 -31.58 -52.39
N HIS H 158 1.51 -30.73 -53.05
CA HIS H 158 0.05 -30.85 -53.15
C HIS H 158 -0.33 -32.12 -53.89
N MET H 159 -1.54 -32.60 -53.62
CA MET H 159 -2.14 -33.62 -54.49
C MET H 159 -2.10 -33.20 -55.96
N GLY H 160 -2.30 -31.90 -56.23
CA GLY H 160 -2.29 -31.44 -57.61
C GLY H 160 -0.99 -31.76 -58.32
N THR H 161 0.12 -31.73 -57.59
CA THR H 161 1.42 -32.10 -58.16
C THR H 161 1.58 -33.61 -58.36
N THR H 162 1.01 -34.45 -57.47
CA THR H 162 0.95 -35.88 -57.77
C THR H 162 0.14 -36.13 -59.04
N ALA H 163 -0.86 -35.29 -59.30
CA ALA H 163 -1.58 -35.35 -60.57
C ALA H 163 -0.66 -35.08 -61.75
N GLU H 164 0.20 -34.07 -61.65
CA GLU H 164 1.11 -33.77 -62.77
C GLU H 164 2.15 -34.87 -62.97
N ASN H 165 2.53 -35.58 -61.89
CA ASN H 165 3.39 -36.74 -62.02
C ASN H 165 2.74 -37.80 -62.91
N ILE H 166 1.43 -38.02 -62.70
CA ILE H 166 0.67 -38.94 -63.54
C ILE H 166 0.63 -38.45 -64.99
N ASN H 167 0.41 -37.14 -65.16
CA ASN H 167 0.36 -36.61 -66.52
C ASN H 167 1.66 -36.91 -67.26
N ASP H 168 2.80 -36.78 -66.58
CA ASP H 168 4.09 -37.03 -67.21
C ASP H 168 4.29 -38.51 -67.54
N ILE H 169 4.07 -39.41 -66.57
CA ILE H 169 4.31 -40.84 -66.76
C ILE H 169 3.37 -41.41 -67.82
N TRP H 170 2.09 -41.12 -67.70
CA TRP H 170 1.09 -41.70 -68.58
C TRP H 170 0.87 -40.90 -69.85
N GLY H 171 1.33 -39.65 -69.90
CA GLY H 171 1.16 -38.82 -71.07
C GLY H 171 -0.28 -38.46 -71.32
N ILE H 172 -0.85 -37.62 -70.46
CA ILE H 172 -2.17 -37.06 -70.63
C ILE H 172 -1.99 -35.58 -71.00
N THR H 173 -2.51 -35.22 -72.17
CA THR H 173 -2.54 -33.85 -72.65
C THR H 173 -3.50 -33.00 -71.84
N ARG H 174 -3.30 -31.68 -71.95
CA ARG H 174 -4.22 -30.74 -71.31
C ARG H 174 -5.62 -30.80 -71.90
N ARG H 175 -5.72 -30.86 -73.23
CA ARG H 175 -7.05 -30.89 -73.82
C ARG H 175 -7.81 -32.13 -73.33
N GLU H 176 -7.11 -33.27 -73.27
CA GLU H 176 -7.77 -34.48 -72.79
C GLU H 176 -8.31 -34.28 -71.37
N GLN H 177 -7.55 -33.62 -70.49
CA GLN H 177 -8.06 -33.36 -69.14
C GLN H 177 -9.25 -32.40 -69.18
N ASP H 178 -9.12 -31.31 -69.97
CA ASP H 178 -10.21 -30.34 -70.09
C ASP H 178 -11.46 -30.96 -70.69
N GLU H 179 -11.28 -31.85 -71.66
CA GLU H 179 -12.42 -32.55 -72.24
C GLU H 179 -13.07 -33.49 -71.24
N PHE H 180 -12.27 -34.19 -70.44
CA PHE H 180 -12.85 -34.96 -69.34
C PHE H 180 -13.61 -34.05 -68.38
N ALA H 181 -13.00 -32.93 -67.99
CA ALA H 181 -13.66 -32.00 -67.09
C ALA H 181 -14.97 -31.47 -67.69
N ALA H 182 -14.94 -31.07 -68.97
CA ALA H 182 -16.15 -30.50 -69.55
C ALA H 182 -17.24 -31.55 -69.63
N ALA H 183 -16.87 -32.80 -69.91
CA ALA H 183 -17.87 -33.85 -70.01
C ALA H 183 -18.57 -34.08 -68.67
N SER H 184 -17.80 -34.08 -67.57
CA SER H 184 -18.40 -34.21 -66.25
C SER H 184 -19.37 -33.07 -65.98
N GLN H 185 -18.96 -31.82 -66.23
CA GLN H 185 -19.88 -30.70 -65.99
C GLN H 185 -21.12 -30.82 -66.87
N GLN H 186 -20.94 -31.23 -68.13
CA GLN H 186 -22.11 -31.35 -68.99
C GLN H 186 -23.05 -32.47 -68.50
N LYS H 187 -22.50 -33.62 -68.07
CA LYS H 187 -23.38 -34.67 -67.54
C LYS H 187 -24.09 -34.22 -66.28
N THR H 188 -23.39 -33.50 -65.38
CA THR H 188 -24.04 -33.05 -64.17
C THR H 188 -25.14 -32.03 -64.45
N GLU H 189 -24.91 -31.08 -65.35
CA GLU H 189 -25.97 -30.13 -65.68
C GLU H 189 -27.20 -30.87 -66.22
N ALA H 190 -26.99 -31.86 -67.09
CA ALA H 190 -28.15 -32.58 -67.59
C ALA H 190 -28.87 -33.32 -66.48
N ALA H 191 -28.11 -33.74 -65.44
CA ALA H 191 -28.73 -34.52 -64.38
C ALA H 191 -29.58 -33.65 -63.47
N GLN H 192 -29.10 -32.46 -63.11
CA GLN H 192 -29.92 -31.56 -62.29
C GLN H 192 -31.14 -31.06 -63.05
N ALA H 193 -30.98 -30.78 -64.35
CA ALA H 193 -32.14 -30.37 -65.14
C ALA H 193 -33.24 -31.44 -65.12
N ALA H 194 -32.86 -32.71 -65.08
CA ALA H 194 -33.84 -33.79 -65.07
C ALA H 194 -34.24 -34.24 -63.68
N GLY H 195 -33.69 -33.61 -62.63
CA GLY H 195 -33.95 -34.04 -61.27
C GLY H 195 -33.38 -35.39 -60.88
N ARG H 196 -32.24 -35.77 -61.45
CA ARG H 196 -31.70 -37.10 -61.21
C ARG H 196 -31.34 -37.32 -59.74
N PHE H 197 -30.63 -36.35 -59.12
CA PHE H 197 -30.21 -36.37 -57.71
C PHE H 197 -31.33 -36.16 -56.71
N ASP H 198 -32.55 -35.91 -57.17
CA ASP H 198 -33.66 -35.65 -56.24
C ASP H 198 -33.81 -36.79 -55.23
N ASP H 199 -33.67 -38.05 -55.68
CA ASP H 199 -33.87 -39.21 -54.82
C ASP H 199 -32.83 -39.28 -53.71
N GLU H 200 -31.56 -39.08 -54.06
CA GLU H 200 -30.48 -39.40 -53.14
C GLU H 200 -30.18 -38.27 -52.16
N ILE H 201 -30.69 -37.05 -52.42
CA ILE H 201 -30.36 -35.87 -51.62
C ILE H 201 -31.36 -35.72 -50.48
N VAL H 202 -30.87 -35.57 -49.25
CA VAL H 202 -31.70 -35.17 -48.12
C VAL H 202 -31.38 -33.71 -47.82
N PRO H 203 -32.38 -32.85 -47.64
CA PRO H 203 -32.10 -31.43 -47.36
C PRO H 203 -31.39 -31.21 -46.04
N VAL H 204 -30.60 -30.15 -45.99
CA VAL H 204 -30.00 -29.63 -44.76
C VAL H 204 -30.56 -28.23 -44.52
N MET H 205 -31.05 -27.99 -43.31
CA MET H 205 -31.54 -26.66 -42.96
C MET H 205 -30.37 -25.75 -42.59
N ILE H 206 -30.25 -24.62 -43.31
CA ILE H 206 -29.20 -23.65 -43.12
C ILE H 206 -29.82 -22.28 -42.85
N LYS H 207 -29.00 -21.40 -42.29
CA LYS H 207 -29.43 -20.11 -41.77
C LYS H 207 -29.14 -19.05 -42.81
N VAL H 208 -30.19 -18.38 -43.30
CA VAL H 208 -30.05 -17.32 -44.28
C VAL H 208 -30.97 -16.18 -43.84
N LYS H 209 -30.40 -15.01 -43.58
CA LYS H 209 -31.14 -13.94 -42.89
C LYS H 209 -31.50 -14.49 -41.50
N LYS H 210 -32.73 -14.30 -41.02
CA LYS H 210 -33.20 -14.93 -39.79
C LYS H 210 -34.02 -16.17 -40.11
N GLU H 211 -33.92 -16.66 -41.34
CA GLU H 211 -34.79 -17.70 -41.86
C GLU H 211 -34.00 -19.02 -41.96
N MET H 212 -34.60 -20.10 -41.46
CA MET H 212 -34.10 -21.45 -41.69
C MET H 212 -34.59 -21.88 -43.07
N VAL H 213 -33.69 -22.27 -43.96
CA VAL H 213 -34.13 -22.66 -45.30
C VAL H 213 -33.50 -24.00 -45.70
N PRO H 214 -34.16 -24.76 -46.56
CA PRO H 214 -33.56 -26.03 -47.01
C PRO H 214 -32.47 -25.77 -48.04
N PHE H 215 -31.34 -26.45 -47.87
CA PHE H 215 -30.29 -26.49 -48.89
C PHE H 215 -30.35 -27.89 -49.49
N ALA H 216 -30.81 -27.97 -50.74
CA ALA H 216 -31.09 -29.28 -51.32
C ALA H 216 -30.66 -29.42 -52.78
N LYS H 217 -29.78 -28.54 -53.28
CA LYS H 217 -29.25 -28.71 -54.63
C LYS H 217 -27.74 -28.45 -54.58
N ASP H 218 -26.96 -29.29 -55.26
CA ASP H 218 -25.51 -29.08 -55.37
C ASP H 218 -25.19 -27.70 -55.95
N GLU H 219 -24.26 -26.98 -55.31
CA GLU H 219 -23.85 -25.59 -55.64
C GLU H 219 -22.65 -25.51 -56.58
N TYR H 220 -21.70 -26.40 -56.46
CA TYR H 220 -20.44 -26.34 -57.19
C TYR H 220 -20.51 -26.52 -58.72
N PRO H 221 -21.49 -27.24 -59.29
CA PRO H 221 -21.49 -27.38 -60.76
C PRO H 221 -21.68 -26.05 -61.48
N LYS H 222 -20.93 -25.94 -62.58
CA LYS H 222 -20.86 -24.75 -63.41
C LYS H 222 -21.55 -25.07 -64.74
N ALA H 223 -22.49 -24.23 -65.14
CA ALA H 223 -23.30 -24.51 -66.31
C ALA H 223 -22.64 -23.95 -67.57
N GLY H 224 -23.02 -24.52 -68.71
CA GLY H 224 -22.52 -24.06 -69.99
C GLY H 224 -21.06 -24.40 -70.26
N VAL H 225 -20.48 -25.35 -69.51
CA VAL H 225 -19.04 -25.58 -69.57
C VAL H 225 -18.71 -26.35 -70.84
N THR H 226 -17.69 -25.90 -71.55
CA THR H 226 -17.17 -26.61 -72.70
C THR H 226 -15.65 -26.69 -72.54
N ALA H 227 -15.05 -27.64 -73.25
CA ALA H 227 -13.59 -27.74 -73.26
C ALA H 227 -12.94 -26.39 -73.61
N ASP H 228 -13.50 -25.65 -74.57
CA ASP H 228 -12.92 -24.35 -74.95
C ASP H 228 -12.98 -23.34 -73.82
N SER H 229 -14.11 -23.21 -73.15
CA SER H 229 -14.25 -22.16 -72.14
C SER H 229 -13.19 -22.26 -71.04
N ILE H 230 -12.62 -23.45 -70.81
CA ILE H 230 -11.60 -23.64 -69.78
C ILE H 230 -10.22 -23.86 -70.40
N ALA H 231 -10.07 -23.60 -71.69
CA ALA H 231 -8.85 -23.96 -72.40
C ALA H 231 -7.69 -23.03 -72.09
N LYS H 232 -7.96 -21.79 -71.70
CA LYS H 232 -6.90 -20.82 -71.47
C LYS H 232 -6.65 -20.58 -69.98
N LEU H 233 -7.20 -21.42 -69.12
CA LEU H 233 -6.90 -21.32 -67.70
C LEU H 233 -5.42 -21.62 -67.46
N LYS H 234 -4.88 -20.96 -66.44
CA LYS H 234 -3.50 -21.17 -66.03
C LYS H 234 -3.42 -22.43 -65.16
N GLY H 235 -2.23 -23.03 -65.13
CA GLY H 235 -2.01 -24.17 -64.27
C GLY H 235 -2.18 -23.78 -62.80
N ALA H 236 -2.69 -24.72 -62.03
CA ALA H 236 -2.93 -24.48 -60.61
C ALA H 236 -1.82 -24.97 -59.71
N PHE H 237 -0.94 -25.83 -60.20
CA PHE H 237 0.01 -26.52 -59.35
C PHE H 237 1.34 -26.64 -60.05
N PRO H 238 2.43 -26.67 -59.30
CA PRO H 238 3.74 -26.93 -59.91
C PRO H 238 3.82 -28.36 -60.43
N VAL H 239 4.66 -28.54 -61.46
CA VAL H 239 5.03 -29.90 -61.86
C VAL H 239 5.97 -30.49 -60.81
N GLY H 240 6.08 -31.81 -60.84
CA GLY H 240 6.96 -32.51 -59.93
C GLY H 240 8.41 -32.14 -60.13
N PRO H 241 9.19 -32.23 -59.05
CA PRO H 241 10.61 -31.85 -59.14
C PRO H 241 11.39 -32.74 -60.06
N GLU H 242 10.88 -33.92 -60.38
CA GLU H 242 11.52 -34.82 -61.33
C GLU H 242 10.85 -34.79 -62.70
N SER H 243 9.89 -33.89 -62.94
CA SER H 243 9.21 -33.83 -64.22
C SER H 243 10.19 -33.57 -65.34
N PRO H 244 9.95 -34.16 -66.53
CA PRO H 244 8.80 -35.00 -66.86
C PRO H 244 9.12 -36.48 -66.72
N ASN H 245 10.09 -36.87 -65.89
CA ASN H 245 10.45 -38.28 -65.67
C ASN H 245 10.45 -38.57 -64.18
N PRO H 246 9.28 -38.66 -63.55
CA PRO H 246 9.24 -39.01 -62.13
C PRO H 246 9.71 -40.44 -61.93
N VAL H 247 10.53 -40.67 -60.90
CA VAL H 247 10.99 -42.00 -60.55
C VAL H 247 10.13 -42.53 -59.42
N VAL H 248 9.39 -43.60 -59.68
CA VAL H 248 8.41 -44.12 -58.74
C VAL H 248 8.62 -45.60 -58.49
N VAL H 249 8.01 -46.10 -57.42
CA VAL H 249 7.91 -47.54 -57.16
C VAL H 249 6.59 -48.04 -57.74
N ASN H 250 6.66 -48.98 -58.66
CA ASN H 250 5.45 -49.47 -59.28
C ASN H 250 4.93 -50.66 -58.50
N THR H 251 3.71 -50.53 -57.95
CA THR H 251 3.06 -51.67 -57.32
C THR H 251 2.25 -52.51 -58.30
N PHE H 252 1.90 -51.96 -59.46
CA PHE H 252 1.32 -52.70 -60.57
C PHE H 252 2.06 -52.29 -61.83
N GLU H 253 1.88 -53.06 -62.90
CA GLU H 253 2.55 -52.73 -64.17
C GLU H 253 1.59 -51.90 -65.01
N PRO H 254 1.86 -50.62 -65.26
CA PRO H 254 0.99 -49.83 -66.14
C PRO H 254 1.08 -50.30 -67.59
N THR H 255 -0.08 -50.25 -68.27
CA THR H 255 -0.19 -50.57 -69.68
C THR H 255 -0.67 -49.39 -70.51
N GLY H 256 -0.93 -48.24 -69.90
CA GLY H 256 -1.51 -47.13 -70.64
C GLY H 256 -0.60 -45.94 -70.72
N CYS H 257 0.71 -46.17 -70.60
CA CYS H 257 1.69 -45.10 -70.67
C CYS H 257 1.97 -44.73 -72.12
N GLN H 258 1.74 -43.47 -72.47
CA GLN H 258 1.95 -43.02 -73.84
C GLN H 258 2.65 -41.66 -73.80
N ASP H 259 3.25 -41.28 -74.93
CA ASP H 259 3.90 -39.98 -75.03
C ASP H 259 2.89 -38.88 -75.36
N ALA H 260 3.27 -37.64 -75.02
CA ALA H 260 2.39 -36.50 -75.12
C ALA H 260 3.23 -35.23 -75.27
N PRO H 261 2.81 -34.29 -76.13
CA PRO H 261 3.56 -33.03 -76.22
C PRO H 261 3.41 -32.14 -75.00
N ASP H 262 2.26 -32.20 -74.32
CA ASP H 262 2.04 -31.44 -73.09
C ASP H 262 2.68 -32.21 -71.94
N LYS H 263 4.02 -32.18 -71.90
CA LYS H 263 4.77 -32.94 -70.92
C LYS H 263 5.77 -32.02 -70.23
N GLY H 264 5.93 -32.19 -68.93
CA GLY H 264 6.74 -31.27 -68.16
C GLY H 264 6.15 -29.88 -68.04
N THR H 265 4.84 -29.75 -68.22
CA THR H 265 4.16 -28.47 -68.23
C THR H 265 2.96 -28.53 -67.30
N GLN H 266 2.48 -27.36 -66.88
CA GLN H 266 1.36 -27.33 -65.95
C GLN H 266 0.06 -27.57 -66.72
N ARG H 267 -0.58 -28.70 -66.45
CA ARG H 267 -1.82 -29.06 -67.13
C ARG H 267 -3.01 -29.16 -66.19
N VAL H 268 -2.79 -29.35 -64.89
CA VAL H 268 -3.89 -29.35 -63.94
C VAL H 268 -4.30 -27.90 -63.66
N THR H 269 -5.57 -27.60 -63.85
CA THR H 269 -6.12 -26.29 -63.55
C THR H 269 -7.28 -26.43 -62.58
N ALA H 270 -7.76 -25.27 -62.10
CA ALA H 270 -8.92 -25.27 -61.22
C ALA H 270 -10.12 -25.93 -61.89
N ALA H 271 -10.22 -25.84 -63.23
CA ALA H 271 -11.39 -26.37 -63.93
C ALA H 271 -11.37 -27.90 -64.08
N ASN H 272 -10.20 -28.53 -64.15
CA ASN H 272 -10.12 -29.98 -64.41
C ASN H 272 -9.69 -30.77 -63.18
N ALA H 273 -9.72 -30.13 -62.02
CA ALA H 273 -9.54 -30.80 -60.73
C ALA H 273 -10.86 -30.68 -59.97
N SER H 274 -11.10 -31.62 -59.05
CA SER H 274 -12.26 -31.49 -58.19
C SER H 274 -12.14 -30.19 -57.39
N GLY H 275 -13.21 -29.81 -56.70
CA GLY H 275 -13.18 -28.67 -55.81
C GLY H 275 -12.86 -29.05 -54.36
N ILE H 276 -12.88 -28.03 -53.52
CA ILE H 276 -12.90 -28.14 -52.05
C ILE H 276 -14.33 -27.85 -51.62
N ASN H 277 -14.96 -28.73 -50.85
CA ASN H 277 -16.41 -28.66 -50.67
C ASN H 277 -16.87 -29.27 -49.35
N ASP H 278 -18.13 -29.01 -49.01
CA ASP H 278 -18.73 -29.50 -47.78
C ASP H 278 -19.87 -30.47 -48.08
N GLY H 279 -19.91 -31.60 -47.37
CA GLY H 279 -21.05 -32.49 -47.46
C GLY H 279 -20.86 -33.75 -46.62
N ALA H 280 -21.90 -34.60 -46.63
CA ALA H 280 -21.84 -35.88 -45.94
C ALA H 280 -22.70 -36.86 -46.71
N ALA H 281 -22.54 -38.15 -46.39
CA ALA H 281 -23.37 -39.21 -46.97
C ALA H 281 -23.40 -40.37 -45.97
N ALA H 282 -24.51 -41.13 -45.96
CA ALA H 282 -24.65 -42.24 -45.01
C ALA H 282 -25.24 -43.48 -45.67
N ILE H 283 -24.76 -44.64 -45.24
CA ILE H 283 -25.05 -45.93 -45.84
C ILE H 283 -25.40 -46.91 -44.73
N VAL H 284 -26.51 -47.61 -44.88
CA VAL H 284 -26.95 -48.58 -43.89
C VAL H 284 -26.57 -49.96 -44.42
N LEU H 285 -25.66 -50.60 -43.70
CA LEU H 285 -25.14 -51.91 -44.08
C LEU H 285 -25.73 -52.95 -43.14
N ALA H 286 -26.23 -54.06 -43.70
CA ALA H 286 -26.92 -55.07 -42.89
C ALA H 286 -26.67 -56.47 -43.43
N SER H 287 -26.53 -57.41 -42.50
CA SER H 287 -26.45 -58.84 -42.81
C SER H 287 -27.70 -59.29 -43.54
N GLY H 288 -27.57 -60.40 -44.28
CA GLY H 288 -28.75 -61.05 -44.82
C GLY H 288 -29.68 -61.51 -43.72
N GLU H 289 -29.12 -61.89 -42.58
CA GLU H 289 -29.96 -62.27 -41.44
C GLU H 289 -30.73 -61.08 -40.91
N ALA H 290 -30.10 -59.91 -40.87
CA ALA H 290 -30.80 -58.71 -40.43
C ALA H 290 -31.89 -58.32 -41.42
N VAL H 291 -31.61 -58.46 -42.72
CA VAL H 291 -32.59 -58.06 -43.74
C VAL H 291 -33.83 -58.93 -43.62
N ALA H 292 -33.64 -60.24 -43.40
CA ALA H 292 -34.76 -61.14 -43.19
C ALA H 292 -35.47 -60.86 -41.88
N LYS H 293 -34.71 -60.74 -40.78
CA LYS H 293 -35.33 -60.61 -39.45
C LYS H 293 -36.23 -59.38 -39.38
N TYR H 294 -35.77 -58.25 -39.89
CA TYR H 294 -36.52 -57.00 -39.78
C TYR H 294 -37.39 -56.69 -41.00
N GLY H 295 -37.51 -57.61 -41.94
CA GLY H 295 -38.25 -57.32 -43.17
C GLY H 295 -37.73 -56.14 -43.95
N LEU H 296 -36.42 -56.03 -44.12
CA LEU H 296 -35.87 -54.87 -44.79
C LEU H 296 -35.86 -55.10 -46.30
N LYS H 297 -35.77 -54.00 -47.06
CA LYS H 297 -35.90 -54.03 -48.52
C LYS H 297 -34.65 -53.38 -49.10
N PRO H 298 -33.57 -54.16 -49.28
CA PRO H 298 -32.27 -53.55 -49.60
C PRO H 298 -32.22 -53.00 -51.01
N MET H 299 -31.28 -52.11 -51.23
CA MET H 299 -31.04 -51.58 -52.57
C MET H 299 -30.07 -52.44 -53.37
N ALA H 300 -28.99 -52.94 -52.75
CA ALA H 300 -27.97 -53.69 -53.45
C ALA H 300 -27.28 -54.63 -52.49
N LYS H 301 -26.63 -55.65 -53.04
CA LYS H 301 -25.79 -56.55 -52.27
C LYS H 301 -24.34 -56.17 -52.50
N LEU H 302 -23.57 -56.11 -51.42
CA LEU H 302 -22.13 -55.84 -51.53
C LEU H 302 -21.44 -57.17 -51.79
N ILE H 303 -20.99 -57.38 -53.02
CA ILE H 303 -20.38 -58.65 -53.43
C ILE H 303 -18.86 -58.56 -53.55
N GLY H 304 -18.26 -57.41 -53.26
CA GLY H 304 -16.82 -57.31 -53.38
C GLY H 304 -16.31 -55.96 -52.89
N TRP H 305 -15.10 -55.94 -52.36
CA TRP H 305 -14.45 -54.73 -51.90
C TRP H 305 -12.95 -54.96 -51.94
N GLY H 306 -12.19 -53.88 -52.02
CA GLY H 306 -10.76 -54.00 -52.15
C GLY H 306 -10.04 -52.75 -51.73
N GLN H 307 -8.76 -52.92 -51.40
CA GLN H 307 -7.87 -51.82 -51.04
C GLN H 307 -6.61 -51.92 -51.87
N GLY H 308 -5.84 -50.86 -51.93
CA GLY H 308 -4.64 -50.87 -52.74
C GLY H 308 -3.63 -49.85 -52.29
N GLY H 309 -2.37 -50.13 -52.55
CA GLY H 309 -1.31 -49.16 -52.30
C GLY H 309 -0.47 -48.94 -53.54
N VAL H 310 -0.18 -47.69 -53.80
CA VAL H 310 0.72 -47.26 -54.86
C VAL H 310 1.70 -46.27 -54.26
N ASP H 311 2.65 -45.80 -55.09
CA ASP H 311 3.59 -44.77 -54.65
C ASP H 311 2.83 -43.47 -54.39
N PRO H 312 3.03 -42.84 -53.24
CA PRO H 312 2.42 -41.52 -53.01
C PRO H 312 2.65 -40.52 -54.13
N LYS H 313 3.75 -40.60 -54.86
CA LYS H 313 3.99 -39.67 -55.96
C LYS H 313 2.88 -39.74 -57.00
N ILE H 314 2.37 -40.93 -57.27
CA ILE H 314 1.33 -41.16 -58.27
C ILE H 314 0.09 -41.72 -57.58
N MET H 315 -0.22 -41.22 -56.39
CA MET H 315 -1.41 -41.62 -55.64
C MET H 315 -2.69 -41.74 -56.46
N GLY H 316 -2.79 -41.03 -57.57
CA GLY H 316 -4.05 -40.99 -58.29
C GLY H 316 -4.50 -42.34 -58.84
N VAL H 317 -3.56 -43.24 -59.13
CA VAL H 317 -3.90 -44.55 -59.69
C VAL H 317 -4.07 -45.60 -58.61
N GLY H 318 -4.25 -45.17 -57.36
CA GLY H 318 -4.74 -46.03 -56.32
C GLY H 318 -5.89 -46.95 -56.76
N PRO H 319 -6.90 -46.40 -57.44
CA PRO H 319 -8.07 -47.23 -57.80
C PRO H 319 -7.76 -48.42 -58.66
N VAL H 320 -6.65 -48.43 -59.41
CA VAL H 320 -6.32 -49.58 -60.24
C VAL H 320 -6.16 -50.83 -59.37
N VAL H 321 -5.33 -50.73 -58.32
CA VAL H 321 -5.10 -51.91 -57.48
C VAL H 321 -6.35 -52.28 -56.70
N ALA H 322 -7.02 -51.30 -56.13
CA ALA H 322 -8.21 -51.61 -55.32
C ALA H 322 -9.30 -52.21 -56.18
N SER H 323 -9.58 -51.62 -57.35
CA SER H 323 -10.69 -52.10 -58.16
C SER H 323 -10.47 -53.54 -58.59
N ARG H 324 -9.25 -53.90 -58.98
CA ARG H 324 -8.95 -55.29 -59.31
C ARG H 324 -9.14 -56.20 -58.10
N ASN H 325 -8.72 -55.76 -56.90
CA ASN H 325 -8.94 -56.59 -55.71
C ASN H 325 -10.43 -56.80 -55.44
N ALA H 326 -11.22 -55.72 -55.51
CA ALA H 326 -12.66 -55.84 -55.29
C ALA H 326 -13.30 -56.72 -56.36
N MET H 327 -12.87 -56.57 -57.60
CA MET H 327 -13.42 -57.38 -58.67
C MET H 327 -12.99 -58.85 -58.53
N LYS H 328 -11.74 -59.13 -58.16
CA LYS H 328 -11.39 -60.53 -57.98
C LYS H 328 -12.15 -61.12 -56.80
N LYS H 329 -12.36 -60.34 -55.74
CA LYS H 329 -13.14 -60.85 -54.62
C LYS H 329 -14.58 -61.13 -55.03
N ALA H 330 -15.15 -60.28 -55.90
CA ALA H 330 -16.48 -60.46 -56.43
C ALA H 330 -16.55 -61.51 -57.53
N GLY H 331 -15.40 -62.07 -57.94
CA GLY H 331 -15.39 -63.01 -59.06
C GLY H 331 -15.86 -62.43 -60.38
N VAL H 332 -15.75 -61.10 -60.57
CA VAL H 332 -16.22 -60.43 -61.78
C VAL H 332 -15.03 -59.77 -62.49
N THR H 333 -15.32 -59.21 -63.66
CA THR H 333 -14.34 -58.54 -64.52
C THR H 333 -14.89 -57.18 -64.94
N ILE H 334 -14.03 -56.32 -65.49
CA ILE H 334 -14.50 -54.98 -65.86
C ILE H 334 -15.68 -55.05 -66.84
N ASP H 335 -15.77 -56.13 -67.67
CA ASP H 335 -16.86 -56.26 -68.64
C ASP H 335 -18.20 -56.62 -68.01
N ASP H 336 -18.20 -57.21 -66.82
CA ASP H 336 -19.45 -57.48 -66.15
C ASP H 336 -20.08 -56.24 -65.51
N ILE H 337 -19.35 -55.14 -65.32
CA ILE H 337 -19.91 -53.95 -64.69
C ILE H 337 -20.64 -53.07 -65.68
N ASP H 338 -21.83 -52.64 -65.26
CA ASP H 338 -22.69 -51.80 -66.07
C ASP H 338 -22.66 -50.34 -65.68
N LEU H 339 -22.13 -49.98 -64.51
CA LEU H 339 -22.14 -48.59 -64.08
C LEU H 339 -20.97 -48.36 -63.14
N ILE H 340 -20.22 -47.28 -63.36
CA ILE H 340 -18.98 -47.02 -62.64
C ILE H 340 -19.02 -45.61 -62.08
N GLU H 341 -18.83 -45.49 -60.77
CA GLU H 341 -18.55 -44.19 -60.12
C GLU H 341 -17.10 -44.25 -59.65
N ALA H 342 -16.22 -43.71 -60.48
CA ALA H 342 -14.85 -43.39 -60.11
C ALA H 342 -14.80 -41.91 -59.74
N ASN H 343 -14.33 -41.61 -58.53
CA ASN H 343 -14.24 -40.22 -58.11
C ASN H 343 -13.23 -39.49 -58.96
N GLU H 344 -13.52 -38.25 -59.30
CA GLU H 344 -12.57 -37.49 -60.08
C GLU H 344 -11.91 -36.45 -59.17
N ALA H 345 -10.92 -36.95 -58.41
CA ALA H 345 -10.00 -36.06 -57.74
C ALA H 345 -9.34 -35.11 -58.75
N PHE H 346 -8.84 -35.68 -59.85
CA PHE H 346 -8.33 -34.93 -60.98
C PHE H 346 -8.70 -35.66 -62.26
N ALA H 347 -8.98 -34.91 -63.33
CA ALA H 347 -9.08 -35.54 -64.64
C ALA H 347 -7.82 -36.31 -64.97
N ALA H 348 -6.67 -35.85 -64.47
CA ALA H 348 -5.40 -36.54 -64.72
C ALA H 348 -5.45 -37.98 -64.22
N GLN H 349 -5.81 -38.19 -62.96
CA GLN H 349 -5.70 -39.56 -62.45
C GLN H 349 -6.83 -40.40 -63.02
N SER H 350 -7.99 -39.79 -63.27
CA SER H 350 -9.12 -40.55 -63.78
C SER H 350 -8.82 -41.13 -65.15
N ILE H 351 -8.21 -40.35 -66.04
CA ILE H 351 -7.83 -40.89 -67.35
C ILE H 351 -6.85 -42.05 -67.19
N ALA H 352 -5.83 -41.87 -66.34
CA ALA H 352 -4.83 -42.93 -66.16
C ALA H 352 -5.44 -44.19 -65.57
N VAL H 353 -6.35 -44.02 -64.60
CA VAL H 353 -7.07 -45.16 -64.03
C VAL H 353 -7.91 -45.84 -65.09
N ALA H 354 -8.64 -45.04 -65.85
CA ALA H 354 -9.54 -45.58 -66.87
C ALA H 354 -8.77 -46.29 -67.98
N ARG H 355 -7.61 -45.77 -68.36
CA ARG H 355 -6.75 -46.47 -69.31
C ARG H 355 -6.30 -47.84 -68.79
N GLU H 356 -5.91 -47.91 -67.51
CA GLU H 356 -5.40 -49.16 -66.94
C GLU H 356 -6.51 -50.17 -66.72
N LEU H 357 -7.67 -49.70 -66.28
CA LEU H 357 -8.76 -50.61 -65.99
C LEU H 357 -9.71 -50.80 -67.16
N HIS H 358 -9.48 -50.11 -68.30
CA HIS H 358 -10.26 -50.34 -69.52
C HIS H 358 -11.73 -49.95 -69.32
N PHE H 359 -11.93 -48.78 -68.72
CA PHE H 359 -13.25 -48.17 -68.64
C PHE H 359 -13.81 -47.90 -70.03
N ASP H 360 -15.06 -48.31 -70.24
CA ASP H 360 -15.90 -47.75 -71.29
C ASP H 360 -16.63 -46.56 -70.67
N MET H 361 -16.33 -45.36 -71.18
CA MET H 361 -16.69 -44.15 -70.44
C MET H 361 -18.18 -43.90 -70.43
N SER H 362 -18.94 -44.50 -71.36
CA SER H 362 -20.38 -44.28 -71.39
C SER H 362 -21.04 -44.81 -70.13
N LYS H 363 -20.36 -45.68 -69.38
CA LYS H 363 -20.83 -46.12 -68.09
C LYS H 363 -20.16 -45.39 -66.93
N VAL H 364 -19.15 -44.57 -67.20
CA VAL H 364 -18.36 -43.96 -66.13
C VAL H 364 -18.93 -42.60 -65.77
N ASN H 365 -19.27 -42.43 -64.50
CA ASN H 365 -19.79 -41.18 -63.94
C ASN H 365 -20.90 -40.61 -64.82
N VAL H 366 -21.97 -41.42 -64.99
CA VAL H 366 -22.99 -41.05 -65.97
C VAL H 366 -23.73 -39.79 -65.58
N ASN H 367 -23.72 -39.41 -64.29
CA ASN H 367 -24.37 -38.18 -63.87
C ASN H 367 -23.36 -37.11 -63.49
N GLY H 368 -22.14 -37.19 -64.01
CA GLY H 368 -21.06 -36.31 -63.63
C GLY H 368 -20.49 -36.73 -62.30
N GLY H 369 -19.38 -36.10 -61.90
CA GLY H 369 -18.85 -36.37 -60.58
C GLY H 369 -18.07 -35.20 -60.02
N ALA H 370 -16.97 -35.49 -59.30
CA ALA H 370 -16.43 -34.54 -58.34
C ALA H 370 -15.93 -33.25 -58.98
N ILE H 371 -15.57 -33.25 -60.26
CA ILE H 371 -15.20 -31.99 -60.91
C ILE H 371 -16.39 -31.03 -60.91
N ALA H 372 -17.59 -31.54 -61.10
CA ALA H 372 -18.75 -30.67 -61.14
C ALA H 372 -19.44 -30.58 -59.79
N LEU H 373 -19.71 -31.72 -59.14
CA LEU H 373 -20.45 -31.62 -57.88
C LEU H 373 -19.59 -31.36 -56.65
N GLY H 374 -18.27 -31.49 -56.70
CA GLY H 374 -17.45 -31.18 -55.54
C GLY H 374 -17.05 -32.43 -54.76
N HIS H 375 -16.10 -32.23 -53.82
CA HIS H 375 -15.33 -33.31 -53.18
C HIS H 375 -15.06 -33.01 -51.71
N PRO H 376 -16.10 -33.13 -50.83
CA PRO H 376 -15.81 -33.11 -49.38
C PRO H 376 -15.05 -34.38 -48.97
N VAL H 377 -13.79 -34.21 -48.52
CA VAL H 377 -12.84 -35.31 -48.66
C VAL H 377 -13.29 -36.52 -47.86
N GLY H 378 -13.66 -36.33 -46.60
CA GLY H 378 -14.04 -37.48 -45.76
C GLY H 378 -15.40 -38.08 -46.08
N ALA H 379 -16.15 -37.45 -47.01
CA ALA H 379 -17.48 -37.90 -47.40
C ALA H 379 -17.55 -38.54 -48.77
N SER H 380 -16.68 -38.13 -49.71
CA SER H 380 -16.88 -38.50 -51.09
C SER H 380 -16.87 -40.00 -51.29
N GLY H 381 -16.14 -40.72 -50.44
CA GLY H 381 -16.11 -42.17 -50.55
C GLY H 381 -17.46 -42.79 -50.31
N ALA H 382 -18.26 -42.22 -49.41
CA ALA H 382 -19.63 -42.68 -49.27
C ALA H 382 -20.55 -42.01 -50.28
N ARG H 383 -20.20 -40.78 -50.69
CA ARG H 383 -21.02 -40.04 -51.64
C ARG H 383 -21.16 -40.77 -52.97
N ILE H 384 -20.04 -41.26 -53.51
CA ILE H 384 -20.11 -41.87 -54.83
C ILE H 384 -20.85 -43.20 -54.76
N ILE H 385 -20.77 -43.92 -53.62
CA ILE H 385 -21.61 -45.11 -53.48
C ILE H 385 -23.07 -44.73 -53.55
N VAL H 386 -23.44 -43.65 -52.85
CA VAL H 386 -24.83 -43.20 -52.86
C VAL H 386 -25.29 -42.86 -54.28
N THR H 387 -24.46 -42.16 -55.06
CA THR H 387 -24.88 -41.82 -56.42
C THR H 387 -24.90 -43.05 -57.32
N LEU H 388 -23.93 -43.95 -57.15
CA LEU H 388 -23.89 -45.19 -57.94
C LEU H 388 -25.14 -46.01 -57.71
N LEU H 389 -25.49 -46.27 -56.45
CA LEU H 389 -26.59 -47.18 -56.18
C LEU H 389 -27.92 -46.60 -56.63
N HIS H 390 -28.09 -45.26 -56.58
CA HIS H 390 -29.36 -44.67 -57.00
C HIS H 390 -29.50 -44.68 -58.52
N GLU H 391 -28.45 -44.30 -59.25
CA GLU H 391 -28.50 -44.40 -60.71
C GLU H 391 -28.69 -45.85 -61.13
N MET H 392 -28.01 -46.75 -60.43
CA MET H 392 -28.26 -48.18 -60.61
C MET H 392 -29.73 -48.50 -60.47
N GLN H 393 -30.40 -47.90 -59.48
CA GLN H 393 -31.79 -48.25 -59.23
C GLN H 393 -32.71 -47.73 -60.34
N LYS H 394 -32.37 -46.59 -60.96
CA LYS H 394 -33.17 -46.01 -62.03
C LYS H 394 -33.02 -46.75 -63.36
N ARG H 395 -31.98 -47.56 -63.50
CA ARG H 395 -31.71 -48.29 -64.74
C ARG H 395 -31.92 -49.79 -64.56
N PRO H 396 -32.99 -50.39 -65.11
CA PRO H 396 -33.15 -51.85 -64.98
C PRO H 396 -31.98 -52.65 -65.59
N GLU H 397 -31.34 -52.12 -66.63
CA GLU H 397 -30.18 -52.80 -67.24
C GLU H 397 -29.00 -52.93 -66.26
N ALA H 398 -28.69 -51.89 -65.50
CA ALA H 398 -27.44 -51.88 -64.73
C ALA H 398 -27.57 -52.80 -63.53
N LYS H 399 -26.87 -53.92 -63.55
CA LYS H 399 -26.96 -54.92 -62.49
C LYS H 399 -25.73 -54.97 -61.60
N LYS H 400 -24.54 -54.74 -62.14
CA LYS H 400 -23.31 -54.76 -61.36
C LYS H 400 -22.65 -53.39 -61.50
N GLY H 401 -22.03 -52.93 -60.41
CA GLY H 401 -21.57 -51.54 -60.35
C GLY H 401 -20.32 -51.43 -59.51
N LEU H 402 -19.46 -50.48 -59.87
CA LEU H 402 -18.16 -50.34 -59.27
C LEU H 402 -17.98 -48.89 -58.85
N ALA H 403 -17.66 -48.69 -57.57
CA ALA H 403 -17.32 -47.40 -57.01
C ALA H 403 -15.87 -47.47 -56.56
N THR H 404 -15.06 -46.48 -56.92
CA THR H 404 -13.67 -46.54 -56.52
C THR H 404 -13.12 -45.12 -56.49
N LEU H 405 -12.11 -44.90 -55.64
CA LEU H 405 -11.51 -43.58 -55.62
C LEU H 405 -10.11 -43.66 -55.02
N CYS H 406 -9.28 -42.69 -55.42
CA CYS H 406 -7.90 -42.58 -54.97
C CYS H 406 -7.82 -41.89 -53.62
N ILE H 407 -6.65 -42.02 -52.99
CA ILE H 407 -6.44 -41.59 -51.62
C ILE H 407 -5.03 -41.04 -51.48
N GLY H 408 -4.90 -39.81 -50.98
CA GLY H 408 -3.57 -39.25 -50.78
C GLY H 408 -2.69 -40.15 -49.93
N GLY H 409 -1.42 -40.22 -50.30
CA GLY H 409 -0.49 -41.13 -49.67
C GLY H 409 -0.35 -42.45 -50.40
N GLY H 410 -0.91 -42.56 -51.60
CA GLY H 410 -0.69 -43.73 -52.41
C GLY H 410 -1.59 -44.91 -52.12
N MET H 411 -2.89 -44.68 -52.03
CA MET H 411 -3.83 -45.74 -51.70
C MET H 411 -5.09 -45.65 -52.57
N GLY H 412 -5.87 -46.72 -52.49
CA GLY H 412 -7.18 -46.74 -53.11
C GLY H 412 -8.09 -47.73 -52.42
N THR H 413 -9.40 -47.49 -52.56
CA THR H 413 -10.43 -48.41 -52.12
C THR H 413 -11.43 -48.60 -53.25
N ALA H 414 -12.10 -49.75 -53.24
CA ALA H 414 -13.16 -49.99 -54.21
C ALA H 414 -14.20 -50.92 -53.62
N VAL H 415 -15.40 -50.87 -54.22
CA VAL H 415 -16.50 -51.71 -53.80
C VAL H 415 -17.27 -52.09 -55.04
N VAL H 416 -17.84 -53.31 -55.02
CA VAL H 416 -18.62 -53.85 -56.11
C VAL H 416 -20.00 -54.23 -55.56
N PHE H 417 -21.05 -53.82 -56.27
CA PHE H 417 -22.42 -54.05 -55.81
C PHE H 417 -23.20 -54.81 -56.86
N GLU H 418 -24.18 -55.59 -56.39
CA GLU H 418 -25.19 -56.21 -57.25
C GLU H 418 -26.57 -55.71 -56.86
N LYS H 419 -27.33 -55.20 -57.84
CA LYS H 419 -28.63 -54.62 -57.56
C LYS H 419 -29.57 -55.68 -57.01
N CYS H 420 -30.40 -55.29 -56.06
CA CYS H 420 -31.37 -56.22 -55.48
C CYS H 420 -32.62 -56.27 -56.36
#